data_2BGN
#
_entry.id   2BGN
#
_cell.length_a   158.945
_cell.length_b   170.273
_cell.length_c   239.200
_cell.angle_alpha   90.00
_cell.angle_beta   100.93
_cell.angle_gamma   90.00
#
_symmetry.space_group_name_H-M   'C 1 2 1'
#
loop_
_entity.id
_entity.type
_entity.pdbx_description
1 polymer 'DIPEPTIDYL PEPTIDASE IV'
2 polymer 'ADENOSINE DEAMINASE'
3 polymer 'TAT PROTEIN'
4 branched 2-acetamido-2-deoxy-beta-D-glucopyranose-(1-4)-[beta-L-fucopyranose-(1-6)]2-acetamido-2-deoxy-beta-D-glucopyranose
5 branched 2-acetamido-2-deoxy-beta-D-glucopyranose-(1-4)-2-acetamido-2-deoxy-beta-D-glucopyranose
6 branched alpha-D-mannopyranose-(1-3)-beta-D-mannopyranose-(1-4)-2-acetamido-2-deoxy-beta-D-glucopyranose-(1-4)-2-acetamido-2-deoxy-beta-D-glucopyranose
7 branched beta-L-fucopyranose-(1-6)-2-acetamido-2-deoxy-beta-D-glucopyranose
8 non-polymer 2-acetamido-2-deoxy-beta-D-glucopyranose
9 non-polymer 'ZINC ION'
#
loop_
_entity_poly.entity_id
_entity_poly.type
_entity_poly.pdbx_seq_one_letter_code
_entity_poly.pdbx_strand_id
1 'polypeptide(L)'
;SRKTYTLTDYLKNTYRLKLYSLRWISDHEYLYKQENNILVFNAEYGNSSVFLENSTFDEFGHSINDYSISPDGQFILLEY
NYVKQWRHSYTASYDIYDLNKRQLITEERIPNNTQWVTWSPVGHKLAYVWNNDIYVKIEPNLPSYRITWTGKEDIIYNGI
TDWVYEEEVFSAYSALWWSPNGTFLAYAQFNDTEVPLIEYSFYSDESLQYPKTVRVPYPKAGAVNPTVKFFVVNTDSLSS
VTNATSIQITAPASMLIGDHYLCDVTWATQERISLQWLRRIQNYSVMDICDYDESSGRWNCLVARQHIEMSTTGWVGRFR
PSEPHFTLDGNSFYKIISNEEGYRHICYFQIDKKDCTFITKGTWEVIGIEALTSDYLYYISNEYKGMPGGRNLYKIQLSD
YTKVTCLSCELNPERCQYYSVSFSKEAKYYQLRCSGPGLPLYTLHSSVNDKGLRVLEDNSALDKMLQNVQMPSKKLDFII
LNETKFWYQMILPPHFDKSKKYPLLLDVYAGPCSQKADTVFRLNWATYLASTENIIVASFDGRGSGYQGDKIMHAINRRL
GTFEVEDQIEAARQFSKMGFVDNKRIAIWGWSYGGYVTSMVLGSGSGVFKCGIAVAPVSRWEYYDSVYTERYMGLPTPED
NLDHYRNSTVMSRAENFKQVEYLLIHGTADDNVHFQQSAQISKALVDVGVDFQAMWYTDEDHGIASSTAHQHIYTHMSHF
IKQCFSLP
;
A,B,C,D
2 'polypeptide(L)'
;MAQTPAFDKPKVELHVHLDGAIKPETILYYGKRRGIALPADTPEELLNIIGMDKPLTLPDFLAKFDYYMPAIAGCRDAIK
RIAYEFVEMKAKDGVVYVEVRYSPHLLANSKVEPIPWNQAEGDLTPDEVVSLVNQGLQEGERDFGVKVRSILCCMRHQPS
WSSEVVELCKKYREQTVVAIDLAGDETIEGSSLFPGHVQAYAEAVKSGVHRTVHAGEVGSANVVKEAVDTLKTERLGHGY
HTLEDTTLYNRLRQENMHFEICPWSSYLTGAWKPDTEHAVIRFKNDQVNYSLNTDDPLIFKSTLDTDYQMTKKDMGFTEE
EFKRLNINAAKSSFLPEDEKKELLDLLYKAYRMPSPASAEQCL
;
E,F,G,H
3 'polypeptide(L)' MWPVDPNIE W,X,Y,Z
#
# COMPACT_ATOMS: atom_id res chain seq x y z
N SER A 1 -27.46 -46.93 50.12
CA SER A 1 -27.88 -48.34 49.81
C SER A 1 -28.75 -48.57 48.53
N ARG A 2 -28.35 -47.92 47.44
CA ARG A 2 -28.93 -48.14 46.10
C ARG A 2 -28.10 -49.17 45.33
N LYS A 3 -27.70 -48.85 44.10
CA LYS A 3 -26.77 -49.68 43.32
C LYS A 3 -25.47 -48.95 43.05
N THR A 4 -24.47 -49.70 42.63
CA THR A 4 -23.11 -49.17 42.44
C THR A 4 -22.78 -48.95 40.98
N TYR A 5 -21.63 -48.31 40.74
CA TYR A 5 -21.09 -48.15 39.39
C TYR A 5 -20.38 -49.45 39.03
N THR A 6 -20.99 -50.22 38.14
CA THR A 6 -20.54 -51.58 37.84
C THR A 6 -19.60 -51.60 36.65
N LEU A 7 -18.96 -52.76 36.44
CA LEU A 7 -18.03 -52.88 35.34
C LEU A 7 -18.76 -52.66 34.03
N THR A 8 -19.98 -53.16 33.91
CA THR A 8 -20.78 -52.95 32.70
C THR A 8 -21.15 -51.48 32.45
N ASP A 9 -21.42 -50.77 33.54
CA ASP A 9 -21.67 -49.33 33.46
C ASP A 9 -20.51 -48.59 32.79
N TYR A 10 -19.30 -49.07 33.04
CA TYR A 10 -18.11 -48.51 32.43
C TYR A 10 -17.99 -48.98 31.00
N LEU A 11 -17.96 -50.30 30.82
CA LEU A 11 -17.70 -50.90 29.53
C LEU A 11 -18.79 -50.68 28.49
N LYS A 12 -20.05 -50.76 28.91
CA LYS A 12 -21.16 -50.49 28.02
C LYS A 12 -21.48 -49.00 27.98
N ASN A 13 -20.89 -48.24 28.90
CA ASN A 13 -20.96 -46.78 28.87
C ASN A 13 -22.36 -46.22 29.15
N THR A 14 -23.01 -46.73 30.20
CA THR A 14 -24.39 -46.36 30.50
C THR A 14 -24.55 -44.95 31.03
N TYR A 15 -23.50 -44.38 31.63
CA TYR A 15 -23.57 -43.00 32.13
C TYR A 15 -22.75 -42.08 31.25
N ARG A 16 -23.44 -41.41 30.33
CA ARG A 16 -22.82 -40.54 29.35
C ARG A 16 -22.68 -39.10 29.83
N LEU A 17 -21.50 -38.52 29.64
CA LEU A 17 -21.28 -37.09 29.84
C LEU A 17 -21.68 -36.36 28.57
N LYS A 18 -22.32 -35.20 28.71
CA LYS A 18 -22.68 -34.41 27.53
C LYS A 18 -21.64 -33.33 27.31
N LEU A 19 -21.43 -32.96 26.06
CA LEU A 19 -20.43 -31.98 25.68
C LEU A 19 -21.14 -30.79 25.07
N TYR A 20 -20.36 -29.82 24.62
CA TYR A 20 -20.90 -28.71 23.85
C TYR A 20 -19.84 -28.24 22.89
N SER A 21 -19.62 -29.03 21.85
CA SER A 21 -18.62 -28.70 20.85
C SER A 21 -19.14 -27.67 19.86
N LEU A 22 -18.64 -26.44 19.99
CA LEU A 22 -18.99 -25.40 19.06
C LEU A 22 -17.77 -25.06 18.24
N ARG A 23 -18.00 -24.54 17.05
CA ARG A 23 -16.93 -24.13 16.17
C ARG A 23 -17.19 -22.69 15.74
N TRP A 24 -16.38 -21.77 16.25
CA TRP A 24 -16.55 -20.35 15.97
C TRP A 24 -16.35 -20.10 14.49
N ILE A 25 -17.25 -19.33 13.88
CA ILE A 25 -17.10 -18.96 12.47
C ILE A 25 -16.88 -17.46 12.26
N SER A 26 -17.25 -16.65 13.24
CA SER A 26 -17.03 -15.21 13.12
C SER A 26 -16.74 -14.58 14.47
N ASP A 27 -16.86 -13.26 14.48
CA ASP A 27 -16.72 -12.48 15.68
C ASP A 27 -17.81 -12.79 16.71
N HIS A 28 -19.00 -13.12 16.20
CA HIS A 28 -20.18 -13.28 17.04
C HIS A 28 -21.05 -14.49 16.72
N GLU A 29 -20.60 -15.37 15.83
CA GLU A 29 -21.38 -16.54 15.46
C GLU A 29 -20.59 -17.82 15.58
N TYR A 30 -21.28 -18.91 15.88
CA TYR A 30 -20.65 -20.22 15.97
C TYR A 30 -21.58 -21.29 15.42
N LEU A 31 -21.03 -22.48 15.16
CA LEU A 31 -21.83 -23.61 14.69
C LEU A 31 -21.91 -24.69 15.74
N TYR A 32 -23.04 -25.38 15.78
CA TYR A 32 -23.25 -26.45 16.75
C TYR A 32 -24.15 -27.50 16.14
N LYS A 33 -23.82 -28.77 16.36
CA LYS A 33 -24.56 -29.87 15.77
C LYS A 33 -25.62 -30.37 16.74
N GLN A 34 -26.88 -30.34 16.32
CA GLN A 34 -28.04 -30.74 17.15
C GLN A 34 -28.92 -31.85 16.54
N GLU A 35 -28.93 -33.02 17.17
CA GLU A 35 -29.54 -34.25 16.60
C GLU A 35 -29.42 -34.40 15.07
N ASN A 36 -28.21 -34.11 14.60
CA ASN A 36 -27.77 -34.19 13.21
C ASN A 36 -28.10 -33.00 12.30
N ASN A 37 -28.33 -31.84 12.91
CA ASN A 37 -28.48 -30.60 12.13
C ASN A 37 -27.44 -29.60 12.61
N ILE A 38 -26.65 -29.07 11.68
CA ILE A 38 -25.72 -28.01 12.03
C ILE A 38 -26.52 -26.72 12.08
N LEU A 39 -26.51 -26.09 13.25
CA LEU A 39 -27.18 -24.82 13.47
C LEU A 39 -26.12 -23.75 13.66
N VAL A 40 -26.49 -22.51 13.36
CA VAL A 40 -25.65 -21.37 13.65
C VAL A 40 -26.30 -20.57 14.77
N PHE A 41 -25.52 -20.25 15.80
CA PHE A 41 -26.02 -19.52 16.94
C PHE A 41 -25.50 -18.11 16.93
N ASN A 42 -26.33 -17.18 17.40
CA ASN A 42 -25.92 -15.81 17.62
C ASN A 42 -25.40 -15.62 19.06
N ALA A 43 -24.11 -15.36 19.18
CA ALA A 43 -23.43 -15.29 20.46
C ALA A 43 -24.11 -14.37 21.45
N GLU A 44 -24.47 -13.18 20.99
CA GLU A 44 -25.09 -12.17 21.85
C GLU A 44 -26.47 -12.66 22.36
N TYR A 45 -27.36 -12.97 21.44
CA TYR A 45 -28.76 -13.20 21.79
C TYR A 45 -29.14 -14.66 22.05
N GLY A 46 -28.35 -15.59 21.54
CA GLY A 46 -28.61 -17.00 21.78
C GLY A 46 -29.61 -17.60 20.82
N ASN A 47 -30.22 -16.77 19.97
CA ASN A 47 -31.14 -17.27 18.96
C ASN A 47 -30.33 -18.01 17.91
N SER A 48 -30.98 -18.90 17.17
CA SER A 48 -30.28 -19.77 16.22
C SER A 48 -31.05 -20.11 14.96
N SER A 49 -30.36 -20.05 13.82
CA SER A 49 -30.89 -20.50 12.53
C SER A 49 -30.37 -21.89 12.17
N VAL A 50 -31.17 -22.64 11.39
CA VAL A 50 -30.74 -23.92 10.81
C VAL A 50 -29.79 -23.61 9.64
N PHE A 51 -28.58 -24.16 9.69
CA PHE A 51 -27.58 -23.92 8.65
C PHE A 51 -27.63 -24.99 7.57
N LEU A 52 -27.82 -26.24 7.98
CA LEU A 52 -27.94 -27.36 7.05
C LEU A 52 -28.61 -28.52 7.77
N GLU A 53 -29.50 -29.22 7.06
CA GLU A 53 -30.39 -30.23 7.68
C GLU A 53 -29.88 -31.65 7.51
N ASN A 54 -30.29 -32.53 8.42
CA ASN A 54 -29.98 -33.96 8.31
C ASN A 54 -30.63 -34.60 7.08
N SER A 55 -31.65 -33.93 6.53
CA SER A 55 -32.28 -34.38 5.27
C SER A 55 -31.27 -34.36 4.14
N THR A 56 -30.58 -33.22 3.98
CA THR A 56 -29.74 -32.96 2.81
C THR A 56 -29.04 -34.21 2.32
N PHE A 57 -28.37 -34.93 3.22
CA PHE A 57 -27.48 -36.03 2.82
C PHE A 57 -28.00 -37.45 3.06
N ASP A 58 -29.32 -37.61 3.01
CA ASP A 58 -29.95 -38.92 3.15
C ASP A 58 -29.53 -39.85 2.01
N GLU A 59 -29.67 -39.38 0.77
CA GLU A 59 -29.13 -40.11 -0.40
C GLU A 59 -27.82 -39.47 -0.83
N PHE A 60 -26.80 -39.65 0.00
CA PHE A 60 -25.44 -39.33 -0.40
C PHE A 60 -24.85 -40.60 -1.01
N GLY A 61 -25.32 -41.76 -0.54
CA GLY A 61 -24.80 -43.05 -0.97
C GLY A 61 -23.84 -43.64 0.05
N HIS A 62 -23.02 -42.78 0.65
CA HIS A 62 -22.03 -43.19 1.62
C HIS A 62 -22.34 -42.71 3.01
N SER A 63 -21.75 -43.38 3.98
CA SER A 63 -21.84 -42.99 5.37
C SER A 63 -20.85 -41.84 5.63
N ILE A 64 -21.38 -40.67 5.96
CA ILE A 64 -20.54 -39.48 6.17
C ILE A 64 -19.91 -39.48 7.56
N ASN A 65 -18.60 -39.32 7.60
CA ASN A 65 -17.82 -39.42 8.82
C ASN A 65 -17.62 -38.06 9.51
N ASP A 66 -17.47 -37.00 8.72
CA ASP A 66 -17.18 -35.68 9.28
C ASP A 66 -17.37 -34.56 8.27
N TYR A 67 -17.86 -33.41 8.76
CA TYR A 67 -18.06 -32.23 7.92
C TYR A 67 -16.82 -31.34 7.98
N SER A 68 -16.83 -30.23 7.26
CA SER A 68 -15.82 -29.18 7.40
C SER A 68 -16.14 -28.02 6.46
N ILE A 69 -16.43 -26.85 7.01
CA ILE A 69 -17.04 -25.77 6.23
C ILE A 69 -16.10 -24.64 5.88
N SER A 70 -15.95 -24.36 4.59
CA SER A 70 -15.03 -23.31 4.14
C SER A 70 -15.28 -22.01 4.91
N PRO A 71 -14.23 -21.31 5.31
CA PRO A 71 -14.34 -20.06 6.05
C PRO A 71 -15.42 -19.12 5.53
N ASP A 72 -15.45 -18.90 4.22
CA ASP A 72 -16.42 -18.01 3.61
C ASP A 72 -17.84 -18.57 3.51
N GLY A 73 -18.13 -19.65 4.24
CA GLY A 73 -19.49 -20.19 4.32
C GLY A 73 -20.13 -20.76 3.06
N GLN A 74 -19.44 -20.63 1.93
CA GLN A 74 -20.01 -21.01 0.63
C GLN A 74 -19.99 -22.50 0.32
N PHE A 75 -19.00 -23.22 0.83
CA PHE A 75 -18.85 -24.66 0.56
C PHE A 75 -18.73 -25.50 1.81
N ILE A 76 -19.00 -26.78 1.67
CA ILE A 76 -18.93 -27.72 2.78
C ILE A 76 -18.27 -29.02 2.30
N LEU A 77 -17.28 -29.47 3.08
CA LEU A 77 -16.46 -30.61 2.71
C LEU A 77 -16.92 -31.84 3.47
N LEU A 78 -17.01 -32.97 2.78
CA LEU A 78 -17.54 -34.19 3.37
C LEU A 78 -16.58 -35.35 3.35
N GLU A 79 -16.34 -35.92 4.52
CA GLU A 79 -15.32 -36.95 4.69
C GLU A 79 -16.00 -38.31 4.81
N TYR A 80 -15.63 -39.25 3.94
CA TYR A 80 -16.10 -40.64 4.07
C TYR A 80 -14.96 -41.61 3.80
N ASN A 81 -15.23 -42.89 3.99
CA ASN A 81 -14.23 -43.95 3.79
C ASN A 81 -13.02 -43.76 4.69
N TYR A 82 -13.27 -43.22 5.89
CA TYR A 82 -12.23 -43.00 6.87
C TYR A 82 -11.55 -44.32 7.13
N VAL A 83 -10.22 -44.32 7.14
CA VAL A 83 -9.42 -45.50 7.49
C VAL A 83 -8.25 -45.06 8.34
N LYS A 84 -8.26 -45.45 9.61
CA LYS A 84 -7.26 -44.97 10.55
C LYS A 84 -5.86 -45.48 10.26
N GLN A 85 -4.86 -44.65 10.53
CA GLN A 85 -3.45 -45.07 10.49
C GLN A 85 -2.82 -45.07 11.88
N TRP A 86 -2.03 -44.06 12.21
CA TRP A 86 -1.39 -43.95 13.53
C TRP A 86 -2.26 -43.07 14.44
N ARG A 87 -1.64 -42.47 15.45
CA ARG A 87 -2.38 -41.67 16.39
C ARG A 87 -3.31 -40.66 15.72
N HIS A 88 -2.77 -39.83 14.83
CA HIS A 88 -3.57 -38.78 14.17
C HIS A 88 -3.69 -38.93 12.66
N SER A 89 -2.86 -39.78 12.06
CA SER A 89 -2.92 -40.00 10.63
C SER A 89 -4.09 -40.90 10.24
N TYR A 90 -4.60 -40.68 9.03
CA TYR A 90 -5.59 -41.58 8.41
C TYR A 90 -5.75 -41.17 6.95
N THR A 91 -6.51 -41.95 6.20
CA THR A 91 -6.91 -41.59 4.84
C THR A 91 -8.40 -41.67 4.67
N ALA A 92 -8.89 -40.95 3.68
CA ALA A 92 -10.31 -40.80 3.47
C ALA A 92 -10.62 -40.41 2.05
N SER A 93 -11.90 -40.49 1.69
CA SER A 93 -12.39 -40.00 0.42
C SER A 93 -13.19 -38.74 0.76
N TYR A 94 -13.32 -37.85 -0.21
CA TYR A 94 -13.87 -36.52 0.04
C TYR A 94 -14.80 -36.02 -1.06
N ASP A 95 -15.84 -35.29 -0.67
CA ASP A 95 -16.76 -34.65 -1.61
C ASP A 95 -17.08 -33.22 -1.15
N ILE A 96 -17.02 -32.27 -2.08
CA ILE A 96 -17.34 -30.89 -1.81
C ILE A 96 -18.78 -30.60 -2.23
N TYR A 97 -19.49 -29.79 -1.45
CA TYR A 97 -20.88 -29.46 -1.77
C TYR A 97 -21.10 -27.95 -1.76
N ASP A 98 -21.62 -27.42 -2.86
CA ASP A 98 -21.85 -25.99 -3.03
C ASP A 98 -23.17 -25.58 -2.38
N LEU A 99 -23.08 -24.76 -1.34
CA LEU A 99 -24.25 -24.37 -0.55
C LEU A 99 -25.15 -23.34 -1.21
N ASN A 100 -24.66 -22.68 -2.26
CA ASN A 100 -25.48 -21.74 -3.01
C ASN A 100 -26.37 -22.50 -3.99
N LYS A 101 -25.74 -23.18 -4.95
CA LYS A 101 -26.47 -24.01 -5.91
C LYS A 101 -26.83 -25.41 -5.37
N ARG A 102 -27.11 -25.48 -4.07
CA ARG A 102 -27.51 -26.72 -3.40
C ARG A 102 -27.10 -28.05 -4.05
N GLN A 103 -25.81 -28.22 -4.33
CA GLN A 103 -25.33 -29.40 -5.06
C GLN A 103 -23.91 -29.88 -4.82
N LEU A 104 -23.66 -31.13 -5.21
CA LEU A 104 -22.34 -31.74 -5.10
C LEU A 104 -21.50 -31.43 -6.32
N ILE A 105 -20.23 -31.09 -6.10
CA ILE A 105 -19.31 -30.81 -7.19
C ILE A 105 -18.94 -32.17 -7.79
N THR A 106 -19.23 -32.35 -9.08
CA THR A 106 -19.11 -33.67 -9.71
C THR A 106 -17.84 -33.92 -10.50
N GLU A 107 -17.13 -32.87 -10.86
CA GLU A 107 -15.91 -33.04 -11.66
C GLU A 107 -14.71 -32.32 -11.03
N GLU A 108 -13.52 -32.73 -11.44
CA GLU A 108 -12.26 -32.29 -10.82
C GLU A 108 -12.36 -32.52 -9.32
N ARG A 109 -12.53 -33.79 -8.94
CA ARG A 109 -12.74 -34.13 -7.54
C ARG A 109 -11.48 -34.56 -6.82
N ILE A 110 -11.56 -34.66 -5.50
CA ILE A 110 -10.42 -35.04 -4.68
C ILE A 110 -10.30 -36.55 -4.75
N PRO A 111 -9.07 -37.06 -4.87
CA PRO A 111 -8.87 -38.48 -5.01
C PRO A 111 -9.26 -39.29 -3.79
N ASN A 112 -9.66 -40.54 -4.01
CA ASN A 112 -9.82 -41.49 -2.93
C ASN A 112 -8.41 -41.65 -2.35
N ASN A 113 -8.31 -42.04 -1.08
CA ASN A 113 -7.03 -42.22 -0.40
C ASN A 113 -6.22 -40.95 -0.24
N THR A 114 -6.91 -39.84 0.02
CA THR A 114 -6.25 -38.58 0.32
C THR A 114 -5.80 -38.69 1.77
N GLN A 115 -4.66 -38.09 2.07
CA GLN A 115 -4.00 -38.23 3.36
C GLN A 115 -4.24 -37.02 4.28
N TRP A 116 -4.39 -35.84 3.69
CA TRP A 116 -4.75 -34.63 4.42
C TRP A 116 -5.42 -33.60 3.50
N VAL A 117 -6.43 -32.91 4.02
CA VAL A 117 -7.09 -31.82 3.31
C VAL A 117 -7.23 -30.66 4.28
N THR A 118 -7.13 -29.44 3.77
CA THR A 118 -7.38 -28.26 4.60
C THR A 118 -7.89 -27.12 3.73
N TRP A 119 -8.85 -26.37 4.25
CA TRP A 119 -9.29 -25.14 3.61
C TRP A 119 -8.25 -24.07 3.88
N SER A 120 -8.28 -22.99 3.10
CA SER A 120 -7.50 -21.82 3.44
C SER A 120 -8.22 -21.10 4.60
N PRO A 121 -7.50 -20.26 5.34
CA PRO A 121 -8.08 -19.58 6.49
C PRO A 121 -9.18 -18.59 6.13
N VAL A 122 -9.18 -18.09 4.90
CA VAL A 122 -10.27 -17.27 4.40
C VAL A 122 -10.58 -17.69 2.97
N GLY A 123 -11.84 -17.53 2.56
CA GLY A 123 -12.26 -17.91 1.20
C GLY A 123 -12.53 -19.39 1.12
N HIS A 124 -12.24 -19.99 -0.04
CA HIS A 124 -12.49 -21.42 -0.28
C HIS A 124 -11.37 -22.14 -1.06
N LYS A 125 -10.14 -21.67 -0.90
CA LYS A 125 -8.99 -22.37 -1.47
C LYS A 125 -8.82 -23.68 -0.72
N LEU A 126 -8.28 -24.68 -1.41
CA LEU A 126 -8.07 -26.01 -0.82
C LEU A 126 -6.67 -26.49 -1.08
N ALA A 127 -6.07 -27.13 -0.09
CA ALA A 127 -4.79 -27.79 -0.27
C ALA A 127 -5.00 -29.21 0.21
N TYR A 128 -4.45 -30.18 -0.52
CA TYR A 128 -4.54 -31.57 -0.08
C TYR A 128 -3.28 -32.36 -0.39
N VAL A 129 -3.11 -33.47 0.31
CA VAL A 129 -1.95 -34.32 0.10
C VAL A 129 -2.43 -35.66 -0.41
N TRP A 130 -1.81 -36.14 -1.49
CA TRP A 130 -2.19 -37.40 -2.10
C TRP A 130 -0.95 -38.09 -2.67
N ASN A 131 -0.72 -39.32 -2.22
CA ASN A 131 0.52 -40.05 -2.52
C ASN A 131 1.78 -39.25 -2.17
N ASN A 132 1.74 -38.57 -1.04
CA ASN A 132 2.90 -37.87 -0.49
C ASN A 132 3.31 -36.60 -1.24
N ASP A 133 2.40 -36.06 -2.03
CA ASP A 133 2.64 -34.83 -2.77
C ASP A 133 1.52 -33.84 -2.49
N ILE A 134 1.82 -32.56 -2.68
CA ILE A 134 0.85 -31.50 -2.38
C ILE A 134 0.15 -30.99 -3.64
N TYR A 135 -1.14 -30.71 -3.50
CA TYR A 135 -1.94 -30.21 -4.59
C TYR A 135 -2.77 -29.06 -4.08
N VAL A 136 -3.07 -28.10 -4.95
CA VAL A 136 -3.91 -26.96 -4.61
C VAL A 136 -5.08 -26.73 -5.56
N LYS A 137 -6.27 -26.57 -5.00
CA LYS A 137 -7.43 -26.11 -5.75
C LYS A 137 -7.74 -24.68 -5.36
N ILE A 138 -7.76 -23.78 -6.34
CA ILE A 138 -8.15 -22.41 -6.09
C ILE A 138 -9.66 -22.34 -5.96
N GLU A 139 -10.34 -23.08 -6.83
CA GLU A 139 -11.80 -23.20 -6.79
C GLU A 139 -12.18 -24.67 -6.70
N PRO A 140 -13.14 -24.99 -5.84
CA PRO A 140 -13.63 -26.36 -5.70
C PRO A 140 -13.80 -27.17 -7.00
N ASN A 141 -14.39 -26.53 -8.01
CA ASN A 141 -14.71 -27.20 -9.29
C ASN A 141 -13.62 -27.17 -10.38
N LEU A 142 -12.64 -26.31 -10.23
CA LEU A 142 -11.51 -26.22 -11.18
C LEU A 142 -10.48 -27.31 -10.89
N PRO A 143 -9.58 -27.58 -11.83
CA PRO A 143 -8.53 -28.56 -11.63
C PRO A 143 -7.47 -28.12 -10.63
N SER A 144 -6.84 -29.08 -9.96
CA SER A 144 -5.84 -28.79 -8.95
C SER A 144 -4.44 -28.68 -9.51
N TYR A 145 -3.66 -27.78 -8.94
CA TYR A 145 -2.28 -27.55 -9.36
C TYR A 145 -1.37 -28.45 -8.53
N ARG A 146 -0.47 -29.18 -9.17
CA ARG A 146 0.50 -29.98 -8.46
C ARG A 146 1.68 -29.13 -7.96
N ILE A 147 2.00 -29.23 -6.67
CA ILE A 147 3.09 -28.44 -6.10
C ILE A 147 4.39 -29.22 -6.02
N THR A 148 4.33 -30.42 -5.45
CA THR A 148 5.54 -31.24 -5.26
C THR A 148 5.49 -32.45 -6.15
N TRP A 149 6.65 -32.91 -6.60
CA TRP A 149 6.75 -34.08 -7.49
C TRP A 149 7.65 -35.20 -6.94
N THR A 150 8.11 -35.06 -5.70
CA THR A 150 9.11 -35.96 -5.14
C THR A 150 8.52 -37.00 -4.20
N GLY A 151 7.23 -36.88 -3.94
CA GLY A 151 6.57 -37.72 -2.96
C GLY A 151 6.74 -39.19 -3.23
N LYS A 152 7.12 -39.94 -2.21
CA LYS A 152 7.37 -41.37 -2.35
C LYS A 152 7.14 -42.13 -1.06
N GLU A 153 6.35 -43.20 -1.17
CA GLU A 153 5.86 -43.93 0.00
C GLU A 153 6.99 -44.41 0.90
N ASP A 154 6.87 -44.11 2.19
CA ASP A 154 7.89 -44.45 3.18
C ASP A 154 9.29 -43.85 2.98
N ILE A 155 9.41 -42.86 2.11
CA ILE A 155 10.68 -42.22 1.83
C ILE A 155 10.62 -40.69 1.85
N ILE A 156 9.79 -40.11 1.00
CA ILE A 156 9.65 -38.67 0.92
C ILE A 156 8.23 -38.25 1.30
N TYR A 157 8.13 -37.39 2.31
CA TYR A 157 6.85 -36.89 2.77
C TYR A 157 6.74 -35.40 2.49
N ASN A 158 5.81 -35.01 1.62
CA ASN A 158 5.59 -33.59 1.30
C ASN A 158 4.28 -33.13 1.89
N GLY A 159 4.34 -32.30 2.92
CA GLY A 159 3.13 -31.72 3.53
C GLY A 159 2.46 -32.53 4.62
N ILE A 160 2.99 -33.73 4.87
CA ILE A 160 2.55 -34.58 6.00
C ILE A 160 3.75 -35.13 6.75
N THR A 161 3.58 -35.45 8.04
CA THR A 161 4.69 -35.86 8.86
C THR A 161 4.93 -37.34 8.73
N ASP A 162 6.16 -37.76 9.01
CA ASP A 162 6.48 -39.17 9.07
C ASP A 162 6.00 -39.70 10.42
N TRP A 163 6.45 -40.89 10.83
CA TRP A 163 5.96 -41.48 12.08
C TRP A 163 6.33 -40.68 13.33
N VAL A 164 7.62 -40.41 13.47
CA VAL A 164 8.15 -39.81 14.68
C VAL A 164 7.83 -38.33 14.78
N TYR A 165 7.74 -37.64 13.67
CA TYR A 165 7.31 -36.23 13.69
C TYR A 165 5.83 -36.12 14.06
N GLU A 166 5.01 -37.08 13.61
CA GLU A 166 3.58 -37.10 13.93
C GLU A 166 3.38 -37.30 15.43
N GLU A 167 4.04 -38.31 15.96
CA GLU A 167 3.84 -38.73 17.34
C GLU A 167 4.51 -37.81 18.33
N GLU A 168 5.79 -37.54 18.12
CA GLU A 168 6.64 -36.87 19.10
C GLU A 168 6.87 -35.37 18.96
N VAL A 169 6.65 -34.78 17.79
CA VAL A 169 6.88 -33.33 17.66
C VAL A 169 5.64 -32.51 17.34
N PHE A 170 5.02 -32.70 16.17
CA PHE A 170 3.87 -31.87 15.81
C PHE A 170 2.53 -32.31 16.36
N SER A 171 2.42 -33.53 16.87
CA SER A 171 1.14 -34.05 17.37
C SER A 171 0.03 -33.96 16.31
N ALA A 172 0.41 -34.02 15.05
CA ALA A 172 -0.52 -33.92 13.95
C ALA A 172 0.06 -34.69 12.78
N TYR A 173 -0.79 -35.03 11.82
CA TYR A 173 -0.33 -35.63 10.56
C TYR A 173 0.07 -34.51 9.60
N SER A 174 -0.64 -33.40 9.72
CA SER A 174 -0.49 -32.29 8.80
C SER A 174 0.81 -31.56 8.99
N ALA A 175 1.56 -31.42 7.91
CA ALA A 175 2.76 -30.58 7.90
C ALA A 175 2.67 -29.51 6.82
N LEU A 176 1.57 -28.78 6.80
CA LEU A 176 1.47 -27.58 5.98
C LEU A 176 0.70 -26.46 6.66
N TRP A 177 1.07 -25.22 6.32
CA TRP A 177 0.59 -24.03 7.02
C TRP A 177 0.26 -22.88 6.07
N TRP A 178 -1.01 -22.51 6.04
CA TRP A 178 -1.43 -21.40 5.21
C TRP A 178 -0.97 -20.10 5.86
N SER A 179 -0.71 -19.07 5.07
CA SER A 179 -0.56 -17.73 5.62
C SER A 179 -1.97 -17.22 5.99
N PRO A 180 -2.06 -16.20 6.84
CA PRO A 180 -3.34 -15.74 7.37
C PRO A 180 -4.44 -15.45 6.35
N ASN A 181 -4.15 -14.68 5.30
CA ASN A 181 -5.14 -14.40 4.25
C ASN A 181 -5.14 -15.43 3.10
N GLY A 182 -4.25 -16.40 3.17
CA GLY A 182 -4.24 -17.51 2.24
C GLY A 182 -3.44 -17.32 0.96
N THR A 183 -2.59 -16.31 0.93
CA THR A 183 -1.71 -16.07 -0.22
C THR A 183 -0.72 -17.21 -0.32
N PHE A 184 -0.02 -17.47 0.78
CA PHE A 184 1.09 -18.41 0.81
C PHE A 184 0.77 -19.75 1.46
N LEU A 185 1.40 -20.81 0.95
CA LEU A 185 1.30 -22.13 1.53
C LEU A 185 2.69 -22.60 1.92
N ALA A 186 2.97 -22.63 3.22
CA ALA A 186 4.25 -23.16 3.72
C ALA A 186 4.10 -24.66 3.97
N TYR A 187 5.21 -25.38 3.87
CA TYR A 187 5.15 -26.82 4.07
C TYR A 187 6.51 -27.40 4.38
N ALA A 188 6.50 -28.57 5.02
CA ALA A 188 7.73 -29.26 5.37
C ALA A 188 7.89 -30.47 4.47
N GLN A 189 9.13 -30.90 4.30
CA GLN A 189 9.44 -32.12 3.58
C GLN A 189 10.36 -33.00 4.42
N PHE A 190 9.91 -34.22 4.68
CA PHE A 190 10.69 -35.15 5.46
C PHE A 190 11.27 -36.24 4.59
N ASN A 191 12.55 -36.50 4.77
CA ASN A 191 13.28 -37.52 4.00
C ASN A 191 13.67 -38.65 4.94
N ASP A 192 13.03 -39.81 4.77
CA ASP A 192 13.27 -40.96 5.64
C ASP A 192 14.20 -42.00 5.05
N THR A 193 14.94 -41.62 4.01
CA THR A 193 15.70 -42.59 3.22
C THR A 193 16.49 -43.59 4.04
N GLU A 194 17.28 -43.14 5.01
CA GLU A 194 18.10 -44.07 5.80
C GLU A 194 17.60 -44.39 7.21
N VAL A 195 16.32 -44.13 7.44
CA VAL A 195 15.71 -44.45 8.72
C VAL A 195 15.37 -45.93 8.73
N PRO A 196 15.92 -46.66 9.69
CA PRO A 196 15.68 -48.09 9.80
C PRO A 196 14.21 -48.42 9.88
N LEU A 197 13.87 -49.66 9.55
CA LEU A 197 12.51 -50.11 9.60
C LEU A 197 12.22 -50.99 10.76
N ILE A 198 11.08 -50.77 11.40
CA ILE A 198 10.57 -51.67 12.42
C ILE A 198 9.64 -52.58 11.66
N GLU A 199 9.68 -53.88 11.95
CA GLU A 199 8.76 -54.80 11.30
C GLU A 199 8.10 -55.79 12.24
N TYR A 200 6.81 -56.01 11.98
CA TYR A 200 6.00 -56.86 12.82
C TYR A 200 4.91 -57.49 11.97
N SER A 201 4.42 -58.64 12.41
CA SER A 201 3.40 -59.38 11.67
C SER A 201 2.02 -58.81 11.93
N PHE A 202 1.17 -58.87 10.92
CA PHE A 202 -0.24 -58.51 11.06
C PHE A 202 -1.09 -59.65 10.50
N TYR A 203 -2.06 -60.14 11.26
CA TYR A 203 -2.74 -61.38 10.92
C TYR A 203 -4.02 -61.24 10.11
N SER A 204 -4.75 -60.15 10.33
CA SER A 204 -5.96 -59.86 9.57
C SER A 204 -7.10 -60.85 9.84
N ASP A 205 -8.10 -60.88 8.97
CA ASP A 205 -9.21 -61.82 9.13
C ASP A 205 -8.69 -63.22 8.96
N GLU A 206 -9.37 -64.20 9.55
CA GLU A 206 -8.88 -65.56 9.47
C GLU A 206 -8.81 -66.04 8.02
N SER A 207 -9.49 -65.34 7.11
CA SER A 207 -9.44 -65.66 5.68
C SER A 207 -8.09 -65.48 5.02
N LEU A 208 -7.19 -64.74 5.68
CA LEU A 208 -5.87 -64.44 5.12
C LEU A 208 -4.86 -65.53 5.46
N GLN A 209 -4.50 -66.30 4.45
CA GLN A 209 -3.68 -67.50 4.64
C GLN A 209 -2.27 -67.25 5.17
N TYR A 210 -1.56 -66.31 4.57
CA TYR A 210 -0.23 -65.91 5.02
C TYR A 210 -0.26 -64.55 5.73
N PRO A 211 0.34 -64.46 6.92
CA PRO A 211 0.35 -63.21 7.66
C PRO A 211 1.14 -62.14 6.92
N LYS A 212 0.75 -60.88 7.10
CA LYS A 212 1.41 -59.76 6.49
C LYS A 212 2.51 -59.19 7.40
N THR A 213 3.58 -58.67 6.82
CA THR A 213 4.63 -58.02 7.60
C THR A 213 4.51 -56.53 7.42
N VAL A 214 3.95 -55.84 8.40
CA VAL A 214 3.95 -54.38 8.39
C VAL A 214 5.38 -53.95 8.59
N ARG A 215 5.85 -53.00 7.78
CA ARG A 215 7.17 -52.42 7.99
C ARG A 215 7.12 -50.89 7.91
N VAL A 216 7.74 -50.24 8.91
CA VAL A 216 7.59 -48.81 9.15
C VAL A 216 8.92 -48.13 9.47
N PRO A 217 9.20 -46.98 8.86
CA PRO A 217 10.36 -46.20 9.20
C PRO A 217 10.18 -45.63 10.58
N TYR A 218 11.13 -45.92 11.46
CA TYR A 218 11.03 -45.62 12.89
C TYR A 218 12.43 -45.61 13.49
N PRO A 219 12.89 -44.45 13.91
CA PRO A 219 14.21 -44.31 14.50
C PRO A 219 14.19 -44.59 15.99
N LYS A 220 14.75 -45.73 16.39
CA LYS A 220 14.94 -46.03 17.81
C LYS A 220 16.10 -45.15 18.33
N ALA A 221 16.33 -45.16 19.64
CA ALA A 221 17.26 -44.21 20.25
C ALA A 221 18.71 -44.40 19.79
N GLY A 222 19.34 -43.33 19.33
CA GLY A 222 20.70 -43.39 18.82
C GLY A 222 20.81 -43.70 17.33
N ALA A 223 19.70 -44.13 16.75
CA ALA A 223 19.65 -44.58 15.36
C ALA A 223 19.61 -43.39 14.43
N VAL A 224 19.33 -43.63 13.16
CA VAL A 224 19.39 -42.56 12.18
C VAL A 224 18.06 -41.88 12.00
N ASN A 225 18.04 -40.57 12.20
CA ASN A 225 16.78 -39.80 12.17
C ASN A 225 16.45 -39.37 10.76
N PRO A 226 15.19 -39.02 10.52
CA PRO A 226 14.81 -38.33 9.31
C PRO A 226 15.54 -37.01 9.16
N THR A 227 15.29 -36.32 8.06
CA THR A 227 15.85 -34.99 7.85
C THR A 227 14.73 -34.19 7.26
N VAL A 228 14.85 -32.88 7.30
CA VAL A 228 13.72 -32.06 7.00
C VAL A 228 14.12 -30.86 6.16
N LYS A 229 13.19 -30.35 5.37
CA LYS A 229 13.39 -29.12 4.64
C LYS A 229 12.08 -28.37 4.65
N PHE A 230 12.14 -27.06 4.43
CA PHE A 230 10.98 -26.20 4.60
C PHE A 230 10.81 -25.30 3.40
N PHE A 231 9.61 -25.28 2.82
CA PHE A 231 9.38 -24.45 1.67
C PHE A 231 8.17 -23.57 1.85
N VAL A 232 8.13 -22.49 1.07
CA VAL A 232 6.96 -21.65 1.00
C VAL A 232 6.66 -21.43 -0.45
N VAL A 233 5.40 -21.55 -0.81
CA VAL A 233 4.95 -21.35 -2.18
C VAL A 233 3.83 -20.31 -2.25
N ASN A 234 3.77 -19.59 -3.36
CA ASN A 234 2.74 -18.56 -3.57
C ASN A 234 1.60 -19.08 -4.44
N THR A 235 0.41 -19.16 -3.85
CA THR A 235 -0.76 -19.74 -4.51
C THR A 235 -1.51 -18.82 -5.47
N ASP A 236 -1.33 -17.51 -5.29
CA ASP A 236 -1.94 -16.52 -6.18
C ASP A 236 -1.37 -16.61 -7.59
N SER A 237 -0.07 -16.86 -7.69
CA SER A 237 0.62 -16.90 -8.98
C SER A 237 0.77 -18.30 -9.60
N LEU A 238 -0.24 -19.14 -9.45
CA LEU A 238 -0.15 -20.53 -9.96
C LEU A 238 -0.54 -20.63 -11.42
N SER A 239 0.27 -21.35 -12.21
CA SER A 239 0.23 -21.23 -13.67
C SER A 239 -0.67 -22.18 -14.47
N SER A 240 -0.54 -23.48 -14.23
CA SER A 240 -1.23 -24.52 -15.04
C SER A 240 -0.57 -24.70 -16.40
N VAL A 241 0.56 -24.01 -16.58
CA VAL A 241 1.33 -24.05 -17.81
C VAL A 241 2.78 -24.26 -17.40
N THR A 242 3.07 -23.95 -16.14
CA THR A 242 4.37 -24.19 -15.51
C THR A 242 4.20 -24.84 -14.14
N ASN A 243 5.13 -25.73 -13.81
CA ASN A 243 5.27 -26.24 -12.46
C ASN A 243 5.44 -25.04 -11.52
N ALA A 244 4.95 -25.19 -10.29
CA ALA A 244 5.03 -24.14 -9.28
C ALA A 244 6.44 -24.06 -8.78
N THR A 245 6.79 -22.90 -8.23
CA THR A 245 8.11 -22.70 -7.62
C THR A 245 7.98 -22.67 -6.10
N SER A 246 8.83 -23.44 -5.44
CA SER A 246 8.81 -23.49 -3.99
C SER A 246 10.13 -22.92 -3.45
N ILE A 247 10.05 -21.87 -2.63
CA ILE A 247 11.24 -21.25 -2.07
C ILE A 247 11.67 -22.03 -0.85
N GLN A 248 12.94 -22.41 -0.76
CA GLN A 248 13.44 -23.13 0.40
C GLN A 248 13.73 -22.04 1.41
N ILE A 249 13.65 -22.40 2.68
CA ILE A 249 14.20 -21.61 3.77
C ILE A 249 15.12 -22.59 4.47
N THR A 250 16.41 -22.26 4.53
CA THR A 250 17.36 -23.16 5.15
C THR A 250 17.25 -23.00 6.62
N ALA A 251 17.71 -24.03 7.34
CA ALA A 251 17.78 -23.96 8.77
C ALA A 251 18.88 -22.96 9.10
N PRO A 252 18.94 -22.48 10.33
CA PRO A 252 20.01 -21.63 10.76
C PRO A 252 21.29 -22.44 10.73
N ALA A 253 22.41 -21.73 10.73
CA ALA A 253 23.72 -22.35 10.68
C ALA A 253 24.07 -23.14 11.96
N SER A 254 23.65 -22.60 13.11
CA SER A 254 23.85 -23.28 14.39
C SER A 254 23.21 -24.65 14.36
N MET A 255 22.10 -24.77 13.64
CA MET A 255 21.48 -26.08 13.41
C MET A 255 22.24 -26.98 12.42
N LEU A 256 22.76 -26.36 11.37
CA LEU A 256 23.28 -27.11 10.24
C LEU A 256 24.47 -27.99 10.60
N ILE A 257 25.33 -27.54 11.51
CA ILE A 257 26.49 -28.36 11.88
C ILE A 257 26.17 -29.75 12.45
N GLY A 258 24.91 -30.12 12.50
CA GLY A 258 24.56 -31.46 12.96
C GLY A 258 23.08 -31.75 12.83
N ASP A 259 22.70 -32.92 13.35
CA ASP A 259 21.31 -33.38 13.32
C ASP A 259 20.40 -32.36 13.96
N HIS A 260 19.21 -32.18 13.41
CA HIS A 260 18.25 -31.21 13.94
C HIS A 260 16.81 -31.51 13.61
N TYR A 261 15.90 -30.74 14.21
CA TYR A 261 14.47 -30.94 13.99
C TYR A 261 13.81 -29.60 13.75
N LEU A 262 12.82 -29.59 12.87
CA LEU A 262 11.92 -28.45 12.75
C LEU A 262 10.82 -28.76 13.76
N CYS A 263 10.51 -27.84 14.66
CA CYS A 263 9.53 -28.13 15.71
C CYS A 263 8.42 -27.11 15.98
N ASP A 264 8.51 -25.92 15.40
CA ASP A 264 7.34 -25.07 15.39
C ASP A 264 7.38 -24.18 14.18
N VAL A 265 6.21 -23.90 13.62
CA VAL A 265 6.07 -22.85 12.61
C VAL A 265 4.84 -22.02 12.96
N THR A 266 4.98 -20.70 12.92
CA THR A 266 3.90 -19.81 13.29
C THR A 266 3.92 -18.60 12.36
N TRP A 267 2.84 -18.38 11.63
CA TRP A 267 2.73 -17.19 10.78
C TRP A 267 2.55 -15.99 11.71
N ALA A 268 3.17 -14.88 11.36
CA ALA A 268 3.13 -13.68 12.20
C ALA A 268 2.31 -12.60 11.51
N THR A 269 2.59 -12.38 10.23
CA THR A 269 1.82 -11.43 9.43
C THR A 269 1.55 -12.04 8.05
N GLN A 270 0.99 -11.24 7.16
CA GLN A 270 0.70 -11.70 5.81
C GLN A 270 1.95 -12.07 5.02
N GLU A 271 3.08 -11.49 5.41
CA GLU A 271 4.37 -11.70 4.74
C GLU A 271 5.52 -11.95 5.71
N ARG A 272 5.18 -12.37 6.93
CA ARG A 272 6.20 -12.70 7.93
C ARG A 272 5.90 -14.05 8.57
N ILE A 273 6.92 -14.89 8.66
CA ILE A 273 6.75 -16.23 9.18
C ILE A 273 7.88 -16.58 10.16
N SER A 274 7.54 -17.29 11.22
CA SER A 274 8.51 -17.65 12.23
C SER A 274 8.67 -19.16 12.37
N LEU A 275 9.91 -19.62 12.42
CA LEU A 275 10.22 -21.04 12.55
C LEU A 275 11.07 -21.27 13.78
N GLN A 276 10.91 -22.44 14.40
CA GLN A 276 11.73 -22.82 15.54
C GLN A 276 12.40 -24.17 15.27
N TRP A 277 13.73 -24.15 15.28
CA TRP A 277 14.51 -25.34 15.05
C TRP A 277 15.11 -25.82 16.34
N LEU A 278 15.44 -27.10 16.41
CA LEU A 278 15.92 -27.70 17.63
C LEU A 278 16.99 -28.75 17.34
N ARG A 279 18.08 -28.72 18.11
CA ARG A 279 19.20 -29.60 17.87
C ARG A 279 18.87 -31.01 18.32
N ARG A 280 19.49 -32.02 17.74
CA ARG A 280 19.21 -33.41 18.12
C ARG A 280 19.43 -33.59 19.60
N ILE A 281 20.45 -32.93 20.12
CA ILE A 281 20.60 -32.79 21.58
C ILE A 281 19.72 -31.61 21.96
N GLN A 282 18.60 -31.90 22.60
CA GLN A 282 17.50 -30.94 22.72
C GLN A 282 17.59 -29.85 23.80
N ASN A 283 18.78 -29.35 24.08
CA ASN A 283 18.95 -28.25 25.05
C ASN A 283 19.43 -26.96 24.41
N TYR A 284 19.23 -26.85 23.10
CA TYR A 284 19.59 -25.64 22.37
C TYR A 284 18.62 -25.54 21.20
N SER A 285 17.95 -24.39 21.09
CA SER A 285 16.99 -24.19 20.02
C SER A 285 17.06 -22.75 19.50
N VAL A 286 16.55 -22.54 18.29
CA VAL A 286 16.73 -21.26 17.59
C VAL A 286 15.48 -20.87 16.81
N MET A 287 15.01 -19.66 17.03
CA MET A 287 13.87 -19.14 16.31
C MET A 287 14.39 -18.26 15.21
N ASP A 288 13.84 -18.43 14.01
CA ASP A 288 14.10 -17.53 12.90
C ASP A 288 12.84 -16.75 12.62
N ILE A 289 12.98 -15.57 12.01
CA ILE A 289 11.84 -14.76 11.60
C ILE A 289 12.06 -14.25 10.20
N CYS A 290 11.20 -14.66 9.28
CA CYS A 290 11.42 -14.38 7.86
C CYS A 290 10.40 -13.52 7.17
N ASP A 291 10.90 -12.60 6.36
CA ASP A 291 10.08 -11.69 5.60
C ASP A 291 10.14 -12.02 4.12
N TYR A 292 9.01 -11.82 3.45
CA TYR A 292 8.96 -11.94 2.00
C TYR A 292 9.75 -10.81 1.38
N ASP A 293 10.61 -11.14 0.42
CA ASP A 293 11.47 -10.14 -0.22
C ASP A 293 10.91 -9.86 -1.62
N GLU A 294 9.93 -8.98 -1.67
CA GLU A 294 9.34 -8.48 -2.92
C GLU A 294 10.27 -8.41 -4.13
N SER A 295 11.39 -7.71 -3.96
CA SER A 295 12.36 -7.53 -5.03
C SER A 295 12.68 -8.90 -5.63
N SER A 296 13.05 -9.83 -4.75
CA SER A 296 13.74 -11.07 -5.14
C SER A 296 12.88 -12.32 -5.13
N GLY A 297 11.67 -12.20 -4.59
CA GLY A 297 10.73 -13.32 -4.58
C GLY A 297 10.97 -14.40 -3.54
N ARG A 298 12.13 -14.36 -2.89
CA ARG A 298 12.49 -15.33 -1.85
C ARG A 298 12.08 -14.85 -0.44
N TRP A 299 12.48 -15.60 0.59
CA TRP A 299 12.25 -15.16 1.97
C TRP A 299 13.55 -14.75 2.68
N ASN A 300 13.44 -13.79 3.59
CA ASN A 300 14.61 -13.19 4.19
C ASN A 300 14.61 -13.20 5.73
N CYS A 301 15.53 -13.96 6.32
CA CYS A 301 15.66 -13.95 7.77
C CYS A 301 16.95 -13.31 8.24
N LEU A 302 16.78 -12.14 8.84
CA LEU A 302 17.91 -11.40 9.35
C LEU A 302 18.37 -12.10 10.61
N VAL A 303 19.68 -12.39 10.70
CA VAL A 303 20.28 -13.02 11.86
C VAL A 303 20.17 -12.06 13.05
N ALA A 304 19.86 -10.81 12.74
CA ALA A 304 19.54 -9.80 13.74
C ALA A 304 18.24 -10.08 14.49
N ARG A 305 17.35 -10.86 13.89
CA ARG A 305 16.04 -11.14 14.49
C ARG A 305 15.96 -12.57 14.93
N GLN A 306 17.13 -13.20 15.09
CA GLN A 306 17.21 -14.55 15.62
C GLN A 306 16.87 -14.54 17.10
N HIS A 307 16.71 -15.72 17.69
CA HIS A 307 16.36 -15.86 19.09
C HIS A 307 16.73 -17.22 19.64
N ILE A 308 17.65 -17.23 20.60
CA ILE A 308 18.20 -18.45 21.14
C ILE A 308 17.46 -18.81 22.41
N GLU A 309 17.48 -20.09 22.74
CA GLU A 309 16.79 -20.59 23.92
C GLU A 309 17.55 -21.84 24.29
N MET A 310 18.00 -21.91 25.54
CA MET A 310 18.79 -23.04 25.97
C MET A 310 18.63 -23.39 27.43
N SER A 311 19.15 -24.55 27.82
CA SER A 311 19.05 -25.04 29.18
C SER A 311 20.32 -25.77 29.57
N THR A 312 20.60 -25.81 30.88
CA THR A 312 21.65 -26.68 31.42
C THR A 312 21.17 -27.65 32.48
N THR A 313 19.96 -27.44 33.00
CA THR A 313 19.35 -28.39 33.90
C THR A 313 18.64 -29.49 33.12
N GLY A 314 18.18 -29.17 31.91
CA GLY A 314 17.54 -30.19 31.08
C GLY A 314 17.33 -29.84 29.63
N TRP A 315 16.09 -29.98 29.18
CA TRP A 315 15.72 -29.81 27.77
C TRP A 315 14.90 -28.55 27.62
N VAL A 316 14.77 -28.08 26.38
CA VAL A 316 14.00 -26.89 26.08
C VAL A 316 12.53 -27.22 25.95
N GLY A 317 11.70 -26.50 26.70
CA GLY A 317 10.25 -26.67 26.64
C GLY A 317 9.73 -27.78 27.53
N ARG A 318 8.40 -27.82 27.69
CA ARG A 318 7.76 -28.89 28.45
C ARG A 318 7.95 -30.18 27.68
N PHE A 319 7.60 -30.15 26.40
CA PHE A 319 7.89 -31.25 25.44
C PHE A 319 8.67 -30.79 24.21
N ARG A 320 8.37 -29.59 23.76
CA ARG A 320 9.09 -28.93 22.69
C ARG A 320 9.02 -27.46 23.07
N PRO A 321 9.79 -26.60 22.40
CA PRO A 321 9.69 -25.15 22.62
C PRO A 321 8.29 -24.60 22.43
N SER A 322 7.96 -23.57 23.19
CA SER A 322 6.65 -22.93 23.12
C SER A 322 6.46 -22.19 21.82
N GLU A 323 5.23 -21.82 21.52
CA GLU A 323 4.95 -21.03 20.32
C GLU A 323 4.69 -19.56 20.58
N PRO A 324 5.22 -18.72 19.70
CA PRO A 324 5.05 -17.31 19.83
C PRO A 324 3.65 -16.87 19.52
N HIS A 325 3.20 -15.81 20.20
CA HIS A 325 1.97 -15.13 19.84
C HIS A 325 2.29 -13.69 19.52
N PHE A 326 2.28 -13.37 18.24
CA PHE A 326 2.68 -12.05 17.77
C PHE A 326 1.58 -11.01 17.95
N THR A 327 1.98 -9.75 17.91
CA THR A 327 1.03 -8.63 17.88
C THR A 327 0.59 -8.39 16.44
N LEU A 328 -0.48 -7.62 16.25
CA LEU A 328 -1.05 -7.43 14.92
C LEU A 328 -0.03 -6.99 13.86
N ASP A 329 0.80 -6.01 14.21
CA ASP A 329 1.84 -5.53 13.28
C ASP A 329 3.01 -6.50 13.17
N GLY A 330 3.13 -7.43 14.12
CA GLY A 330 4.10 -8.49 14.04
C GLY A 330 5.53 -8.10 14.36
N ASN A 331 5.71 -7.03 15.13
CA ASN A 331 7.06 -6.60 15.53
C ASN A 331 7.47 -7.00 16.93
N SER A 332 6.52 -7.55 17.68
CA SER A 332 6.79 -8.13 18.98
C SER A 332 5.90 -9.36 19.19
N PHE A 333 6.27 -10.20 20.16
CA PHE A 333 5.48 -11.38 20.46
C PHE A 333 5.61 -11.82 21.92
N TYR A 334 4.61 -12.56 22.39
CA TYR A 334 4.63 -13.15 23.72
C TYR A 334 4.83 -14.67 23.62
N LYS A 335 5.62 -15.22 24.53
CA LYS A 335 6.01 -16.62 24.46
C LYS A 335 6.28 -17.13 25.85
N ILE A 336 5.80 -18.32 26.17
CA ILE A 336 5.98 -18.90 27.50
C ILE A 336 7.37 -19.49 27.63
N ILE A 337 8.24 -18.82 28.36
CA ILE A 337 9.57 -19.38 28.61
C ILE A 337 9.79 -19.53 30.10
N SER A 338 10.78 -20.34 30.45
CA SER A 338 11.07 -20.66 31.85
C SER A 338 11.97 -19.57 32.41
N ASN A 339 11.64 -19.09 33.61
CA ASN A 339 12.32 -17.93 34.18
C ASN A 339 13.53 -18.30 35.04
N GLU A 340 14.10 -17.29 35.67
CA GLU A 340 15.29 -17.42 36.51
C GLU A 340 15.27 -18.55 37.55
N GLU A 341 14.16 -18.68 38.25
CA GLU A 341 14.02 -19.73 39.27
C GLU A 341 13.29 -20.95 38.74
N GLY A 342 13.13 -21.02 37.43
CA GLY A 342 12.61 -22.22 36.79
C GLY A 342 11.10 -22.36 36.71
N TYR A 343 10.39 -21.25 36.71
CA TYR A 343 8.94 -21.30 36.57
C TYR A 343 8.59 -20.78 35.18
N ARG A 344 7.59 -21.39 34.55
CA ARG A 344 7.22 -21.01 33.20
C ARG A 344 6.23 -19.86 33.22
N HIS A 345 6.68 -18.72 32.68
CA HIS A 345 5.88 -17.50 32.63
C HIS A 345 5.98 -16.81 31.29
N ILE A 346 5.09 -15.86 31.07
CA ILE A 346 4.97 -15.19 29.79
C ILE A 346 6.05 -14.15 29.61
N CYS A 347 6.78 -14.23 28.50
CA CYS A 347 7.83 -13.26 28.20
C CYS A 347 7.42 -12.39 27.02
N TYR A 348 7.99 -11.20 26.95
CA TYR A 348 7.63 -10.24 25.89
C TYR A 348 8.82 -9.80 25.08
N PHE A 349 8.90 -10.26 23.82
CA PHE A 349 10.06 -10.02 22.98
C PHE A 349 9.80 -8.95 21.92
N GLN A 350 10.86 -8.25 21.53
CA GLN A 350 10.87 -7.45 20.30
C GLN A 350 11.64 -8.29 19.27
N ILE A 351 11.19 -8.30 18.02
CA ILE A 351 11.71 -9.26 17.04
C ILE A 351 13.21 -9.19 16.79
N ASP A 352 13.79 -8.01 17.01
CA ASP A 352 15.21 -7.81 16.78
C ASP A 352 15.98 -7.43 18.03
N LYS A 353 15.51 -7.92 19.17
CA LYS A 353 16.11 -7.58 20.46
C LYS A 353 16.29 -8.83 21.29
N LYS A 354 17.54 -9.15 21.60
CA LYS A 354 17.88 -10.36 22.34
C LYS A 354 17.03 -10.55 23.59
N ASP A 355 16.89 -9.48 24.38
CA ASP A 355 16.27 -9.55 25.71
C ASP A 355 14.77 -9.36 25.75
N CYS A 356 14.10 -10.11 26.61
CA CYS A 356 12.67 -9.94 26.82
C CYS A 356 12.39 -9.51 28.24
N THR A 357 11.14 -9.15 28.49
CA THR A 357 10.66 -8.84 29.82
C THR A 357 9.57 -9.81 30.23
N PHE A 358 9.70 -10.42 31.39
CA PHE A 358 8.62 -11.23 31.93
C PHE A 358 7.46 -10.32 32.34
N ILE A 359 6.23 -10.74 32.02
CA ILE A 359 5.04 -10.01 32.42
C ILE A 359 4.23 -10.73 33.49
N THR A 360 4.65 -11.94 33.85
CA THR A 360 4.16 -12.62 35.04
C THR A 360 5.32 -13.28 35.79
N LYS A 361 5.19 -13.33 37.10
CA LYS A 361 6.11 -14.11 37.92
C LYS A 361 5.34 -14.75 39.07
N GLY A 362 5.98 -15.68 39.77
CA GLY A 362 5.33 -16.38 40.85
C GLY A 362 5.79 -17.83 40.97
N THR A 363 5.35 -18.46 42.06
CA THR A 363 5.64 -19.87 42.31
C THR A 363 4.51 -20.68 41.72
N TRP A 364 4.36 -20.58 40.40
CA TRP A 364 3.31 -21.30 39.67
C TRP A 364 3.66 -21.08 38.20
N GLU A 365 2.93 -21.75 37.31
CA GLU A 365 3.26 -21.72 35.88
C GLU A 365 2.09 -21.36 35.02
N VAL A 366 2.38 -20.66 33.93
CA VAL A 366 1.40 -20.46 32.87
C VAL A 366 1.29 -21.75 32.03
N ILE A 367 0.06 -22.22 31.86
CA ILE A 367 -0.17 -23.43 31.09
C ILE A 367 -0.13 -23.11 29.60
N GLY A 368 -0.79 -22.03 29.19
CA GLY A 368 -0.82 -21.65 27.81
C GLY A 368 -1.40 -20.29 27.56
N ILE A 369 -1.00 -19.67 26.45
CA ILE A 369 -1.54 -18.38 26.03
C ILE A 369 -2.74 -18.62 25.10
N GLU A 370 -3.87 -18.01 25.40
CA GLU A 370 -5.11 -18.34 24.73
C GLU A 370 -5.65 -17.31 23.75
N ALA A 371 -5.37 -16.04 23.98
CA ALA A 371 -5.81 -14.98 23.06
C ALA A 371 -5.01 -13.67 23.23
N LEU A 372 -4.99 -12.86 22.17
CA LEU A 372 -4.30 -11.58 22.21
C LEU A 372 -5.10 -10.47 21.53
N THR A 373 -5.55 -9.50 22.32
CA THR A 373 -6.14 -8.27 21.78
C THR A 373 -5.09 -7.16 21.89
N SER A 374 -5.45 -5.99 21.35
CA SER A 374 -4.53 -4.86 21.33
C SER A 374 -4.13 -4.37 22.71
N ASP A 375 -4.94 -4.69 23.72
CA ASP A 375 -4.64 -4.25 25.09
C ASP A 375 -5.02 -5.25 26.19
N TYR A 376 -5.16 -6.52 25.82
CA TYR A 376 -5.38 -7.58 26.81
C TYR A 376 -4.77 -8.87 26.30
N LEU A 377 -4.10 -9.61 27.18
CA LEU A 377 -3.63 -10.96 26.87
C LEU A 377 -4.33 -11.96 27.78
N TYR A 378 -5.06 -12.90 27.18
CA TYR A 378 -5.74 -13.93 27.96
C TYR A 378 -4.89 -15.20 28.05
N TYR A 379 -4.81 -15.80 29.23
CA TYR A 379 -3.96 -16.97 29.43
C TYR A 379 -4.55 -17.91 30.46
N ILE A 380 -3.99 -19.12 30.57
CA ILE A 380 -4.42 -20.12 31.55
C ILE A 380 -3.27 -20.47 32.48
N SER A 381 -3.52 -20.48 33.78
CA SER A 381 -2.50 -20.87 34.75
C SER A 381 -3.02 -21.69 35.91
N ASN A 382 -2.08 -22.23 36.68
CA ASN A 382 -2.40 -23.03 37.86
C ASN A 382 -2.10 -22.27 39.13
N GLU A 383 -2.35 -20.96 39.11
CA GLU A 383 -2.03 -20.08 40.23
C GLU A 383 -3.03 -20.14 41.39
N TYR A 384 -4.32 -20.14 41.05
CA TYR A 384 -5.39 -20.07 42.05
C TYR A 384 -5.14 -21.05 43.17
N LYS A 385 -5.25 -20.54 44.40
CA LYS A 385 -5.02 -21.32 45.61
C LYS A 385 -3.76 -22.18 45.65
N GLY A 386 -2.77 -21.81 44.85
CA GLY A 386 -1.47 -22.47 44.87
C GLY A 386 -1.51 -23.96 44.63
N MET A 387 -2.53 -24.41 43.90
CA MET A 387 -2.63 -25.82 43.51
C MET A 387 -2.31 -26.06 42.04
N PRO A 388 -1.32 -26.92 41.79
CA PRO A 388 -0.82 -27.15 40.45
C PRO A 388 -1.79 -27.95 39.61
N GLY A 389 -2.63 -28.75 40.26
CA GLY A 389 -3.62 -29.57 39.58
C GLY A 389 -4.88 -28.88 39.10
N GLY A 390 -4.97 -27.57 39.37
CA GLY A 390 -6.13 -26.77 38.98
C GLY A 390 -5.78 -25.83 37.85
N ARG A 391 -6.80 -25.30 37.20
CA ARG A 391 -6.62 -24.57 35.95
C ARG A 391 -7.64 -23.45 35.84
N ASN A 392 -7.19 -22.23 35.59
CA ASN A 392 -8.09 -21.08 35.49
C ASN A 392 -7.73 -20.06 34.45
N LEU A 393 -8.72 -19.34 33.95
CA LEU A 393 -8.50 -18.28 32.96
C LEU A 393 -8.15 -16.96 33.65
N TYR A 394 -7.22 -16.21 33.06
CA TYR A 394 -6.79 -14.93 33.58
C TYR A 394 -6.65 -13.98 32.38
N LYS A 395 -6.86 -12.70 32.61
CA LYS A 395 -6.49 -11.66 31.63
C LYS A 395 -5.54 -10.68 32.28
N ILE A 396 -4.62 -10.15 31.48
CA ILE A 396 -3.63 -9.20 31.95
C ILE A 396 -3.64 -7.97 31.06
N GLN A 397 -3.77 -6.80 31.70
CA GLN A 397 -3.80 -5.54 30.98
C GLN A 397 -2.43 -5.27 30.40
N LEU A 398 -2.37 -5.08 29.09
CA LEU A 398 -1.10 -4.94 28.41
C LEU A 398 -0.36 -3.68 28.87
N SER A 399 -1.07 -2.55 28.86
CA SER A 399 -0.51 -1.29 29.34
C SER A 399 -0.08 -1.27 30.82
N ASP A 400 -0.63 -2.17 31.62
CA ASP A 400 -0.27 -2.26 33.05
C ASP A 400 -0.18 -3.71 33.58
N TYR A 401 1.03 -4.23 33.69
CA TYR A 401 1.25 -5.63 34.04
C TYR A 401 0.82 -6.07 35.43
N THR A 402 0.52 -5.11 36.31
CA THR A 402 0.04 -5.45 37.65
C THR A 402 -1.48 -5.49 37.67
N LYS A 403 -2.12 -5.27 36.51
CA LYS A 403 -3.58 -5.36 36.42
C LYS A 403 -4.07 -6.72 35.90
N VAL A 404 -3.92 -7.74 36.74
CA VAL A 404 -4.32 -9.09 36.38
C VAL A 404 -5.68 -9.39 36.98
N THR A 405 -6.60 -9.88 36.15
CA THR A 405 -7.93 -10.23 36.60
C THR A 405 -8.15 -11.72 36.44
N CYS A 406 -8.77 -12.35 37.42
CA CYS A 406 -9.12 -13.74 37.28
C CYS A 406 -10.52 -13.83 36.71
N LEU A 407 -10.68 -14.46 35.56
CA LEU A 407 -11.98 -14.57 34.89
C LEU A 407 -12.89 -15.76 35.21
N SER A 408 -12.39 -16.74 35.96
CA SER A 408 -13.10 -18.01 36.20
C SER A 408 -13.07 -18.62 37.62
N CYS A 409 -12.28 -18.02 38.52
CA CYS A 409 -11.98 -18.61 39.82
C CYS A 409 -13.17 -18.69 40.72
N GLU A 410 -13.99 -17.64 40.68
CA GLU A 410 -15.13 -17.52 41.56
C GLU A 410 -16.49 -17.68 40.89
N LEU A 411 -16.49 -18.08 39.62
CA LEU A 411 -17.72 -18.36 38.92
C LEU A 411 -18.51 -19.46 39.62
N ASN A 412 -17.83 -20.38 40.29
CA ASN A 412 -18.48 -21.54 40.89
C ASN A 412 -17.45 -22.41 41.57
N PRO A 413 -16.86 -21.92 42.65
CA PRO A 413 -15.59 -22.45 43.16
C PRO A 413 -15.60 -23.86 43.69
N GLU A 414 -16.79 -24.37 44.01
CA GLU A 414 -16.92 -25.71 44.57
C GLU A 414 -17.02 -26.78 43.52
N ARG A 415 -17.71 -26.48 42.43
CA ARG A 415 -17.89 -27.40 41.31
C ARG A 415 -16.76 -27.31 40.31
N CYS A 416 -16.19 -26.11 40.19
CA CYS A 416 -15.36 -25.75 39.07
C CYS A 416 -13.96 -25.25 39.40
N GLN A 417 -12.97 -26.08 39.14
CA GLN A 417 -11.57 -25.73 39.33
C GLN A 417 -10.65 -26.15 38.18
N TYR A 418 -11.22 -26.57 37.05
CA TYR A 418 -10.42 -26.98 35.89
C TYR A 418 -11.01 -26.44 34.60
N TYR A 419 -10.60 -25.24 34.25
CA TYR A 419 -11.17 -24.56 33.11
C TYR A 419 -10.27 -24.69 31.87
N SER A 420 -10.91 -24.67 30.70
CA SER A 420 -10.21 -24.47 29.43
C SER A 420 -11.11 -23.53 28.63
N VAL A 421 -10.60 -22.96 27.55
CA VAL A 421 -11.36 -21.91 26.87
C VAL A 421 -11.31 -21.88 25.34
N SER A 422 -12.42 -21.50 24.72
CA SER A 422 -12.50 -21.30 23.29
C SER A 422 -12.98 -19.88 22.95
N PHE A 423 -12.10 -19.08 22.34
CA PHE A 423 -12.43 -17.70 22.02
C PHE A 423 -13.03 -17.51 20.63
N SER A 424 -13.80 -16.44 20.46
CA SER A 424 -14.40 -16.08 19.18
C SER A 424 -13.34 -15.45 18.28
N LYS A 425 -13.72 -15.13 17.05
CA LYS A 425 -12.76 -14.65 16.07
C LYS A 425 -11.86 -13.49 16.49
N GLU A 426 -12.40 -12.52 17.22
CA GLU A 426 -11.52 -11.45 17.71
C GLU A 426 -11.66 -11.25 19.19
N ALA A 427 -11.79 -12.37 19.89
CA ALA A 427 -11.90 -12.37 21.34
C ALA A 427 -13.07 -11.51 21.78
N LYS A 428 -14.15 -11.49 21.00
CA LYS A 428 -15.32 -10.72 21.38
C LYS A 428 -16.17 -11.54 22.33
N TYR A 429 -16.07 -12.86 22.21
CA TYR A 429 -16.78 -13.75 23.10
C TYR A 429 -15.86 -14.90 23.47
N TYR A 430 -16.26 -15.69 24.47
CA TYR A 430 -15.50 -16.86 24.84
C TYR A 430 -16.29 -17.89 25.62
N GLN A 431 -16.05 -19.17 25.30
CA GLN A 431 -16.73 -20.28 25.96
C GLN A 431 -15.80 -20.94 26.97
N LEU A 432 -16.29 -21.12 28.19
CA LEU A 432 -15.53 -21.85 29.19
C LEU A 432 -16.01 -23.28 29.34
N ARG A 433 -15.05 -24.20 29.45
CA ARG A 433 -15.32 -25.60 29.77
C ARG A 433 -14.76 -25.87 31.15
N CYS A 434 -15.63 -26.32 32.04
CA CYS A 434 -15.22 -26.64 33.38
C CYS A 434 -15.35 -28.14 33.41
N SER A 435 -14.29 -28.85 33.78
CA SER A 435 -14.31 -30.30 33.73
C SER A 435 -14.06 -31.01 35.05
N GLY A 436 -14.07 -30.26 36.14
CA GLY A 436 -13.96 -30.84 37.48
C GLY A 436 -13.77 -29.84 38.61
N PRO A 437 -14.05 -30.26 39.84
CA PRO A 437 -14.32 -31.65 40.20
C PRO A 437 -15.77 -32.04 40.08
N GLY A 438 -16.63 -31.08 39.81
CA GLY A 438 -18.03 -31.36 39.60
C GLY A 438 -18.28 -31.87 38.20
N LEU A 439 -19.54 -32.15 37.89
CA LEU A 439 -19.93 -32.53 36.53
C LEU A 439 -19.64 -31.36 35.62
N PRO A 440 -19.05 -31.64 34.46
CA PRO A 440 -18.72 -30.60 33.49
C PRO A 440 -19.82 -29.59 33.19
N LEU A 441 -19.40 -28.35 32.95
CA LEU A 441 -20.30 -27.22 32.90
C LEU A 441 -19.76 -26.24 31.87
N TYR A 442 -20.57 -25.96 30.85
CA TYR A 442 -20.16 -25.07 29.78
C TYR A 442 -20.98 -23.80 29.79
N THR A 443 -20.31 -22.66 29.80
CA THR A 443 -20.97 -21.38 29.81
C THR A 443 -20.45 -20.55 28.67
N LEU A 444 -20.98 -19.34 28.53
CA LEU A 444 -20.66 -18.44 27.43
C LEU A 444 -20.62 -17.02 27.95
N HIS A 445 -19.67 -16.22 27.46
CA HIS A 445 -19.44 -14.87 27.98
C HIS A 445 -19.11 -13.86 26.89
N SER A 446 -19.29 -12.57 27.19
CA SER A 446 -18.81 -11.48 26.31
C SER A 446 -17.56 -10.85 26.91
N SER A 447 -16.56 -10.57 26.08
CA SER A 447 -15.26 -10.09 26.56
C SER A 447 -15.25 -8.62 26.93
N VAL A 448 -16.05 -7.84 26.21
CA VAL A 448 -16.27 -6.41 26.51
C VAL A 448 -16.50 -6.15 27.99
N ASN A 449 -17.26 -7.02 28.63
CA ASN A 449 -17.63 -6.90 30.03
C ASN A 449 -17.02 -7.91 30.97
N ASP A 450 -16.64 -9.06 30.43
CA ASP A 450 -16.46 -10.31 31.17
C ASP A 450 -17.80 -10.69 31.80
N LYS A 451 -18.87 -10.43 31.04
CA LYS A 451 -20.23 -10.70 31.49
C LYS A 451 -20.72 -12.07 31.05
N GLY A 452 -21.15 -12.88 31.99
CA GLY A 452 -21.67 -14.21 31.70
C GLY A 452 -23.04 -14.18 31.08
N LEU A 453 -23.16 -14.66 29.85
CA LEU A 453 -24.41 -14.60 29.10
C LEU A 453 -25.37 -15.73 29.47
N ARG A 454 -25.14 -16.92 28.93
CA ARG A 454 -26.02 -18.03 29.26
C ARG A 454 -25.26 -19.29 29.64
N VAL A 455 -25.98 -20.27 30.19
CA VAL A 455 -25.43 -21.61 30.43
C VAL A 455 -25.72 -22.46 29.20
N LEU A 456 -24.68 -23.06 28.63
CA LEU A 456 -24.82 -23.82 27.38
C LEU A 456 -25.16 -25.28 27.62
N GLU A 457 -24.54 -25.87 28.64
CA GLU A 457 -24.82 -27.24 29.02
C GLU A 457 -24.31 -27.46 30.45
N ASP A 458 -25.09 -28.19 31.24
CA ASP A 458 -24.78 -28.41 32.66
C ASP A 458 -24.92 -29.85 33.18
N ASN A 459 -25.14 -30.80 32.28
CA ASN A 459 -25.27 -32.21 32.66
C ASN A 459 -26.21 -32.54 33.81
N SER A 460 -27.25 -31.73 34.01
CA SER A 460 -28.28 -31.98 35.01
C SER A 460 -29.06 -33.24 34.66
N ALA A 461 -29.20 -33.49 33.36
CA ALA A 461 -29.71 -34.74 32.82
C ALA A 461 -29.01 -35.95 33.45
N LEU A 462 -27.69 -35.98 33.33
CA LEU A 462 -26.84 -37.00 33.96
C LEU A 462 -26.95 -36.98 35.48
N ASP A 463 -27.08 -35.79 36.05
CA ASP A 463 -27.13 -35.64 37.49
C ASP A 463 -28.27 -36.39 38.17
N LYS A 464 -29.45 -36.42 37.54
CA LYS A 464 -30.57 -37.18 38.08
C LYS A 464 -30.07 -38.61 38.19
N MET A 465 -29.70 -39.18 37.05
CA MET A 465 -29.24 -40.58 36.99
C MET A 465 -28.23 -40.97 38.05
N LEU A 466 -27.39 -40.03 38.46
CA LEU A 466 -26.25 -40.34 39.32
C LEU A 466 -26.46 -40.38 40.83
N GLN A 467 -27.52 -39.76 41.31
CA GLN A 467 -27.84 -39.83 42.74
C GLN A 467 -28.48 -41.19 43.04
N ASN A 468 -29.01 -41.83 42.00
CA ASN A 468 -29.50 -43.20 42.10
C ASN A 468 -28.41 -44.23 42.36
N VAL A 469 -27.15 -43.80 42.28
CA VAL A 469 -26.02 -44.69 42.38
C VAL A 469 -24.96 -44.19 43.37
N GLN A 470 -24.32 -45.14 44.04
CA GLN A 470 -23.34 -44.88 45.07
C GLN A 470 -21.96 -44.60 44.50
N MET A 471 -21.69 -43.33 44.23
CA MET A 471 -20.43 -42.93 43.61
C MET A 471 -19.31 -42.86 44.62
N PRO A 472 -18.09 -42.86 44.11
CA PRO A 472 -16.93 -42.67 44.95
C PRO A 472 -16.62 -41.19 45.05
N SER A 473 -15.68 -40.84 45.91
CA SER A 473 -15.30 -39.45 46.12
C SER A 473 -13.82 -39.33 45.83
N LYS A 474 -13.38 -38.12 45.47
CA LYS A 474 -11.99 -37.91 45.11
C LYS A 474 -11.31 -36.97 46.09
N LYS A 475 -10.26 -37.43 46.75
CA LYS A 475 -9.46 -36.55 47.61
C LYS A 475 -8.24 -36.08 46.84
N LEU A 476 -7.89 -34.81 47.02
CA LEU A 476 -6.75 -34.19 46.37
C LEU A 476 -6.03 -33.44 47.49
N ASP A 477 -4.77 -33.76 47.68
CA ASP A 477 -4.02 -33.20 48.78
C ASP A 477 -2.56 -33.45 48.46
N PHE A 478 -1.67 -33.17 49.39
CA PHE A 478 -0.25 -33.41 49.18
C PHE A 478 0.41 -33.96 50.41
N ILE A 479 1.63 -34.47 50.22
CA ILE A 479 2.47 -34.89 51.31
C ILE A 479 3.75 -34.08 51.16
N ILE A 480 4.64 -34.18 52.14
CA ILE A 480 5.89 -33.43 52.09
C ILE A 480 7.10 -34.36 52.16
N LEU A 481 8.01 -34.20 51.19
CA LEU A 481 9.30 -34.88 51.22
C LEU A 481 10.39 -33.83 51.06
N ASN A 482 11.42 -33.87 51.90
CA ASN A 482 12.50 -32.90 51.86
C ASN A 482 12.01 -31.45 51.71
N GLU A 483 11.01 -31.07 52.49
CA GLU A 483 10.41 -29.72 52.42
C GLU A 483 9.95 -29.21 51.05
N THR A 484 9.54 -30.12 50.17
CA THR A 484 8.77 -29.76 48.97
C THR A 484 7.49 -30.57 49.04
N LYS A 485 6.38 -29.95 48.67
CA LYS A 485 5.13 -30.69 48.60
C LYS A 485 4.98 -31.40 47.27
N PHE A 486 4.56 -32.65 47.36
CA PHE A 486 4.23 -33.44 46.18
C PHE A 486 2.77 -33.85 46.27
N TRP A 487 2.01 -33.56 45.22
CA TRP A 487 0.57 -33.78 45.24
C TRP A 487 0.21 -35.21 44.97
N TYR A 488 -1.01 -35.59 45.35
CA TYR A 488 -1.55 -36.93 45.11
C TYR A 488 -3.06 -36.84 45.11
N GLN A 489 -3.70 -37.85 44.54
CA GLN A 489 -5.16 -37.93 44.53
C GLN A 489 -5.59 -39.33 44.93
N MET A 490 -6.82 -39.46 45.41
CA MET A 490 -7.37 -40.76 45.81
C MET A 490 -8.83 -40.87 45.45
N ILE A 491 -9.20 -42.00 44.86
CA ILE A 491 -10.60 -42.27 44.57
C ILE A 491 -11.07 -43.16 45.71
N LEU A 492 -11.97 -42.63 46.52
CA LEU A 492 -12.44 -43.30 47.73
C LEU A 492 -13.81 -43.93 47.56
N PRO A 493 -13.96 -45.15 48.05
CA PRO A 493 -15.23 -45.85 47.93
C PRO A 493 -16.32 -45.10 48.66
N PRO A 494 -17.57 -45.27 48.24
CA PRO A 494 -18.69 -44.62 48.89
C PRO A 494 -18.75 -45.00 50.35
N HIS A 495 -19.31 -44.11 51.17
CA HIS A 495 -19.34 -44.28 52.63
C HIS A 495 -17.95 -44.66 53.17
N PHE A 496 -16.92 -43.98 52.67
CA PHE A 496 -15.54 -44.26 53.05
C PHE A 496 -15.39 -44.02 54.54
N ASP A 497 -15.08 -45.07 55.28
CA ASP A 497 -14.93 -44.96 56.72
C ASP A 497 -13.45 -45.02 57.10
N LYS A 498 -12.93 -43.87 57.53
CA LYS A 498 -11.47 -43.66 57.63
C LYS A 498 -10.75 -44.46 58.71
N SER A 499 -11.44 -45.45 59.27
CA SER A 499 -10.88 -46.28 60.33
C SER A 499 -11.05 -47.76 59.97
N LYS A 500 -11.19 -48.02 58.68
CA LYS A 500 -11.24 -49.39 58.17
C LYS A 500 -9.97 -49.59 57.33
N LYS A 501 -9.63 -50.84 57.07
CA LYS A 501 -8.48 -51.16 56.22
C LYS A 501 -8.95 -51.50 54.80
N TYR A 502 -8.77 -50.55 53.87
CA TYR A 502 -9.08 -50.76 52.47
C TYR A 502 -7.85 -51.24 51.71
N PRO A 503 -8.05 -52.05 50.67
CA PRO A 503 -6.96 -52.43 49.78
C PRO A 503 -6.73 -51.30 48.78
N LEU A 504 -5.47 -51.11 48.38
CA LEU A 504 -5.08 -49.95 47.58
C LEU A 504 -4.37 -50.24 46.26
N LEU A 505 -4.87 -49.63 45.19
CA LEU A 505 -4.29 -49.71 43.85
C LEU A 505 -3.63 -48.38 43.50
N LEU A 506 -2.34 -48.43 43.18
CA LEU A 506 -1.62 -47.24 42.78
C LEU A 506 -1.67 -47.15 41.26
N ASP A 507 -2.27 -46.08 40.74
CA ASP A 507 -2.46 -45.92 39.30
C ASP A 507 -1.42 -44.94 38.76
N VAL A 508 -0.44 -45.47 38.03
CA VAL A 508 0.76 -44.71 37.68
C VAL A 508 0.93 -44.38 36.19
N TYR A 509 1.46 -43.19 35.92
CA TYR A 509 2.03 -42.88 34.62
C TYR A 509 3.49 -42.40 34.78
N ALA A 510 3.66 -41.23 35.37
CA ALA A 510 4.96 -40.75 35.91
C ALA A 510 6.03 -40.27 34.92
N GLY A 511 5.67 -40.14 33.65
CA GLY A 511 6.60 -39.68 32.64
C GLY A 511 6.89 -38.20 32.79
N PRO A 512 7.99 -37.74 32.21
CA PRO A 512 8.42 -36.36 32.37
C PRO A 512 7.35 -35.36 32.00
N CYS A 513 7.01 -34.51 32.96
CA CYS A 513 6.06 -33.43 32.75
C CYS A 513 4.62 -33.89 32.78
N SER A 514 4.40 -35.08 33.31
CA SER A 514 3.05 -35.59 33.45
C SER A 514 2.47 -35.07 34.74
N GLN A 515 1.17 -35.28 34.92
CA GLN A 515 0.41 -34.85 36.09
C GLN A 515 -0.82 -35.75 36.23
N LYS A 516 -0.74 -36.75 37.12
CA LYS A 516 -1.88 -37.66 37.38
C LYS A 516 -2.80 -37.21 38.53
N ALA A 517 -2.39 -36.19 39.28
CA ALA A 517 -3.19 -35.66 40.38
C ALA A 517 -3.78 -34.31 40.03
N ASP A 518 -5.04 -34.29 39.64
CA ASP A 518 -5.69 -33.06 39.19
C ASP A 518 -7.12 -33.00 39.69
N THR A 519 -7.83 -31.92 39.33
CA THR A 519 -9.22 -31.72 39.76
C THR A 519 -10.28 -32.17 38.75
N VAL A 520 -9.89 -32.91 37.72
CA VAL A 520 -10.83 -33.36 36.70
C VAL A 520 -11.81 -34.43 37.17
N PHE A 521 -13.05 -34.34 36.68
CA PHE A 521 -14.09 -35.35 36.93
C PHE A 521 -14.01 -36.44 35.88
N ARG A 522 -13.87 -37.68 36.32
CA ARG A 522 -13.76 -38.81 35.41
C ARG A 522 -14.64 -40.01 35.76
N LEU A 523 -15.20 -40.63 34.72
CA LEU A 523 -15.95 -41.88 34.89
C LEU A 523 -15.17 -42.96 34.20
N ASN A 524 -14.42 -43.72 34.98
CA ASN A 524 -13.52 -44.72 34.41
C ASN A 524 -13.34 -45.95 35.29
N TRP A 525 -12.51 -46.87 34.84
CA TRP A 525 -12.22 -48.09 35.57
C TRP A 525 -11.98 -47.91 37.07
N ALA A 526 -11.38 -46.79 37.48
CA ALA A 526 -11.15 -46.52 38.90
C ALA A 526 -12.48 -46.30 39.63
N THR A 527 -13.42 -45.64 38.94
CA THR A 527 -14.76 -45.42 39.45
C THR A 527 -15.42 -46.76 39.82
N TYR A 528 -15.36 -47.73 38.90
CA TYR A 528 -15.87 -49.07 39.17
C TYR A 528 -15.16 -49.70 40.37
N LEU A 529 -13.83 -49.65 40.37
CA LEU A 529 -13.03 -50.30 41.42
C LEU A 529 -13.28 -49.78 42.83
N ALA A 530 -13.58 -48.49 42.94
CA ALA A 530 -13.88 -47.89 44.22
C ALA A 530 -15.33 -48.17 44.57
N SER A 531 -16.24 -47.76 43.69
CA SER A 531 -17.68 -47.91 43.92
C SER A 531 -18.15 -49.34 44.19
N THR A 532 -17.83 -50.26 43.28
CA THR A 532 -18.31 -51.62 43.37
C THR A 532 -17.43 -52.56 44.18
N GLU A 533 -16.12 -52.28 44.21
CA GLU A 533 -15.18 -53.21 44.87
C GLU A 533 -14.48 -52.70 46.13
N ASN A 534 -14.77 -51.45 46.49
CA ASN A 534 -14.16 -50.80 47.65
C ASN A 534 -12.64 -50.91 47.66
N ILE A 535 -12.05 -50.39 46.58
CA ILE A 535 -10.62 -50.27 46.46
C ILE A 535 -10.31 -48.80 46.37
N ILE A 536 -9.30 -48.37 47.10
CA ILE A 536 -8.82 -47.01 46.99
C ILE A 536 -7.85 -46.97 45.80
N VAL A 537 -8.15 -46.10 44.84
CA VAL A 537 -7.31 -45.95 43.66
C VAL A 537 -6.60 -44.61 43.75
N ALA A 538 -5.28 -44.67 43.91
CA ALA A 538 -4.45 -43.49 44.14
C ALA A 538 -3.49 -43.20 43.01
N SER A 539 -3.13 -41.92 42.87
CA SER A 539 -2.08 -41.49 41.95
C SER A 539 -1.22 -40.41 42.60
N PHE A 540 0.08 -40.46 42.31
CA PHE A 540 1.06 -39.56 42.92
C PHE A 540 1.94 -38.87 41.89
N ASP A 541 2.04 -37.54 41.97
CA ASP A 541 2.92 -36.76 41.11
C ASP A 541 4.23 -36.41 41.81
N GLY A 542 5.19 -37.32 41.67
CA GLY A 542 6.50 -37.15 42.29
C GLY A 542 7.46 -36.39 41.39
N ARG A 543 8.74 -36.70 41.51
CA ARG A 543 9.78 -36.01 40.75
C ARG A 543 9.71 -36.30 39.26
N GLY A 544 9.94 -35.27 38.46
CA GLY A 544 9.80 -35.36 37.02
C GLY A 544 8.48 -34.76 36.55
N SER A 545 7.48 -34.75 37.41
CA SER A 545 6.16 -34.23 37.03
C SER A 545 6.24 -32.74 36.73
N GLY A 546 5.25 -32.25 36.00
CA GLY A 546 5.33 -30.90 35.50
C GLY A 546 4.42 -29.95 36.20
N TYR A 547 4.45 -28.69 35.76
CA TYR A 547 3.56 -27.65 36.24
C TYR A 547 3.92 -27.17 37.64
N GLN A 548 5.01 -27.71 38.16
CA GLN A 548 5.50 -27.36 39.49
C GLN A 548 6.90 -26.75 39.38
N GLY A 549 7.22 -26.18 38.21
CA GLY A 549 8.53 -25.62 38.00
C GLY A 549 9.63 -26.62 37.71
N ASP A 550 10.72 -26.10 37.16
CA ASP A 550 11.80 -26.91 36.61
C ASP A 550 12.61 -27.72 37.62
N LYS A 551 12.62 -27.30 38.89
CA LYS A 551 13.44 -28.02 39.85
C LYS A 551 12.89 -29.40 40.03
N ILE A 552 11.56 -29.50 39.99
CA ILE A 552 10.87 -30.78 40.11
C ILE A 552 10.83 -31.55 38.79
N MET A 553 10.63 -30.83 37.69
CA MET A 553 10.56 -31.48 36.39
C MET A 553 11.91 -32.04 35.94
N HIS A 554 12.92 -31.18 35.89
CA HIS A 554 14.24 -31.58 35.38
C HIS A 554 15.04 -32.50 36.32
N ALA A 555 14.50 -32.84 37.48
CA ALA A 555 15.21 -33.73 38.42
C ALA A 555 15.58 -35.14 37.94
N ILE A 556 15.04 -35.54 36.79
CA ILE A 556 15.28 -36.87 36.22
C ILE A 556 16.12 -36.81 34.95
N ASN A 557 16.47 -35.60 34.53
CA ASN A 557 17.24 -35.43 33.32
C ASN A 557 18.42 -36.39 33.24
N ARG A 558 18.59 -37.01 32.07
CA ARG A 558 19.68 -37.98 31.81
C ARG A 558 19.71 -39.20 32.72
N ARG A 559 18.56 -39.49 33.32
CA ARG A 559 18.50 -40.33 34.50
C ARG A 559 17.14 -41.02 34.67
N LEU A 560 16.58 -41.49 33.57
CA LEU A 560 15.20 -41.97 33.53
C LEU A 560 15.14 -43.31 34.24
N GLY A 561 13.98 -43.57 34.84
CA GLY A 561 13.79 -44.79 35.59
C GLY A 561 14.56 -44.89 36.89
N THR A 562 14.78 -43.75 37.54
CA THR A 562 15.44 -43.71 38.85
C THR A 562 14.58 -43.00 39.91
N PHE A 563 14.51 -41.68 39.87
CA PHE A 563 13.76 -40.93 40.89
C PHE A 563 12.26 -41.15 40.81
N GLU A 564 11.66 -40.93 39.65
CA GLU A 564 10.21 -41.06 39.49
C GLU A 564 9.67 -42.42 39.92
N VAL A 565 10.51 -43.45 39.81
CA VAL A 565 10.13 -44.79 40.26
C VAL A 565 10.28 -44.94 41.78
N GLU A 566 11.36 -44.42 42.36
CA GLU A 566 11.56 -44.41 43.83
C GLU A 566 10.43 -43.68 44.53
N ASP A 567 10.06 -42.52 44.00
CA ASP A 567 9.04 -41.66 44.59
C ASP A 567 7.65 -42.29 44.58
N GLN A 568 7.42 -43.20 43.64
CA GLN A 568 6.15 -43.91 43.57
C GLN A 568 6.12 -44.94 44.72
N ILE A 569 7.25 -45.60 44.96
CA ILE A 569 7.37 -46.54 46.10
C ILE A 569 7.27 -45.81 47.43
N GLU A 570 7.85 -44.61 47.48
CA GLU A 570 7.82 -43.77 48.69
C GLU A 570 6.38 -43.39 49.03
N ALA A 571 5.67 -42.84 48.04
CA ALA A 571 4.27 -42.44 48.19
C ALA A 571 3.40 -43.60 48.64
N ALA A 572 3.70 -44.79 48.15
CA ALA A 572 3.01 -45.99 48.59
C ALA A 572 3.19 -46.23 50.09
N ARG A 573 4.41 -46.10 50.58
CA ARG A 573 4.68 -46.22 52.02
C ARG A 573 3.87 -45.22 52.83
N GLN A 574 3.97 -43.96 52.46
CA GLN A 574 3.26 -42.89 53.13
C GLN A 574 1.76 -43.14 53.19
N PHE A 575 1.23 -43.78 52.15
CA PHE A 575 -0.19 -44.08 52.11
C PHE A 575 -0.57 -45.14 53.14
N SER A 576 0.23 -46.19 53.30
CA SER A 576 -0.06 -47.24 54.31
C SER A 576 0.07 -46.69 55.73
N LYS A 577 1.11 -45.88 55.92
CA LYS A 577 1.27 -45.07 57.14
C LYS A 577 0.06 -44.21 57.53
N MET A 578 -0.84 -43.94 56.59
CA MET A 578 -2.04 -43.16 56.88
C MET A 578 -3.10 -43.98 57.60
N GLY A 579 -2.86 -45.29 57.74
CA GLY A 579 -3.69 -46.10 58.61
C GLY A 579 -4.96 -46.73 58.07
N PHE A 580 -5.63 -46.08 57.11
CA PHE A 580 -6.84 -46.64 56.50
C PHE A 580 -6.59 -47.54 55.28
N VAL A 581 -5.35 -48.00 55.15
CA VAL A 581 -4.93 -48.76 53.99
C VAL A 581 -4.48 -50.14 54.42
N ASP A 582 -4.99 -51.18 53.76
CA ASP A 582 -4.55 -52.54 54.06
C ASP A 582 -3.10 -52.72 53.63
N ASN A 583 -2.21 -52.57 54.60
CA ASN A 583 -0.79 -52.85 54.45
C ASN A 583 -0.37 -53.96 53.49
N LYS A 584 -1.02 -55.12 53.57
CA LYS A 584 -0.60 -56.29 52.79
C LYS A 584 -1.46 -56.55 51.54
N ARG A 585 -2.13 -55.51 51.06
CA ARG A 585 -2.92 -55.58 49.84
C ARG A 585 -2.74 -54.29 49.07
N ILE A 586 -1.52 -54.06 48.61
CA ILE A 586 -1.21 -52.93 47.75
C ILE A 586 -0.79 -53.38 46.35
N ALA A 587 -1.48 -52.87 45.35
CA ALA A 587 -1.14 -53.16 43.96
C ALA A 587 -0.66 -51.90 43.23
N ILE A 588 -0.20 -52.08 42.00
CA ILE A 588 0.26 -50.98 41.15
C ILE A 588 -0.01 -51.33 39.68
N TRP A 589 -0.38 -50.34 38.87
CA TRP A 589 -0.59 -50.59 37.45
C TRP A 589 -0.50 -49.34 36.59
N GLY A 590 -0.06 -49.54 35.36
CA GLY A 590 0.09 -48.44 34.43
C GLY A 590 0.22 -48.89 32.99
N TRP A 591 0.18 -47.90 32.09
CA TRP A 591 0.18 -48.13 30.66
C TRP A 591 1.28 -47.27 30.07
N SER A 592 2.01 -47.79 29.09
CA SER A 592 3.14 -47.07 28.46
C SER A 592 4.30 -46.82 29.45
N TYR A 593 4.67 -45.56 29.60
CA TYR A 593 5.63 -45.16 30.61
C TYR A 593 5.16 -45.75 31.92
N GLY A 594 3.86 -45.63 32.19
CA GLY A 594 3.28 -46.17 33.40
C GLY A 594 3.52 -47.66 33.57
N GLY A 595 3.51 -48.38 32.47
CA GLY A 595 3.81 -49.79 32.51
C GLY A 595 5.26 -50.03 32.86
N TYR A 596 6.14 -49.20 32.32
CA TYR A 596 7.57 -49.26 32.64
C TYR A 596 7.83 -49.03 34.12
N VAL A 597 7.27 -47.95 34.64
CA VAL A 597 7.41 -47.64 36.05
C VAL A 597 6.88 -48.79 36.89
N THR A 598 5.60 -49.13 36.73
CA THR A 598 5.02 -50.30 37.39
C THR A 598 6.01 -51.48 37.43
N SER A 599 6.57 -51.79 36.26
CA SER A 599 7.48 -52.91 36.13
C SER A 599 8.75 -52.68 36.91
N MET A 600 9.34 -51.51 36.78
CA MET A 600 10.55 -51.17 37.57
C MET A 600 10.30 -51.20 39.10
N VAL A 601 9.10 -50.79 39.52
CA VAL A 601 8.71 -50.85 40.92
C VAL A 601 8.64 -52.31 41.39
N LEU A 602 7.87 -53.14 40.69
CA LEU A 602 7.77 -54.55 41.04
C LEU A 602 9.12 -55.25 41.02
N GLY A 603 10.01 -54.73 40.18
CA GLY A 603 11.35 -55.29 40.05
C GLY A 603 12.32 -54.80 41.11
N SER A 604 11.91 -53.81 41.87
CA SER A 604 12.79 -53.16 42.86
C SER A 604 13.03 -53.96 44.13
N GLY A 605 12.28 -55.04 44.32
CA GLY A 605 12.31 -55.78 45.59
C GLY A 605 12.07 -55.02 46.89
N SER A 606 11.22 -54.01 46.86
CA SER A 606 10.92 -53.20 48.05
C SER A 606 9.93 -53.82 49.02
N GLY A 607 9.32 -54.94 48.65
CA GLY A 607 8.31 -55.58 49.48
C GLY A 607 6.98 -54.87 49.71
N VAL A 608 6.85 -53.63 49.24
CA VAL A 608 5.64 -52.83 49.47
C VAL A 608 4.41 -53.36 48.73
N PHE A 609 4.63 -54.01 47.59
CA PHE A 609 3.57 -54.33 46.63
C PHE A 609 3.35 -55.83 46.49
N LYS A 610 2.08 -56.22 46.50
CA LYS A 610 1.70 -57.62 46.31
C LYS A 610 1.71 -58.00 44.84
N CYS A 611 1.22 -57.09 43.99
CA CYS A 611 1.14 -57.37 42.57
C CYS A 611 1.00 -56.14 41.70
N GLY A 612 1.17 -56.35 40.39
CA GLY A 612 1.08 -55.28 39.42
C GLY A 612 0.65 -55.71 38.04
N ILE A 613 0.19 -54.74 37.25
CA ILE A 613 -0.22 -54.97 35.87
C ILE A 613 0.45 -53.95 34.97
N ALA A 614 1.24 -54.43 34.02
CA ALA A 614 1.93 -53.55 33.09
C ALA A 614 1.34 -53.72 31.70
N VAL A 615 0.81 -52.62 31.15
CA VAL A 615 0.19 -52.65 29.82
C VAL A 615 1.06 -51.88 28.83
N ALA A 616 1.55 -52.58 27.81
CA ALA A 616 2.37 -51.97 26.77
C ALA A 616 3.54 -51.19 27.36
N PRO A 617 4.31 -51.83 28.22
CA PRO A 617 5.39 -51.15 28.89
C PRO A 617 6.58 -50.94 27.98
N VAL A 618 7.29 -49.84 28.19
CA VAL A 618 8.66 -49.72 27.73
C VAL A 618 9.48 -50.65 28.62
N SER A 619 10.49 -51.31 28.08
CA SER A 619 11.32 -52.20 28.88
C SER A 619 12.80 -51.82 28.88
N ARG A 620 13.27 -51.20 27.81
CA ARG A 620 14.59 -50.58 27.80
C ARG A 620 14.66 -49.49 26.75
N TRP A 621 15.10 -48.30 27.16
CA TRP A 621 15.00 -47.09 26.34
C TRP A 621 15.60 -47.14 24.96
N GLU A 622 16.58 -48.01 24.74
CA GLU A 622 17.15 -48.17 23.41
C GLU A 622 16.15 -48.67 22.38
N TYR A 623 15.06 -49.29 22.84
CA TYR A 623 13.96 -49.74 21.98
C TYR A 623 12.95 -48.65 21.58
N TYR A 624 12.84 -47.61 22.39
CA TYR A 624 11.84 -46.60 22.16
C TYR A 624 12.37 -45.58 21.18
N ASP A 625 11.49 -44.74 20.63
CA ASP A 625 11.86 -43.80 19.58
C ASP A 625 12.84 -42.73 20.05
N SER A 626 13.58 -42.18 19.10
CA SER A 626 14.67 -41.24 19.39
C SER A 626 14.23 -39.85 19.88
N VAL A 627 13.34 -39.18 19.15
CA VAL A 627 12.90 -37.84 19.54
C VAL A 627 12.52 -37.73 21.02
N TYR A 628 11.73 -38.70 21.47
CA TYR A 628 11.28 -38.72 22.86
C TYR A 628 12.43 -39.13 23.80
N THR A 629 12.98 -40.32 23.56
CA THR A 629 13.92 -40.91 24.50
C THR A 629 15.15 -40.02 24.73
N GLU A 630 15.71 -39.49 23.65
CA GLU A 630 16.93 -38.70 23.73
C GLU A 630 16.67 -37.35 24.34
N ARG A 631 15.44 -36.84 24.20
CA ARG A 631 15.08 -35.56 24.82
C ARG A 631 15.50 -35.58 26.29
N TYR A 632 15.34 -36.74 26.92
CA TYR A 632 15.62 -36.90 28.33
C TYR A 632 16.94 -37.59 28.64
N MET A 633 17.37 -38.48 27.76
CA MET A 633 18.53 -39.34 28.02
C MET A 633 19.80 -39.11 27.19
N GLY A 634 19.72 -38.27 26.16
CA GLY A 634 20.84 -38.08 25.24
C GLY A 634 21.09 -39.36 24.47
N LEU A 635 22.28 -39.52 23.90
CA LEU A 635 22.57 -40.71 23.09
C LEU A 635 23.13 -41.86 23.89
N PRO A 636 22.81 -43.08 23.49
CA PRO A 636 23.32 -44.27 24.15
C PRO A 636 24.70 -44.65 23.66
N THR A 637 25.67 -43.75 23.86
CA THR A 637 27.06 -44.01 23.50
C THR A 637 27.92 -43.88 24.77
N PRO A 638 29.11 -44.46 24.77
CA PRO A 638 29.99 -44.36 25.93
C PRO A 638 30.41 -42.93 26.24
N GLU A 639 30.65 -42.13 25.21
CA GLU A 639 31.02 -40.73 25.40
C GLU A 639 29.88 -39.86 25.93
N ASP A 640 28.66 -40.39 25.87
CA ASP A 640 27.45 -39.68 26.32
C ASP A 640 26.83 -40.43 27.52
N ASN A 641 25.64 -41.01 27.36
CA ASN A 641 24.88 -41.55 28.49
C ASN A 641 24.54 -43.03 28.49
N LEU A 642 25.28 -43.82 27.71
CA LEU A 642 25.04 -45.26 27.59
C LEU A 642 24.96 -46.02 28.90
N ASP A 643 25.73 -45.58 29.89
CA ASP A 643 25.70 -46.22 31.20
C ASP A 643 24.30 -46.23 31.80
N HIS A 644 23.64 -45.07 31.79
CA HIS A 644 22.29 -44.94 32.32
C HIS A 644 21.24 -45.67 31.46
N TYR A 645 21.50 -45.87 30.17
CA TYR A 645 20.60 -46.66 29.33
C TYR A 645 20.63 -48.10 29.85
N ARG A 646 21.83 -48.62 30.01
CA ARG A 646 22.06 -49.99 30.48
C ARG A 646 21.61 -50.23 31.92
N ASN A 647 21.91 -49.27 32.78
CA ASN A 647 21.55 -49.33 34.19
C ASN A 647 20.03 -49.32 34.44
N SER A 648 19.23 -48.91 33.45
CA SER A 648 17.79 -48.64 33.66
C SER A 648 16.75 -49.55 33.00
N THR A 649 17.11 -50.79 32.69
CA THR A 649 16.20 -51.70 32.02
C THR A 649 15.33 -52.47 33.01
N VAL A 650 14.21 -52.99 32.52
CA VAL A 650 13.37 -53.84 33.35
C VAL A 650 13.98 -55.21 33.50
N MET A 651 14.56 -55.75 32.43
CA MET A 651 15.11 -57.11 32.46
C MET A 651 16.24 -57.35 33.47
N SER A 652 16.98 -56.30 33.84
CA SER A 652 18.02 -56.45 34.85
C SER A 652 17.46 -56.79 36.22
N ARG A 653 16.19 -56.51 36.45
CA ARG A 653 15.54 -56.82 37.73
C ARG A 653 14.70 -58.08 37.74
N ALA A 654 14.82 -58.90 36.71
CA ALA A 654 14.00 -60.11 36.59
C ALA A 654 13.96 -60.90 37.90
N GLU A 655 15.13 -61.09 38.48
CA GLU A 655 15.25 -61.90 39.69
C GLU A 655 14.30 -61.49 40.80
N ASN A 656 14.11 -60.19 41.01
CA ASN A 656 13.26 -59.71 42.10
C ASN A 656 11.77 -59.92 41.91
N PHE A 657 11.37 -60.38 40.74
CA PHE A 657 9.96 -60.53 40.45
C PHE A 657 9.42 -61.75 41.19
N LYS A 658 10.32 -62.60 41.67
CA LYS A 658 9.93 -63.78 42.45
C LYS A 658 9.00 -63.48 43.63
N GLN A 659 8.96 -62.22 44.03
CA GLN A 659 8.21 -61.81 45.21
C GLN A 659 6.89 -61.11 44.92
N VAL A 660 6.43 -61.11 43.68
CA VAL A 660 5.21 -60.40 43.31
C VAL A 660 4.39 -61.22 42.31
N GLU A 661 3.11 -60.90 42.18
CA GLU A 661 2.29 -61.46 41.11
C GLU A 661 2.25 -60.45 39.97
N TYR A 662 2.72 -60.86 38.80
CA TYR A 662 2.85 -59.95 37.66
C TYR A 662 1.91 -60.29 36.50
N LEU A 663 1.32 -59.25 35.92
CA LEU A 663 0.49 -59.39 34.73
C LEU A 663 0.98 -58.48 33.61
N LEU A 664 1.40 -59.10 32.51
CA LEU A 664 1.99 -58.41 31.36
C LEU A 664 1.03 -58.48 30.19
N ILE A 665 0.71 -57.35 29.60
CA ILE A 665 -0.19 -57.31 28.46
C ILE A 665 0.31 -56.40 27.34
N HIS A 666 0.22 -56.87 26.10
CA HIS A 666 0.71 -56.10 24.96
C HIS A 666 0.01 -56.47 23.65
N GLY A 667 -0.34 -55.46 22.87
CA GLY A 667 -0.95 -55.66 21.57
C GLY A 667 0.12 -56.00 20.53
N THR A 668 -0.17 -56.96 19.66
CA THR A 668 0.86 -57.46 18.72
C THR A 668 1.16 -56.48 17.60
N ALA A 669 0.21 -55.61 17.30
CA ALA A 669 0.41 -54.59 16.28
C ALA A 669 0.67 -53.21 16.86
N ASP A 670 1.36 -53.16 18.00
CA ASP A 670 1.82 -51.90 18.58
C ASP A 670 2.98 -51.34 17.76
N ASP A 671 2.74 -50.21 17.13
CA ASP A 671 3.74 -49.50 16.33
C ASP A 671 4.47 -48.45 17.13
N ASN A 672 3.99 -48.22 18.35
CA ASN A 672 4.55 -47.21 19.23
C ASN A 672 5.53 -47.82 20.22
N VAL A 673 4.99 -48.56 21.18
CA VAL A 673 5.82 -49.31 22.10
C VAL A 673 5.77 -50.70 21.54
N HIS A 674 6.78 -51.04 20.76
CA HIS A 674 6.76 -52.28 20.01
C HIS A 674 6.61 -53.50 20.92
N PHE A 675 5.99 -54.54 20.37
CA PHE A 675 5.77 -55.77 21.11
C PHE A 675 7.13 -56.24 21.66
N GLN A 676 8.17 -56.10 20.83
CA GLN A 676 9.56 -56.37 21.22
C GLN A 676 9.83 -56.12 22.69
N GLN A 677 9.39 -54.98 23.20
CA GLN A 677 9.66 -54.59 24.59
C GLN A 677 9.15 -55.59 25.63
N SER A 678 7.87 -55.92 25.54
CA SER A 678 7.30 -56.97 26.39
C SER A 678 7.89 -58.37 26.13
N ALA A 679 8.11 -58.68 24.86
CA ALA A 679 8.70 -59.97 24.50
C ALA A 679 10.06 -60.18 25.18
N GLN A 680 10.82 -59.09 25.34
CA GLN A 680 12.12 -59.16 25.97
C GLN A 680 12.04 -59.30 27.50
N ILE A 681 11.05 -58.66 28.11
CA ILE A 681 10.80 -58.86 29.53
C ILE A 681 10.50 -60.33 29.80
N SER A 682 9.50 -60.84 29.08
CA SER A 682 8.98 -62.18 29.32
C SER A 682 10.12 -63.20 29.28
N LYS A 683 10.99 -63.06 28.29
CA LYS A 683 12.12 -63.94 28.12
C LYS A 683 13.03 -63.86 29.35
N ALA A 684 13.31 -62.65 29.80
CA ALA A 684 14.17 -62.43 30.96
C ALA A 684 13.67 -63.10 32.22
N LEU A 685 12.36 -63.02 32.44
CA LEU A 685 11.72 -63.67 33.58
C LEU A 685 11.71 -65.18 33.49
N VAL A 686 11.54 -65.70 32.27
CA VAL A 686 11.54 -67.14 32.05
C VAL A 686 12.91 -67.72 32.35
N ASP A 687 13.95 -66.99 31.93
CA ASP A 687 15.33 -67.46 32.09
C ASP A 687 15.79 -67.51 33.54
N VAL A 688 15.08 -66.79 34.39
CA VAL A 688 15.39 -66.67 35.80
C VAL A 688 14.40 -67.49 36.62
N GLY A 689 13.46 -68.13 35.93
CA GLY A 689 12.52 -69.03 36.57
C GLY A 689 11.41 -68.40 37.38
N VAL A 690 11.00 -67.21 36.97
CA VAL A 690 9.94 -66.49 37.67
C VAL A 690 8.60 -66.75 37.02
N ASP A 691 7.56 -66.99 37.80
CA ASP A 691 6.23 -67.17 37.23
C ASP A 691 5.48 -65.86 37.10
N PHE A 692 4.62 -65.77 36.10
CA PHE A 692 3.83 -64.58 35.86
C PHE A 692 2.80 -65.00 34.83
N GLN A 693 1.86 -64.13 34.50
CA GLN A 693 1.11 -64.32 33.25
C GLN A 693 1.29 -63.20 32.26
N ALA A 694 1.39 -63.62 31.00
CA ALA A 694 1.38 -62.73 29.84
C ALA A 694 -0.01 -62.81 29.23
N MET A 695 -0.28 -61.89 28.31
CA MET A 695 -1.53 -61.87 27.57
C MET A 695 -1.30 -61.00 26.36
N TRP A 696 -1.33 -61.58 25.17
CA TRP A 696 -1.21 -60.78 23.96
C TRP A 696 -2.59 -60.41 23.46
N TYR A 697 -2.63 -59.42 22.57
CA TYR A 697 -3.87 -59.02 21.89
C TYR A 697 -3.63 -58.94 20.38
N THR A 698 -4.11 -59.95 19.67
CA THR A 698 -3.86 -60.11 18.26
C THR A 698 -4.26 -58.86 17.52
N ASP A 699 -3.32 -58.27 16.81
CA ASP A 699 -3.59 -57.15 15.90
C ASP A 699 -4.05 -55.87 16.57
N GLU A 700 -4.04 -55.82 17.90
CA GLU A 700 -4.35 -54.59 18.61
C GLU A 700 -3.09 -53.76 18.64
N ASP A 701 -3.26 -52.45 18.73
CA ASP A 701 -2.11 -51.54 18.80
C ASP A 701 -1.96 -50.92 20.19
N HIS A 702 -1.30 -49.77 20.26
CA HIS A 702 -0.96 -49.17 21.54
C HIS A 702 -2.16 -48.75 22.35
N GLY A 703 -3.29 -48.51 21.69
CA GLY A 703 -4.55 -48.19 22.36
C GLY A 703 -5.31 -49.34 22.98
N ILE A 704 -5.06 -50.56 22.50
CA ILE A 704 -5.95 -51.71 22.77
C ILE A 704 -7.40 -51.26 22.81
N ALA A 705 -7.77 -50.49 21.79
CA ALA A 705 -8.92 -49.62 21.87
C ALA A 705 -10.09 -50.07 21.04
N SER A 706 -9.91 -51.15 20.27
CA SER A 706 -10.98 -51.64 19.43
C SER A 706 -12.06 -52.02 20.42
N SER A 707 -13.29 -52.04 19.95
CA SER A 707 -14.44 -52.23 20.83
C SER A 707 -14.42 -53.47 21.72
N THR A 708 -14.18 -54.62 21.11
CA THR A 708 -14.24 -55.89 21.83
C THR A 708 -13.00 -56.13 22.69
N ALA A 709 -11.87 -55.59 22.26
CA ALA A 709 -10.61 -55.75 23.00
C ALA A 709 -10.66 -54.94 24.27
N HIS A 710 -11.11 -53.70 24.14
CA HIS A 710 -11.26 -52.78 25.27
C HIS A 710 -12.06 -53.43 26.39
N GLN A 711 -13.18 -54.04 26.01
CA GLN A 711 -13.99 -54.78 26.95
C GLN A 711 -13.27 -55.96 27.57
N HIS A 712 -12.54 -56.69 26.73
CA HIS A 712 -11.88 -57.92 27.15
C HIS A 712 -10.75 -57.65 28.14
N ILE A 713 -9.95 -56.63 27.88
CA ILE A 713 -8.78 -56.34 28.71
C ILE A 713 -9.19 -55.85 30.10
N TYR A 714 -10.13 -54.92 30.15
CA TYR A 714 -10.57 -54.39 31.42
C TYR A 714 -11.22 -55.49 32.25
N THR A 715 -11.94 -56.40 31.60
CA THR A 715 -12.45 -57.58 32.29
C THR A 715 -11.32 -58.45 32.85
N HIS A 716 -10.35 -58.79 31.99
CA HIS A 716 -9.26 -59.67 32.41
C HIS A 716 -8.44 -59.08 33.56
N MET A 717 -8.24 -57.77 33.54
CA MET A 717 -7.52 -57.07 34.61
C MET A 717 -8.32 -57.06 35.91
N SER A 718 -9.60 -56.72 35.82
CA SER A 718 -10.47 -56.70 36.97
C SER A 718 -10.43 -58.01 37.72
N HIS A 719 -10.68 -59.10 37.02
CA HIS A 719 -10.59 -60.42 37.61
C HIS A 719 -9.22 -60.67 38.29
N PHE A 720 -8.13 -60.26 37.64
CA PHE A 720 -6.77 -60.44 38.20
C PHE A 720 -6.52 -59.73 39.53
N ILE A 721 -6.99 -58.48 39.60
CA ILE A 721 -6.86 -57.66 40.79
C ILE A 721 -7.71 -58.21 41.92
N LYS A 722 -8.94 -58.57 41.60
CA LYS A 722 -9.87 -59.10 42.59
C LYS A 722 -9.25 -60.32 43.22
N GLN A 723 -8.75 -61.22 42.39
CA GLN A 723 -8.13 -62.43 42.88
C GLN A 723 -6.88 -62.19 43.70
N CYS A 724 -6.07 -61.23 43.30
CA CYS A 724 -4.84 -60.88 44.03
C CYS A 724 -5.16 -60.21 45.36
N PHE A 725 -6.31 -59.55 45.43
CA PHE A 725 -6.79 -58.90 46.67
C PHE A 725 -7.76 -59.75 47.50
N SER A 726 -7.93 -61.01 47.13
CA SER A 726 -8.90 -61.89 47.78
C SER A 726 -10.32 -61.34 47.89
N LEU A 727 -10.78 -60.62 46.87
CA LEU A 727 -12.17 -60.12 46.84
C LEU A 727 -13.13 -61.13 46.14
N PRO A 728 -14.31 -61.37 46.72
CA PRO A 728 -15.31 -62.26 46.11
C PRO A 728 -16.35 -61.50 45.29
N SER B 1 4.02 -95.51 51.35
CA SER B 1 4.23 -94.36 52.30
C SER B 1 5.63 -93.65 52.38
N ARG B 2 6.36 -93.70 51.26
CA ARG B 2 7.69 -93.05 51.08
C ARG B 2 7.49 -91.64 50.51
N LYS B 3 8.21 -91.31 49.43
CA LYS B 3 8.01 -90.06 48.70
C LYS B 3 7.50 -90.31 47.29
N THR B 4 7.01 -89.25 46.65
CA THR B 4 6.38 -89.35 45.35
C THR B 4 7.28 -88.85 44.22
N TYR B 5 6.84 -89.07 42.98
CA TYR B 5 7.51 -88.54 41.80
C TYR B 5 7.05 -87.09 41.67
N THR B 6 7.96 -86.17 41.97
CA THR B 6 7.61 -84.75 42.05
C THR B 6 7.85 -84.01 40.74
N LEU B 7 7.37 -82.78 40.66
CA LEU B 7 7.55 -82.00 39.46
C LEU B 7 9.02 -81.78 39.18
N THR B 8 9.81 -81.56 40.24
CA THR B 8 11.25 -81.40 40.09
C THR B 8 11.97 -82.67 39.60
N ASP B 9 11.49 -83.82 40.06
CA ASP B 9 11.99 -85.12 39.58
C ASP B 9 11.87 -85.24 38.06
N TYR B 10 10.82 -84.66 37.51
CA TYR B 10 10.59 -84.64 36.07
C TYR B 10 11.46 -83.58 35.42
N LEU B 11 11.32 -82.34 35.88
CA LEU B 11 11.98 -81.20 35.26
C LEU B 11 13.50 -81.20 35.41
N LYS B 12 13.98 -81.58 36.58
CA LYS B 12 15.43 -81.68 36.82
C LYS B 12 15.96 -83.04 36.37
N ASN B 13 15.04 -83.97 36.12
CA ASN B 13 15.39 -85.25 35.54
C ASN B 13 16.19 -86.17 36.46
N THR B 14 15.75 -86.28 37.71
CA THR B 14 16.51 -87.04 38.71
C THR B 14 16.51 -88.54 38.48
N TYR B 15 15.49 -89.06 37.82
CA TYR B 15 15.45 -90.51 37.53
C TYR B 15 15.73 -90.81 36.06
N ARG B 16 16.99 -91.14 35.80
CA ARG B 16 17.46 -91.35 34.43
C ARG B 16 17.31 -92.78 33.98
N LEU B 17 16.78 -92.97 32.76
CA LEU B 17 16.79 -94.26 32.09
C LEU B 17 18.13 -94.45 31.40
N LYS B 18 18.66 -95.67 31.42
CA LYS B 18 19.91 -95.95 30.73
C LYS B 18 19.60 -96.60 29.39
N LEU B 19 20.47 -96.33 28.41
CA LEU B 19 20.28 -96.82 27.06
C LEU B 19 21.41 -97.77 26.73
N TYR B 20 21.43 -98.26 25.49
CA TYR B 20 22.56 -99.02 25.02
C TYR B 20 22.65 -98.79 23.53
N SER B 21 23.14 -97.61 23.15
CA SER B 21 23.29 -97.26 21.75
C SER B 21 24.54 -97.87 21.16
N LEU B 22 24.37 -98.89 20.34
CA LEU B 22 25.49 -99.50 19.65
C LEU B 22 25.36 -99.18 18.18
N ARG B 23 26.50 -99.18 17.48
CA ARG B 23 26.52 -98.95 16.05
C ARG B 23 27.29 -100.08 15.39
N TRP B 24 26.56 -100.94 14.68
CA TRP B 24 27.16 -102.11 14.03
C TRP B 24 28.16 -101.67 13.00
N ILE B 25 29.34 -102.29 12.99
CA ILE B 25 30.35 -101.99 11.98
C ILE B 25 30.67 -103.16 11.06
N SER B 26 30.34 -104.37 11.50
CA SER B 26 30.56 -105.54 10.66
C SER B 26 29.51 -106.60 10.89
N ASP B 27 29.84 -107.80 10.42
CA ASP B 27 29.03 -108.96 10.63
C ASP B 27 28.93 -109.33 12.09
N HIS B 28 30.00 -109.09 12.83
CA HIS B 28 30.13 -109.56 14.19
C HIS B 28 30.68 -108.55 15.18
N GLU B 29 30.86 -107.30 14.76
CA GLU B 29 31.42 -106.29 15.65
C GLU B 29 30.56 -105.03 15.68
N TYR B 30 30.58 -104.34 16.83
CA TYR B 30 29.87 -103.09 16.98
C TYR B 30 30.66 -102.13 17.83
N LEU B 31 30.27 -100.85 17.80
CA LEU B 31 30.91 -99.83 18.61
C LEU B 31 29.97 -99.34 19.69
N TYR B 32 30.54 -98.99 20.85
CA TYR B 32 29.75 -98.51 21.97
C TYR B 32 30.56 -97.50 22.75
N LYS B 33 29.92 -96.38 23.10
CA LYS B 33 30.59 -95.28 23.79
C LYS B 33 30.35 -95.44 25.28
N GLN B 34 31.43 -95.30 26.06
CA GLN B 34 31.39 -95.54 27.51
C GLN B 34 32.35 -94.61 28.27
N GLU B 35 31.79 -93.78 29.14
CA GLU B 35 32.60 -92.84 29.92
C GLU B 35 33.55 -92.13 28.97
N ASN B 36 33.07 -91.90 27.76
CA ASN B 36 33.76 -91.14 26.73
C ASN B 36 34.87 -91.88 25.97
N ASN B 37 34.80 -93.21 25.96
CA ASN B 37 35.72 -93.99 25.12
C ASN B 37 34.89 -94.86 24.18
N ILE B 38 35.17 -94.77 22.89
CA ILE B 38 34.51 -95.65 21.94
C ILE B 38 35.25 -96.98 21.98
N LEU B 39 34.51 -98.02 22.33
CA LEU B 39 35.04 -99.38 22.38
C LEU B 39 34.41 -100.18 21.27
N VAL B 40 35.12 -101.21 20.84
CA VAL B 40 34.57 -102.16 19.88
C VAL B 40 34.33 -103.48 20.60
N PHE B 41 33.14 -104.03 20.44
CA PHE B 41 32.77 -105.26 21.10
C PHE B 41 32.71 -106.40 20.10
N ASN B 42 33.08 -107.59 20.55
CA ASN B 42 32.93 -108.82 19.78
C ASN B 42 31.59 -109.47 20.08
N ALA B 43 30.71 -109.48 19.10
CA ALA B 43 29.33 -109.94 19.27
C ALA B 43 29.23 -111.31 19.89
N GLU B 44 30.04 -112.24 19.40
CA GLU B 44 30.02 -113.62 19.86
C GLU B 44 30.44 -113.71 21.34
N TYR B 45 31.65 -113.25 21.64
CA TYR B 45 32.26 -113.47 22.95
C TYR B 45 32.02 -112.38 24.00
N GLY B 46 31.70 -111.16 23.56
CA GLY B 46 31.41 -110.09 24.49
C GLY B 46 32.64 -109.37 24.97
N ASN B 47 33.82 -109.87 24.61
CA ASN B 47 35.07 -109.19 24.95
C ASN B 47 35.17 -107.91 24.13
N SER B 48 35.97 -106.96 24.59
CA SER B 48 36.04 -105.65 23.95
C SER B 48 37.40 -104.98 23.99
N SER B 49 37.79 -104.41 22.84
CA SER B 49 38.99 -103.57 22.75
C SER B 49 38.64 -102.09 22.77
N VAL B 50 39.58 -101.28 23.26
CA VAL B 50 39.48 -99.81 23.18
C VAL B 50 39.78 -99.39 21.74
N PHE B 51 38.85 -98.65 21.12
CA PHE B 51 39.00 -98.20 19.73
C PHE B 51 39.63 -96.82 19.67
N LEU B 52 39.20 -95.94 20.56
CA LEU B 52 39.72 -94.59 20.63
C LEU B 52 39.41 -93.99 22.00
N GLU B 53 40.37 -93.27 22.57
CA GLU B 53 40.31 -92.84 23.98
C GLU B 53 39.82 -91.40 24.14
N ASN B 54 39.24 -91.10 25.31
CA ASN B 54 38.85 -89.73 25.64
C ASN B 54 40.04 -88.78 25.75
N SER B 55 41.24 -89.35 25.90
CA SER B 55 42.48 -88.58 25.87
C SER B 55 42.66 -87.89 24.52
N THR B 56 42.56 -88.68 23.46
CA THR B 56 42.92 -88.24 22.11
C THR B 56 42.57 -86.78 21.86
N PHE B 57 41.34 -86.40 22.18
CA PHE B 57 40.83 -85.07 21.80
C PHE B 57 40.73 -84.02 22.91
N ASP B 58 41.60 -84.14 23.91
CA ASP B 58 41.65 -83.19 25.02
C ASP B 58 42.03 -81.79 24.51
N GLU B 59 43.12 -81.70 23.75
CA GLU B 59 43.48 -80.46 23.05
C GLU B 59 43.06 -80.57 21.60
N PHE B 60 41.76 -80.54 21.37
CA PHE B 60 41.22 -80.36 20.03
C PHE B 60 41.04 -78.85 19.82
N GLY B 61 40.76 -78.14 20.92
CA GLY B 61 40.51 -76.71 20.87
C GLY B 61 39.03 -76.41 20.97
N HIS B 62 38.22 -77.25 20.32
CA HIS B 62 36.78 -77.09 20.28
C HIS B 62 36.05 -78.17 21.04
N SER B 63 34.82 -77.85 21.42
CA SER B 63 33.94 -78.82 22.04
C SER B 63 33.32 -79.73 20.98
N ILE B 64 33.66 -81.02 21.03
CA ILE B 64 33.19 -81.96 20.01
C ILE B 64 31.77 -82.42 20.29
N ASN B 65 30.92 -82.28 19.28
CA ASN B 65 29.51 -82.56 19.40
C ASN B 65 29.14 -84.02 19.06
N ASP B 66 29.81 -84.59 18.06
CA ASP B 66 29.47 -85.92 17.57
C ASP B 66 30.55 -86.54 16.69
N TYR B 67 30.74 -87.85 16.81
CA TYR B 67 31.71 -88.57 16.00
C TYR B 67 31.02 -89.13 14.75
N SER B 68 31.78 -89.79 13.89
CA SER B 68 31.23 -90.57 12.77
C SER B 68 32.36 -91.25 12.02
N ILE B 69 32.38 -92.58 12.00
CA ILE B 69 33.56 -93.32 11.55
C ILE B 69 33.44 -93.98 10.20
N SER B 70 34.34 -93.65 9.28
CA SER B 70 34.27 -94.19 7.94
C SER B 70 34.12 -95.70 7.98
N PRO B 71 33.29 -96.26 7.10
CA PRO B 71 33.06 -97.70 7.05
C PRO B 71 34.31 -98.54 7.13
N ASP B 72 35.34 -98.17 6.36
CA ASP B 72 36.59 -98.91 6.37
C ASP B 72 37.47 -98.67 7.60
N GLY B 73 36.92 -98.10 8.66
CA GLY B 73 37.65 -97.94 9.93
C GLY B 73 38.87 -97.04 9.97
N GLN B 74 39.28 -96.53 8.81
CA GLN B 74 40.53 -95.77 8.70
C GLN B 74 40.46 -94.33 9.16
N PHE B 75 39.29 -93.70 9.03
CA PHE B 75 39.11 -92.29 9.39
C PHE B 75 37.95 -92.05 10.32
N ILE B 76 37.99 -90.91 11.01
CA ILE B 76 36.94 -90.55 11.96
C ILE B 76 36.59 -89.07 11.79
N LEU B 77 35.30 -88.79 11.67
CA LEU B 77 34.81 -87.46 11.36
C LEU B 77 34.31 -86.80 12.64
N LEU B 78 34.67 -85.53 12.82
CA LEU B 78 34.35 -84.81 14.06
C LEU B 78 33.50 -83.57 13.83
N GLU B 79 32.37 -83.51 14.53
CA GLU B 79 31.37 -82.46 14.34
C GLU B 79 31.46 -81.46 15.47
N TYR B 80 31.66 -80.18 15.15
CA TYR B 80 31.61 -79.13 16.15
C TYR B 80 30.89 -77.91 15.59
N ASN B 81 30.67 -76.91 16.43
CA ASN B 81 29.96 -75.69 16.05
C ASN B 81 28.54 -75.99 15.57
N TYR B 82 27.94 -77.01 16.17
CA TYR B 82 26.58 -77.39 15.84
C TYR B 82 25.69 -76.19 16.05
N VAL B 83 24.82 -75.92 15.08
CA VAL B 83 23.82 -74.86 15.19
C VAL B 83 22.51 -75.36 14.60
N LYS B 84 21.51 -75.56 15.46
CA LYS B 84 20.26 -76.16 15.02
C LYS B 84 19.46 -75.29 14.06
N GLN B 85 18.78 -75.94 13.12
CA GLN B 85 17.82 -75.26 12.26
C GLN B 85 16.37 -75.71 12.55
N TRP B 86 15.82 -76.58 11.71
CA TRP B 86 14.46 -77.07 11.91
C TRP B 86 14.52 -78.41 12.62
N ARG B 87 13.49 -79.24 12.44
CA ARG B 87 13.44 -80.50 13.14
C ARG B 87 14.73 -81.32 13.04
N HIS B 88 15.21 -81.56 11.81
CA HIS B 88 16.42 -82.36 11.57
C HIS B 88 17.58 -81.62 10.92
N SER B 89 17.32 -80.44 10.38
CA SER B 89 18.35 -79.66 9.75
C SER B 89 19.22 -78.94 10.79
N TYR B 90 20.48 -78.73 10.43
CA TYR B 90 21.42 -77.90 11.20
C TYR B 90 22.66 -77.67 10.36
N THR B 91 23.56 -76.83 10.85
CA THR B 91 24.89 -76.66 10.26
C THR B 91 25.96 -76.83 11.30
N ALA B 92 27.15 -77.15 10.81
CA ALA B 92 28.27 -77.48 11.68
C ALA B 92 29.59 -77.28 10.98
N SER B 93 30.66 -77.34 11.76
CA SER B 93 32.00 -77.34 11.23
C SER B 93 32.53 -78.76 11.46
N TYR B 94 33.50 -79.17 10.66
CA TYR B 94 33.94 -80.56 10.61
C TYR B 94 35.44 -80.74 10.47
N ASP B 95 35.97 -81.76 11.14
CA ASP B 95 37.38 -82.13 11.02
C ASP B 95 37.53 -83.65 10.88
N ILE B 96 38.37 -84.07 9.95
CA ILE B 96 38.65 -85.48 9.73
C ILE B 96 39.95 -85.85 10.43
N TYR B 97 40.00 -87.05 11.01
CA TYR B 97 41.19 -87.50 11.71
C TYR B 97 41.61 -88.91 11.22
N ASP B 98 42.87 -89.00 10.79
CA ASP B 98 43.43 -90.24 10.23
C ASP B 98 43.90 -91.15 11.37
N LEU B 99 43.22 -92.29 11.51
CA LEU B 99 43.49 -93.21 12.61
C LEU B 99 44.76 -94.04 12.46
N ASN B 100 45.35 -94.06 11.27
CA ASN B 100 46.62 -94.76 11.06
C ASN B 100 47.78 -93.85 11.51
N LYS B 101 47.93 -92.71 10.84
CA LYS B 101 48.95 -91.72 11.23
C LYS B 101 48.50 -90.79 12.38
N ARG B 102 47.73 -91.34 13.30
CA ARG B 102 47.26 -90.62 14.49
C ARG B 102 47.21 -89.09 14.41
N GLN B 103 46.53 -88.55 13.41
CA GLN B 103 46.53 -87.10 13.19
C GLN B 103 45.34 -86.47 12.48
N LEU B 104 45.20 -85.16 12.64
CA LEU B 104 44.14 -84.39 11.99
C LEU B 104 44.56 -83.97 10.59
N ILE B 105 43.64 -84.10 9.63
CA ILE B 105 43.89 -83.67 8.26
C ILE B 105 43.83 -82.15 8.25
N THR B 106 44.92 -81.51 7.86
CA THR B 106 45.05 -80.06 8.01
C THR B 106 44.73 -79.24 6.79
N GLU B 107 44.74 -79.86 5.61
CA GLU B 107 44.52 -79.12 4.37
C GLU B 107 43.41 -79.75 3.53
N GLU B 108 42.86 -78.97 2.61
CA GLU B 108 41.67 -79.35 1.84
C GLU B 108 40.59 -79.81 2.81
N ARG B 109 40.17 -78.89 3.67
CA ARG B 109 39.21 -79.22 4.72
C ARG B 109 37.79 -78.88 4.36
N ILE B 110 36.86 -79.37 5.17
CA ILE B 110 35.43 -79.15 4.94
C ILE B 110 35.10 -77.76 5.47
N PRO B 111 34.30 -77.00 4.74
CA PRO B 111 33.99 -75.64 5.13
C PRO B 111 33.20 -75.51 6.42
N ASN B 112 33.38 -74.41 7.12
CA ASN B 112 32.50 -74.06 8.22
C ASN B 112 31.14 -73.86 7.58
N ASN B 113 30.06 -74.03 8.35
CA ASN B 113 28.69 -73.90 7.85
C ASN B 113 28.29 -74.93 6.80
N THR B 114 28.77 -76.16 6.96
CA THR B 114 28.36 -77.24 6.11
C THR B 114 26.99 -77.68 6.60
N GLN B 115 26.14 -78.10 5.66
CA GLN B 115 24.73 -78.37 5.93
C GLN B 115 24.44 -79.87 6.08
N TRP B 116 25.22 -80.68 5.36
CA TRP B 116 25.15 -82.14 5.48
C TRP B 116 26.46 -82.80 5.03
N VAL B 117 26.87 -83.86 5.73
CA VAL B 117 28.03 -84.65 5.37
C VAL B 117 27.63 -86.10 5.48
N THR B 118 28.19 -86.94 4.61
CA THR B 118 27.98 -88.38 4.72
C THR B 118 29.17 -89.13 4.15
N TRP B 119 29.57 -90.22 4.80
CA TRP B 119 30.56 -91.12 4.25
C TRP B 119 29.90 -91.95 3.17
N SER B 120 30.69 -92.58 2.31
CA SER B 120 30.17 -93.61 1.42
C SER B 120 29.91 -94.86 2.25
N PRO B 121 29.07 -95.77 1.77
CA PRO B 121 28.74 -96.98 2.49
C PRO B 121 29.91 -97.95 2.68
N VAL B 122 30.91 -97.86 1.81
CA VAL B 122 32.17 -98.61 1.98
C VAL B 122 33.33 -97.69 1.65
N GLY B 123 34.49 -97.92 2.26
CA GLY B 123 35.67 -97.10 2.01
C GLY B 123 35.61 -95.81 2.80
N HIS B 124 36.16 -94.73 2.24
CA HIS B 124 36.21 -93.42 2.91
C HIS B 124 35.92 -92.23 2.00
N LYS B 125 35.07 -92.44 0.99
CA LYS B 125 34.63 -91.35 0.14
C LYS B 125 33.72 -90.47 0.99
N LEU B 126 33.68 -89.18 0.67
CA LEU B 126 32.85 -88.23 1.38
C LEU B 126 32.02 -87.39 0.42
N ALA B 127 30.78 -87.12 0.81
CA ALA B 127 29.95 -86.19 0.07
C ALA B 127 29.44 -85.20 1.08
N TYR B 128 29.45 -83.92 0.72
CA TYR B 128 28.92 -82.89 1.61
C TYR B 128 28.17 -81.79 0.86
N VAL B 129 27.32 -81.06 1.58
CA VAL B 129 26.56 -79.99 0.99
C VAL B 129 26.99 -78.70 1.66
N TRP B 130 27.27 -77.69 0.84
CA TRP B 130 27.71 -76.40 1.33
C TRP B 130 27.19 -75.31 0.43
N ASN B 131 26.47 -74.36 1.02
CA ASN B 131 25.77 -73.32 0.28
C ASN B 131 24.86 -73.91 -0.80
N ASN B 132 24.18 -75.00 -0.46
CA ASN B 132 23.16 -75.59 -1.32
C ASN B 132 23.66 -76.32 -2.56
N ASP B 133 24.95 -76.64 -2.56
CA ASP B 133 25.57 -77.35 -3.66
C ASP B 133 26.29 -78.59 -3.11
N ILE B 134 26.49 -79.59 -3.97
CA ILE B 134 27.10 -80.83 -3.56
C ILE B 134 28.57 -80.89 -3.93
N TYR B 135 29.36 -81.46 -3.04
CA TYR B 135 30.79 -81.63 -3.25
C TYR B 135 31.20 -83.05 -2.87
N VAL B 136 32.22 -83.56 -3.53
CA VAL B 136 32.74 -84.89 -3.25
C VAL B 136 34.25 -84.94 -3.00
N LYS B 137 34.65 -85.57 -1.90
CA LYS B 137 36.03 -85.91 -1.66
C LYS B 137 36.23 -87.39 -1.84
N ILE B 138 37.12 -87.76 -2.74
CA ILE B 138 37.46 -89.17 -2.91
C ILE B 138 38.38 -89.62 -1.77
N GLU B 139 39.32 -88.75 -1.42
CA GLU B 139 40.21 -88.97 -0.29
C GLU B 139 40.11 -87.79 0.68
N PRO B 140 40.03 -88.07 1.97
CA PRO B 140 39.98 -87.03 2.99
C PRO B 140 40.88 -85.81 2.79
N ASN B 141 42.13 -86.05 2.41
CA ASN B 141 43.14 -84.99 2.24
C ASN B 141 43.22 -84.31 0.87
N LEU B 142 42.64 -84.93 -0.16
CA LEU B 142 42.64 -84.38 -1.52
C LEU B 142 41.53 -83.32 -1.65
N PRO B 143 41.59 -82.50 -2.69
CA PRO B 143 40.57 -81.49 -2.92
C PRO B 143 39.23 -82.09 -3.32
N SER B 144 38.15 -81.38 -3.02
CA SER B 144 36.82 -81.87 -3.34
C SER B 144 36.34 -81.42 -4.72
N TYR B 145 35.57 -82.29 -5.38
CA TYR B 145 35.04 -82.02 -6.70
C TYR B 145 33.64 -81.39 -6.54
N ARG B 146 33.39 -80.29 -7.22
CA ARG B 146 32.07 -79.68 -7.20
C ARG B 146 31.11 -80.37 -8.17
N ILE B 147 29.94 -80.77 -7.68
CA ILE B 147 28.98 -81.47 -8.50
C ILE B 147 27.91 -80.55 -9.06
N THR B 148 27.30 -79.73 -8.21
CA THR B 148 26.23 -78.84 -8.63
C THR B 148 26.67 -77.39 -8.53
N TRP B 149 26.17 -76.55 -9.44
CA TRP B 149 26.51 -75.14 -9.46
C TRP B 149 25.31 -74.20 -9.35
N THR B 150 24.12 -74.74 -9.10
CA THR B 150 22.87 -73.98 -9.14
C THR B 150 22.35 -73.59 -7.76
N GLY B 151 23.03 -74.07 -6.73
CA GLY B 151 22.59 -73.89 -5.36
C GLY B 151 22.39 -72.45 -4.99
N LYS B 152 21.25 -72.14 -4.40
CA LYS B 152 20.92 -70.76 -4.04
C LYS B 152 19.97 -70.68 -2.86
N GLU B 153 20.36 -69.87 -1.87
CA GLU B 153 19.68 -69.84 -0.60
C GLU B 153 18.21 -69.57 -0.74
N ASP B 154 17.39 -70.38 -0.09
CA ASP B 154 15.92 -70.28 -0.16
C ASP B 154 15.26 -70.45 -1.54
N ILE B 155 16.01 -70.92 -2.51
CA ILE B 155 15.51 -71.10 -3.87
C ILE B 155 15.83 -72.47 -4.45
N ILE B 156 17.12 -72.78 -4.55
CA ILE B 156 17.54 -74.05 -5.13
C ILE B 156 18.27 -74.88 -4.08
N TYR B 157 17.77 -76.08 -3.83
CA TYR B 157 18.37 -76.99 -2.87
C TYR B 157 18.95 -78.21 -3.59
N ASN B 158 20.26 -78.38 -3.54
CA ASN B 158 20.91 -79.52 -4.15
C ASN B 158 21.43 -80.46 -3.08
N GLY B 159 20.81 -81.62 -2.94
CA GLY B 159 21.27 -82.65 -2.00
C GLY B 159 20.73 -82.53 -0.58
N ILE B 160 19.96 -81.49 -0.31
CA ILE B 160 19.27 -81.31 0.97
C ILE B 160 17.81 -80.87 0.73
N THR B 161 16.93 -81.19 1.68
CA THR B 161 15.52 -80.92 1.48
C THR B 161 15.17 -79.51 1.88
N ASP B 162 14.08 -78.99 1.31
CA ASP B 162 13.54 -77.72 1.72
C ASP B 162 12.74 -77.95 3.01
N TRP B 163 11.93 -77.00 3.42
CA TRP B 163 11.23 -77.09 4.70
C TRP B 163 10.23 -78.23 4.74
N VAL B 164 9.34 -78.24 3.76
CA VAL B 164 8.21 -79.18 3.74
C VAL B 164 8.62 -80.61 3.37
N TYR B 165 9.66 -80.75 2.56
CA TYR B 165 10.21 -82.10 2.31
C TYR B 165 10.92 -82.68 3.53
N GLU B 166 11.61 -81.82 4.28
CA GLU B 166 12.27 -82.23 5.52
C GLU B 166 11.28 -82.73 6.55
N GLU B 167 10.25 -81.93 6.78
CA GLU B 167 9.29 -82.20 7.84
C GLU B 167 8.29 -83.28 7.48
N GLU B 168 7.68 -83.13 6.32
CA GLU B 168 6.53 -83.97 5.94
C GLU B 168 6.77 -85.19 5.05
N VAL B 169 7.89 -85.26 4.33
CA VAL B 169 8.13 -86.42 3.47
C VAL B 169 9.34 -87.26 3.87
N PHE B 170 10.55 -86.72 3.79
CA PHE B 170 11.72 -87.55 4.05
C PHE B 170 12.10 -87.70 5.51
N SER B 171 11.57 -86.86 6.39
CA SER B 171 11.93 -86.87 7.80
C SER B 171 13.43 -86.74 8.03
N ALA B 172 14.10 -86.07 7.10
CA ALA B 172 15.55 -85.89 7.16
C ALA B 172 15.88 -84.59 6.44
N TYR B 173 17.08 -84.07 6.69
CA TYR B 173 17.58 -82.93 5.95
C TYR B 173 18.23 -83.42 4.66
N SER B 174 18.83 -84.60 4.77
CA SER B 174 19.62 -85.16 3.69
C SER B 174 18.77 -85.60 2.54
N ALA B 175 19.09 -85.11 1.35
CA ALA B 175 18.49 -85.60 0.10
C ALA B 175 19.56 -86.09 -0.87
N LEU B 176 20.45 -86.96 -0.40
CA LEU B 176 21.34 -87.69 -1.29
C LEU B 176 21.56 -89.13 -0.85
N TRP B 177 21.82 -90.00 -1.82
CA TRP B 177 21.83 -91.44 -1.61
C TRP B 177 22.95 -92.14 -2.37
N TRP B 178 23.89 -92.73 -1.64
CA TRP B 178 25.00 -93.45 -2.24
C TRP B 178 24.49 -94.76 -2.76
N SER B 179 25.11 -95.27 -3.83
CA SER B 179 24.85 -96.65 -4.24
C SER B 179 25.59 -97.54 -3.24
N PRO B 180 25.22 -98.81 -3.16
CA PRO B 180 25.77 -99.71 -2.14
C PRO B 180 27.29 -99.79 -2.01
N ASN B 181 28.01 -99.97 -3.11
CA ASN B 181 29.49 -99.96 -3.07
C ASN B 181 30.12 -98.58 -3.24
N GLY B 182 29.30 -97.56 -3.43
CA GLY B 182 29.77 -96.19 -3.46
C GLY B 182 30.21 -95.65 -4.80
N THR B 183 29.88 -96.35 -5.87
CA THR B 183 30.21 -95.88 -7.22
C THR B 183 29.41 -94.61 -7.49
N PHE B 184 28.10 -94.71 -7.30
CA PHE B 184 27.17 -93.67 -7.72
C PHE B 184 26.65 -92.82 -6.55
N LEU B 185 26.39 -91.54 -6.83
CA LEU B 185 25.75 -90.64 -5.88
C LEU B 185 24.47 -90.09 -6.46
N ALA B 186 23.34 -90.56 -5.98
CA ALA B 186 22.05 -90.04 -6.41
C ALA B 186 21.66 -88.87 -5.51
N TYR B 187 20.90 -87.94 -6.07
CA TYR B 187 20.50 -86.76 -5.30
C TYR B 187 19.27 -86.08 -5.87
N ALA B 188 18.58 -85.33 -5.02
CA ALA B 188 17.39 -84.62 -5.43
C ALA B 188 17.70 -83.15 -5.50
N GLN B 189 16.94 -82.44 -6.32
CA GLN B 189 17.02 -80.98 -6.41
C GLN B 189 15.64 -80.36 -6.26
N PHE B 190 15.51 -79.49 -5.27
CA PHE B 190 14.24 -78.84 -5.01
C PHE B 190 14.27 -77.38 -5.41
N ASN B 191 13.26 -76.95 -6.14
CA ASN B 191 13.17 -75.59 -6.64
C ASN B 191 12.01 -74.91 -5.95
N ASP B 192 12.31 -73.98 -5.06
CA ASP B 192 11.29 -73.26 -4.28
C ASP B 192 10.91 -71.88 -4.82
N THR B 193 11.28 -71.62 -6.08
CA THR B 193 11.17 -70.28 -6.63
C THR B 193 9.86 -69.58 -6.33
N GLU B 194 8.72 -70.22 -6.58
CA GLU B 194 7.42 -69.55 -6.36
C GLU B 194 6.67 -69.99 -5.13
N VAL B 195 7.37 -70.59 -4.18
CA VAL B 195 6.76 -70.98 -2.92
C VAL B 195 6.69 -69.73 -2.04
N PRO B 196 5.47 -69.39 -1.60
CA PRO B 196 5.28 -68.23 -0.75
C PRO B 196 6.10 -68.29 0.51
N LEU B 197 6.33 -67.12 1.11
CA LEU B 197 7.10 -67.04 2.33
C LEU B 197 6.24 -66.82 3.55
N ILE B 198 6.55 -67.54 4.61
CA ILE B 198 5.98 -67.27 5.91
C ILE B 198 6.97 -66.34 6.57
N GLU B 199 6.46 -65.31 7.25
CA GLU B 199 7.36 -64.42 7.99
C GLU B 199 6.91 -64.08 9.41
N TYR B 200 7.89 -64.07 10.30
CA TYR B 200 7.64 -63.85 11.71
C TYR B 200 8.85 -63.17 12.34
N SER B 201 8.62 -62.46 13.43
CA SER B 201 9.67 -61.70 14.09
C SER B 201 10.48 -62.60 14.99
N PHE B 202 11.77 -62.29 15.10
CA PHE B 202 12.66 -62.96 16.03
C PHE B 202 13.42 -61.90 16.82
N TYR B 203 13.38 -62.00 18.16
CA TYR B 203 13.83 -60.89 19.01
C TYR B 203 15.29 -60.95 19.45
N SER B 204 15.81 -62.16 19.65
CA SER B 204 17.23 -62.34 19.98
C SER B 204 17.58 -61.83 21.39
N ASP B 205 18.86 -61.67 21.67
CA ASP B 205 19.29 -61.15 22.97
C ASP B 205 18.81 -59.73 23.09
N GLU B 206 18.62 -59.25 24.32
CA GLU B 206 18.09 -57.92 24.52
C GLU B 206 19.00 -56.85 23.89
N SER B 207 20.23 -57.22 23.61
CA SER B 207 21.20 -56.33 22.96
C SER B 207 20.81 -55.92 21.57
N LEU B 208 19.90 -56.66 20.93
CA LEU B 208 19.52 -56.42 19.54
C LEU B 208 18.41 -55.39 19.44
N GLN B 209 18.76 -54.21 18.98
CA GLN B 209 17.85 -53.06 19.00
C GLN B 209 16.58 -53.20 18.16
N TYR B 210 16.75 -53.62 16.91
CA TYR B 210 15.62 -53.88 16.02
C TYR B 210 15.40 -55.38 15.82
N PRO B 211 14.16 -55.84 15.95
CA PRO B 211 13.85 -57.25 15.78
C PRO B 211 14.09 -57.72 14.37
N LYS B 212 14.45 -58.99 14.22
CA LYS B 212 14.71 -59.59 12.91
C LYS B 212 13.44 -60.25 12.37
N THR B 213 13.26 -60.22 11.05
CA THR B 213 12.12 -60.90 10.43
C THR B 213 12.63 -62.15 9.77
N VAL B 214 12.40 -63.30 10.40
CA VAL B 214 12.70 -64.58 9.77
C VAL B 214 11.71 -64.74 8.63
N ARG B 215 12.19 -65.14 7.45
CA ARG B 215 11.29 -65.46 6.35
C ARG B 215 11.66 -66.78 5.68
N VAL B 216 10.67 -67.63 5.49
CA VAL B 216 10.88 -69.03 5.10
C VAL B 216 9.92 -69.48 4.03
N PRO B 217 10.41 -70.17 3.00
CA PRO B 217 9.55 -70.77 2.00
C PRO B 217 8.76 -71.92 2.61
N TYR B 218 7.44 -71.82 2.52
CA TYR B 218 6.51 -72.70 3.22
C TYR B 218 5.16 -72.66 2.51
N PRO B 219 4.78 -73.77 1.90
CA PRO B 219 3.52 -73.84 1.19
C PRO B 219 2.38 -74.24 2.10
N LYS B 220 1.49 -73.30 2.40
CA LYS B 220 0.28 -73.59 3.15
C LYS B 220 -0.68 -74.35 2.23
N ALA B 221 -1.78 -74.86 2.75
CA ALA B 221 -2.65 -75.74 1.98
C ALA B 221 -3.29 -75.08 0.77
N GLY B 222 -3.14 -75.69 -0.40
CA GLY B 222 -3.67 -75.15 -1.66
C GLY B 222 -2.73 -74.22 -2.38
N ALA B 223 -1.66 -73.82 -1.69
CA ALA B 223 -0.71 -72.84 -2.20
C ALA B 223 0.25 -73.51 -3.16
N VAL B 224 1.32 -72.82 -3.54
CA VAL B 224 2.20 -73.31 -4.58
C VAL B 224 3.31 -74.15 -3.99
N ASN B 225 3.43 -75.40 -4.44
CA ASN B 225 4.43 -76.33 -3.89
C ASN B 225 5.78 -76.16 -4.57
N PRO B 226 6.85 -76.64 -3.92
CA PRO B 226 8.12 -76.81 -4.59
C PRO B 226 7.98 -77.75 -5.78
N THR B 227 9.09 -77.93 -6.49
CA THR B 227 9.14 -78.90 -7.58
C THR B 227 10.47 -79.59 -7.43
N VAL B 228 10.61 -80.75 -8.04
CA VAL B 228 11.73 -81.60 -7.74
C VAL B 228 12.31 -82.22 -8.99
N LYS B 229 13.60 -82.51 -8.95
CA LYS B 229 14.26 -83.23 -10.01
C LYS B 229 15.25 -84.18 -9.37
N PHE B 230 15.62 -85.23 -10.09
CA PHE B 230 16.44 -86.31 -9.53
C PHE B 230 17.59 -86.66 -10.44
N PHE B 231 18.80 -86.67 -9.89
CA PHE B 231 19.98 -86.95 -10.69
C PHE B 231 20.80 -88.06 -10.08
N VAL B 232 21.60 -88.69 -10.94
CA VAL B 232 22.58 -89.65 -10.49
C VAL B 232 23.89 -89.29 -11.16
N VAL B 233 24.95 -89.29 -10.37
CA VAL B 233 26.28 -88.99 -10.86
C VAL B 233 27.25 -90.13 -10.53
N ASN B 234 28.26 -90.28 -11.38
CA ASN B 234 29.28 -91.31 -11.18
C ASN B 234 30.57 -90.73 -10.58
N THR B 235 30.89 -91.16 -9.36
CA THR B 235 32.03 -90.61 -8.62
C THR B 235 33.40 -91.21 -8.97
N ASP B 236 33.41 -92.39 -9.57
CA ASP B 236 34.65 -93.00 -10.01
C ASP B 236 35.30 -92.20 -11.14
N SER B 237 34.47 -91.67 -12.04
CA SER B 237 34.96 -90.94 -13.21
C SER B 237 35.03 -89.41 -13.05
N LEU B 238 35.40 -88.93 -11.87
CA LEU B 238 35.47 -87.48 -11.61
C LEU B 238 36.80 -86.86 -12.03
N SER B 239 36.70 -85.74 -12.74
CA SER B 239 37.81 -85.22 -13.55
C SER B 239 38.79 -84.25 -12.88
N SER B 240 38.27 -83.17 -12.29
CA SER B 240 39.12 -82.06 -11.79
C SER B 240 39.66 -81.19 -12.93
N VAL B 241 39.21 -81.48 -14.14
CA VAL B 241 39.58 -80.78 -15.36
C VAL B 241 38.28 -80.48 -16.10
N THR B 242 37.22 -81.22 -15.76
CA THR B 242 35.88 -80.99 -16.28
C THR B 242 34.86 -81.03 -15.16
N ASN B 243 33.84 -80.17 -15.25
CA ASN B 243 32.65 -80.27 -14.41
C ASN B 243 32.13 -81.70 -14.56
N ALA B 244 31.56 -82.25 -13.48
CA ALA B 244 31.12 -83.66 -13.43
C ALA B 244 29.67 -83.92 -13.90
N THR B 245 29.46 -84.99 -14.65
CA THR B 245 28.19 -85.18 -15.36
C THR B 245 27.09 -85.80 -14.56
N SER B 246 25.96 -85.12 -14.40
CA SER B 246 24.81 -85.68 -13.67
C SER B 246 23.67 -86.14 -14.57
N ILE B 247 23.30 -87.42 -14.54
CA ILE B 247 22.23 -87.92 -15.41
C ILE B 247 20.85 -87.79 -14.80
N GLN B 248 20.04 -86.86 -15.30
CA GLN B 248 18.69 -86.66 -14.76
C GLN B 248 17.88 -87.91 -15.02
N ILE B 249 16.92 -88.22 -14.15
CA ILE B 249 15.95 -89.28 -14.41
C ILE B 249 14.66 -88.49 -14.35
N THR B 250 14.05 -88.25 -15.51
CA THR B 250 12.73 -87.58 -15.56
C THR B 250 11.82 -88.45 -14.72
N ALA B 251 10.52 -88.26 -14.86
CA ALA B 251 9.63 -88.90 -13.92
C ALA B 251 8.39 -89.32 -14.66
N PRO B 252 7.57 -90.13 -14.03
CA PRO B 252 6.54 -90.72 -14.79
C PRO B 252 5.64 -89.70 -15.43
N ALA B 253 5.39 -89.91 -16.72
CA ALA B 253 4.50 -89.06 -17.50
C ALA B 253 3.15 -89.00 -16.83
N SER B 254 2.77 -90.10 -16.18
CA SER B 254 1.56 -90.12 -15.37
C SER B 254 1.63 -89.22 -14.12
N MET B 255 2.84 -88.78 -13.78
CA MET B 255 3.06 -87.76 -12.75
C MET B 255 3.27 -86.35 -13.30
N LEU B 256 3.83 -86.27 -14.50
CA LEU B 256 4.19 -84.99 -15.08
C LEU B 256 2.98 -84.19 -15.52
N ILE B 257 1.86 -84.87 -15.73
CA ILE B 257 0.63 -84.16 -16.08
C ILE B 257 0.12 -83.22 -14.99
N GLY B 258 0.78 -83.22 -13.83
CA GLY B 258 0.42 -82.32 -12.72
C GLY B 258 1.42 -82.30 -11.59
N ASP B 259 1.07 -81.58 -10.53
CA ASP B 259 1.92 -81.47 -9.33
C ASP B 259 2.22 -82.84 -8.76
N HIS B 260 3.44 -83.02 -8.27
CA HIS B 260 3.85 -84.30 -7.72
C HIS B 260 4.98 -84.21 -6.69
N TYR B 261 5.28 -85.33 -6.03
CA TYR B 261 6.34 -85.36 -5.05
C TYR B 261 7.20 -86.58 -5.27
N LEU B 262 8.49 -86.43 -5.01
CA LEU B 262 9.39 -87.57 -4.91
C LEU B 262 9.32 -87.96 -3.45
N CYS B 263 9.05 -89.22 -3.15
CA CYS B 263 8.87 -89.61 -1.75
C CYS B 263 9.56 -90.87 -1.24
N ASP B 264 10.17 -91.65 -2.12
CA ASP B 264 11.10 -92.66 -1.65
C ASP B 264 12.14 -92.91 -2.71
N VAL B 265 13.39 -93.15 -2.28
CA VAL B 265 14.40 -93.67 -3.16
C VAL B 265 15.09 -94.80 -2.43
N THR B 266 15.29 -95.93 -3.12
CA THR B 266 15.92 -97.10 -2.53
C THR B 266 16.81 -97.78 -3.57
N TRP B 267 18.10 -97.90 -3.27
CA TRP B 267 19.03 -98.61 -4.14
C TRP B 267 18.68 -100.10 -4.04
N ALA B 268 18.76 -100.80 -5.16
CA ALA B 268 18.41 -102.22 -5.20
C ALA B 268 19.65 -103.04 -5.43
N THR B 269 20.46 -102.64 -6.41
CA THR B 269 21.73 -103.30 -6.69
C THR B 269 22.80 -102.24 -6.94
N GLN B 270 23.98 -102.68 -7.36
CA GLN B 270 25.08 -101.77 -7.68
C GLN B 270 24.77 -100.85 -8.84
N GLU B 271 23.85 -101.28 -9.71
CA GLU B 271 23.46 -100.54 -10.91
C GLU B 271 21.96 -100.50 -11.11
N ARG B 272 21.20 -100.69 -10.05
CA ARG B 272 19.74 -100.61 -10.11
C ARG B 272 19.20 -99.77 -8.97
N ILE B 273 18.31 -98.84 -9.32
CA ILE B 273 17.77 -97.90 -8.35
C ILE B 273 16.26 -97.77 -8.50
N SER B 274 15.55 -97.66 -7.38
CA SER B 274 14.11 -97.58 -7.40
C SER B 274 13.62 -96.29 -6.78
N LEU B 275 12.68 -95.63 -7.45
CA LEU B 275 12.11 -94.36 -7.01
C LEU B 275 10.61 -94.51 -6.85
N GLN B 276 10.02 -93.78 -5.90
CA GLN B 276 8.57 -93.74 -5.73
C GLN B 276 8.09 -92.32 -5.78
N TRP B 277 7.21 -92.06 -6.75
CA TRP B 277 6.64 -90.74 -6.94
C TRP B 277 5.20 -90.74 -6.47
N LEU B 278 4.69 -89.57 -6.13
CA LEU B 278 3.34 -89.46 -5.57
C LEU B 278 2.67 -88.19 -6.07
N ARG B 279 1.40 -88.31 -6.46
CA ARG B 279 0.68 -87.16 -7.02
C ARG B 279 0.29 -86.20 -5.93
N ARG B 280 0.11 -84.93 -6.26
CA ARG B 280 -0.25 -83.94 -5.25
C ARG B 280 -1.52 -84.36 -4.53
N ILE B 281 -2.46 -84.95 -5.28
CA ILE B 281 -3.58 -85.64 -4.67
C ILE B 281 -3.06 -87.02 -4.34
N GLN B 282 -2.84 -87.28 -3.06
CA GLN B 282 -2.02 -88.42 -2.62
C GLN B 282 -2.64 -89.83 -2.59
N ASN B 283 -3.55 -90.13 -3.51
CA ASN B 283 -4.15 -91.47 -3.59
C ASN B 283 -3.73 -92.22 -4.83
N TYR B 284 -2.63 -91.80 -5.44
CA TYR B 284 -2.09 -92.48 -6.61
C TYR B 284 -0.59 -92.28 -6.58
N SER B 285 0.15 -93.39 -6.65
CA SER B 285 1.60 -93.32 -6.60
C SER B 285 2.22 -94.34 -7.54
N VAL B 286 3.48 -94.13 -7.92
CA VAL B 286 4.13 -94.93 -8.97
C VAL B 286 5.58 -95.21 -8.62
N MET B 287 5.97 -96.48 -8.68
CA MET B 287 7.35 -96.85 -8.46
C MET B 287 8.00 -97.08 -9.79
N ASP B 288 9.20 -96.52 -9.97
CA ASP B 288 10.03 -96.78 -11.15
C ASP B 288 11.21 -97.62 -10.71
N ILE B 289 11.78 -98.37 -11.64
CA ILE B 289 12.97 -99.17 -11.37
C ILE B 289 13.96 -98.97 -12.50
N CYS B 290 15.13 -98.39 -12.19
CA CYS B 290 16.06 -98.00 -13.23
C CYS B 290 17.42 -98.68 -13.22
N ASP B 291 17.85 -99.04 -14.43
CA ASP B 291 19.13 -99.69 -14.61
C ASP B 291 20.12 -98.77 -15.32
N TYR B 292 21.38 -98.90 -14.94
CA TYR B 292 22.45 -98.18 -15.60
C TYR B 292 22.60 -98.75 -17.00
N ASP B 293 22.71 -97.88 -18.00
CA ASP B 293 22.82 -98.31 -19.39
C ASP B 293 24.24 -98.09 -19.89
N GLU B 294 25.10 -99.09 -19.80
CA GLU B 294 26.55 -98.95 -20.07
C GLU B 294 26.93 -98.24 -21.36
N SER B 295 26.14 -98.47 -22.40
CA SER B 295 26.36 -97.86 -23.72
C SER B 295 26.02 -96.38 -23.70
N SER B 296 24.75 -96.07 -23.52
CA SER B 296 24.29 -94.69 -23.46
C SER B 296 24.91 -93.82 -22.35
N GLY B 297 25.36 -94.47 -21.29
CA GLY B 297 25.78 -93.76 -20.08
C GLY B 297 24.65 -93.22 -19.21
N ARG B 298 23.41 -93.50 -19.58
CA ARG B 298 22.21 -93.02 -18.90
C ARG B 298 21.50 -94.09 -18.03
N TRP B 299 20.44 -93.68 -17.32
CA TRP B 299 19.58 -94.61 -16.57
C TRP B 299 18.23 -94.77 -17.29
N ASN B 300 17.83 -96.02 -17.54
CA ASN B 300 16.60 -96.28 -18.26
C ASN B 300 15.64 -97.18 -17.47
N CYS B 301 14.40 -96.68 -17.38
CA CYS B 301 13.40 -97.30 -16.57
C CYS B 301 12.34 -97.73 -17.54
N LEU B 302 12.14 -99.03 -17.70
CA LEU B 302 11.14 -99.48 -18.66
C LEU B 302 9.77 -99.37 -17.99
N VAL B 303 8.77 -98.97 -18.77
CA VAL B 303 7.39 -98.81 -18.30
C VAL B 303 6.73 -100.12 -17.94
N ALA B 304 7.39 -101.22 -18.26
CA ALA B 304 6.85 -102.53 -17.99
C ALA B 304 7.46 -103.08 -16.74
N ARG B 305 8.27 -102.28 -16.05
CA ARG B 305 8.64 -102.57 -14.67
C ARG B 305 8.04 -101.58 -13.69
N GLN B 306 7.24 -100.64 -14.19
CA GLN B 306 6.57 -99.66 -13.35
C GLN B 306 5.54 -100.37 -12.49
N HIS B 307 5.16 -99.73 -11.38
CA HIS B 307 4.28 -100.32 -10.39
C HIS B 307 3.41 -99.30 -9.70
N ILE B 308 2.11 -99.36 -9.98
CA ILE B 308 1.13 -98.44 -9.43
C ILE B 308 0.58 -98.90 -8.07
N GLU B 309 0.11 -97.94 -7.28
CA GLU B 309 -0.41 -98.18 -5.94
C GLU B 309 -1.44 -97.08 -5.76
N MET B 310 -2.65 -97.45 -5.38
CA MET B 310 -3.70 -96.46 -5.24
C MET B 310 -4.73 -96.82 -4.19
N SER B 311 -5.58 -95.85 -3.86
CA SER B 311 -6.62 -96.01 -2.86
C SER B 311 -7.89 -95.26 -3.29
N THR B 312 -9.02 -95.71 -2.77
CA THR B 312 -10.28 -94.96 -2.86
C THR B 312 -10.92 -94.65 -1.51
N THR B 313 -10.47 -95.32 -0.46
CA THR B 313 -10.92 -94.99 0.88
C THR B 313 -10.12 -93.86 1.44
N GLY B 314 -8.86 -93.72 1.01
CA GLY B 314 -8.03 -92.63 1.48
C GLY B 314 -6.76 -92.36 0.71
N TRP B 315 -5.65 -92.30 1.43
CA TRP B 315 -4.35 -91.94 0.87
C TRP B 315 -3.46 -93.17 0.84
N VAL B 316 -2.38 -93.08 0.08
CA VAL B 316 -1.42 -94.17 -0.03
C VAL B 316 -0.41 -94.14 1.10
N GLY B 317 -0.30 -95.26 1.81
CA GLY B 317 0.65 -95.39 2.91
C GLY B 317 0.12 -94.89 4.25
N ARG B 318 0.87 -95.20 5.30
CA ARG B 318 0.52 -94.71 6.64
C ARG B 318 0.71 -93.19 6.67
N PHE B 319 1.89 -92.76 6.23
CA PHE B 319 2.18 -91.34 5.99
C PHE B 319 2.67 -91.05 4.56
N ARG B 320 3.41 -92.00 4.02
CA ARG B 320 3.84 -91.97 2.63
C ARG B 320 3.88 -93.44 2.25
N PRO B 321 4.04 -93.76 0.96
CA PRO B 321 4.26 -95.13 0.53
C PRO B 321 5.42 -95.84 1.20
N SER B 322 5.28 -97.14 1.40
CA SER B 322 6.31 -97.95 2.04
C SER B 322 7.52 -98.11 1.17
N GLU B 323 8.63 -98.56 1.75
CA GLU B 323 9.86 -98.80 0.99
C GLU B 323 10.12 -100.25 0.69
N PRO B 324 10.58 -100.51 -0.53
CA PRO B 324 10.85 -101.84 -0.97
C PRO B 324 12.08 -102.40 -0.30
N HIS B 325 12.10 -103.71 -0.06
CA HIS B 325 13.29 -104.43 0.36
C HIS B 325 13.60 -105.48 -0.67
N PHE B 326 14.62 -105.23 -1.47
CA PHE B 326 14.96 -106.11 -2.59
C PHE B 326 15.75 -107.32 -2.15
N THR B 327 15.76 -108.34 -3.00
CA THR B 327 16.61 -109.52 -2.83
C THR B 327 18.00 -109.22 -3.37
N LEU B 328 18.97 -110.05 -3.02
CA LEU B 328 20.36 -109.77 -3.40
C LEU B 328 20.56 -109.49 -4.89
N ASP B 329 19.95 -110.31 -5.74
CA ASP B 329 20.06 -110.12 -7.19
C ASP B 329 19.19 -108.97 -7.69
N GLY B 330 18.25 -108.54 -6.87
CA GLY B 330 17.45 -107.35 -7.16
C GLY B 330 16.36 -107.53 -8.20
N ASN B 331 15.89 -108.75 -8.39
CA ASN B 331 14.81 -109.02 -9.34
C ASN B 331 13.42 -109.18 -8.72
N SER B 332 13.38 -109.21 -7.39
CA SER B 332 12.13 -109.20 -6.65
C SER B 332 12.31 -108.41 -5.36
N PHE B 333 11.20 -108.01 -4.75
CA PHE B 333 11.27 -107.25 -3.50
C PHE B 333 10.04 -107.44 -2.64
N TYR B 334 10.20 -107.20 -1.34
CA TYR B 334 9.09 -107.24 -0.39
C TYR B 334 8.75 -105.83 0.05
N LYS B 335 7.45 -105.56 0.21
CA LYS B 335 6.98 -104.21 0.50
C LYS B 335 5.68 -104.30 1.26
N ILE B 336 5.53 -103.47 2.30
CA ILE B 336 4.32 -103.50 3.12
C ILE B 336 3.20 -102.74 2.45
N ILE B 337 2.22 -103.45 1.91
CA ILE B 337 1.07 -102.79 1.32
C ILE B 337 -0.19 -103.23 2.00
N SER B 338 -1.25 -102.46 1.82
CA SER B 338 -2.51 -102.71 2.49
C SER B 338 -3.28 -103.73 1.67
N ASN B 339 -3.86 -104.72 2.34
CA ASN B 339 -4.50 -105.84 1.64
C ASN B 339 -5.99 -105.62 1.36
N GLU B 340 -6.63 -106.65 0.85
CA GLU B 340 -8.04 -106.64 0.49
C GLU B 340 -9.03 -106.11 1.53
N GLU B 341 -8.85 -106.51 2.79
CA GLU B 341 -9.71 -106.04 3.89
C GLU B 341 -9.09 -104.90 4.67
N GLY B 342 -8.05 -104.30 4.11
CA GLY B 342 -7.46 -103.09 4.66
C GLY B 342 -6.46 -103.25 5.78
N TYR B 343 -5.77 -104.39 5.83
CA TYR B 343 -4.73 -104.60 6.81
C TYR B 343 -3.38 -104.56 6.12
N ARG B 344 -2.39 -103.97 6.77
CA ARG B 344 -1.07 -103.80 6.17
C ARG B 344 -0.21 -105.02 6.39
N HIS B 345 0.11 -105.70 5.28
CA HIS B 345 0.90 -106.92 5.32
C HIS B 345 1.94 -106.95 4.23
N ILE B 346 2.88 -107.88 4.36
CA ILE B 346 4.03 -107.96 3.47
C ILE B 346 3.63 -108.57 2.14
N CYS B 347 3.97 -107.88 1.06
CA CYS B 347 3.71 -108.37 -0.29
C CYS B 347 4.99 -108.71 -1.00
N TYR B 348 4.92 -109.61 -1.96
CA TYR B 348 6.11 -110.09 -2.67
C TYR B 348 6.01 -109.88 -4.16
N PHE B 349 6.79 -108.93 -4.68
CA PHE B 349 6.70 -108.53 -6.09
C PHE B 349 7.87 -109.08 -6.91
N GLN B 350 7.61 -109.31 -8.20
CA GLN B 350 8.66 -109.48 -9.22
C GLN B 350 8.75 -108.15 -9.96
N ILE B 351 9.95 -107.70 -10.29
CA ILE B 351 10.16 -106.33 -10.77
C ILE B 351 9.38 -105.98 -12.02
N ASP B 352 9.06 -106.97 -12.82
CA ASP B 352 8.35 -106.76 -14.09
C ASP B 352 6.99 -107.47 -14.14
N LYS B 353 6.37 -107.62 -12.97
CA LYS B 353 5.10 -108.32 -12.90
C LYS B 353 4.14 -107.52 -12.03
N LYS B 354 3.03 -107.11 -12.64
CA LYS B 354 2.03 -106.29 -11.98
C LYS B 354 1.62 -106.83 -10.62
N ASP B 355 1.34 -108.14 -10.56
CA ASP B 355 0.76 -108.78 -9.37
C ASP B 355 1.75 -109.29 -8.32
N CYS B 356 1.39 -109.14 -7.05
CA CYS B 356 2.20 -109.68 -5.97
C CYS B 356 1.44 -110.71 -5.19
N THR B 357 2.15 -111.41 -4.32
CA THR B 357 1.54 -112.35 -3.40
C THR B 357 1.77 -111.88 -1.98
N PHE B 358 0.71 -111.82 -1.18
CA PHE B 358 0.86 -111.56 0.25
C PHE B 358 1.48 -112.78 0.92
N ILE B 359 2.43 -112.55 1.82
CA ILE B 359 3.07 -113.62 2.58
C ILE B 359 2.67 -113.62 4.06
N THR B 360 1.90 -112.60 4.47
CA THR B 360 1.22 -112.60 5.75
C THR B 360 -0.21 -112.09 5.60
N LYS B 361 -1.11 -112.63 6.41
CA LYS B 361 -2.46 -112.09 6.50
C LYS B 361 -2.92 -112.17 7.95
N GLY B 362 -4.04 -111.53 8.25
CA GLY B 362 -4.56 -111.50 9.60
C GLY B 362 -5.23 -110.20 9.96
N THR B 363 -5.87 -110.19 11.13
CA THR B 363 -6.51 -108.99 11.67
C THR B 363 -5.49 -108.27 12.54
N TRP B 364 -4.41 -107.83 11.90
CA TRP B 364 -3.33 -107.10 12.57
C TRP B 364 -2.44 -106.58 11.44
N GLU B 365 -1.45 -105.78 11.79
CA GLU B 365 -0.62 -105.14 10.78
C GLU B 365 0.87 -105.33 11.02
N VAL B 366 1.62 -105.42 9.93
CA VAL B 366 3.08 -105.37 10.00
C VAL B 366 3.48 -103.93 10.20
N ILE B 367 4.34 -103.69 11.19
CA ILE B 367 4.82 -102.35 11.47
C ILE B 367 5.93 -101.98 10.52
N GLY B 368 6.87 -102.89 10.31
CA GLY B 368 7.99 -102.63 9.43
C GLY B 368 8.83 -103.85 9.13
N ILE B 369 9.50 -103.85 7.98
CA ILE B 369 10.39 -104.93 7.59
C ILE B 369 11.80 -104.57 8.07
N GLU B 370 12.43 -105.49 8.81
CA GLU B 370 13.68 -105.17 9.50
C GLU B 370 14.94 -105.78 8.91
N ALA B 371 14.84 -106.95 8.29
CA ALA B 371 16.01 -107.58 7.67
C ALA B 371 15.64 -108.62 6.61
N LEU B 372 16.56 -108.88 5.69
CA LEU B 372 16.32 -109.87 4.65
C LEU B 372 17.56 -110.73 4.40
N THR B 373 17.47 -112.02 4.71
CA THR B 373 18.48 -112.99 4.32
C THR B 373 17.95 -113.79 3.14
N SER B 374 18.79 -114.67 2.60
CA SER B 374 18.43 -115.47 1.44
C SER B 374 17.25 -116.41 1.67
N ASP B 375 16.98 -116.74 2.93
CA ASP B 375 15.87 -117.63 3.25
C ASP B 375 15.11 -117.32 4.56
N TYR B 376 15.23 -116.07 5.03
CA TYR B 376 14.45 -115.59 6.16
C TYR B 376 14.15 -114.10 6.00
N LEU B 377 12.93 -113.69 6.28
CA LEU B 377 12.58 -112.27 6.36
C LEU B 377 12.17 -111.91 7.78
N TYR B 378 12.90 -111.00 8.42
CA TYR B 378 12.58 -110.56 9.78
C TYR B 378 11.72 -109.30 9.74
N TYR B 379 10.68 -109.25 10.58
CA TYR B 379 9.75 -108.14 10.56
C TYR B 379 9.18 -107.87 11.95
N ILE B 380 8.52 -106.72 12.11
CA ILE B 380 7.89 -106.35 13.39
C ILE B 380 6.39 -106.18 13.20
N SER B 381 5.58 -106.78 14.08
CA SER B 381 4.14 -106.63 14.01
C SER B 381 3.47 -106.52 15.37
N ASN B 382 2.19 -106.16 15.33
CA ASN B 382 1.37 -106.02 16.53
C ASN B 382 0.38 -107.18 16.65
N GLU B 383 0.83 -108.38 16.27
CA GLU B 383 -0.03 -109.55 16.25
C GLU B 383 -0.22 -110.20 17.62
N TYR B 384 0.87 -110.34 18.37
CA TYR B 384 0.83 -111.04 19.65
C TYR B 384 -0.35 -110.59 20.50
N LYS B 385 -1.07 -111.59 21.02
CA LYS B 385 -2.26 -111.37 21.83
C LYS B 385 -3.30 -110.36 21.29
N GLY B 386 -3.29 -110.14 19.98
CA GLY B 386 -4.28 -109.30 19.34
C GLY B 386 -4.34 -107.87 19.87
N MET B 387 -3.23 -107.40 20.41
CA MET B 387 -3.16 -106.01 20.89
C MET B 387 -2.33 -105.11 19.98
N PRO B 388 -2.96 -104.04 19.50
CA PRO B 388 -2.36 -103.16 18.52
C PRO B 388 -1.25 -102.32 19.13
N GLY B 389 -1.35 -102.07 20.43
CA GLY B 389 -0.38 -101.25 21.15
C GLY B 389 0.93 -101.95 21.52
N GLY B 390 1.05 -103.23 21.18
CA GLY B 390 2.24 -103.99 21.48
C GLY B 390 3.02 -104.28 20.21
N ARG B 391 4.27 -104.69 20.38
CA ARG B 391 5.21 -104.75 19.26
C ARG B 391 6.18 -105.92 19.46
N ASN B 392 6.30 -106.79 18.47
CA ASN B 392 7.20 -107.96 18.58
C ASN B 392 7.92 -108.35 17.31
N LEU B 393 9.08 -108.98 17.46
CA LEU B 393 9.87 -109.43 16.32
C LEU B 393 9.40 -110.81 15.85
N TYR B 394 9.36 -111.01 14.54
CA TYR B 394 8.95 -112.28 13.95
C TYR B 394 9.93 -112.56 12.80
N LYS B 395 10.13 -113.86 12.52
CA LYS B 395 10.83 -114.26 11.29
C LYS B 395 9.93 -115.20 10.50
N ILE B 396 10.03 -115.13 9.19
CA ILE B 396 9.22 -115.96 8.30
C ILE B 396 10.12 -116.67 7.30
N GLN B 397 9.95 -117.99 7.23
CA GLN B 397 10.76 -118.80 6.33
C GLN B 397 10.34 -118.51 4.91
N LEU B 398 11.31 -118.12 4.10
CA LEU B 398 11.00 -117.68 2.75
C LEU B 398 10.44 -118.81 1.90
N SER B 399 11.11 -119.96 1.92
CA SER B 399 10.65 -121.16 1.23
C SER B 399 9.29 -121.71 1.70
N ASP B 400 8.87 -121.37 2.91
CA ASP B 400 7.57 -121.82 3.45
C ASP B 400 6.86 -120.76 4.30
N TYR B 401 5.87 -120.10 3.70
CA TYR B 401 5.20 -118.96 4.32
C TYR B 401 4.36 -119.25 5.55
N THR B 402 4.10 -120.53 5.82
CA THR B 402 3.39 -120.91 7.04
C THR B 402 4.35 -121.21 8.18
N LYS B 403 5.65 -121.03 7.94
CA LYS B 403 6.65 -121.23 8.99
C LYS B 403 7.07 -119.92 9.65
N VAL B 404 6.16 -119.34 10.43
CA VAL B 404 6.43 -118.09 11.11
C VAL B 404 6.82 -118.36 12.56
N THR B 405 7.93 -117.77 13.00
CA THR B 405 8.41 -117.94 14.35
C THR B 405 8.37 -116.61 15.07
N CYS B 406 7.94 -116.60 16.32
CA CYS B 406 7.99 -115.39 17.11
C CYS B 406 9.30 -115.37 17.87
N LEU B 407 10.12 -114.35 17.64
CA LEU B 407 11.45 -114.25 18.28
C LEU B 407 11.57 -113.55 19.63
N SER B 408 10.49 -112.88 20.08
CA SER B 408 10.54 -112.02 21.27
C SER B 408 9.35 -112.08 22.26
N CYS B 409 8.31 -112.83 21.91
CA CYS B 409 7.05 -112.80 22.63
C CYS B 409 7.14 -113.36 24.01
N GLU B 410 7.90 -114.45 24.13
CA GLU B 410 8.02 -115.16 25.39
C GLU B 410 9.37 -115.03 26.09
N LEU B 411 10.23 -114.15 25.58
CA LEU B 411 11.48 -113.86 26.24
C LEU B 411 11.27 -113.33 27.66
N ASN B 412 10.16 -112.66 27.91
CA ASN B 412 9.91 -112.04 29.21
C ASN B 412 8.56 -111.35 29.20
N PRO B 413 7.48 -112.12 29.12
CA PRO B 413 6.19 -111.60 28.71
C PRO B 413 5.53 -110.58 29.62
N GLU B 414 5.97 -110.52 30.87
CA GLU B 414 5.38 -109.60 31.83
C GLU B 414 6.02 -108.23 31.80
N ARG B 415 7.33 -108.19 31.60
CA ARG B 415 8.08 -106.94 31.53
C ARG B 415 8.09 -106.36 30.13
N CYS B 416 8.04 -107.24 29.15
CA CYS B 416 8.39 -106.91 27.78
C CYS B 416 7.35 -107.18 26.72
N GLN B 417 6.74 -106.12 26.23
CA GLN B 417 5.75 -106.23 25.16
C GLN B 417 5.91 -105.17 24.04
N TYR B 418 7.03 -104.44 24.05
CA TYR B 418 7.27 -103.42 23.03
C TYR B 418 8.71 -103.47 22.54
N TYR B 419 8.94 -104.30 21.53
CA TYR B 419 10.27 -104.54 21.05
C TYR B 419 10.58 -103.73 19.79
N SER B 420 11.84 -103.37 19.63
CA SER B 420 12.35 -102.87 18.37
C SER B 420 13.72 -103.52 18.18
N VAL B 421 14.29 -103.46 16.98
CA VAL B 421 15.48 -104.26 16.72
C VAL B 421 16.57 -103.62 15.85
N SER B 422 17.82 -103.94 16.17
CA SER B 422 18.97 -103.52 15.39
C SER B 422 19.80 -104.73 14.94
N PHE B 423 19.84 -104.99 13.64
CA PHE B 423 20.56 -106.13 13.11
C PHE B 423 22.01 -105.84 12.74
N SER B 424 22.84 -106.88 12.74
CA SER B 424 24.24 -106.77 12.32
C SER B 424 24.32 -106.74 10.81
N LYS B 425 25.55 -106.57 10.30
CA LYS B 425 25.73 -106.37 8.87
C LYS B 425 25.06 -107.38 7.95
N GLU B 426 25.07 -108.66 8.30
CA GLU B 426 24.36 -109.62 7.47
C GLU B 426 23.39 -110.46 8.25
N ALA B 427 22.73 -109.81 9.20
CA ALA B 427 21.76 -110.45 10.06
C ALA B 427 22.36 -111.65 10.76
N LYS B 428 23.63 -111.55 11.13
CA LYS B 428 24.28 -112.63 11.86
C LYS B 428 23.98 -112.50 13.35
N TYR B 429 23.74 -111.27 13.78
CA TYR B 429 23.38 -111.00 15.17
C TYR B 429 22.27 -109.95 15.18
N TYR B 430 21.64 -109.76 16.34
CA TYR B 430 20.66 -108.71 16.50
C TYR B 430 20.43 -108.31 17.93
N GLN B 431 20.25 -107.00 18.13
CA GLN B 431 19.98 -106.44 19.45
C GLN B 431 18.50 -106.10 19.59
N LEU B 432 17.88 -106.56 20.68
CA LEU B 432 16.50 -106.19 20.98
C LEU B 432 16.44 -105.09 22.00
N ARG B 433 15.55 -104.12 21.77
CA ARG B 433 15.21 -103.09 22.75
C ARG B 433 13.79 -103.33 23.19
N CYS B 434 13.61 -103.49 24.50
CA CYS B 434 12.30 -103.68 25.06
C CYS B 434 12.06 -102.40 25.82
N SER B 435 10.97 -101.70 25.54
CA SER B 435 10.73 -100.39 26.15
C SER B 435 9.46 -100.29 26.96
N GLY B 436 8.81 -101.42 27.23
CA GLY B 436 7.65 -101.45 28.11
C GLY B 436 6.92 -102.78 28.16
N PRO B 437 6.09 -103.00 29.19
CA PRO B 437 5.72 -101.97 30.17
C PRO B 437 6.69 -101.88 31.35
N GLY B 438 7.65 -102.80 31.40
CA GLY B 438 8.65 -102.78 32.44
C GLY B 438 9.74 -101.80 32.09
N LEU B 439 10.73 -101.68 32.97
CA LEU B 439 11.90 -100.84 32.71
C LEU B 439 12.62 -101.41 31.49
N PRO B 440 13.03 -100.56 30.57
CA PRO B 440 13.73 -100.99 29.37
C PRO B 440 14.87 -101.98 29.58
N LEU B 441 15.01 -102.87 28.61
CA LEU B 441 15.84 -104.05 28.74
C LEU B 441 16.44 -104.37 27.39
N TYR B 442 17.76 -104.34 27.31
CA TYR B 442 18.46 -104.57 26.06
C TYR B 442 19.24 -105.88 26.12
N THR B 443 19.02 -106.75 25.14
CA THR B 443 19.69 -108.03 25.08
C THR B 443 20.34 -108.15 23.73
N LEU B 444 21.02 -109.27 23.52
CA LEU B 444 21.80 -109.51 22.31
C LEU B 444 21.66 -110.99 21.93
N HIS B 445 21.56 -111.28 20.64
CA HIS B 445 21.31 -112.65 20.17
C HIS B 445 22.09 -113.01 18.91
N SER B 446 22.24 -114.30 18.64
CA SER B 446 22.78 -114.79 17.37
C SER B 446 21.65 -115.36 16.49
N SER B 447 21.67 -115.03 15.21
CA SER B 447 20.56 -115.37 14.31
C SER B 447 20.57 -116.81 13.85
N VAL B 448 21.78 -117.36 13.72
CA VAL B 448 21.98 -118.80 13.43
C VAL B 448 21.09 -119.70 14.27
N ASN B 449 20.96 -119.37 15.55
CA ASN B 449 20.19 -120.15 16.52
C ASN B 449 18.90 -119.53 17.01
N ASP B 450 18.84 -118.20 16.93
CA ASP B 450 17.93 -117.39 17.72
C ASP B 450 18.27 -117.60 19.19
N LYS B 451 19.56 -117.73 19.46
CA LYS B 451 20.06 -117.97 20.82
C LYS B 451 20.44 -116.68 21.53
N GLY B 452 19.85 -116.46 22.70
CA GLY B 452 20.13 -115.26 23.49
C GLY B 452 21.50 -115.32 24.14
N LEU B 453 22.40 -114.41 23.76
CA LEU B 453 23.77 -114.41 24.25
C LEU B 453 23.91 -113.78 25.64
N ARG B 454 23.92 -112.45 25.71
CA ARG B 454 24.03 -111.79 27.01
C ARG B 454 23.00 -110.70 27.22
N VAL B 455 22.90 -110.21 28.44
CA VAL B 455 22.09 -109.03 28.74
C VAL B 455 23.02 -107.82 28.68
N LEU B 456 22.64 -106.83 27.88
CA LEU B 456 23.48 -105.64 27.63
C LEU B 456 23.26 -104.53 28.64
N GLU B 457 21.99 -104.32 28.99
CA GLU B 457 21.63 -103.34 30.00
C GLU B 457 20.21 -103.66 30.47
N ASP B 458 19.98 -103.50 31.78
CA ASP B 458 18.70 -103.84 32.39
C ASP B 458 18.15 -102.83 33.38
N ASN B 459 18.76 -101.66 33.48
CA ASN B 459 18.29 -100.60 34.38
C ASN B 459 18.00 -100.99 35.84
N SER B 460 18.69 -102.02 36.33
CA SER B 460 18.56 -102.44 37.73
C SER B 460 19.07 -101.34 38.66
N ALA B 461 20.07 -100.61 38.17
CA ALA B 461 20.55 -99.38 38.80
C ALA B 461 19.41 -98.43 39.15
N LEU B 462 18.62 -98.09 38.13
CA LEU B 462 17.41 -97.28 38.30
C LEU B 462 16.35 -97.96 39.17
N ASP B 463 16.27 -99.28 39.06
CA ASP B 463 15.26 -100.04 39.79
C ASP B 463 15.36 -99.91 41.32
N LYS B 464 16.58 -99.87 41.85
CA LYS B 464 16.76 -99.66 43.29
C LYS B 464 16.09 -98.33 43.61
N MET B 465 16.57 -97.27 42.98
CA MET B 465 16.06 -95.91 43.20
C MET B 465 14.55 -95.80 43.20
N LEU B 466 13.87 -96.63 42.40
CA LEU B 466 12.44 -96.47 42.16
C LEU B 466 11.45 -97.12 43.14
N GLN B 467 11.91 -98.10 43.90
CA GLN B 467 11.06 -98.71 44.93
C GLN B 467 11.00 -97.80 46.15
N ASN B 468 11.97 -96.90 46.25
CA ASN B 468 11.94 -95.84 47.25
C ASN B 468 10.85 -94.80 47.02
N VAL B 469 10.18 -94.88 45.88
CA VAL B 469 9.18 -93.89 45.50
C VAL B 469 7.88 -94.52 45.04
N GLN B 470 6.78 -93.83 45.35
CA GLN B 470 5.43 -94.30 45.05
C GLN B 470 5.00 -94.02 43.61
N MET B 471 5.28 -94.96 42.73
CA MET B 471 5.00 -94.78 41.31
C MET B 471 3.54 -95.03 41.00
N PRO B 472 3.11 -94.56 39.83
CA PRO B 472 1.78 -94.83 39.36
C PRO B 472 1.81 -96.09 38.54
N SER B 473 0.63 -96.57 38.17
CA SER B 473 0.50 -97.81 37.41
C SER B 473 -0.24 -97.48 36.13
N LYS B 474 -0.03 -98.29 35.10
CA LYS B 474 -0.62 -98.05 33.79
C LYS B 474 -1.60 -99.14 33.41
N LYS B 475 -2.85 -98.79 33.19
CA LYS B 475 -3.82 -99.75 32.68
C LYS B 475 -3.93 -99.58 31.16
N LEU B 476 -4.06 -100.70 30.48
CA LEU B 476 -4.22 -100.73 29.03
C LEU B 476 -5.35 -101.70 28.78
N ASP B 477 -6.38 -101.24 28.09
CA ASP B 477 -7.57 -102.03 27.90
C ASP B 477 -8.33 -101.36 26.77
N PHE B 478 -9.54 -101.82 26.50
CA PHE B 478 -10.36 -101.23 25.46
C PHE B 478 -11.81 -101.11 25.87
N ILE B 479 -12.55 -100.34 25.09
CA ILE B 479 -13.99 -100.26 25.24
C ILE B 479 -14.55 -100.63 23.88
N ILE B 480 -15.87 -100.77 23.79
CA ILE B 480 -16.50 -101.13 22.53
C ILE B 480 -17.52 -100.10 22.09
N LEU B 481 -17.38 -99.64 20.85
CA LEU B 481 -18.36 -98.76 20.20
C LEU B 481 -18.75 -99.38 18.86
N ASN B 482 -20.05 -99.49 18.60
CA ASN B 482 -20.51 -100.10 17.36
C ASN B 482 -19.80 -101.40 17.01
N GLU B 483 -19.65 -102.29 17.99
CA GLU B 483 -18.95 -103.58 17.80
C GLU B 483 -17.55 -103.54 17.19
N THR B 484 -16.82 -102.46 17.41
CA THR B 484 -15.36 -102.44 17.20
C THR B 484 -14.74 -102.02 18.51
N LYS B 485 -13.62 -102.64 18.86
CA LYS B 485 -12.89 -102.23 20.05
C LYS B 485 -11.96 -101.07 19.75
N PHE B 486 -11.99 -100.09 20.65
CA PHE B 486 -11.07 -98.97 20.60
C PHE B 486 -10.28 -98.96 21.88
N TRP B 487 -8.94 -98.92 21.76
CA TRP B 487 -8.07 -99.06 22.91
C TRP B 487 -7.89 -97.75 23.66
N TYR B 488 -7.47 -97.86 24.92
CA TYR B 488 -7.21 -96.70 25.76
C TYR B 488 -6.20 -97.08 26.81
N GLN B 489 -5.57 -96.08 27.42
CA GLN B 489 -4.65 -96.32 28.51
C GLN B 489 -4.93 -95.34 29.64
N MET B 490 -4.50 -95.70 30.85
CA MET B 490 -4.70 -94.84 32.02
C MET B 490 -3.50 -94.90 32.94
N ILE B 491 -3.04 -93.74 33.39
CA ILE B 491 -1.96 -93.67 34.36
C ILE B 491 -2.66 -93.46 35.70
N LEU B 492 -2.57 -94.47 36.56
CA LEU B 492 -3.30 -94.51 37.84
C LEU B 492 -2.40 -94.15 39.01
N PRO B 493 -2.89 -93.32 39.92
CA PRO B 493 -2.13 -92.92 41.07
C PRO B 493 -1.81 -94.13 41.93
N PRO B 494 -0.72 -94.06 42.68
CA PRO B 494 -0.34 -95.16 43.57
C PRO B 494 -1.47 -95.47 44.55
N HIS B 495 -1.53 -96.71 45.01
CA HIS B 495 -2.59 -97.17 45.89
C HIS B 495 -3.96 -96.77 45.33
N PHE B 496 -4.13 -96.94 44.02
CA PHE B 496 -5.37 -96.57 43.34
C PHE B 496 -6.51 -97.38 43.92
N ASP B 497 -7.46 -96.70 44.54
CA ASP B 497 -8.59 -97.38 45.15
C ASP B 497 -9.85 -97.18 44.30
N LYS B 498 -10.28 -98.25 43.65
CA LYS B 498 -11.25 -98.17 42.56
C LYS B 498 -12.67 -97.78 42.95
N SER B 499 -12.83 -97.28 44.17
CA SER B 499 -14.13 -96.86 44.68
C SER B 499 -14.05 -95.46 45.24
N LYS B 500 -13.05 -94.71 44.78
CA LYS B 500 -12.92 -93.32 45.12
C LYS B 500 -13.18 -92.51 43.85
N LYS B 501 -13.45 -91.22 44.01
CA LYS B 501 -13.64 -90.33 42.86
C LYS B 501 -12.36 -89.52 42.59
N TYR B 502 -11.61 -89.93 41.57
CA TYR B 502 -10.42 -89.21 41.14
C TYR B 502 -10.76 -88.21 40.04
N PRO B 503 -10.02 -87.09 39.98
CA PRO B 503 -10.16 -86.16 38.88
C PRO B 503 -9.37 -86.69 37.69
N LEU B 504 -9.86 -86.41 36.48
CA LEU B 504 -9.28 -87.01 35.27
C LEU B 504 -8.83 -86.03 34.18
N LEU B 505 -7.60 -86.23 33.70
CA LEU B 505 -7.02 -85.48 32.60
C LEU B 505 -6.93 -86.35 31.36
N LEU B 506 -7.54 -85.89 30.28
CA LEU B 506 -7.48 -86.62 29.02
C LEU B 506 -6.31 -86.06 28.20
N ASP B 507 -5.34 -86.91 27.90
CA ASP B 507 -4.12 -86.48 27.21
C ASP B 507 -4.21 -86.89 25.75
N VAL B 508 -4.42 -85.92 24.88
CA VAL B 508 -4.80 -86.19 23.48
C VAL B 508 -3.75 -85.80 22.41
N TYR B 509 -3.66 -86.62 21.38
CA TYR B 509 -3.02 -86.23 20.14
C TYR B 509 -3.99 -86.41 18.96
N ALA B 510 -4.30 -87.67 18.63
CA ALA B 510 -5.45 -88.04 17.78
C ALA B 510 -5.34 -87.80 16.27
N GLY B 511 -4.15 -87.43 15.81
CA GLY B 511 -3.91 -87.23 14.38
C GLY B 511 -3.92 -88.55 13.60
N PRO B 512 -4.13 -88.48 12.30
CA PRO B 512 -4.27 -89.66 11.46
C PRO B 512 -3.09 -90.64 11.60
N CYS B 513 -3.40 -91.85 12.01
CA CYS B 513 -2.43 -92.91 12.13
C CYS B 513 -1.60 -92.82 13.39
N SER B 514 -2.08 -92.05 14.35
CA SER B 514 -1.41 -91.94 15.63
C SER B 514 -1.87 -93.09 16.50
N GLN B 515 -1.19 -93.25 17.64
CA GLN B 515 -1.49 -94.27 18.64
C GLN B 515 -0.96 -93.81 20.01
N LYS B 516 -1.84 -93.28 20.86
CA LYS B 516 -1.47 -92.81 22.21
C LYS B 516 -1.61 -93.91 23.28
N ALA B 517 -2.25 -95.02 22.93
CA ALA B 517 -2.43 -96.14 23.88
C ALA B 517 -1.53 -97.33 23.54
N ASP B 518 -0.41 -97.43 24.26
CA ASP B 518 0.58 -98.45 23.98
C ASP B 518 1.16 -99.02 25.26
N THR B 519 2.08 -99.97 25.12
CA THR B 519 2.72 -100.63 26.26
C THR B 519 4.05 -100.02 26.71
N VAL B 520 4.42 -98.86 26.18
CA VAL B 520 5.71 -98.24 26.51
C VAL B 520 5.77 -97.71 27.95
N PHE B 521 6.96 -97.84 28.54
CA PHE B 521 7.24 -97.28 29.86
C PHE B 521 7.74 -95.85 29.72
N ARG B 522 7.09 -94.91 30.41
CA ARG B 522 7.47 -93.50 30.32
C ARG B 522 7.57 -92.80 31.66
N LEU B 523 8.56 -91.93 31.80
CA LEU B 523 8.69 -91.05 32.97
C LEU B 523 8.48 -89.63 32.50
N ASN B 524 7.27 -89.12 32.69
CA ASN B 524 6.90 -87.82 32.16
C ASN B 524 5.88 -87.09 33.01
N TRP B 525 5.49 -85.92 32.56
CA TRP B 525 4.52 -85.09 33.27
C TRP B 525 3.30 -85.84 33.82
N ALA B 526 2.85 -86.88 33.12
CA ALA B 526 1.73 -87.66 33.60
C ALA B 526 2.12 -88.41 34.86
N THR B 527 3.35 -88.90 34.88
CA THR B 527 3.87 -89.60 36.05
C THR B 527 3.76 -88.72 37.29
N TYR B 528 4.21 -87.48 37.18
CA TYR B 528 4.08 -86.52 38.27
C TYR B 528 2.63 -86.29 38.66
N LEU B 529 1.77 -86.08 37.67
CA LEU B 529 0.36 -85.78 37.94
C LEU B 529 -0.42 -86.88 38.66
N ALA B 530 -0.05 -88.13 38.37
CA ALA B 530 -0.68 -89.28 39.01
C ALA B 530 -0.06 -89.48 40.37
N SER B 531 1.26 -89.68 40.40
CA SER B 531 2.01 -89.95 41.63
C SER B 531 1.85 -88.89 42.74
N THR B 532 2.12 -87.64 42.41
CA THR B 532 2.09 -86.59 43.40
C THR B 532 0.73 -85.91 43.57
N GLU B 533 -0.09 -85.89 42.53
CA GLU B 533 -1.36 -85.14 42.59
C GLU B 533 -2.63 -86.00 42.55
N ASN B 534 -2.46 -87.31 42.40
CA ASN B 534 -3.59 -88.23 42.29
C ASN B 534 -4.60 -87.81 41.24
N ILE B 535 -4.10 -87.67 40.01
CA ILE B 535 -4.92 -87.43 38.85
C ILE B 535 -4.75 -88.62 37.94
N ILE B 536 -5.86 -89.10 37.39
CA ILE B 536 -5.83 -90.16 36.40
C ILE B 536 -5.59 -89.49 35.06
N VAL B 537 -4.52 -89.90 34.39
CA VAL B 537 -4.17 -89.36 33.08
C VAL B 537 -4.45 -90.41 32.03
N ALA B 538 -5.44 -90.15 31.18
CA ALA B 538 -5.91 -91.12 30.19
C ALA B 538 -5.63 -90.68 28.76
N SER B 539 -5.53 -91.67 27.88
CA SER B 539 -5.46 -91.44 26.44
C SER B 539 -6.28 -92.47 25.67
N PHE B 540 -6.91 -92.03 24.59
CA PHE B 540 -7.82 -92.87 23.83
C PHE B 540 -7.51 -92.88 22.34
N ASP B 541 -7.39 -94.05 21.75
CA ASP B 541 -7.17 -94.19 20.30
C ASP B 541 -8.47 -94.51 19.58
N GLY B 542 -9.18 -93.46 19.19
CA GLY B 542 -10.45 -93.58 18.50
C GLY B 542 -10.27 -93.67 17.00
N ARG B 543 -11.25 -93.16 16.25
CA ARG B 543 -11.22 -93.23 14.79
C ARG B 543 -10.13 -92.36 14.17
N GLY B 544 -9.50 -92.89 13.13
CA GLY B 544 -8.37 -92.22 12.51
C GLY B 544 -7.04 -92.82 12.96
N SER B 545 -7.02 -93.43 14.14
CA SER B 545 -5.79 -94.00 14.67
C SER B 545 -5.34 -95.15 13.82
N GLY B 546 -4.05 -95.46 13.91
CA GLY B 546 -3.46 -96.44 13.03
C GLY B 546 -3.20 -97.81 13.66
N TYR B 547 -2.64 -98.70 12.86
CA TYR B 547 -2.22 -100.02 13.32
C TYR B 547 -3.39 -100.94 13.60
N GLN B 548 -4.60 -100.47 13.30
CA GLN B 548 -5.81 -101.24 13.51
C GLN B 548 -6.52 -101.45 12.16
N GLY B 549 -5.77 -101.38 11.07
CA GLY B 549 -6.34 -101.50 9.75
C GLY B 549 -7.06 -100.25 9.24
N ASP B 550 -7.26 -100.24 7.92
CA ASP B 550 -7.73 -99.06 7.18
C ASP B 550 -9.15 -98.61 7.47
N LYS B 551 -9.99 -99.50 7.96
CA LYS B 551 -11.38 -99.10 8.19
C LYS B 551 -11.41 -98.07 9.28
N ILE B 552 -10.54 -98.26 10.27
CA ILE B 552 -10.42 -97.33 11.40
C ILE B 552 -9.59 -96.10 11.04
N MET B 553 -8.51 -96.32 10.29
CA MET B 553 -7.63 -95.22 9.95
C MET B 553 -8.30 -94.27 8.97
N HIS B 554 -8.75 -94.77 7.83
CA HIS B 554 -9.31 -93.92 6.77
C HIS B 554 -10.71 -93.33 7.07
N ALA B 555 -11.28 -93.64 8.23
CA ALA B 555 -12.60 -93.11 8.59
C ALA B 555 -12.76 -91.59 8.67
N ILE B 556 -11.65 -90.87 8.65
CA ILE B 556 -11.65 -89.40 8.74
C ILE B 556 -11.24 -88.73 7.43
N ASN B 557 -10.93 -89.53 6.42
CA ASN B 557 -10.52 -89.01 5.15
C ASN B 557 -11.42 -87.88 4.66
N ARG B 558 -10.81 -86.80 4.18
CA ARG B 558 -11.51 -85.61 3.67
C ARG B 558 -12.43 -84.92 4.67
N ARG B 559 -12.17 -85.14 5.95
CA ARG B 559 -13.15 -84.92 6.99
C ARG B 559 -12.52 -84.69 8.35
N LEU B 560 -11.43 -83.93 8.37
CA LEU B 560 -10.61 -83.78 9.57
C LEU B 560 -11.34 -82.90 10.56
N GLY B 561 -11.11 -83.18 11.83
CA GLY B 561 -11.76 -82.45 12.89
C GLY B 561 -13.24 -82.76 13.06
N THR B 562 -13.63 -83.99 12.77
CA THR B 562 -15.01 -84.45 12.99
C THR B 562 -15.09 -85.70 13.88
N PHE B 563 -14.78 -86.87 13.33
CA PHE B 563 -14.89 -88.11 14.08
C PHE B 563 -13.89 -88.21 15.23
N GLU B 564 -12.61 -88.03 14.95
CA GLU B 564 -11.56 -88.16 15.97
C GLU B 564 -11.79 -87.26 17.20
N VAL B 565 -12.46 -86.13 16.98
CA VAL B 565 -12.82 -85.22 18.06
C VAL B 565 -14.04 -85.71 18.82
N GLU B 566 -15.07 -86.17 18.12
CA GLU B 566 -16.26 -86.76 18.76
C GLU B 566 -15.90 -87.95 19.64
N ASP B 567 -15.04 -88.82 19.11
CA ASP B 567 -14.65 -90.04 19.81
C ASP B 567 -13.85 -89.77 21.08
N GLN B 568 -13.20 -88.63 21.14
CA GLN B 568 -12.48 -88.24 22.34
C GLN B 568 -13.51 -87.84 23.41
N ILE B 569 -14.54 -87.10 23.02
CA ILE B 569 -15.63 -86.74 23.92
C ILE B 569 -16.40 -87.97 24.40
N GLU B 570 -16.59 -88.93 23.49
CA GLU B 570 -17.29 -90.18 23.80
C GLU B 570 -16.52 -90.97 24.85
N ALA B 571 -15.23 -91.19 24.60
CA ALA B 571 -14.36 -91.90 25.53
C ALA B 571 -14.36 -91.25 26.92
N ALA B 572 -14.40 -89.92 26.95
CA ALA B 572 -14.51 -89.20 28.20
C ALA B 572 -15.77 -89.59 28.96
N ARG B 573 -16.91 -89.67 28.27
CA ARG B 573 -18.16 -90.12 28.89
C ARG B 573 -18.04 -91.51 29.49
N GLN B 574 -17.58 -92.45 28.67
CA GLN B 574 -17.42 -93.82 29.09
C GLN B 574 -16.52 -93.93 30.31
N PHE B 575 -15.54 -93.04 30.42
CA PHE B 575 -14.65 -93.05 31.57
C PHE B 575 -15.35 -92.64 32.86
N SER B 576 -16.20 -91.61 32.83
CA SER B 576 -16.94 -91.18 34.02
C SER B 576 -17.98 -92.22 34.44
N LYS B 577 -18.62 -92.81 33.44
CA LYS B 577 -19.46 -94.00 33.59
C LYS B 577 -18.79 -95.20 34.31
N MET B 578 -17.46 -95.22 34.36
CA MET B 578 -16.75 -96.28 35.06
C MET B 578 -16.75 -96.09 36.58
N GLY B 579 -17.27 -94.95 37.04
CA GLY B 579 -17.53 -94.78 38.46
C GLY B 579 -16.42 -94.25 39.35
N PHE B 580 -15.17 -94.57 39.05
CA PHE B 580 -14.03 -94.09 39.85
C PHE B 580 -13.47 -92.73 39.41
N VAL B 581 -14.27 -92.00 38.63
CA VAL B 581 -13.84 -90.74 38.05
C VAL B 581 -14.72 -89.62 38.55
N ASP B 582 -14.11 -88.52 39.01
CA ASP B 582 -14.88 -87.36 39.44
C ASP B 582 -15.55 -86.70 38.24
N ASN B 583 -16.81 -87.06 38.04
CA ASN B 583 -17.68 -86.45 37.04
C ASN B 583 -17.47 -84.98 36.73
N LYS B 584 -17.33 -84.13 37.74
CA LYS B 584 -17.25 -82.68 37.51
C LYS B 584 -15.84 -82.11 37.58
N ARG B 585 -14.85 -82.98 37.37
CA ARG B 585 -13.46 -82.56 37.32
C ARG B 585 -12.74 -83.34 36.23
N ILE B 586 -13.16 -83.08 34.99
CA ILE B 586 -12.51 -83.64 33.81
C ILE B 586 -11.84 -82.56 32.96
N ALA B 587 -10.55 -82.74 32.72
CA ALA B 587 -9.82 -81.84 31.85
C ALA B 587 -9.33 -82.53 30.58
N ILE B 588 -8.76 -81.75 29.66
CA ILE B 588 -8.23 -82.27 28.40
C ILE B 588 -7.06 -81.40 27.97
N TRP B 589 -6.03 -82.00 27.39
CA TRP B 589 -4.89 -81.21 26.89
C TRP B 589 -4.09 -81.92 25.83
N GLY B 590 -3.52 -81.13 24.93
CA GLY B 590 -2.70 -81.66 23.85
C GLY B 590 -1.80 -80.64 23.20
N TRP B 591 -0.93 -81.13 22.33
CA TRP B 591 0.07 -80.32 21.65
C TRP B 591 -0.05 -80.61 20.17
N SER B 592 0.10 -79.58 19.34
CA SER B 592 -0.05 -79.69 17.88
C SER B 592 -1.48 -80.09 17.44
N TYR B 593 -1.58 -81.19 16.70
CA TYR B 593 -2.86 -81.76 16.37
C TYR B 593 -3.65 -81.89 17.66
N GLY B 594 -2.96 -82.37 18.70
CA GLY B 594 -3.58 -82.54 20.01
C GLY B 594 -4.16 -81.25 20.57
N GLY B 595 -3.48 -80.15 20.31
CA GLY B 595 -3.99 -78.86 20.72
C GLY B 595 -5.24 -78.50 19.94
N TYR B 596 -5.24 -78.82 18.66
CA TYR B 596 -6.41 -78.60 17.80
C TYR B 596 -7.61 -79.38 18.29
N VAL B 597 -7.42 -80.67 18.52
CA VAL B 597 -8.50 -81.51 19.03
C VAL B 597 -9.00 -80.96 20.38
N THR B 598 -8.11 -80.87 21.36
CA THR B 598 -8.44 -80.24 22.64
C THR B 598 -9.35 -79.03 22.44
N SER B 599 -8.92 -78.12 21.57
CA SER B 599 -9.64 -76.89 21.29
C SER B 599 -11.01 -77.13 20.68
N MET B 600 -11.08 -78.00 19.67
CA MET B 600 -12.36 -78.40 19.08
C MET B 600 -13.33 -79.07 20.08
N VAL B 601 -12.77 -79.84 21.01
CA VAL B 601 -13.55 -80.46 22.07
C VAL B 601 -14.13 -79.39 22.98
N LEU B 602 -13.29 -78.53 23.53
CA LEU B 602 -13.75 -77.45 24.41
C LEU B 602 -14.76 -76.54 23.71
N GLY B 603 -14.61 -76.45 22.39
CA GLY B 603 -15.49 -75.63 21.58
C GLY B 603 -16.80 -76.30 21.22
N SER B 604 -16.90 -77.60 21.50
CA SER B 604 -18.07 -78.38 21.11
C SER B 604 -19.30 -78.18 21.96
N GLY B 605 -19.17 -77.48 23.09
CA GLY B 605 -20.28 -77.34 24.05
C GLY B 605 -20.93 -78.61 24.59
N SER B 606 -20.16 -79.68 24.75
CA SER B 606 -20.68 -80.95 25.26
C SER B 606 -20.86 -81.05 26.77
N GLY B 607 -20.42 -80.02 27.49
CA GLY B 607 -20.49 -80.01 28.96
C GLY B 607 -19.66 -81.01 29.73
N VAL B 608 -18.98 -81.92 29.04
CA VAL B 608 -18.21 -83.00 29.70
C VAL B 608 -16.96 -82.49 30.42
N PHE B 609 -16.40 -81.38 29.94
CA PHE B 609 -15.07 -80.92 30.35
C PHE B 609 -15.08 -79.58 31.07
N LYS B 610 -14.33 -79.50 32.17
CA LYS B 610 -14.25 -78.28 32.96
C LYS B 610 -13.26 -77.32 32.34
N CYS B 611 -12.15 -77.87 31.85
CA CYS B 611 -11.10 -77.03 31.28
C CYS B 611 -10.14 -77.77 30.38
N GLY B 612 -9.35 -76.99 29.66
CA GLY B 612 -8.36 -77.53 28.74
C GLY B 612 -7.15 -76.65 28.50
N ILE B 613 -6.08 -77.28 27.99
CA ILE B 613 -4.84 -76.60 27.66
C ILE B 613 -4.42 -76.98 26.24
N ALA B 614 -4.34 -75.99 25.37
CA ALA B 614 -3.93 -76.22 23.99
C ALA B 614 -2.57 -75.60 23.73
N VAL B 615 -1.60 -76.43 23.38
CA VAL B 615 -0.22 -75.98 23.14
C VAL B 615 0.09 -76.06 21.66
N ALA B 616 0.38 -74.91 21.06
CA ALA B 616 0.73 -74.81 19.65
C ALA B 616 -0.31 -75.51 18.76
N PRO B 617 -1.57 -75.15 18.95
CA PRO B 617 -2.62 -75.80 18.22
C PRO B 617 -2.69 -75.35 16.78
N VAL B 618 -3.09 -76.25 15.89
CA VAL B 618 -3.62 -75.87 14.60
C VAL B 618 -4.99 -75.27 14.88
N SER B 619 -5.38 -74.24 14.14
CA SER B 619 -6.67 -73.62 14.35
C SER B 619 -7.57 -73.65 13.10
N ARG B 620 -6.96 -73.65 11.91
CA ARG B 620 -7.72 -73.91 10.69
C ARG B 620 -6.77 -74.40 9.61
N TRP B 621 -7.13 -75.52 8.99
CA TRP B 621 -6.22 -76.25 8.10
C TRP B 621 -5.60 -75.49 6.94
N GLU B 622 -6.25 -74.43 6.50
CA GLU B 622 -5.69 -73.60 5.45
C GLU B 622 -4.36 -72.95 5.86
N TYR B 623 -4.11 -72.84 7.16
CA TYR B 623 -2.85 -72.29 7.69
C TYR B 623 -1.70 -73.30 7.77
N TYR B 624 -2.03 -74.58 7.83
CA TYR B 624 -0.99 -75.59 7.98
C TYR B 624 -0.43 -75.97 6.61
N ASP B 625 0.71 -76.67 6.61
CA ASP B 625 1.43 -76.98 5.37
C ASP B 625 0.68 -77.92 4.47
N SER B 626 0.98 -77.84 3.17
CA SER B 626 0.23 -78.55 2.12
C SER B 626 0.42 -80.08 2.10
N VAL B 627 1.67 -80.55 2.06
CA VAL B 627 1.93 -81.98 2.01
C VAL B 627 1.13 -82.78 3.04
N TYR B 628 1.12 -82.28 4.28
CA TYR B 628 0.38 -82.94 5.35
C TYR B 628 -1.11 -82.75 5.20
N THR B 629 -1.55 -81.49 5.17
CA THR B 629 -2.96 -81.17 5.23
C THR B 629 -3.76 -81.77 4.09
N GLU B 630 -3.22 -81.66 2.88
CA GLU B 630 -3.91 -82.13 1.70
C GLU B 630 -3.91 -83.64 1.62
N ARG B 631 -2.92 -84.28 2.23
CA ARG B 631 -2.89 -85.75 2.27
C ARG B 631 -4.25 -86.28 2.75
N TYR B 632 -4.85 -85.55 3.70
CA TYR B 632 -6.10 -85.97 4.33
C TYR B 632 -7.31 -85.20 3.82
N MET B 633 -7.13 -83.94 3.42
CA MET B 633 -8.24 -83.04 3.08
C MET B 633 -8.43 -82.63 1.60
N GLY B 634 -7.46 -82.96 0.75
CA GLY B 634 -7.46 -82.49 -0.63
C GLY B 634 -7.30 -80.99 -0.66
N LEU B 635 -7.68 -80.34 -1.76
CA LEU B 635 -7.50 -78.90 -1.89
C LEU B 635 -8.68 -78.11 -1.38
N PRO B 636 -8.42 -76.93 -0.81
CA PRO B 636 -9.48 -76.05 -0.33
C PRO B 636 -10.09 -75.22 -1.45
N THR B 637 -10.70 -75.88 -2.43
CA THR B 637 -11.38 -75.19 -3.53
C THR B 637 -12.84 -75.66 -3.53
N PRO B 638 -13.73 -74.91 -4.15
CA PRO B 638 -15.14 -75.29 -4.22
C PRO B 638 -15.36 -76.60 -4.97
N GLU B 639 -14.60 -76.82 -6.04
CA GLU B 639 -14.72 -78.06 -6.81
C GLU B 639 -14.19 -79.30 -6.08
N ASP B 640 -13.45 -79.06 -4.99
CA ASP B 640 -12.87 -80.12 -4.17
C ASP B 640 -13.47 -80.12 -2.77
N ASN B 641 -12.70 -79.79 -1.74
CA ASN B 641 -13.13 -79.96 -0.35
C ASN B 641 -13.19 -78.71 0.54
N LEU B 642 -13.26 -77.53 -0.07
CA LEU B 642 -13.29 -76.26 0.67
C LEU B 642 -14.36 -76.19 1.75
N ASP B 643 -15.51 -76.82 1.52
CA ASP B 643 -16.57 -76.81 2.51
C ASP B 643 -16.11 -77.38 3.83
N HIS B 644 -15.44 -78.53 3.81
CA HIS B 644 -14.92 -79.14 5.02
C HIS B 644 -13.76 -78.37 5.65
N TYR B 645 -13.03 -77.58 4.86
CA TYR B 645 -11.98 -76.73 5.42
C TYR B 645 -12.66 -75.67 6.30
N ARG B 646 -13.67 -75.02 5.74
CA ARG B 646 -14.43 -73.96 6.42
C ARG B 646 -15.24 -74.44 7.62
N ASN B 647 -15.88 -75.59 7.44
CA ASN B 647 -16.68 -76.22 8.49
C ASN B 647 -15.85 -76.67 9.71
N SER B 648 -14.53 -76.78 9.58
CA SER B 648 -13.70 -77.41 10.63
C SER B 648 -12.71 -76.54 11.40
N THR B 649 -12.97 -75.24 11.52
CA THR B 649 -12.06 -74.35 12.24
C THR B 649 -12.38 -74.29 13.71
N VAL B 650 -11.40 -73.87 14.50
CA VAL B 650 -11.61 -73.64 15.93
C VAL B 650 -12.39 -72.36 16.17
N MET B 651 -12.09 -71.30 15.42
CA MET B 651 -12.74 -70.00 15.61
C MET B 651 -14.26 -69.98 15.40
N SER B 652 -14.81 -70.91 14.63
CA SER B 652 -16.26 -70.99 14.47
C SER B 652 -16.97 -71.38 15.75
N ARG B 653 -16.25 -72.00 16.68
CA ARG B 653 -16.83 -72.40 17.96
C ARG B 653 -16.56 -71.48 19.13
N ALA B 654 -16.02 -70.30 18.85
CA ALA B 654 -15.63 -69.37 19.91
C ALA B 654 -16.72 -69.22 20.96
N GLU B 655 -17.95 -69.05 20.50
CA GLU B 655 -19.08 -68.83 21.40
C GLU B 655 -19.20 -69.88 22.52
N ASN B 656 -18.98 -71.14 22.20
CA ASN B 656 -19.13 -72.20 23.21
C ASN B 656 -18.06 -72.26 24.28
N PHE B 657 -17.02 -71.44 24.16
CA PHE B 657 -15.91 -71.49 25.09
C PHE B 657 -16.33 -70.84 26.41
N LYS B 658 -17.44 -70.10 26.37
CA LYS B 658 -17.99 -69.47 27.56
C LYS B 658 -18.20 -70.43 28.72
N GLN B 659 -18.22 -71.72 28.43
CA GLN B 659 -18.50 -72.75 29.43
C GLN B 659 -17.30 -73.51 29.95
N VAL B 660 -16.09 -73.07 29.61
CA VAL B 660 -14.91 -73.82 30.02
C VAL B 660 -13.81 -72.86 30.43
N GLU B 661 -12.81 -73.35 31.15
CA GLU B 661 -11.59 -72.57 31.43
C GLU B 661 -10.53 -72.98 30.42
N TYR B 662 -10.08 -72.03 29.61
CA TYR B 662 -9.14 -72.32 28.52
C TYR B 662 -7.75 -71.73 28.72
N LEU B 663 -6.73 -72.53 28.42
CA LEU B 663 -5.34 -72.06 28.45
C LEU B 663 -4.66 -72.28 27.09
N LEU B 664 -4.26 -71.17 26.46
CA LEU B 664 -3.65 -71.17 25.14
C LEU B 664 -2.19 -70.83 25.27
N ILE B 665 -1.30 -71.64 24.69
CA ILE B 665 0.11 -71.36 24.73
C ILE B 665 0.75 -71.57 23.37
N HIS B 666 1.64 -70.66 22.96
CA HIS B 666 2.32 -70.77 21.68
C HIS B 666 3.65 -70.05 21.65
N GLY B 667 4.65 -70.69 21.05
CA GLY B 667 5.99 -70.08 20.89
C GLY B 667 5.96 -69.10 19.73
N THR B 668 6.61 -67.95 19.87
CA THR B 668 6.52 -66.91 18.85
C THR B 668 7.34 -67.23 17.61
N ALA B 669 8.36 -68.07 17.75
CA ALA B 669 9.18 -68.48 16.61
C ALA B 669 8.86 -69.91 16.13
N ASP B 670 7.59 -70.28 16.21
CA ASP B 670 7.11 -71.56 15.67
C ASP B 670 7.08 -71.44 14.15
N ASP B 671 7.94 -72.22 13.50
CA ASP B 671 8.00 -72.29 12.05
C ASP B 671 7.11 -73.41 11.47
N ASN B 672 6.59 -74.24 12.37
CA ASN B 672 5.78 -75.37 11.99
C ASN B 672 4.31 -75.05 12.07
N VAL B 673 3.79 -74.93 13.29
CA VAL B 673 2.43 -74.47 13.51
C VAL B 673 2.61 -73.01 13.85
N HIS B 674 2.45 -72.15 12.84
CA HIS B 674 2.79 -70.76 13.01
C HIS B 674 1.98 -70.09 14.09
N PHE B 675 2.59 -69.09 14.71
CA PHE B 675 1.93 -68.35 15.78
C PHE B 675 0.55 -67.88 15.30
N GLN B 676 0.50 -67.43 14.05
CA GLN B 676 -0.75 -67.07 13.35
C GLN B 676 -1.97 -67.86 13.83
N GLN B 677 -1.83 -69.17 13.93
CA GLN B 677 -2.94 -70.06 14.30
C GLN B 677 -3.57 -69.72 15.65
N SER B 678 -2.75 -69.65 16.69
CA SER B 678 -3.19 -69.22 18.02
C SER B 678 -3.64 -67.76 18.05
N ALA B 679 -2.92 -66.89 17.35
CA ALA B 679 -3.30 -65.48 17.27
C ALA B 679 -4.71 -65.29 16.74
N GLN B 680 -5.11 -66.15 15.79
CA GLN B 680 -6.45 -66.09 15.22
C GLN B 680 -7.56 -66.64 16.13
N ILE B 681 -7.22 -67.66 16.91
CA ILE B 681 -8.12 -68.15 17.94
C ILE B 681 -8.41 -67.06 18.95
N SER B 682 -7.34 -66.49 19.51
CA SER B 682 -7.45 -65.51 20.60
C SER B 682 -8.34 -64.35 20.19
N LYS B 683 -8.15 -63.88 18.97
CA LYS B 683 -8.95 -62.79 18.41
C LYS B 683 -10.42 -63.16 18.35
N ALA B 684 -10.71 -64.38 17.88
CA ALA B 684 -12.07 -64.89 17.78
C ALA B 684 -12.80 -64.95 19.11
N LEU B 685 -12.10 -65.40 20.14
CA LEU B 685 -12.64 -65.44 21.49
C LEU B 685 -12.86 -64.05 22.08
N VAL B 686 -11.96 -63.12 21.80
CA VAL B 686 -12.08 -61.77 22.30
C VAL B 686 -13.31 -61.10 21.72
N ASP B 687 -13.54 -61.33 20.43
CA ASP B 687 -14.64 -60.70 19.71
C ASP B 687 -16.02 -61.18 20.17
N VAL B 688 -16.04 -62.32 20.83
CA VAL B 688 -17.26 -62.94 21.30
C VAL B 688 -17.38 -62.79 22.82
N GLY B 689 -16.39 -62.13 23.41
CA GLY B 689 -16.41 -61.80 24.83
C GLY B 689 -16.16 -62.95 25.78
N VAL B 690 -15.35 -63.92 25.36
CA VAL B 690 -15.03 -65.07 26.19
C VAL B 690 -13.74 -64.83 26.94
N ASP B 691 -13.69 -65.19 28.22
CA ASP B 691 -12.44 -65.06 28.95
C ASP B 691 -11.60 -66.32 28.85
N PHE B 692 -10.29 -66.14 28.91
CA PHE B 692 -9.36 -67.27 28.86
C PHE B 692 -8.01 -66.68 29.25
N GLN B 693 -6.98 -67.51 29.38
CA GLN B 693 -5.62 -66.97 29.35
C GLN B 693 -4.77 -67.51 28.22
N ALA B 694 -4.00 -66.59 27.64
CA ALA B 694 -2.99 -66.88 26.66
C ALA B 694 -1.64 -66.84 27.38
N MET B 695 -0.61 -67.31 26.68
CA MET B 695 0.74 -67.28 27.19
C MET B 695 1.66 -67.51 25.99
N TRP B 696 2.43 -66.50 25.64
CA TRP B 696 3.38 -66.65 24.57
C TRP B 696 4.74 -67.06 25.15
N TYR B 697 5.62 -67.54 24.27
CA TYR B 697 6.98 -67.87 24.65
C TYR B 697 7.96 -67.25 23.63
N THR B 698 8.58 -66.16 24.04
CA THR B 698 9.43 -65.37 23.18
C THR B 698 10.49 -66.24 22.54
N ASP B 699 10.52 -66.26 21.21
CA ASP B 699 11.56 -66.93 20.46
C ASP B 699 11.63 -68.46 20.62
N GLU B 700 10.66 -69.05 21.30
CA GLU B 700 10.59 -70.50 21.35
C GLU B 700 9.89 -70.99 20.09
N ASP B 701 10.19 -72.21 19.69
CA ASP B 701 9.59 -72.79 18.50
C ASP B 701 8.59 -73.90 18.87
N HIS B 702 8.36 -74.81 17.93
CA HIS B 702 7.30 -75.79 18.09
C HIS B 702 7.56 -76.76 19.23
N GLY B 703 8.83 -76.92 19.59
CA GLY B 703 9.20 -77.76 20.72
C GLY B 703 9.01 -77.17 22.10
N ILE B 704 8.96 -75.84 22.18
CA ILE B 704 9.12 -75.12 23.48
C ILE B 704 10.14 -75.83 24.36
N ALA B 705 11.27 -76.16 23.76
CA ALA B 705 12.13 -77.21 24.25
C ALA B 705 13.41 -76.71 24.88
N SER B 706 13.63 -75.40 24.80
CA SER B 706 14.85 -74.83 25.34
C SER B 706 14.76 -75.15 26.80
N SER B 707 15.91 -75.22 27.46
CA SER B 707 15.98 -75.67 28.84
C SER B 707 15.05 -74.95 29.84
N THR B 708 15.13 -73.62 29.85
CA THR B 708 14.39 -72.82 30.82
C THR B 708 12.91 -72.69 30.48
N ALA B 709 12.59 -72.74 29.19
CA ALA B 709 11.20 -72.66 28.72
C ALA B 709 10.45 -73.92 29.07
N HIS B 710 11.10 -75.05 28.82
CA HIS B 710 10.53 -76.37 29.13
C HIS B 710 10.10 -76.45 30.59
N GLN B 711 11.00 -75.99 31.47
CA GLN B 711 10.70 -75.91 32.89
C GLN B 711 9.54 -74.99 33.19
N HIS B 712 9.54 -73.84 32.53
CA HIS B 712 8.56 -72.79 32.81
C HIS B 712 7.14 -73.18 32.38
N ILE B 713 7.02 -73.81 31.22
CA ILE B 713 5.71 -74.16 30.69
C ILE B 713 5.07 -75.27 31.52
N TYR B 714 5.83 -76.32 31.81
CA TYR B 714 5.28 -77.42 32.59
C TYR B 714 4.88 -76.95 34.00
N THR B 715 5.65 -76.03 34.57
CA THR B 715 5.25 -75.39 35.80
C THR B 715 3.93 -74.62 35.65
N HIS B 716 3.84 -73.75 34.63
CA HIS B 716 2.66 -72.92 34.43
C HIS B 716 1.39 -73.75 34.19
N MET B 717 1.54 -74.86 33.46
CA MET B 717 0.41 -75.77 33.22
C MET B 717 -0.02 -76.50 34.47
N SER B 718 0.95 -77.03 35.22
CA SER B 718 0.68 -77.73 36.47
C SER B 718 -0.17 -76.89 37.41
N HIS B 719 0.32 -75.67 37.70
CA HIS B 719 -0.44 -74.73 38.52
C HIS B 719 -1.88 -74.52 37.97
N PHE B 720 -2.03 -74.37 36.66
CA PHE B 720 -3.37 -74.16 36.03
C PHE B 720 -4.36 -75.31 36.24
N ILE B 721 -3.87 -76.53 36.07
CA ILE B 721 -4.67 -77.73 36.26
C ILE B 721 -5.06 -77.90 37.72
N LYS B 722 -4.08 -77.70 38.61
CA LYS B 722 -4.29 -77.86 40.06
C LYS B 722 -5.40 -76.93 40.49
N GLN B 723 -5.30 -75.68 40.07
CA GLN B 723 -6.29 -74.67 40.37
C GLN B 723 -7.67 -74.98 39.79
N CYS B 724 -7.70 -75.48 38.57
CA CYS B 724 -8.96 -75.83 37.92
C CYS B 724 -9.61 -77.07 38.57
N PHE B 725 -8.78 -77.93 39.16
CA PHE B 725 -9.26 -79.11 39.88
C PHE B 725 -9.39 -78.92 41.40
N SER B 726 -9.26 -77.69 41.87
CA SER B 726 -9.29 -77.39 43.31
C SER B 726 -8.32 -78.21 44.16
N LEU B 727 -7.11 -78.44 43.65
CA LEU B 727 -6.07 -79.17 44.39
C LEU B 727 -5.15 -78.24 45.21
N PRO B 728 -4.51 -78.75 46.26
CA PRO B 728 -3.71 -77.93 47.17
C PRO B 728 -2.25 -77.76 46.72
N SER C 1 26.62 61.03 -51.56
CA SER C 1 27.80 61.88 -51.22
C SER C 1 28.35 61.53 -49.80
N ARG C 2 27.98 62.32 -48.79
CA ARG C 2 28.55 62.14 -47.44
C ARG C 2 27.62 61.25 -46.59
N LYS C 3 27.32 61.69 -45.37
CA LYS C 3 26.34 61.03 -44.51
C LYS C 3 25.12 61.92 -44.25
N THR C 4 24.06 61.31 -43.74
CA THR C 4 22.78 62.01 -43.56
C THR C 4 22.53 62.35 -42.12
N TYR C 5 21.48 63.13 -41.89
CA TYR C 5 20.99 63.45 -40.55
C TYR C 5 20.16 62.26 -40.06
N THR C 6 20.72 61.50 -39.14
CA THR C 6 20.13 60.24 -38.75
C THR C 6 19.23 60.40 -37.53
N LEU C 7 18.49 59.35 -37.21
CA LEU C 7 17.58 59.40 -36.08
C LEU C 7 18.35 59.62 -34.79
N THR C 8 19.53 58.99 -34.68
CA THR C 8 20.38 59.20 -33.51
C THR C 8 20.91 60.63 -33.39
N ASP C 9 21.24 61.23 -34.53
CA ASP C 9 21.66 62.65 -34.57
C ASP C 9 20.62 63.56 -33.91
N TYR C 10 19.35 63.21 -34.09
CA TYR C 10 18.24 63.94 -33.50
C TYR C 10 18.11 63.58 -32.03
N LEU C 11 17.96 62.28 -31.76
CA LEU C 11 17.67 61.80 -30.41
C LEU C 11 18.81 61.99 -29.43
N LYS C 12 20.03 61.73 -29.89
CA LYS C 12 21.21 61.93 -29.04
C LYS C 12 21.69 63.38 -29.11
N ASN C 13 21.15 64.12 -30.07
CA ASN C 13 21.38 65.56 -30.16
C ASN C 13 22.83 65.95 -30.53
N THR C 14 23.37 65.28 -31.55
CA THR C 14 24.78 65.48 -31.90
C THR C 14 25.07 66.84 -32.54
N TYR C 15 24.08 67.46 -33.16
CA TYR C 15 24.28 68.79 -33.75
C TYR C 15 23.60 69.87 -32.94
N ARG C 16 24.39 70.51 -32.08
CA ARG C 16 23.88 71.51 -31.15
C ARG C 16 23.90 72.91 -31.72
N LEU C 17 22.79 73.64 -31.55
CA LEU C 17 22.74 75.06 -31.85
C LEU C 17 23.26 75.83 -30.64
N LYS C 18 24.02 76.89 -30.90
CA LYS C 18 24.50 77.73 -29.79
C LYS C 18 23.59 78.94 -29.63
N LEU C 19 23.47 79.41 -28.39
CA LEU C 19 22.59 80.52 -28.06
C LEU C 19 23.44 81.68 -27.57
N TYR C 20 22.78 82.75 -27.16
CA TYR C 20 23.48 83.83 -26.50
C TYR C 20 22.51 84.50 -25.53
N SER C 21 22.25 83.81 -24.42
CA SER C 21 21.31 84.30 -23.42
C SER C 21 22.00 85.34 -22.55
N LEU C 22 21.63 86.59 -22.74
CA LEU C 22 22.12 87.66 -21.90
C LEU C 22 20.97 88.19 -21.07
N ARG C 23 21.31 88.76 -19.91
CA ARG C 23 20.31 89.35 -19.06
C ARG C 23 20.76 90.77 -18.76
N TRP C 24 20.04 91.74 -19.31
CA TRP C 24 20.37 93.15 -19.12
C TRP C 24 20.24 93.55 -17.66
N ILE C 25 21.25 94.24 -17.14
CA ILE C 25 21.18 94.73 -15.75
C ILE C 25 21.13 96.25 -15.65
N SER C 26 21.55 96.95 -16.69
CA SER C 26 21.51 98.38 -16.67
C SER C 26 21.23 98.94 -18.05
N ASP C 27 21.50 100.24 -18.17
CA ASP C 27 21.41 100.96 -19.41
C ASP C 27 22.42 100.44 -20.43
N HIS C 28 23.58 100.03 -19.94
CA HIS C 28 24.71 99.69 -20.80
C HIS C 28 25.45 98.41 -20.42
N GLU C 29 24.93 97.66 -19.46
CA GLU C 29 25.60 96.43 -19.03
C GLU C 29 24.67 95.23 -19.02
N TYR C 30 25.24 94.06 -19.28
CA TYR C 30 24.46 92.82 -19.24
C TYR C 30 25.28 91.69 -18.64
N LEU C 31 24.62 90.60 -18.27
CA LEU C 31 25.31 89.43 -17.74
C LEU C 31 25.22 88.27 -18.71
N TYR C 32 26.27 87.47 -18.74
CA TYR C 32 26.32 86.32 -19.63
C TYR C 32 27.13 85.20 -19.00
N LYS C 33 26.66 83.96 -19.18
CA LYS C 33 27.30 82.76 -18.62
C LYS C 33 28.34 82.28 -19.62
N GLN C 34 29.40 81.65 -19.12
CA GLN C 34 30.52 81.31 -19.97
C GLN C 34 30.97 79.86 -19.81
N GLU C 35 31.90 79.64 -18.89
CA GLU C 35 32.42 78.30 -18.63
C GLU C 35 31.83 77.94 -17.27
N ASN C 36 30.57 78.31 -17.03
CA ASN C 36 30.07 78.36 -15.65
C ASN C 36 30.56 79.58 -14.86
N ASN C 37 30.90 80.66 -15.55
CA ASN C 37 31.21 81.92 -14.87
C ASN C 37 30.28 82.99 -15.40
N ILE C 38 29.60 83.67 -14.49
CA ILE C 38 28.77 84.81 -14.88
C ILE C 38 29.70 86.00 -15.04
N LEU C 39 29.72 86.54 -16.25
CA LEU C 39 30.52 87.71 -16.57
C LEU C 39 29.59 88.87 -16.84
N VAL C 40 30.11 90.07 -16.63
CA VAL C 40 29.38 91.27 -16.98
C VAL C 40 30.07 91.92 -18.17
N PHE C 41 29.29 92.26 -19.19
CA PHE C 41 29.83 92.85 -20.40
C PHE C 41 29.46 94.31 -20.49
N ASN C 42 30.36 95.09 -21.05
CA ASN C 42 30.11 96.51 -21.35
C ASN C 42 29.57 96.65 -22.77
N ALA C 43 28.30 97.03 -22.87
CA ALA C 43 27.59 97.07 -24.16
C ALA C 43 28.34 97.84 -25.23
N GLU C 44 28.84 99.02 -24.87
CA GLU C 44 29.54 99.90 -25.80
C GLU C 44 30.82 99.22 -26.32
N TYR C 45 31.72 98.88 -25.40
CA TYR C 45 33.08 98.47 -25.77
C TYR C 45 33.28 96.96 -25.93
N GLY C 46 32.41 96.15 -25.34
CA GLY C 46 32.50 94.70 -25.49
C GLY C 46 33.46 94.06 -24.52
N ASN C 47 34.20 94.88 -23.76
CA ASN C 47 35.09 94.36 -22.72
C ASN C 47 34.24 93.77 -21.60
N SER C 48 34.82 92.87 -20.81
CA SER C 48 34.07 92.17 -19.78
C SER C 48 34.83 91.82 -18.52
N SER C 49 34.19 92.04 -17.37
CA SER C 49 34.72 91.63 -16.07
C SER C 49 34.07 90.33 -15.60
N VAL C 50 34.80 89.57 -14.79
CA VAL C 50 34.25 88.39 -14.10
C VAL C 50 33.38 88.89 -12.93
N PHE C 51 32.12 88.46 -12.90
CA PHE C 51 31.18 88.88 -11.85
C PHE C 51 31.18 87.89 -10.70
N LEU C 52 31.22 86.61 -11.03
CA LEU C 52 31.22 85.55 -10.03
C LEU C 52 31.74 84.26 -10.68
N GLU C 53 32.55 83.52 -9.94
CA GLU C 53 33.30 82.39 -10.50
C GLU C 53 32.64 81.04 -10.22
N ASN C 54 32.92 80.06 -11.08
CA ASN C 54 32.48 78.69 -10.84
C ASN C 54 33.10 78.07 -9.59
N SER C 55 34.20 78.65 -9.12
CA SER C 55 34.83 78.24 -7.86
C SER C 55 33.86 78.45 -6.69
N THR C 56 33.32 79.66 -6.60
CA THR C 56 32.55 80.10 -5.44
C THR C 56 31.72 78.98 -4.82
N PHE C 57 30.95 78.27 -5.66
CA PHE C 57 29.97 77.30 -5.16
C PHE C 57 30.32 75.82 -5.30
N ASP C 58 31.61 75.53 -5.27
CA ASP C 58 32.10 74.14 -5.33
C ASP C 58 31.63 73.34 -4.12
N GLU C 59 31.85 73.87 -2.92
CA GLU C 59 31.27 73.30 -1.70
C GLU C 59 30.06 74.11 -1.29
N PHE C 60 28.99 73.99 -2.07
CA PHE C 60 27.68 74.48 -1.66
C PHE C 60 26.99 73.32 -0.94
N GLY C 61 27.30 72.10 -1.35
CA GLY C 61 26.67 70.91 -0.80
C GLY C 61 25.63 70.36 -1.74
N HIS C 62 24.89 71.27 -2.38
CA HIS C 62 23.81 70.90 -3.28
C HIS C 62 24.13 71.25 -4.72
N SER C 63 23.43 70.57 -5.62
CA SER C 63 23.51 70.86 -7.04
C SER C 63 22.64 72.07 -7.36
N ILE C 64 23.28 73.16 -7.79
CA ILE C 64 22.57 74.43 -8.05
C ILE C 64 21.89 74.39 -9.42
N ASN C 65 20.59 74.70 -9.41
CA ASN C 65 19.77 74.61 -10.61
C ASN C 65 19.72 75.93 -11.40
N ASP C 66 19.70 77.05 -10.69
CA ASP C 66 19.54 78.36 -11.34
C ASP C 66 19.89 79.52 -10.41
N TYR C 67 20.49 80.56 -10.99
CA TYR C 67 20.83 81.77 -10.26
C TYR C 67 19.70 82.80 -10.36
N SER C 68 19.86 83.94 -9.70
CA SER C 68 18.97 85.09 -9.90
C SER C 68 19.46 86.26 -9.05
N ILE C 69 19.84 87.35 -9.70
CA ILE C 69 20.59 88.40 -9.01
C ILE C 69 19.80 89.66 -8.73
N SER C 70 19.72 90.05 -7.45
CA SER C 70 18.94 91.23 -7.05
C SER C 70 19.31 92.42 -7.93
N PRO C 71 18.33 93.21 -8.36
CA PRO C 71 18.56 94.38 -9.20
C PRO C 71 19.73 95.25 -8.79
N ASP C 72 19.83 95.54 -7.49
CA ASP C 72 20.91 96.36 -6.96
C ASP C 72 22.27 95.63 -6.85
N GLY C 73 22.42 94.49 -7.51
CA GLY C 73 23.71 93.79 -7.60
C GLY C 73 24.33 93.25 -6.32
N GLN C 74 23.71 93.52 -5.17
CA GLN C 74 24.26 93.17 -3.87
C GLN C 74 24.09 91.73 -3.44
N PHE C 75 23.01 91.09 -3.88
CA PHE C 75 22.72 89.71 -3.50
C PHE C 75 22.45 88.80 -4.69
N ILE C 76 22.57 87.51 -4.45
CA ILE C 76 22.37 86.51 -5.50
C ILE C 76 21.59 85.34 -4.92
N LEU C 77 20.55 84.94 -5.64
CA LEU C 77 19.61 83.94 -5.16
C LEU C 77 19.91 82.61 -5.84
N LEU C 78 19.90 81.53 -5.06
CA LEU C 78 20.28 80.21 -5.56
C LEU C 78 19.20 79.16 -5.42
N GLU C 79 18.86 78.54 -6.55
CA GLU C 79 17.73 77.62 -6.62
C GLU C 79 18.24 76.18 -6.67
N TYR C 80 17.80 75.36 -5.73
CA TYR C 80 18.11 73.92 -5.76
C TYR C 80 16.88 73.12 -5.39
N ASN C 81 16.99 71.80 -5.49
CA ASN C 81 15.89 70.87 -5.18
C ASN C 81 14.68 71.15 -6.05
N TYR C 82 14.95 71.56 -7.29
CA TYR C 82 13.91 71.82 -8.26
C TYR C 82 13.07 70.56 -8.42
N VAL C 83 11.76 70.72 -8.38
CA VAL C 83 10.82 69.61 -8.61
C VAL C 83 9.67 70.13 -9.45
N LYS C 84 9.60 69.65 -10.69
CA LYS C 84 8.61 70.17 -11.64
C LYS C 84 7.18 69.83 -11.27
N GLN C 85 6.28 70.76 -11.56
CA GLN C 85 4.84 70.51 -11.47
C GLN C 85 4.14 70.47 -12.85
N TRP C 86 3.47 71.55 -13.23
CA TRP C 86 2.81 71.63 -14.54
C TRP C 86 3.74 72.34 -15.53
N ARG C 87 3.14 72.93 -16.56
CA ARG C 87 3.93 73.59 -17.58
C ARG C 87 4.99 74.53 -17.02
N HIS C 88 4.58 75.47 -16.17
CA HIS C 88 5.51 76.47 -15.61
C HIS C 88 5.67 76.42 -14.09
N SER C 89 4.78 75.70 -13.43
CA SER C 89 4.85 75.58 -11.98
C SER C 89 5.93 74.57 -11.56
N TYR C 90 6.50 74.82 -10.38
CA TYR C 90 7.40 73.86 -9.71
C TYR C 90 7.66 74.35 -8.29
N THR C 91 8.34 73.54 -7.51
CA THR C 91 8.84 73.95 -6.19
C THR C 91 10.33 73.73 -6.06
N ALA C 92 10.92 74.46 -5.12
CA ALA C 92 12.36 74.46 -4.98
C ALA C 92 12.74 74.90 -3.59
N SER C 93 14.03 74.71 -3.28
CA SER C 93 14.63 75.23 -2.05
C SER C 93 15.55 76.36 -2.51
N TYR C 94 15.80 77.30 -1.60
CA TYR C 94 16.48 78.55 -1.97
C TYR C 94 17.50 79.03 -0.93
N ASP C 95 18.60 79.60 -1.42
CA ASP C 95 19.62 80.19 -0.55
C ASP C 95 20.07 81.53 -1.13
N ILE C 96 20.16 82.53 -0.25
CA ILE C 96 20.64 83.87 -0.63
C ILE C 96 22.11 84.04 -0.27
N TYR C 97 22.86 84.70 -1.13
CA TYR C 97 24.29 84.88 -0.89
C TYR C 97 24.66 86.35 -1.02
N ASP C 98 25.27 86.88 0.02
CA ASP C 98 25.67 88.31 0.08
C ASP C 98 27.01 88.52 -0.63
N LEU C 99 26.98 89.27 -1.71
CA LEU C 99 28.15 89.47 -2.57
C LEU C 99 29.18 90.44 -2.01
N ASN C 100 28.80 91.22 -1.00
CA ASN C 100 29.74 92.11 -0.33
C ASN C 100 30.59 91.32 0.68
N LYS C 101 29.92 90.78 1.71
CA LYS C 101 30.59 89.94 2.70
C LYS C 101 30.78 88.48 2.26
N ARG C 102 31.00 88.28 0.96
CA ARG C 102 31.23 86.96 0.37
C ARG C 102 30.70 85.73 1.12
N GLN C 103 29.41 85.72 1.44
CA GLN C 103 28.84 84.66 2.27
C GLN C 103 27.36 84.34 2.10
N LEU C 104 26.99 83.15 2.58
CA LEU C 104 25.61 82.68 2.55
C LEU C 104 24.86 83.19 3.77
N ILE C 105 23.63 83.64 3.57
CA ILE C 105 22.76 84.09 4.66
C ILE C 105 22.27 82.83 5.38
N THR C 106 22.58 82.71 6.67
CA THR C 106 22.35 81.46 7.40
C THR C 106 21.08 81.39 8.23
N GLU C 107 20.49 82.55 8.53
CA GLU C 107 19.29 82.58 9.39
C GLU C 107 18.17 83.40 8.74
N GLU C 108 16.95 83.16 9.21
CA GLU C 108 15.75 83.69 8.58
C GLU C 108 15.77 83.35 7.09
N ARG C 109 15.78 82.05 6.79
CA ARG C 109 15.89 81.57 5.42
C ARG C 109 14.57 81.26 4.77
N ILE C 110 14.60 81.05 3.47
CA ILE C 110 13.40 80.74 2.71
C ILE C 110 13.12 79.24 2.86
N PRO C 111 11.85 78.89 3.07
CA PRO C 111 11.48 77.51 3.33
C PRO C 111 11.75 76.58 2.16
N ASN C 112 12.03 75.32 2.47
CA ASN C 112 12.02 74.27 1.45
C ASN C 112 10.59 74.23 0.92
N ASN C 113 10.42 73.76 -0.32
CA ASN C 113 9.09 73.68 -0.95
C ASN C 113 8.41 75.03 -1.18
N THR C 114 9.21 76.02 -1.52
CA THR C 114 8.69 77.33 -1.90
C THR C 114 8.18 77.19 -3.32
N GLN C 115 7.10 77.88 -3.63
CA GLN C 115 6.38 77.71 -4.89
C GLN C 115 6.70 78.81 -5.91
N TRP C 116 7.01 80.01 -5.40
CA TRP C 116 7.47 81.13 -6.23
C TRP C 116 8.30 82.14 -5.41
N VAL C 117 9.35 82.68 -6.02
CA VAL C 117 10.15 83.74 -5.40
C VAL C 117 10.36 84.79 -6.46
N THR C 118 10.42 86.04 -6.03
CA THR C 118 10.77 87.12 -6.95
C THR C 118 11.44 88.27 -6.18
N TRP C 119 12.47 88.86 -6.78
CA TRP C 119 13.07 90.08 -6.25
C TRP C 119 12.14 91.25 -6.57
N SER C 120 12.30 92.36 -5.86
CA SER C 120 11.65 93.59 -6.27
C SER C 120 12.40 94.12 -7.50
N PRO C 121 11.76 95.00 -8.27
CA PRO C 121 12.36 95.53 -9.49
C PRO C 121 13.57 96.44 -9.25
N VAL C 122 13.67 97.00 -8.06
CA VAL C 122 14.88 97.73 -7.63
C VAL C 122 15.18 97.36 -6.18
N GLY C 123 16.46 97.42 -5.82
CA GLY C 123 16.88 97.09 -4.45
C GLY C 123 16.99 95.59 -4.26
N HIS C 124 16.69 95.12 -3.05
CA HIS C 124 16.78 93.69 -2.72
C HIS C 124 15.62 93.14 -1.86
N LYS C 125 14.44 93.74 -2.03
CA LYS C 125 13.25 93.21 -1.38
C LYS C 125 12.91 91.87 -2.03
N LEU C 126 12.29 90.99 -1.26
CA LEU C 126 11.90 89.68 -1.73
C LEU C 126 10.46 89.39 -1.40
N ALA C 127 9.78 88.74 -2.33
CA ALA C 127 8.44 88.23 -2.06
C ALA C 127 8.47 86.77 -2.45
N TYR C 128 7.86 85.91 -1.64
CA TYR C 128 7.78 84.50 -1.98
C TYR C 128 6.45 83.89 -1.57
N VAL C 129 6.12 82.76 -2.19
CA VAL C 129 4.88 82.05 -1.88
C VAL C 129 5.23 80.70 -1.27
N TRP C 130 4.60 80.38 -0.15
CA TRP C 130 4.86 79.13 0.54
C TRP C 130 3.58 78.64 1.19
N ASN C 131 3.19 77.40 0.84
CA ASN C 131 1.90 76.83 1.23
C ASN C 131 0.73 77.73 0.86
N ASN C 132 0.80 78.32 -0.33
CA ASN C 132 -0.30 79.12 -0.89
C ASN C 132 -0.55 80.48 -0.22
N ASP C 133 0.45 80.97 0.51
CA ASP C 133 0.37 82.26 1.17
C ASP C 133 1.59 83.09 0.77
N ILE C 134 1.45 84.41 0.87
CA ILE C 134 2.50 85.32 0.47
C ILE C 134 3.30 85.83 1.67
N TYR C 135 4.61 85.94 1.47
CA TYR C 135 5.51 86.45 2.49
C TYR C 135 6.45 87.47 1.88
N VAL C 136 6.88 88.43 2.69
CA VAL C 136 7.82 89.44 2.24
C VAL C 136 9.05 89.62 3.16
N LYS C 137 10.23 89.60 2.53
CA LYS C 137 11.46 89.98 3.21
C LYS C 137 11.91 91.34 2.70
N ILE C 138 12.05 92.29 3.61
CA ILE C 138 12.57 93.60 3.25
C ILE C 138 14.07 93.49 3.07
N GLU C 139 14.70 92.74 3.98
CA GLU C 139 16.14 92.47 3.90
C GLU C 139 16.35 90.96 3.92
N PRO C 140 17.25 90.48 3.07
CA PRO C 140 17.58 89.05 3.01
C PRO C 140 17.70 88.31 4.35
N ASN C 141 18.39 88.95 5.31
CA ASN C 141 18.67 88.33 6.61
C ASN C 141 17.62 88.56 7.72
N LEU C 142 16.73 89.53 7.54
CA LEU C 142 15.67 89.80 8.51
C LEU C 142 14.52 88.82 8.33
N PRO C 143 13.63 88.72 9.32
CA PRO C 143 12.46 87.84 9.22
C PRO C 143 11.44 88.33 8.19
N SER C 144 10.69 87.39 7.63
CA SER C 144 9.70 87.73 6.64
C SER C 144 8.32 88.03 7.23
N TYR C 145 7.62 88.98 6.60
CA TYR C 145 6.29 89.39 7.05
C TYR C 145 5.26 88.54 6.30
N ARG C 146 4.30 87.97 7.03
CA ARG C 146 3.23 87.23 6.40
C ARG C 146 2.14 88.15 5.89
N ILE C 147 1.77 88.01 4.62
CA ILE C 147 0.75 88.88 4.02
C ILE C 147 -0.65 88.24 4.01
N THR C 148 -0.73 87.00 3.55
CA THR C 148 -2.02 86.32 3.45
C THR C 148 -2.07 85.17 4.43
N TRP C 149 -3.26 84.87 4.95
CA TRP C 149 -3.44 83.78 5.91
C TRP C 149 -4.49 82.75 5.48
N THR C 150 -4.98 82.86 4.24
CA THR C 150 -6.10 82.02 3.77
C THR C 150 -5.67 80.86 2.89
N GLY C 151 -4.37 80.83 2.58
CA GLY C 151 -3.83 79.85 1.65
C GLY C 151 -4.16 78.42 2.03
N LYS C 152 -4.66 77.66 1.08
CA LYS C 152 -5.06 76.28 1.34
C LYS C 152 -4.95 75.40 0.09
N GLU C 153 -4.27 74.27 0.26
CA GLU C 153 -3.92 73.42 -0.85
C GLU C 153 -5.13 73.00 -1.67
N ASP C 154 -5.02 73.18 -2.98
CA ASP C 154 -6.11 72.88 -3.93
C ASP C 154 -7.42 73.65 -3.74
N ILE C 155 -7.40 74.71 -2.94
CA ILE C 155 -8.59 75.52 -2.68
C ILE C 155 -8.35 77.02 -2.83
N ILE C 156 -7.42 77.55 -2.03
CA ILE C 156 -7.14 78.98 -2.06
C ILE C 156 -5.72 79.22 -2.51
N TYR C 157 -5.55 79.99 -3.56
CA TYR C 157 -4.22 80.31 -4.09
C TYR C 157 -3.95 81.79 -3.92
N ASN C 158 -2.94 82.12 -3.11
CA ASN C 158 -2.57 83.52 -2.90
C ASN C 158 -1.22 83.79 -3.55
N GLY C 159 -1.23 84.56 -4.64
CA GLY C 159 0.01 84.96 -5.34
C GLY C 159 0.54 84.00 -6.41
N ILE C 160 -0.13 82.85 -6.54
CA ILE C 160 0.18 81.88 -7.60
C ILE C 160 -1.12 81.43 -8.28
N THR C 161 -1.01 81.01 -9.54
CA THR C 161 -2.19 80.65 -10.31
C THR C 161 -2.58 79.22 -10.03
N ASP C 162 -3.86 78.92 -10.24
CA ASP C 162 -4.35 77.54 -10.22
C ASP C 162 -4.00 76.88 -11.55
N TRP C 163 -4.58 75.73 -11.86
CA TRP C 163 -4.19 75.00 -13.06
C TRP C 163 -4.51 75.74 -14.35
N VAL C 164 -5.77 76.13 -14.49
CA VAL C 164 -6.27 76.71 -15.72
C VAL C 164 -5.80 78.16 -15.94
N TYR C 165 -5.59 78.90 -14.86
CA TYR C 165 -5.00 80.24 -15.01
C TYR C 165 -3.52 80.16 -15.43
N GLU C 166 -2.80 79.16 -14.93
CA GLU C 166 -1.40 78.94 -15.30
C GLU C 166 -1.25 78.61 -16.79
N GLU C 167 -2.06 77.65 -17.22
CA GLU C 167 -1.95 77.13 -18.57
C GLU C 167 -2.56 78.03 -19.63
N GLU C 168 -3.80 78.47 -19.38
CA GLU C 168 -4.61 79.16 -20.38
C GLU C 168 -4.67 80.69 -20.36
N VAL C 169 -4.33 81.32 -19.24
CA VAL C 169 -4.38 82.80 -19.22
C VAL C 169 -3.04 83.47 -18.99
N PHE C 170 -2.42 83.29 -17.83
CA PHE C 170 -1.18 84.02 -17.55
C PHE C 170 0.09 83.41 -18.10
N SER C 171 0.05 82.15 -18.53
CA SER C 171 1.24 81.43 -19.01
C SER C 171 2.39 81.48 -18.01
N ALA C 172 2.04 81.57 -16.74
CA ALA C 172 3.03 81.64 -15.68
C ALA C 172 2.41 81.02 -14.44
N TYR C 173 3.25 80.66 -13.47
CA TYR C 173 2.77 80.22 -12.16
C TYR C 173 2.53 81.43 -11.27
N SER C 174 3.37 82.44 -11.49
CA SER C 174 3.37 83.62 -10.65
C SER C 174 2.14 84.47 -10.86
N ALA C 175 1.45 84.78 -9.76
CA ALA C 175 0.35 85.74 -9.79
C ALA C 175 0.59 86.84 -8.78
N LEU C 176 1.76 87.45 -8.84
CA LEU C 176 2.01 88.70 -8.12
C LEU C 176 2.87 89.68 -8.91
N TRP C 177 2.67 90.97 -8.65
CA TRP C 177 3.25 92.05 -9.46
C TRP C 177 3.72 93.22 -8.62
N TRP C 178 5.03 93.45 -8.64
CA TRP C 178 5.61 94.57 -7.90
C TRP C 178 5.27 95.86 -8.63
N SER C 179 5.17 96.97 -7.91
CA SER C 179 5.12 98.27 -8.55
C SER C 179 6.57 98.59 -9.00
N PRO C 180 6.74 99.53 -9.92
CA PRO C 180 8.04 99.79 -10.51
C PRO C 180 9.22 100.03 -9.55
N ASN C 181 9.05 100.91 -8.57
CA ASN C 181 10.10 101.14 -7.56
C ASN C 181 10.02 100.21 -6.34
N GLY C 182 9.01 99.35 -6.33
CA GLY C 182 8.91 98.30 -5.30
C GLY C 182 8.19 98.68 -4.02
N THR C 183 7.46 99.78 -4.04
CA THR C 183 6.67 100.19 -2.88
C THR C 183 5.58 99.16 -2.67
N PHE C 184 4.81 98.92 -3.73
CA PHE C 184 3.58 98.12 -3.65
C PHE C 184 3.75 96.70 -4.21
N LEU C 185 3.01 95.77 -3.61
CA LEU C 185 2.93 94.40 -4.10
C LEU C 185 1.49 94.04 -4.43
N ALA C 186 1.16 93.96 -5.72
CA ALA C 186 -0.18 93.55 -6.13
C ALA C 186 -0.20 92.05 -6.28
N TYR C 187 -1.37 91.45 -6.08
CA TYR C 187 -1.49 90.00 -6.18
C TYR C 187 -2.92 89.53 -6.38
N ALA C 188 -3.04 88.34 -6.94
CA ALA C 188 -4.34 87.76 -7.21
C ALA C 188 -4.61 86.64 -6.24
N GLN C 189 -5.89 86.39 -6.01
CA GLN C 189 -6.31 85.25 -5.19
C GLN C 189 -7.37 84.42 -5.93
N PHE C 190 -7.05 83.15 -6.10
CA PHE C 190 -7.95 82.28 -6.80
C PHE C 190 -8.61 81.30 -5.84
N ASN C 191 -9.93 81.18 -5.96
CA ASN C 191 -10.73 80.32 -5.10
C ASN C 191 -11.28 79.17 -5.95
N ASP C 192 -10.75 77.98 -5.73
CA ASP C 192 -11.16 76.79 -6.49
C ASP C 192 -12.18 75.89 -5.79
N THR C 193 -12.82 76.42 -4.76
CA THR C 193 -13.66 75.62 -3.90
C THR C 193 -14.57 74.64 -4.61
N GLU C 194 -15.34 75.11 -5.59
CA GLU C 194 -16.29 74.22 -6.29
C GLU C 194 -15.88 73.77 -7.68
N VAL C 195 -14.59 73.87 -7.97
CA VAL C 195 -14.06 73.40 -9.24
C VAL C 195 -13.91 71.88 -9.15
N PRO C 196 -14.58 71.15 -10.04
CA PRO C 196 -14.50 69.71 -10.05
C PRO C 196 -13.06 69.20 -10.13
N LEU C 197 -12.86 67.96 -9.70
CA LEU C 197 -11.54 67.35 -9.76
C LEU C 197 -11.40 66.34 -10.89
N ILE C 198 -10.27 66.43 -11.59
CA ILE C 198 -9.89 65.41 -12.53
C ILE C 198 -9.03 64.44 -11.71
N GLU C 199 -9.23 63.14 -11.91
CA GLU C 199 -8.40 62.15 -11.22
C GLU C 199 -7.87 61.02 -12.10
N TYR C 200 -6.62 60.68 -11.87
CA TYR C 200 -5.94 59.70 -12.68
C TYR C 200 -4.89 59.01 -11.82
N SER C 201 -4.54 57.78 -12.19
CA SER C 201 -3.59 56.99 -11.44
C SER C 201 -2.16 57.36 -11.78
N PHE C 202 -1.29 57.28 -10.78
CA PHE C 202 0.14 57.47 -10.98
C PHE C 202 0.86 56.29 -10.34
N TYR C 203 1.75 55.65 -11.11
CA TYR C 203 2.32 54.37 -10.69
C TYR C 203 3.64 54.42 -9.93
N SER C 204 4.47 55.40 -10.26
CA SER C 204 5.72 55.60 -9.54
C SER C 204 6.74 54.49 -9.78
N ASP C 205 7.77 54.42 -8.94
CA ASP C 205 8.76 53.35 -9.06
C ASP C 205 8.08 52.03 -8.76
N GLU C 206 8.63 50.94 -9.29
CA GLU C 206 8.00 49.63 -9.10
C GLU C 206 7.91 49.27 -7.61
N SER C 207 8.72 49.94 -6.80
CA SER C 207 8.70 49.74 -5.34
C SER C 207 7.38 50.12 -4.69
N LEU C 208 6.56 50.90 -5.38
CA LEU C 208 5.30 51.41 -4.80
C LEU C 208 4.14 50.41 -5.03
N GLN C 209 3.73 49.76 -3.95
CA GLN C 209 2.79 48.64 -4.02
C GLN C 209 1.37 48.99 -4.51
N TYR C 210 0.81 50.04 -3.96
CA TYR C 210 -0.48 50.55 -4.42
C TYR C 210 -0.36 51.87 -5.21
N PRO C 211 -0.98 51.95 -6.38
CA PRO C 211 -0.87 53.13 -7.21
C PRO C 211 -1.51 54.34 -6.53
N LYS C 212 -0.99 55.52 -6.85
CA LYS C 212 -1.48 56.77 -6.29
C LYS C 212 -2.55 57.36 -7.22
N THR C 213 -3.53 58.05 -6.66
CA THR C 213 -4.51 58.76 -7.46
C THR C 213 -4.22 60.24 -7.37
N VAL C 214 -3.63 60.80 -8.42
CA VAL C 214 -3.48 62.24 -8.50
C VAL C 214 -4.86 62.82 -8.70
N ARG C 215 -5.20 63.86 -7.96
CA ARG C 215 -6.45 64.57 -8.17
C ARG C 215 -6.23 66.07 -8.20
N VAL C 216 -6.81 66.71 -9.21
CA VAL C 216 -6.51 68.12 -9.56
C VAL C 216 -7.78 68.92 -9.92
N PRO C 217 -7.89 70.12 -9.37
CA PRO C 217 -8.98 71.02 -9.74
C PRO C 217 -8.79 71.48 -11.17
N TYR C 218 -9.80 71.22 -11.99
CA TYR C 218 -9.71 71.40 -13.43
C TYR C 218 -11.11 71.51 -14.01
N PRO C 219 -11.46 72.69 -14.51
CA PRO C 219 -12.79 72.94 -15.06
C PRO C 219 -12.86 72.57 -16.52
N LYS C 220 -13.54 71.47 -16.82
CA LYS C 220 -13.81 71.08 -18.20
C LYS C 220 -14.86 72.07 -18.76
N ALA C 221 -15.14 72.00 -20.05
CA ALA C 221 -15.99 73.01 -20.72
C ALA C 221 -17.43 73.01 -20.21
N GLY C 222 -17.92 74.18 -19.81
CA GLY C 222 -19.27 74.31 -19.25
C GLY C 222 -19.36 74.09 -17.75
N ALA C 223 -18.29 73.59 -17.16
CA ALA C 223 -18.25 73.23 -15.75
C ALA C 223 -18.04 74.46 -14.91
N VAL C 224 -17.74 74.30 -13.63
CA VAL C 224 -17.64 75.43 -12.71
C VAL C 224 -16.22 75.98 -12.63
N ASN C 225 -16.08 77.27 -12.93
CA ASN C 225 -14.74 77.89 -12.99
C ASN C 225 -14.31 78.35 -11.61
N PRO C 226 -13.01 78.57 -11.42
CA PRO C 226 -12.51 79.31 -10.28
C PRO C 226 -13.11 80.71 -10.22
N THR C 227 -12.75 81.44 -9.17
CA THR C 227 -13.15 82.83 -9.05
C THR C 227 -11.92 83.53 -8.57
N VAL C 228 -11.91 84.85 -8.70
CA VAL C 228 -10.67 85.57 -8.49
C VAL C 228 -10.91 86.86 -7.74
N LYS C 229 -9.90 87.31 -7.00
CA LYS C 229 -9.93 88.61 -6.35
C LYS C 229 -8.54 89.19 -6.45
N PHE C 230 -8.45 90.52 -6.35
CA PHE C 230 -7.20 91.22 -6.60
C PHE C 230 -6.91 92.19 -5.48
N PHE C 231 -5.71 92.12 -4.93
CA PHE C 231 -5.34 93.00 -3.85
C PHE C 231 -4.05 93.72 -4.12
N VAL C 232 -3.87 94.83 -3.42
CA VAL C 232 -2.61 95.54 -3.44
C VAL C 232 -2.25 95.81 -2.01
N VAL C 233 -0.97 95.59 -1.69
CA VAL C 233 -0.47 95.85 -0.36
C VAL C 233 0.75 96.77 -0.41
N ASN C 234 0.94 97.54 0.66
CA ASN C 234 2.08 98.45 0.79
C ASN C 234 3.19 97.86 1.66
N THR C 235 4.35 97.61 1.04
CA THR C 235 5.47 96.95 1.70
C THR C 235 6.36 97.85 2.56
N ASP C 236 6.31 99.16 2.29
CA ASP C 236 7.06 100.13 3.07
C ASP C 236 6.54 100.21 4.53
N SER C 237 5.21 100.12 4.67
CA SER C 237 4.57 100.24 5.98
C SER C 237 4.28 98.91 6.70
N LEU C 238 5.18 97.94 6.57
CA LEU C 238 4.97 96.61 7.18
C LEU C 238 5.41 96.58 8.65
N SER C 239 4.54 96.03 9.51
CA SER C 239 4.65 96.23 10.96
C SER C 239 5.48 95.24 11.80
N SER C 240 5.20 93.95 11.66
CA SER C 240 5.79 92.89 12.52
C SER C 240 5.18 92.90 13.93
N VAL C 241 4.14 93.72 14.08
CA VAL C 241 3.39 93.85 15.32
C VAL C 241 1.90 93.77 14.96
N THR C 242 1.61 94.03 13.68
CA THR C 242 0.28 93.91 13.12
C THR C 242 0.33 93.14 11.80
N ASN C 243 -0.70 92.32 11.57
CA ASN C 243 -0.96 91.75 10.25
C ASN C 243 -1.05 92.88 9.22
N ALA C 244 -0.68 92.54 7.98
CA ALA C 244 -0.74 93.45 6.84
C ALA C 244 -2.17 93.62 6.31
N THR C 245 -2.48 94.86 5.97
CA THR C 245 -3.73 95.19 5.32
C THR C 245 -3.46 95.19 3.82
N SER C 246 -4.01 94.21 3.12
CA SER C 246 -4.04 94.24 1.67
C SER C 246 -5.32 95.03 1.36
N ILE C 247 -5.36 95.73 0.23
CA ILE C 247 -6.59 96.43 -0.19
C ILE C 247 -7.16 95.78 -1.44
N GLN C 248 -8.46 95.46 -1.42
CA GLN C 248 -9.11 94.85 -2.61
C GLN C 248 -9.43 95.85 -3.71
N ILE C 249 -9.29 95.41 -4.96
CA ILE C 249 -9.72 96.16 -6.15
C ILE C 249 -10.79 95.35 -6.87
N THR C 250 -12.04 95.65 -6.54
CA THR C 250 -13.18 94.94 -7.10
C THR C 250 -13.27 95.09 -8.61
N ALA C 251 -13.79 94.07 -9.28
CA ALA C 251 -13.90 94.09 -10.72
C ALA C 251 -15.04 95.02 -11.13
N PRO C 252 -14.99 95.49 -12.37
CA PRO C 252 -16.12 96.15 -13.01
C PRO C 252 -17.45 95.47 -12.81
N ALA C 253 -18.46 96.27 -12.45
CA ALA C 253 -19.83 95.81 -12.36
C ALA C 253 -20.27 95.06 -13.62
N SER C 254 -19.85 95.56 -14.78
CA SER C 254 -20.18 94.94 -16.06
C SER C 254 -19.64 93.52 -16.19
N MET C 255 -18.66 93.19 -15.34
CA MET C 255 -18.12 91.84 -15.28
C MET C 255 -18.79 91.02 -14.20
N LEU C 256 -19.15 91.70 -13.11
CA LEU C 256 -19.58 91.06 -11.87
C LEU C 256 -20.92 90.37 -11.97
N ILE C 257 -21.73 90.82 -12.92
CA ILE C 257 -23.08 90.26 -13.14
C ILE C 257 -23.03 88.83 -13.62
N GLY C 258 -21.81 88.33 -13.80
CA GLY C 258 -21.59 86.95 -14.17
C GLY C 258 -20.15 86.50 -14.05
N ASP C 259 -19.91 85.27 -14.50
CA ASP C 259 -18.58 84.66 -14.47
C ASP C 259 -17.59 85.53 -15.23
N HIS C 260 -16.36 85.61 -14.72
CA HIS C 260 -15.34 86.42 -15.36
C HIS C 260 -13.90 85.96 -15.05
N TYR C 261 -12.94 86.60 -15.72
CA TYR C 261 -11.54 86.27 -15.52
C TYR C 261 -10.74 87.54 -15.39
N LEU C 262 -9.73 87.51 -14.54
CA LEU C 262 -8.71 88.54 -14.53
C LEU C 262 -7.69 88.04 -15.56
N CYS C 263 -7.31 88.86 -16.52
CA CYS C 263 -6.39 88.38 -17.57
C CYS C 263 -5.18 89.23 -17.95
N ASP C 264 -5.10 90.46 -17.45
CA ASP C 264 -3.86 91.19 -17.53
C ASP C 264 -3.76 92.15 -16.37
N VAL C 265 -2.55 92.33 -15.87
CA VAL C 265 -2.26 93.45 -14.96
C VAL C 265 -0.97 94.09 -15.40
N THR C 266 -0.96 95.42 -15.45
CA THR C 266 0.21 96.16 -15.91
C THR C 266 0.35 97.45 -15.08
N TRP C 267 1.48 97.58 -14.40
CA TRP C 267 1.73 98.81 -13.65
C TRP C 267 2.01 99.91 -14.68
N ALA C 268 1.53 101.12 -14.40
CA ALA C 268 1.67 102.25 -15.32
C ALA C 268 2.61 103.26 -14.73
N THR C 269 2.41 103.59 -13.46
CA THR C 269 3.30 104.51 -12.74
C THR C 269 3.56 103.96 -11.34
N GLN C 270 4.23 104.77 -10.52
CA GLN C 270 4.53 104.38 -9.15
C GLN C 270 3.28 104.21 -8.31
N GLU C 271 2.20 104.88 -8.71
CA GLU C 271 0.92 104.86 -7.98
C GLU C 271 -0.28 104.67 -8.90
N ARG C 272 -0.04 104.12 -10.09
CA ARG C 272 -1.12 103.85 -11.04
C ARG C 272 -0.99 102.44 -11.60
N ILE C 273 -2.10 101.72 -11.57
CA ILE C 273 -2.12 100.31 -11.99
C ILE C 273 -3.32 100.03 -12.91
N SER C 274 -3.08 99.20 -13.92
CA SER C 274 -4.12 98.89 -14.89
C SER C 274 -4.44 97.40 -14.91
N LEU C 275 -5.72 97.08 -14.90
CA LEU C 275 -6.20 95.70 -14.91
C LEU C 275 -7.11 95.46 -16.11
N GLN C 276 -7.09 94.25 -16.65
CA GLN C 276 -7.99 93.89 -17.73
C GLN C 276 -8.80 92.66 -17.36
N TRP C 277 -10.11 92.83 -17.32
CA TRP C 277 -11.02 91.76 -16.98
C TRP C 277 -11.72 91.26 -18.23
N LEU C 278 -12.18 90.01 -18.19
CA LEU C 278 -12.76 89.38 -19.36
C LEU C 278 -13.92 88.49 -18.96
N ARG C 279 -15.03 88.59 -19.70
CA ARG C 279 -16.25 87.84 -19.35
C ARG C 279 -16.08 86.39 -19.71
N ARG C 280 -16.79 85.50 -19.02
CA ARG C 280 -16.66 84.07 -19.31
C ARG C 280 -16.96 83.80 -20.78
N ILE C 281 -17.92 84.54 -21.34
CA ILE C 281 -18.10 84.59 -22.78
C ILE C 281 -17.11 85.63 -23.26
N GLN C 282 -16.05 85.17 -23.91
CA GLN C 282 -14.85 86.00 -24.13
C GLN C 282 -14.86 87.03 -25.29
N ASN C 283 -16.01 87.63 -25.59
CA ASN C 283 -16.08 88.67 -26.62
C ASN C 283 -16.39 90.03 -26.06
N TYR C 284 -16.16 90.20 -24.77
CA TYR C 284 -16.36 91.49 -24.12
C TYR C 284 -15.34 91.58 -22.98
N SER C 285 -14.55 92.64 -22.96
CA SER C 285 -13.53 92.81 -21.94
C SER C 285 -13.44 94.27 -21.52
N VAL C 286 -12.86 94.52 -20.35
CA VAL C 286 -12.86 95.86 -19.76
C VAL C 286 -11.53 96.16 -19.06
N MET C 287 -10.94 97.30 -19.38
CA MET C 287 -9.72 97.73 -18.72
C MET C 287 -10.11 98.75 -17.67
N ASP C 288 -9.56 98.60 -16.47
CA ASP C 288 -9.68 99.60 -15.42
C ASP C 288 -8.33 100.26 -15.26
N ILE C 289 -8.32 101.48 -14.73
CA ILE C 289 -7.07 102.18 -14.41
C ILE C 289 -7.19 102.80 -13.02
N CYS C 290 -6.35 102.35 -12.09
CA CYS C 290 -6.48 102.76 -10.69
C CYS C 290 -5.35 103.55 -10.08
N ASP C 291 -5.73 104.58 -9.33
CA ASP C 291 -4.78 105.44 -8.68
C ASP C 291 -4.83 105.23 -7.18
N TYR C 292 -3.66 105.35 -6.56
CA TYR C 292 -3.56 105.33 -5.12
C TYR C 292 -4.22 106.58 -4.56
N ASP C 293 -5.05 106.42 -3.54
CA ASP C 293 -5.77 107.55 -2.96
C ASP C 293 -5.16 107.86 -1.60
N GLU C 294 -4.14 108.70 -1.60
CA GLU C 294 -3.55 109.20 -0.36
C GLU C 294 -4.54 109.28 0.80
N SER C 295 -5.54 110.15 0.68
CA SER C 295 -6.47 110.40 1.79
C SER C 295 -7.16 109.14 2.34
N SER C 296 -7.61 108.22 1.48
CA SER C 296 -8.36 107.02 1.90
C SER C 296 -7.50 105.78 2.11
N GLY C 297 -6.28 105.83 1.59
CA GLY C 297 -5.34 104.72 1.71
C GLY C 297 -5.78 103.58 0.83
N ARG C 298 -6.81 103.79 0.03
CA ARG C 298 -7.37 102.77 -0.85
C ARG C 298 -7.01 102.99 -2.34
N TRP C 299 -7.56 102.17 -3.23
CA TRP C 299 -7.31 102.30 -4.68
C TRP C 299 -8.60 102.70 -5.43
N ASN C 300 -8.49 103.70 -6.29
CA ASN C 300 -9.66 104.33 -6.89
C ASN C 300 -9.69 104.15 -8.40
N CYS C 301 -10.61 103.32 -8.88
CA CYS C 301 -10.70 103.06 -10.31
C CYS C 301 -11.78 103.90 -10.96
N LEU C 302 -11.41 105.07 -11.45
CA LEU C 302 -12.36 105.95 -12.10
C LEU C 302 -13.06 105.27 -13.26
N VAL C 303 -14.39 105.27 -13.22
CA VAL C 303 -15.18 104.63 -14.28
C VAL C 303 -14.95 105.30 -15.62
N ALA C 304 -14.78 106.62 -15.54
CA ALA C 304 -14.46 107.47 -16.69
C ALA C 304 -13.18 107.01 -17.40
N ARG C 305 -12.40 106.13 -16.77
CA ARG C 305 -11.17 105.65 -17.38
C ARG C 305 -11.24 104.18 -17.84
N GLN C 306 -12.45 103.60 -17.86
CA GLN C 306 -12.61 102.21 -18.31
C GLN C 306 -12.53 102.17 -19.83
N HIS C 307 -12.10 101.04 -20.39
CA HIS C 307 -12.08 100.89 -21.84
C HIS C 307 -12.64 99.55 -22.31
N ILE C 308 -13.79 99.61 -22.97
CA ILE C 308 -14.43 98.41 -23.45
C ILE C 308 -13.74 98.02 -24.74
N GLU C 309 -13.68 96.71 -24.95
CA GLU C 309 -13.06 96.10 -26.10
C GLU C 309 -13.96 94.91 -26.37
N MET C 310 -14.46 94.80 -27.60
CA MET C 310 -15.39 93.73 -27.90
C MET C 310 -15.32 93.27 -29.35
N SER C 311 -15.98 92.14 -29.63
CA SER C 311 -15.98 91.56 -30.95
C SER C 311 -17.34 90.95 -31.26
N THR C 312 -17.66 90.85 -32.55
CA THR C 312 -18.84 90.08 -33.01
C THR C 312 -18.50 88.99 -34.01
N THR C 313 -17.29 89.04 -34.57
CA THR C 313 -16.81 87.94 -35.42
C THR C 313 -16.20 86.83 -34.58
N GLY C 314 -15.66 87.18 -33.41
CA GLY C 314 -15.10 86.17 -32.53
C GLY C 314 -14.81 86.59 -31.11
N TRP C 315 -13.58 86.35 -30.69
CA TRP C 315 -13.15 86.57 -29.31
C TRP C 315 -12.16 87.73 -29.28
N VAL C 316 -11.95 88.26 -28.08
CA VAL C 316 -11.04 89.39 -27.88
C VAL C 316 -9.62 88.91 -27.77
N GLY C 317 -8.75 89.47 -28.60
CA GLY C 317 -7.33 89.15 -28.57
C GLY C 317 -6.96 87.93 -29.39
N ARG C 318 -5.66 87.72 -29.56
CA ARG C 318 -5.18 86.54 -30.27
C ARG C 318 -5.46 85.31 -29.39
N PHE C 319 -5.04 85.41 -28.13
CA PHE C 319 -5.42 84.43 -27.10
C PHE C 319 -6.10 85.06 -25.87
N ARG C 320 -5.66 86.26 -25.53
CA ARG C 320 -6.29 87.05 -24.48
C ARG C 320 -6.07 88.47 -24.99
N PRO C 321 -6.72 89.45 -24.36
CA PRO C 321 -6.46 90.85 -24.68
C PRO C 321 -5.00 91.25 -24.57
N SER C 322 -4.59 92.21 -25.41
CA SER C 322 -3.22 92.69 -25.43
C SER C 322 -2.91 93.51 -24.19
N GLU C 323 -1.63 93.74 -23.95
CA GLU C 323 -1.21 94.58 -22.81
C GLU C 323 -0.82 96.00 -23.20
N PRO C 324 -1.23 96.95 -22.37
CA PRO C 324 -0.91 98.33 -22.61
C PRO C 324 0.55 98.63 -22.36
N HIS C 325 1.09 99.56 -23.13
CA HIS C 325 2.42 100.12 -22.86
C HIS C 325 2.27 101.62 -22.63
N PHE C 326 2.36 102.03 -21.37
CA PHE C 326 2.11 103.42 -20.98
C PHE C 326 3.31 104.30 -21.26
N THR C 327 3.05 105.61 -21.32
CA THR C 327 4.11 106.60 -21.39
C THR C 327 4.64 106.89 -19.98
N LEU C 328 5.79 107.55 -19.89
CA LEU C 328 6.41 107.78 -18.59
C LEU C 328 5.47 108.40 -17.55
N ASP C 329 4.75 109.44 -17.94
CA ASP C 329 3.82 110.09 -17.02
C ASP C 329 2.55 109.25 -16.79
N GLY C 330 2.31 108.29 -17.67
CA GLY C 330 1.22 107.35 -17.49
C GLY C 330 -0.17 107.87 -17.81
N ASN C 331 -0.26 108.91 -18.64
CA ASN C 331 -1.58 109.46 -19.03
C ASN C 331 -2.07 109.00 -20.39
N SER C 332 -1.21 108.30 -21.11
CA SER C 332 -1.59 107.66 -22.38
C SER C 332 -0.87 106.34 -22.52
N PHE C 333 -1.35 105.49 -23.42
CA PHE C 333 -0.72 104.21 -23.66
C PHE C 333 -0.95 103.66 -25.07
N TYR C 334 -0.03 102.79 -25.50
CA TYR C 334 -0.16 102.12 -26.79
C TYR C 334 -0.51 100.64 -26.57
N LYS C 335 -1.39 100.12 -27.42
CA LYS C 335 -1.94 98.79 -27.24
C LYS C 335 -2.33 98.21 -28.59
N ILE C 336 -1.97 96.96 -28.82
CA ILE C 336 -2.27 96.32 -30.10
C ILE C 336 -3.71 95.87 -30.15
N ILE C 337 -4.54 96.58 -30.89
CA ILE C 337 -5.93 96.16 -31.08
C ILE C 337 -6.23 95.93 -32.55
N SER C 338 -7.32 95.21 -32.81
CA SER C 338 -7.67 94.83 -34.17
C SER C 338 -8.44 95.97 -34.79
N ASN C 339 -8.11 96.32 -36.03
CA ASN C 339 -8.68 97.51 -36.66
C ASN C 339 -9.96 97.22 -37.44
N GLU C 340 -10.45 98.24 -38.13
CA GLU C 340 -11.67 98.19 -38.92
C GLU C 340 -11.82 97.01 -39.90
N GLU C 341 -10.75 96.70 -40.62
CA GLU C 341 -10.76 95.56 -41.56
C GLU C 341 -10.14 94.31 -40.98
N GLY C 342 -9.94 94.31 -39.66
CA GLY C 342 -9.55 93.11 -38.93
C GLY C 342 -8.06 92.81 -38.89
N TYR C 343 -7.23 93.83 -38.99
CA TYR C 343 -5.79 93.64 -38.88
C TYR C 343 -5.35 94.19 -37.55
N ARG C 344 -4.39 93.53 -36.91
CA ARG C 344 -3.91 93.95 -35.60
C ARG C 344 -2.82 95.00 -35.72
N HIS C 345 -3.13 96.21 -35.26
CA HIS C 345 -2.20 97.33 -35.32
C HIS C 345 -2.18 98.12 -34.05
N ILE C 346 -1.17 98.97 -33.91
CA ILE C 346 -0.94 99.72 -32.68
C ILE C 346 -1.92 100.88 -32.56
N CYS C 347 -2.59 100.96 -31.43
CA CYS C 347 -3.52 102.05 -31.17
C CYS C 347 -2.96 102.95 -30.06
N TYR C 348 -3.38 104.21 -30.06
CA TYR C 348 -2.89 105.18 -29.09
C TYR C 348 -4.01 105.82 -28.26
N PHE C 349 -4.09 105.47 -26.99
CA PHE C 349 -5.19 105.89 -26.15
C PHE C 349 -4.77 106.98 -25.17
N GLN C 350 -5.73 107.81 -24.80
CA GLN C 350 -5.62 108.70 -23.62
C GLN C 350 -6.44 108.01 -22.53
N ILE C 351 -5.94 108.04 -21.29
CA ILE C 351 -6.53 107.22 -20.23
C ILE C 351 -8.00 107.48 -19.95
N ASP C 352 -8.46 108.70 -20.24
CA ASP C 352 -9.84 109.08 -19.98
C ASP C 352 -10.59 109.46 -21.24
N LYS C 353 -10.21 108.83 -22.35
CA LYS C 353 -10.85 109.15 -23.63
C LYS C 353 -11.19 107.87 -24.37
N LYS C 354 -12.48 107.68 -24.62
CA LYS C 354 -12.96 106.46 -25.25
C LYS C 354 -12.18 106.10 -26.52
N ASP C 355 -11.96 107.08 -27.37
CA ASP C 355 -11.41 106.85 -28.72
C ASP C 355 -9.89 106.86 -28.80
N CYS C 356 -9.33 105.99 -29.64
CA CYS C 356 -7.90 105.98 -29.90
C CYS C 356 -7.62 106.27 -31.36
N THR C 357 -6.35 106.49 -31.67
CA THR C 357 -5.90 106.65 -33.03
C THR C 357 -4.94 105.54 -33.38
N PHE C 358 -5.18 104.87 -34.50
CA PHE C 358 -4.21 103.90 -35.01
C PHE C 358 -2.97 104.64 -35.51
N ILE C 359 -1.79 104.10 -35.21
CA ILE C 359 -0.53 104.69 -35.68
C ILE C 359 0.17 103.80 -36.73
N THR C 360 -0.41 102.63 -36.98
CA THR C 360 -0.04 101.80 -38.14
C THR C 360 -1.29 101.23 -38.80
N LYS C 361 -1.21 101.07 -40.11
CA LYS C 361 -2.24 100.34 -40.84
C LYS C 361 -1.59 99.55 -41.95
N GLY C 362 -2.34 98.65 -42.57
CA GLY C 362 -1.82 97.81 -43.61
C GLY C 362 -2.42 96.42 -43.62
N THR C 363 -2.10 95.66 -44.66
CA THR C 363 -2.55 94.27 -44.80
C THR C 363 -1.49 93.37 -44.19
N TRP C 364 -1.29 93.55 -42.88
CA TRP C 364 -0.30 92.80 -42.13
C TRP C 364 -0.58 93.13 -40.66
N GLU C 365 0.11 92.45 -39.75
CA GLU C 365 -0.17 92.62 -38.34
C GLU C 365 1.08 92.90 -37.52
N VAL C 366 0.91 93.72 -36.48
CA VAL C 366 1.94 93.88 -35.46
C VAL C 366 1.92 92.64 -34.57
N ILE C 367 3.10 92.06 -34.37
CA ILE C 367 3.23 90.88 -33.52
C ILE C 367 3.27 91.30 -32.07
N GLY C 368 4.05 92.34 -31.76
CA GLY C 368 4.17 92.80 -30.39
C GLY C 368 4.91 94.11 -30.25
N ILE C 369 4.61 94.83 -29.18
CA ILE C 369 5.30 96.08 -28.88
C ILE C 369 6.49 95.78 -27.97
N GLU C 370 7.68 96.24 -28.36
CA GLU C 370 8.91 95.83 -27.70
C GLU C 370 9.59 96.86 -26.82
N ALA C 371 9.45 98.13 -27.14
CA ALA C 371 10.02 99.19 -26.30
C ALA C 371 9.38 100.55 -26.52
N LEU C 372 9.49 101.43 -25.53
CA LEU C 372 8.94 102.78 -25.64
C LEU C 372 9.88 103.83 -25.08
N THR C 373 10.41 104.70 -25.94
CA THR C 373 11.13 105.89 -25.50
C THR C 373 10.21 107.09 -25.65
N SER C 374 10.71 108.25 -25.20
CA SER C 374 9.92 109.48 -25.25
C SER C 374 9.52 109.92 -26.67
N ASP C 375 10.26 109.45 -27.68
CA ASP C 375 9.96 109.81 -29.07
C ASP C 375 10.20 108.72 -30.11
N TYR C 376 10.22 107.46 -29.65
CA TYR C 376 10.28 106.31 -30.55
C TYR C 376 9.56 105.12 -29.93
N LEU C 377 8.77 104.42 -30.74
CA LEU C 377 8.17 103.16 -30.31
C LEU C 377 8.71 102.02 -31.17
N TYR C 378 9.37 101.04 -30.54
CA TYR C 378 9.91 99.88 -31.25
C TYR C 378 8.92 98.73 -31.21
N TYR C 379 8.74 98.06 -32.34
CA TYR C 379 7.76 96.98 -32.43
C TYR C 379 8.20 95.91 -33.43
N ILE C 380 7.49 94.78 -33.43
CA ILE C 380 7.79 93.67 -34.35
C ILE C 380 6.57 93.39 -35.21
N SER C 381 6.78 93.25 -36.51
CA SER C 381 5.68 92.91 -37.42
C SER C 381 6.07 91.95 -38.52
N ASN C 382 5.06 91.45 -39.23
CA ASN C 382 5.24 90.54 -40.36
C ASN C 382 4.97 91.25 -41.69
N GLU C 383 5.38 92.51 -41.76
CA GLU C 383 5.13 93.37 -42.92
C GLU C 383 6.07 93.11 -44.09
N TYR C 384 7.37 93.02 -43.80
CA TYR C 384 8.39 92.87 -44.83
C TYR C 384 8.01 91.83 -45.88
N LYS C 385 8.13 92.24 -47.14
CA LYS C 385 7.77 91.42 -48.28
C LYS C 385 6.41 90.71 -48.24
N GLY C 386 5.49 91.24 -47.43
CA GLY C 386 4.12 90.72 -47.38
C GLY C 386 4.01 89.25 -47.02
N MET C 387 5.00 88.75 -46.28
CA MET C 387 4.95 87.36 -45.79
C MET C 387 4.68 87.26 -44.30
N PRO C 388 3.60 86.54 -43.97
CA PRO C 388 3.13 86.46 -42.59
C PRO C 388 4.05 85.63 -41.71
N GLY C 389 4.76 84.69 -42.34
CA GLY C 389 5.68 83.81 -41.64
C GLY C 389 7.02 84.39 -41.25
N GLY C 390 7.24 85.66 -41.61
CA GLY C 390 8.50 86.34 -41.32
C GLY C 390 8.29 87.40 -40.25
N ARG C 391 9.39 87.87 -39.67
CA ARG C 391 9.34 88.67 -38.47
C ARG C 391 10.49 89.68 -38.48
N ASN C 392 10.17 90.97 -38.31
CA ASN C 392 11.19 92.03 -38.31
C ASN C 392 10.96 93.18 -37.33
N LEU C 393 12.06 93.79 -36.91
CA LEU C 393 11.99 94.92 -36.00
C LEU C 393 11.73 96.21 -36.78
N TYR C 394 10.93 97.09 -36.21
CA TYR C 394 10.63 98.40 -36.80
C TYR C 394 10.64 99.43 -35.67
N LYS C 395 10.97 100.67 -36.02
CA LYS C 395 10.77 101.80 -35.10
C LYS C 395 9.91 102.83 -35.79
N ILE C 396 9.09 103.52 -34.99
CA ILE C 396 8.20 104.54 -35.51
C ILE C 396 8.36 105.82 -34.71
N GLN C 397 8.59 106.92 -35.44
CA GLN C 397 8.79 108.22 -34.81
C GLN C 397 7.47 108.68 -34.21
N LEU C 398 7.50 108.97 -32.92
CA LEU C 398 6.28 109.29 -32.22
C LEU C 398 5.67 110.58 -32.75
N SER C 399 6.48 111.62 -32.84
CA SER C 399 6.04 112.92 -33.39
C SER C 399 5.54 112.87 -34.85
N ASP C 400 5.97 111.86 -35.60
CA ASP C 400 5.56 111.72 -37.02
C ASP C 400 5.32 110.24 -37.43
N TYR C 401 4.05 109.86 -37.48
CA TYR C 401 3.66 108.46 -37.73
C TYR C 401 3.97 107.89 -39.10
N THR C 402 4.34 108.74 -40.05
CA THR C 402 4.76 108.27 -41.37
C THR C 402 6.26 108.05 -41.42
N LYS C 403 6.96 108.28 -40.31
CA LYS C 403 8.40 108.04 -40.23
C LYS C 403 8.74 106.67 -39.63
N VAL C 404 8.45 105.61 -40.38
CA VAL C 404 8.72 104.26 -39.95
C VAL C 404 10.02 103.76 -40.57
N THR C 405 10.90 103.24 -39.73
CA THR C 405 12.18 102.72 -40.20
C THR C 405 12.23 101.22 -39.93
N CYS C 406 12.74 100.47 -40.89
CA CYS C 406 12.96 99.04 -40.67
C CYS C 406 14.36 98.84 -40.12
N LEU C 407 14.48 98.26 -38.92
CA LEU C 407 15.80 98.07 -38.29
C LEU C 407 16.57 96.77 -38.55
N SER C 408 15.92 95.80 -39.20
CA SER C 408 16.49 94.45 -39.36
C SER C 408 16.33 93.75 -40.73
N CYS C 409 15.58 94.37 -41.64
CA CYS C 409 15.18 93.73 -42.90
C CYS C 409 16.31 93.46 -43.85
N GLU C 410 17.24 94.41 -43.91
CA GLU C 410 18.36 94.32 -44.82
C GLU C 410 19.72 94.05 -44.17
N LEU C 411 19.72 93.77 -42.88
CA LEU C 411 20.94 93.39 -42.18
C LEU C 411 21.59 92.18 -42.83
N ASN C 412 20.79 91.30 -43.40
CA ASN C 412 21.28 90.03 -43.93
C ASN C 412 20.12 89.22 -44.52
N PRO C 413 19.55 89.72 -45.62
CA PRO C 413 18.22 89.29 -46.05
C PRO C 413 18.07 87.85 -46.50
N GLU C 414 19.17 87.19 -46.80
CA GLU C 414 19.14 85.80 -47.25
C GLU C 414 19.16 84.78 -46.11
N ARG C 415 19.92 85.10 -45.08
CA ARG C 415 20.04 84.25 -43.91
C ARG C 415 18.95 84.54 -42.89
N CYS C 416 18.52 85.80 -42.84
CA CYS C 416 17.77 86.35 -41.73
C CYS C 416 16.43 86.97 -42.05
N GLN C 417 15.36 86.26 -41.70
CA GLN C 417 14.00 86.75 -41.88
C GLN C 417 13.09 86.51 -40.66
N TYR C 418 13.65 86.12 -39.52
CA TYR C 418 12.85 85.88 -38.32
C TYR C 418 13.54 86.43 -37.08
N TYR C 419 13.27 87.70 -36.81
CA TYR C 419 13.95 88.40 -35.74
C TYR C 419 13.09 88.47 -34.47
N SER C 420 13.76 88.51 -33.33
CA SER C 420 13.15 88.87 -32.08
C SER C 420 14.16 89.76 -31.38
N VAL C 421 13.75 90.45 -30.32
CA VAL C 421 14.65 91.44 -29.73
C VAL C 421 14.66 91.56 -28.21
N SER C 422 15.83 91.87 -27.66
CA SER C 422 16.00 92.16 -26.24
C SER C 422 16.63 93.53 -26.03
N PHE C 423 15.88 94.46 -25.45
CA PHE C 423 16.36 95.82 -25.22
C PHE C 423 17.02 96.05 -23.87
N SER C 424 17.90 97.04 -23.81
CA SER C 424 18.57 97.41 -22.57
C SER C 424 17.62 98.21 -21.70
N LYS C 425 18.08 98.57 -20.50
CA LYS C 425 17.21 99.21 -19.53
C LYS C 425 16.43 100.44 -20.02
N GLU C 426 17.04 101.30 -20.82
CA GLU C 426 16.30 102.43 -21.37
C GLU C 426 16.41 102.50 -22.87
N ALA C 427 16.37 101.33 -23.49
CA ALA C 427 16.43 101.22 -24.93
C ALA C 427 17.66 101.93 -25.47
N LYS C 428 18.76 101.87 -24.72
CA LYS C 428 20.01 102.46 -25.17
C LYS C 428 20.74 101.49 -26.08
N TYR C 429 20.49 100.20 -25.87
CA TYR C 429 21.06 99.17 -26.71
C TYR C 429 20.03 98.11 -26.97
N TYR C 430 20.29 97.23 -27.92
CA TYR C 430 19.40 96.10 -28.19
C TYR C 430 20.05 94.94 -28.90
N GLN C 431 19.69 93.73 -28.49
CA GLN C 431 20.21 92.50 -29.08
C GLN C 431 19.17 91.90 -30.01
N LEU C 432 19.57 91.58 -31.23
CA LEU C 432 18.71 90.86 -32.17
C LEU C 432 19.02 89.38 -32.21
N ARG C 433 17.96 88.58 -32.23
CA ARG C 433 18.07 87.14 -32.46
C ARG C 433 17.45 86.86 -33.80
N CYS C 434 18.22 86.25 -34.68
CA CYS C 434 17.73 85.87 -35.99
C CYS C 434 17.69 84.36 -35.93
N SER C 435 16.54 83.75 -36.20
CA SER C 435 16.41 82.30 -36.04
C SER C 435 16.04 81.55 -37.30
N GLY C 436 16.10 82.21 -38.44
CA GLY C 436 15.87 81.55 -39.71
C GLY C 436 15.76 82.48 -40.91
N PRO C 437 15.96 81.96 -42.12
CA PRO C 437 16.06 80.52 -42.38
C PRO C 437 17.47 79.95 -42.29
N GLY C 438 18.44 80.83 -42.10
CA GLY C 438 19.80 80.41 -41.91
C GLY C 438 20.03 79.98 -40.49
N LEU C 439 21.27 79.60 -40.19
CA LEU C 439 21.67 79.28 -38.82
C LEU C 439 21.53 80.55 -37.98
N PRO C 440 20.96 80.41 -36.78
CA PRO C 440 20.78 81.54 -35.88
C PRO C 440 21.99 82.43 -35.70
N LEU C 441 21.72 83.72 -35.54
CA LEU C 441 22.73 84.75 -35.60
C LEU C 441 22.35 85.87 -34.64
N TYR C 442 23.20 86.11 -33.67
CA TYR C 442 22.95 87.11 -32.62
C TYR C 442 23.91 88.28 -32.76
N THR C 443 23.36 89.47 -32.84
CA THR C 443 24.16 90.69 -32.97
C THR C 443 23.75 91.65 -31.88
N LEU C 444 24.43 92.80 -31.85
CA LEU C 444 24.25 93.78 -30.79
C LEU C 444 24.35 95.18 -31.42
N HIS C 445 23.51 96.10 -30.97
CA HIS C 445 23.42 97.43 -31.58
C HIS C 445 23.22 98.55 -30.55
N SER C 446 23.55 99.78 -30.95
CA SER C 446 23.23 100.97 -30.15
C SER C 446 22.02 101.70 -30.75
N SER C 447 21.09 102.15 -29.91
CA SER C 447 19.83 102.73 -30.39
C SER C 447 19.97 104.17 -30.86
N VAL C 448 20.87 104.90 -30.22
CA VAL C 448 21.24 106.26 -30.63
C VAL C 448 21.44 106.39 -32.15
N ASN C 449 22.09 105.40 -32.73
CA ASN C 449 22.43 105.38 -34.15
C ASN C 449 21.67 104.38 -35.01
N ASP C 450 21.18 103.32 -34.35
CA ASP C 450 20.83 102.06 -35.01
C ASP C 450 22.10 101.48 -35.63
N LYS C 451 23.21 101.67 -34.93
CA LYS C 451 24.53 101.21 -35.39
C LYS C 451 24.88 99.83 -34.86
N GLY C 452 25.17 98.92 -35.77
CA GLY C 452 25.56 97.56 -35.40
C GLY C 452 26.95 97.48 -34.80
N LEU C 453 27.05 97.10 -33.53
CA LEU C 453 28.33 97.07 -32.83
C LEU C 453 29.14 95.80 -33.18
N ARG C 454 28.82 94.68 -32.54
CA ARG C 454 29.57 93.45 -32.80
C ARG C 454 28.66 92.27 -33.08
N VAL C 455 29.25 91.19 -33.57
CA VAL C 455 28.54 89.91 -33.68
C VAL C 455 28.78 89.10 -32.41
N LEU C 456 27.70 88.67 -31.77
CA LEU C 456 27.78 87.99 -30.48
C LEU C 456 27.98 86.50 -30.63
N GLU C 457 27.26 85.92 -31.59
CA GLU C 457 27.37 84.50 -31.87
C GLU C 457 26.80 84.25 -33.24
N ASP C 458 27.45 83.37 -34.00
CA ASP C 458 27.06 83.09 -35.40
C ASP C 458 27.05 81.62 -35.82
N ASN C 459 27.20 80.70 -34.85
CA ASN C 459 27.14 79.25 -35.11
C ASN C 459 28.01 78.74 -36.27
N SER C 460 29.10 79.44 -36.56
CA SER C 460 30.06 79.00 -37.58
C SER C 460 30.70 77.67 -37.15
N ALA C 461 30.86 77.51 -35.84
CA ALA C 461 31.25 76.24 -35.23
C ALA C 461 30.41 75.07 -35.75
N LEU C 462 29.09 75.21 -35.59
CA LEU C 462 28.13 74.24 -36.12
C LEU C 462 28.19 74.15 -37.63
N ASP C 463 28.44 75.28 -38.29
CA ASP C 463 28.43 75.32 -39.74
C ASP C 463 29.46 74.40 -40.40
N LYS C 464 30.64 74.27 -39.80
CA LYS C 464 31.67 73.36 -40.33
C LYS C 464 31.01 71.99 -40.30
N MET C 465 30.63 71.53 -39.11
CA MET C 465 30.02 70.21 -38.93
C MET C 465 28.93 69.85 -39.94
N LEU C 466 28.19 70.85 -40.40
CA LEU C 466 26.97 70.62 -41.19
C LEU C 466 27.13 70.44 -42.71
N GLN C 467 28.23 70.92 -43.27
CA GLN C 467 28.50 70.71 -44.70
C GLN C 467 28.98 69.27 -44.91
N ASN C 468 29.46 68.66 -43.84
CA ASN C 468 29.80 67.23 -43.85
C ASN C 468 28.60 66.31 -44.00
N VAL C 469 27.41 66.89 -43.93
CA VAL C 469 26.16 66.12 -43.92
C VAL C 469 25.14 66.66 -44.92
N GLN C 470 24.38 65.74 -45.51
CA GLN C 470 23.38 66.05 -46.53
C GLN C 470 22.05 66.52 -45.94
N MET C 471 21.95 67.82 -45.74
CA MET C 471 20.77 68.40 -45.12
C MET C 471 19.62 68.52 -46.11
N PRO C 472 18.42 68.69 -45.57
CA PRO C 472 17.26 68.95 -46.39
C PRO C 472 17.13 70.44 -46.57
N SER C 473 16.20 70.83 -47.45
CA SER C 473 15.97 72.24 -47.74
C SER C 473 14.51 72.57 -47.43
N LYS C 474 14.22 73.83 -47.14
CA LYS C 474 12.88 74.23 -46.76
C LYS C 474 12.28 75.15 -47.79
N LYS C 475 11.16 74.76 -48.38
CA LYS C 475 10.43 75.67 -49.28
C LYS C 475 9.30 76.34 -48.50
N LEU C 476 9.10 77.63 -48.78
CA LEU C 476 8.05 78.41 -48.13
C LEU C 476 7.39 79.16 -49.27
N ASP C 477 6.07 78.97 -49.41
CA ASP C 477 5.36 79.52 -50.55
C ASP C 477 3.89 79.47 -50.16
N PHE C 478 3.00 79.79 -51.08
CA PHE C 478 1.57 79.72 -50.82
C PHE C 478 0.80 79.15 -51.97
N ILE C 479 -0.45 78.80 -51.71
CA ILE C 479 -1.37 78.41 -52.76
C ILE C 479 -2.55 79.37 -52.64
N ILE C 480 -3.49 79.30 -53.57
CA ILE C 480 -4.64 80.17 -53.55
C ILE C 480 -5.94 79.39 -53.51
N LEU C 481 -6.78 79.73 -52.54
CA LEU C 481 -8.14 79.20 -52.47
C LEU C 481 -9.12 80.39 -52.35
N ASN C 482 -10.16 80.39 -53.18
CA ASN C 482 -11.13 81.47 -53.18
C ASN C 482 -10.48 82.85 -53.14
N GLU C 483 -9.47 83.06 -53.98
CA GLU C 483 -8.74 84.34 -54.03
C GLU C 483 -8.17 84.89 -52.70
N THR C 484 -7.84 84.00 -51.78
CA THR C 484 -6.99 84.37 -50.64
C THR C 484 -5.81 83.41 -50.68
N LYS C 485 -4.62 83.92 -50.37
CA LYS C 485 -3.46 83.06 -50.29
C LYS C 485 -3.35 82.43 -48.92
N PHE C 486 -3.07 81.13 -48.91
CA PHE C 486 -2.80 80.39 -47.69
C PHE C 486 -1.38 79.84 -47.81
N TRP C 487 -0.56 80.11 -46.80
CA TRP C 487 0.85 79.73 -46.84
C TRP C 487 1.07 78.26 -46.47
N TYR C 488 2.23 77.74 -46.86
CA TYR C 488 2.62 76.37 -46.55
C TYR C 488 4.13 76.29 -46.58
N GLN C 489 4.68 75.25 -45.95
CA GLN C 489 6.11 75.01 -45.99
C GLN C 489 6.36 73.55 -46.29
N MET C 490 7.56 73.25 -46.79
CA MET C 490 7.95 71.87 -47.12
C MET C 490 9.40 71.63 -46.79
N ILE C 491 9.66 70.50 -46.13
CA ILE C 491 11.04 70.09 -45.84
C ILE C 491 11.36 69.06 -46.92
N LEU C 492 12.29 69.44 -47.80
CA LEU C 492 12.64 68.65 -48.98
C LEU C 492 13.95 67.88 -48.80
N PRO C 493 13.94 66.61 -49.20
CA PRO C 493 15.13 65.79 -49.07
C PRO C 493 16.26 66.36 -49.89
N PRO C 494 17.50 66.09 -49.48
CA PRO C 494 18.68 66.56 -50.21
C PRO C 494 18.64 66.07 -51.65
N HIS C 495 19.26 66.84 -52.55
CA HIS C 495 19.22 66.56 -53.99
C HIS C 495 17.78 66.30 -54.47
N PHE C 496 16.85 67.13 -53.98
CA PHE C 496 15.43 66.97 -54.30
C PHE C 496 15.24 67.13 -55.79
N ASP C 497 14.80 66.06 -56.45
CA ASP C 497 14.62 66.09 -57.89
C ASP C 497 13.12 66.18 -58.21
N LYS C 498 12.71 67.33 -58.71
CA LYS C 498 11.29 67.70 -58.80
C LYS C 498 10.45 66.92 -59.80
N SER C 499 11.01 65.82 -60.30
CA SER C 499 10.33 64.99 -61.27
C SER C 499 10.35 63.54 -60.81
N LYS C 500 10.51 63.35 -59.51
CA LYS C 500 10.41 62.03 -58.90
C LYS C 500 9.15 62.03 -58.03
N LYS C 501 8.70 60.83 -57.65
CA LYS C 501 7.55 60.70 -56.75
C LYS C 501 8.01 60.41 -55.32
N TYR C 502 7.99 61.44 -54.47
CA TYR C 502 8.34 61.28 -53.07
C TYR C 502 7.08 60.99 -52.26
N PRO C 503 7.23 60.25 -51.15
CA PRO C 503 6.13 60.07 -50.20
C PRO C 503 6.05 61.29 -49.29
N LEU C 504 4.84 61.63 -48.86
CA LEU C 504 4.61 62.88 -48.13
C LEU C 504 3.92 62.76 -46.77
N LEU C 505 4.52 63.41 -45.78
CA LEU C 505 3.98 63.49 -44.43
C LEU C 505 3.49 64.91 -44.17
N LEU C 506 2.21 65.02 -43.81
CA LEU C 506 1.63 66.30 -43.45
C LEU C 506 1.73 66.49 -41.93
N ASP C 507 2.48 67.50 -41.52
CA ASP C 507 2.74 67.75 -40.10
C ASP C 507 1.83 68.88 -39.61
N VAL C 508 0.81 68.52 -38.83
CA VAL C 508 -0.28 69.43 -38.50
C VAL C 508 -0.36 69.87 -37.03
N TYR C 509 -0.74 71.13 -36.83
CA TYR C 509 -1.22 71.60 -35.53
C TYR C 509 -2.61 72.22 -35.70
N ALA C 510 -2.67 73.38 -36.36
CA ALA C 510 -3.93 73.97 -36.90
C ALA C 510 -4.92 74.63 -35.94
N GLY C 511 -4.50 74.78 -34.69
CA GLY C 511 -5.33 75.43 -33.68
C GLY C 511 -5.48 76.92 -33.95
N PRO C 512 -6.50 77.54 -33.37
CA PRO C 512 -6.79 78.94 -33.61
C PRO C 512 -5.61 79.85 -33.33
N CYS C 513 -5.20 80.57 -34.37
CA CYS C 513 -4.13 81.56 -34.26
C CYS C 513 -2.74 80.94 -34.30
N SER C 514 -2.68 79.69 -34.75
CA SER C 514 -1.40 79.02 -34.89
C SER C 514 -0.81 79.37 -36.25
N GLN C 515 0.45 79.01 -36.43
CA GLN C 515 1.21 79.27 -37.66
C GLN C 515 2.33 78.22 -37.76
N LYS C 516 2.12 77.18 -38.56
CA LYS C 516 3.14 76.13 -38.79
C LYS C 516 4.05 76.40 -39.99
N ALA C 517 3.73 77.41 -40.79
CA ALA C 517 4.55 77.77 -41.96
C ALA C 517 5.30 79.08 -41.74
N ASP C 518 6.56 78.97 -41.37
CA ASP C 518 7.37 80.14 -41.05
C ASP C 518 8.80 80.01 -41.60
N THR C 519 9.62 81.02 -41.34
CA THR C 519 11.01 81.04 -41.82
C THR C 519 12.05 80.53 -40.82
N VAL C 520 11.61 79.93 -39.71
CA VAL C 520 12.53 79.45 -38.66
C VAL C 520 13.37 78.24 -39.11
N PHE C 521 14.62 78.24 -38.65
CA PHE C 521 15.54 77.11 -38.85
C PHE C 521 15.38 76.10 -37.71
N ARG C 522 15.09 74.84 -38.06
CA ARG C 522 14.88 73.81 -37.06
C ARG C 522 15.61 72.51 -37.35
N LEU C 523 16.14 71.90 -36.29
CA LEU C 523 16.74 70.57 -36.38
C LEU C 523 15.87 69.63 -35.59
N ASN C 524 15.01 68.89 -36.29
CA ASN C 524 14.02 68.05 -35.64
C ASN C 524 13.68 66.80 -36.42
N TRP C 525 12.76 66.02 -35.88
CA TRP C 525 12.31 64.78 -36.52
C TRP C 525 12.03 64.87 -38.01
N ALA C 526 11.56 66.03 -38.48
CA ALA C 526 11.33 66.22 -39.91
C ALA C 526 12.64 66.22 -40.68
N THR C 527 13.66 66.82 -40.06
CA THR C 527 15.01 66.85 -40.63
C THR C 527 15.51 65.45 -40.92
N TYR C 528 15.38 64.57 -39.93
CA TYR C 528 15.72 63.15 -40.11
C TYR C 528 14.89 62.52 -41.23
N LEU C 529 13.58 62.72 -41.20
CA LEU C 529 12.69 62.09 -42.18
C LEU C 529 12.94 62.46 -43.64
N ALA C 530 13.37 63.71 -43.85
CA ALA C 530 13.68 64.19 -45.19
C ALA C 530 15.10 63.70 -45.56
N SER C 531 16.08 64.09 -44.74
CA SER C 531 17.49 63.76 -44.99
C SER C 531 17.79 62.27 -45.17
N THR C 532 17.41 61.47 -44.18
CA THR C 532 17.74 60.05 -44.20
C THR C 532 16.71 59.16 -44.89
N GLU C 533 15.44 59.58 -44.92
CA GLU C 533 14.37 58.72 -45.47
C GLU C 533 13.71 59.21 -46.75
N ASN C 534 14.11 60.40 -47.21
CA ASN C 534 13.52 61.04 -48.39
C ASN C 534 12.00 61.06 -48.34
N ILE C 535 11.52 61.72 -47.29
CA ILE C 535 10.11 62.03 -47.15
C ILE C 535 9.99 63.54 -47.15
N ILE C 536 8.99 64.02 -47.88
CA ILE C 536 8.67 65.44 -47.87
C ILE C 536 7.76 65.67 -46.68
N VAL C 537 8.18 66.56 -45.79
CA VAL C 537 7.41 66.89 -44.59
C VAL C 537 6.84 68.30 -44.77
N ALA C 538 5.52 68.37 -44.88
CA ALA C 538 4.81 69.62 -45.18
C ALA C 538 3.93 70.10 -44.04
N SER C 539 3.71 71.40 -44.00
CA SER C 539 2.75 72.00 -43.08
C SER C 539 1.98 73.11 -43.78
N PHE C 540 0.70 73.24 -43.44
CA PHE C 540 -0.19 74.19 -44.09
C PHE C 540 -0.94 75.06 -43.10
N ASP C 541 -0.90 76.38 -43.28
CA ASP C 541 -1.67 77.32 -42.46
C ASP C 541 -2.94 77.75 -43.13
N GLY C 542 -4.01 76.98 -42.93
CA GLY C 542 -5.30 77.25 -43.52
C GLY C 542 -6.14 78.17 -42.64
N ARG C 543 -7.46 77.99 -42.69
CA ARG C 543 -8.37 78.86 -41.95
C ARG C 543 -8.29 78.68 -40.44
N GLY C 544 -8.38 79.79 -39.73
CA GLY C 544 -8.20 79.77 -38.28
C GLY C 544 -6.81 80.23 -37.89
N SER C 545 -5.84 80.08 -38.79
CA SER C 545 -4.47 80.47 -38.47
C SER C 545 -4.37 81.97 -38.28
N GLY C 546 -3.32 82.39 -37.60
CA GLY C 546 -3.21 83.78 -37.21
C GLY C 546 -2.22 84.58 -38.01
N TYR C 547 -2.11 85.85 -37.66
CA TYR C 547 -1.13 86.77 -38.25
C TYR C 547 -1.49 87.18 -39.67
N GLN C 548 -2.66 86.73 -40.12
CA GLN C 548 -3.14 87.04 -41.46
C GLN C 548 -4.45 87.81 -41.36
N GLY C 549 -4.66 88.50 -40.24
CA GLY C 549 -5.91 89.22 -40.02
C GLY C 549 -7.10 88.35 -39.63
N ASP C 550 -8.10 89.03 -39.07
CA ASP C 550 -9.26 88.38 -38.43
C ASP C 550 -10.18 87.61 -39.36
N LYS C 551 -10.19 87.93 -40.65
CA LYS C 551 -11.11 87.24 -41.53
C LYS C 551 -10.72 85.79 -41.61
N ILE C 552 -9.42 85.55 -41.61
CA ILE C 552 -8.87 84.19 -41.67
C ILE C 552 -8.89 83.52 -40.29
N MET C 553 -8.56 84.29 -39.26
CA MET C 553 -8.49 83.73 -37.91
C MET C 553 -9.89 83.36 -37.39
N HIS C 554 -10.80 84.33 -37.37
CA HIS C 554 -12.13 84.11 -36.81
C HIS C 554 -13.07 83.25 -37.65
N ALA C 555 -12.61 82.76 -38.79
CA ALA C 555 -13.45 81.90 -39.65
C ALA C 555 -13.96 80.57 -39.06
N ILE C 556 -13.42 80.18 -37.91
CA ILE C 556 -13.79 78.92 -37.23
C ILE C 556 -14.58 79.16 -35.95
N ASN C 557 -14.77 80.44 -35.60
CA ASN C 557 -15.48 80.78 -34.38
C ASN C 557 -16.75 79.96 -34.19
N ARG C 558 -16.94 79.45 -32.98
CA ARG C 558 -18.12 78.64 -32.63
C ARG C 558 -18.31 77.37 -33.46
N ARG C 559 -17.22 76.90 -34.05
CA ARG C 559 -17.29 75.99 -35.17
C ARG C 559 -16.03 75.14 -35.32
N LEU C 560 -15.49 74.69 -34.19
CA LEU C 560 -14.17 74.05 -34.17
C LEU C 560 -14.28 72.68 -34.77
N GLY C 561 -13.18 72.25 -35.39
CA GLY C 561 -13.15 70.96 -36.06
C GLY C 561 -13.98 70.85 -37.32
N THR C 562 -14.11 71.97 -38.05
CA THR C 562 -14.78 72.00 -39.34
C THR C 562 -13.90 72.51 -40.48
N PHE C 563 -13.68 73.82 -40.54
CA PHE C 563 -12.89 74.40 -41.62
C PHE C 563 -11.42 74.01 -41.57
N GLU C 564 -10.76 74.27 -40.43
CA GLU C 564 -9.31 73.99 -40.31
C GLU C 564 -8.95 72.54 -40.64
N VAL C 565 -9.89 71.63 -40.45
CA VAL C 565 -9.68 70.22 -40.81
C VAL C 565 -9.88 69.99 -42.33
N GLU C 566 -10.93 70.58 -42.90
CA GLU C 566 -11.17 70.50 -44.35
C GLU C 566 -9.99 71.05 -45.15
N ASP C 567 -9.49 72.20 -44.70
CA ASP C 567 -8.40 72.90 -45.38
C ASP C 567 -7.09 72.12 -45.36
N GLN C 568 -6.94 71.26 -44.36
CA GLN C 568 -5.75 70.41 -44.28
C GLN C 568 -5.88 69.31 -45.35
N ILE C 569 -7.07 68.75 -45.51
CA ILE C 569 -7.34 67.77 -46.57
C ILE C 569 -7.21 68.39 -47.96
N GLU C 570 -7.65 69.64 -48.09
CA GLU C 570 -7.57 70.38 -49.36
C GLU C 570 -6.11 70.57 -49.76
N ALA C 571 -5.32 71.10 -48.83
CA ALA C 571 -3.88 71.34 -49.06
C ALA C 571 -3.16 70.07 -49.45
N ALA C 572 -3.56 68.95 -48.85
CA ALA C 572 -3.03 67.65 -49.22
C ALA C 572 -3.30 67.33 -50.70
N ARG C 573 -4.52 67.57 -51.16
CA ARG C 573 -4.84 67.38 -52.57
C ARG C 573 -3.96 68.21 -53.50
N GLN C 574 -3.91 69.51 -53.21
CA GLN C 574 -3.11 70.45 -53.98
C GLN C 574 -1.64 70.03 -54.05
N PHE C 575 -1.15 69.40 -52.98
CA PHE C 575 0.23 68.93 -52.95
C PHE C 575 0.48 67.76 -53.91
N SER C 576 -0.45 66.80 -53.98
CA SER C 576 -0.31 65.66 -54.91
C SER C 576 -0.45 66.11 -56.37
N LYS C 577 -1.39 67.03 -56.59
CA LYS C 577 -1.52 67.77 -57.85
C LYS C 577 -0.22 68.46 -58.33
N MET C 578 0.73 68.69 -57.44
CA MET C 578 2.01 69.30 -57.82
C MET C 578 2.95 68.33 -58.51
N GLY C 579 2.57 67.05 -58.55
CA GLY C 579 3.26 66.08 -59.38
C GLY C 579 4.46 65.34 -58.80
N PHE C 580 5.22 65.99 -57.93
CA PHE C 580 6.41 65.34 -57.34
C PHE C 580 6.09 64.58 -56.05
N VAL C 581 4.81 64.28 -55.85
CA VAL C 581 4.34 63.66 -54.62
C VAL C 581 3.75 62.29 -54.95
N ASP C 582 4.17 61.25 -54.22
CA ASP C 582 3.57 59.94 -54.39
C ASP C 582 2.13 59.94 -53.91
N ASN C 583 1.22 60.12 -54.87
CA ASN C 583 -0.21 60.02 -54.66
C ASN C 583 -0.73 59.02 -53.63
N LYS C 584 -0.21 57.80 -53.64
CA LYS C 584 -0.72 56.75 -52.75
C LYS C 584 0.14 56.48 -51.52
N ARG C 585 0.95 57.47 -51.15
CA ARG C 585 1.77 57.40 -49.95
C ARG C 585 1.77 58.76 -49.25
N ILE C 586 0.58 59.13 -48.76
CA ILE C 586 0.42 60.35 -47.98
C ILE C 586 0.00 60.03 -46.55
N ALA C 587 0.78 60.55 -45.60
CA ALA C 587 0.46 60.41 -44.18
C ALA C 587 0.18 61.77 -43.54
N ILE C 588 -0.26 61.73 -42.29
CA ILE C 588 -0.57 62.92 -41.51
C ILE C 588 -0.30 62.65 -40.02
N TRP C 589 0.22 63.64 -39.30
CA TRP C 589 0.46 63.46 -37.87
C TRP C 589 0.54 64.77 -37.10
N GLY C 590 0.09 64.71 -35.86
CA GLY C 590 0.08 65.90 -34.99
C GLY C 590 -0.05 65.56 -33.52
N TRP C 591 0.15 66.59 -32.70
CA TRP C 591 0.18 66.46 -31.25
C TRP C 591 -0.80 67.48 -30.70
N SER C 592 -1.54 67.11 -29.66
CA SER C 592 -2.58 67.98 -29.07
C SER C 592 -3.72 68.29 -30.04
N TYR C 593 -3.97 69.57 -30.27
CA TYR C 593 -4.91 70.02 -31.28
C TYR C 593 -4.56 69.29 -32.57
N GLY C 594 -3.26 69.24 -32.88
CA GLY C 594 -2.77 68.56 -34.06
C GLY C 594 -3.18 67.11 -34.11
N GLY C 595 -3.22 66.47 -32.94
CA GLY C 595 -3.67 65.08 -32.87
C GLY C 595 -5.16 65.00 -33.19
N TYR C 596 -5.91 65.96 -32.67
CA TYR C 596 -7.35 66.04 -32.94
C TYR C 596 -7.65 66.20 -34.43
N VAL C 597 -6.99 67.17 -35.05
CA VAL C 597 -7.14 67.39 -36.48
C VAL C 597 -6.76 66.11 -37.24
N THR C 598 -5.52 65.66 -37.08
CA THR C 598 -5.08 64.40 -37.66
C THR C 598 -6.18 63.34 -37.59
N SER C 599 -6.75 63.17 -36.40
CA SER C 599 -7.80 62.18 -36.15
C SER C 599 -9.09 62.48 -36.93
N MET C 600 -9.54 63.73 -36.87
CA MET C 600 -10.70 64.15 -37.65
C MET C 600 -10.52 63.98 -39.16
N VAL C 601 -9.29 64.22 -39.65
CA VAL C 601 -8.96 64.01 -41.05
C VAL C 601 -9.07 62.53 -41.43
N LEU C 602 -8.37 61.67 -40.71
CA LEU C 602 -8.43 60.22 -40.97
C LEU C 602 -9.86 59.70 -40.84
N GLY C 603 -10.65 60.37 -40.01
CA GLY C 603 -12.04 59.97 -39.79
C GLY C 603 -12.99 60.50 -40.85
N SER C 604 -12.49 61.41 -41.69
CA SER C 604 -13.33 62.06 -42.69
C SER C 604 -13.71 61.20 -43.90
N GLY C 605 -13.08 60.04 -44.04
CA GLY C 605 -13.23 59.20 -45.25
C GLY C 605 -12.95 59.84 -46.61
N SER C 606 -12.00 60.75 -46.67
CA SER C 606 -11.63 61.44 -47.93
C SER C 606 -10.75 60.64 -48.89
N GLY C 607 -10.26 59.49 -48.45
CA GLY C 607 -9.37 58.67 -49.26
C GLY C 607 -8.00 59.22 -49.60
N VAL C 608 -7.71 60.46 -49.20
CA VAL C 608 -6.43 61.11 -49.52
C VAL C 608 -5.22 60.51 -48.78
N PHE C 609 -5.49 59.95 -47.60
CA PHE C 609 -4.43 59.57 -46.65
C PHE C 609 -4.36 58.08 -46.37
N LYS C 610 -3.14 57.56 -46.40
CA LYS C 610 -2.92 56.13 -46.13
C LYS C 610 -2.92 55.87 -44.65
N CYS C 611 -2.30 56.76 -43.88
CA CYS C 611 -2.19 56.58 -42.44
C CYS C 611 -1.90 57.84 -41.65
N GLY C 612 -2.05 57.74 -40.34
CA GLY C 612 -1.81 58.85 -39.43
C GLY C 612 -1.39 58.47 -38.02
N ILE C 613 -0.80 59.45 -37.34
CA ILE C 613 -0.37 59.27 -35.96
C ILE C 613 -0.89 60.43 -35.12
N ALA C 614 -1.70 60.10 -34.12
CA ALA C 614 -2.26 61.12 -33.23
C ALA C 614 -1.65 60.99 -31.84
N VAL C 615 -0.96 62.04 -31.39
CA VAL C 615 -0.31 62.04 -30.09
C VAL C 615 -1.06 62.98 -29.16
N ALA C 616 -1.57 62.41 -28.07
CA ALA C 616 -2.29 63.17 -27.04
C ALA C 616 -3.38 64.04 -27.65
N PRO C 617 -4.26 63.43 -28.44
CA PRO C 617 -5.28 64.17 -29.15
C PRO C 617 -6.40 64.57 -28.23
N VAL C 618 -6.99 65.72 -28.49
CA VAL C 618 -8.33 66.05 -28.00
C VAL C 618 -9.28 65.18 -28.81
N SER C 619 -10.33 64.67 -28.17
CA SER C 619 -11.28 63.81 -28.89
C SER C 619 -12.72 64.33 -28.88
N ARG C 620 -13.07 65.11 -27.84
CA ARG C 620 -14.31 65.86 -27.86
C ARG C 620 -14.23 67.02 -26.88
N TRP C 621 -14.56 68.21 -27.36
CA TRP C 621 -14.29 69.46 -26.63
C TRP C 621 -14.83 69.57 -25.22
N GLU C 622 -15.90 68.84 -24.93
CA GLU C 622 -16.43 68.82 -23.58
C GLU C 622 -15.44 68.28 -22.54
N TYR C 623 -14.43 67.52 -22.99
CA TYR C 623 -13.38 67.02 -22.10
C TYR C 623 -12.24 68.01 -21.84
N TYR C 624 -12.05 68.97 -22.74
CA TYR C 624 -10.93 69.89 -22.60
C TYR C 624 -11.33 71.04 -21.67
N ASP C 625 -10.33 71.80 -21.21
CA ASP C 625 -10.56 72.84 -20.22
C ASP C 625 -11.42 73.98 -20.74
N SER C 626 -12.08 74.68 -19.82
CA SER C 626 -13.06 75.72 -20.16
C SER C 626 -12.49 77.01 -20.77
N VAL C 627 -11.53 77.63 -20.09
CA VAL C 627 -10.96 78.89 -20.60
C VAL C 627 -10.61 78.83 -22.08
N TYR C 628 -9.94 77.74 -22.48
CA TYR C 628 -9.55 77.57 -23.87
C TYR C 628 -10.76 77.24 -24.75
N THR C 629 -11.44 76.15 -24.43
CA THR C 629 -12.47 75.60 -25.29
C THR C 629 -13.59 76.58 -25.57
N GLU C 630 -14.04 77.24 -24.51
CA GLU C 630 -15.17 78.17 -24.62
C GLU C 630 -14.78 79.44 -25.33
N ARG C 631 -13.51 79.82 -25.24
CA ARG C 631 -13.03 81.00 -25.95
C ARG C 631 -13.49 80.91 -27.40
N TYR C 632 -13.49 79.70 -27.95
CA TYR C 632 -13.83 79.48 -29.35
C TYR C 632 -15.24 78.93 -29.58
N MET C 633 -15.75 78.15 -28.62
CA MET C 633 -17.00 77.41 -28.79
C MET C 633 -18.21 77.85 -27.94
N GLY C 634 -18.00 78.74 -26.99
CA GLY C 634 -19.06 79.13 -26.05
C GLY C 634 -19.41 77.94 -25.16
N LEU C 635 -20.60 77.95 -24.56
CA LEU C 635 -21.00 76.86 -23.65
C LEU C 635 -21.72 75.73 -24.34
N PRO C 636 -21.50 74.50 -23.87
CA PRO C 636 -22.15 73.33 -24.45
C PRO C 636 -23.55 73.15 -23.89
N THR C 637 -24.42 74.14 -24.13
CA THR C 637 -25.83 74.06 -23.70
C THR C 637 -26.69 74.20 -24.94
N PRO C 638 -27.94 73.77 -24.87
CA PRO C 638 -28.85 73.87 -26.01
C PRO C 638 -29.13 75.32 -26.42
N GLU C 639 -29.24 76.21 -25.44
CA GLU C 639 -29.48 77.63 -25.74
C GLU C 639 -28.25 78.32 -26.35
N ASP C 640 -27.10 77.66 -26.28
CA ASP C 640 -25.84 78.19 -26.81
C ASP C 640 -25.35 77.29 -27.97
N ASN C 641 -24.23 76.60 -27.80
CA ASN C 641 -23.56 75.91 -28.91
C ASN C 641 -23.39 74.40 -28.79
N LEU C 642 -24.17 73.76 -27.93
CA LEU C 642 -24.08 72.31 -27.71
C LEU C 642 -24.15 71.46 -28.99
N ASP C 643 -24.89 71.91 -29.98
CA ASP C 643 -24.98 71.19 -31.24
C ASP C 643 -23.61 70.98 -31.90
N HIS C 644 -22.84 72.06 -31.99
CA HIS C 644 -21.49 72.00 -32.54
C HIS C 644 -20.49 71.22 -31.67
N TYR C 645 -20.73 71.14 -30.37
CA TYR C 645 -19.90 70.31 -29.50
C TYR C 645 -20.11 68.84 -29.92
N ARG C 646 -21.37 68.44 -30.00
CA ARG C 646 -21.76 67.07 -30.35
C ARG C 646 -21.40 66.68 -31.79
N ASN C 647 -21.60 67.62 -32.70
CA ASN C 647 -21.30 67.42 -34.12
C ASN C 647 -19.81 67.26 -34.39
N SER C 648 -18.93 67.64 -33.46
CA SER C 648 -17.48 67.73 -33.73
C SER C 648 -16.53 66.75 -33.04
N THR C 649 -17.02 65.59 -32.62
CA THR C 649 -16.17 64.62 -31.92
C THR C 649 -15.44 63.69 -32.86
N VAL C 650 -14.36 63.10 -32.38
CA VAL C 650 -13.64 62.10 -33.16
C VAL C 650 -14.41 60.78 -33.20
N MET C 651 -15.00 60.38 -32.07
CA MET C 651 -15.70 59.09 -31.99
C MET C 651 -16.88 58.93 -32.94
N SER C 652 -17.50 60.03 -33.37
CA SER C 652 -18.60 59.93 -34.34
C SER C 652 -18.14 59.43 -35.71
N ARG C 653 -16.85 59.56 -35.99
CA ARG C 653 -16.28 59.09 -37.26
C ARG C 653 -15.59 57.74 -37.21
N ALA C 654 -15.76 57.01 -36.11
CA ALA C 654 -15.07 55.72 -35.92
C ALA C 654 -15.15 54.84 -37.16
N GLU C 655 -16.37 54.74 -37.70
CA GLU C 655 -16.63 53.89 -38.85
C GLU C 655 -15.68 54.10 -40.04
N ASN C 656 -15.35 55.35 -40.34
CA ASN C 656 -14.49 55.66 -41.47
C ASN C 656 -13.02 55.31 -41.30
N PHE C 657 -12.63 54.89 -40.11
CA PHE C 657 -11.22 54.59 -39.85
C PHE C 657 -10.84 53.25 -40.51
N LYS C 658 -11.86 52.48 -40.90
CA LYS C 658 -11.64 51.21 -41.60
C LYS C 658 -10.72 51.33 -42.83
N GLN C 659 -10.55 52.55 -43.33
CA GLN C 659 -9.81 52.79 -44.56
C GLN C 659 -8.40 53.34 -44.36
N VAL C 660 -7.92 53.38 -43.11
CA VAL C 660 -6.60 53.97 -42.85
C VAL C 660 -5.85 53.14 -41.83
N GLU C 661 -4.54 53.34 -41.73
CA GLU C 661 -3.74 52.75 -40.65
C GLU C 661 -3.53 53.82 -39.58
N TYR C 662 -4.03 53.56 -38.38
CA TYR C 662 -4.03 54.56 -37.30
C TYR C 662 -3.10 54.20 -36.14
N LEU C 663 -2.36 55.21 -35.66
CA LEU C 663 -1.51 55.05 -34.47
C LEU C 663 -1.84 56.08 -33.41
N LEU C 664 -2.31 55.60 -32.26
CA LEU C 664 -2.78 56.44 -31.15
C LEU C 664 -1.80 56.34 -30.01
N ILE C 665 -1.33 57.47 -29.51
CA ILE C 665 -0.40 57.46 -28.39
C ILE C 665 -0.76 58.48 -27.35
N HIS C 666 -0.68 58.10 -26.08
CA HIS C 666 -1.03 59.01 -24.99
C HIS C 666 -0.34 58.67 -23.67
N GLY C 667 0.16 59.69 -22.97
CA GLY C 667 0.80 59.52 -21.67
C GLY C 667 -0.25 59.37 -20.60
N THR C 668 -0.05 58.45 -19.66
CA THR C 668 -1.11 58.13 -18.67
C THR C 668 -1.29 59.22 -17.62
N ALA C 669 -0.24 60.00 -17.39
CA ALA C 669 -0.28 61.09 -16.43
C ALA C 669 -0.40 62.46 -17.11
N ASP C 670 -1.12 62.49 -18.23
CA ASP C 670 -1.46 63.74 -18.91
C ASP C 670 -2.53 64.50 -18.10
N ASP C 671 -2.13 65.64 -17.55
CA ASP C 671 -3.02 66.48 -16.77
C ASP C 671 -3.66 67.56 -17.65
N ASN C 672 -3.19 67.66 -18.88
CA ASN C 672 -3.67 68.67 -19.81
C ASN C 672 -4.75 68.10 -20.72
N VAL C 673 -4.32 67.25 -21.65
CA VAL C 673 -5.26 66.53 -22.49
C VAL C 673 -5.33 65.17 -21.82
N HIS C 674 -6.35 65.03 -20.99
CA HIS C 674 -6.43 63.84 -20.15
C HIS C 674 -6.45 62.55 -20.97
N PHE C 675 -5.93 61.49 -20.36
CA PHE C 675 -5.88 60.18 -21.01
C PHE C 675 -7.30 59.81 -21.48
N GLN C 676 -8.28 60.13 -20.64
CA GLN C 676 -9.72 60.00 -20.99
C GLN C 676 -10.03 60.18 -22.48
N GLN C 677 -9.50 61.25 -23.07
CA GLN C 677 -9.76 61.55 -24.47
C GLN C 677 -9.40 60.42 -25.45
N SER C 678 -8.16 59.95 -25.38
CA SER C 678 -7.72 58.80 -26.18
C SER C 678 -8.45 57.49 -25.80
N ALA C 679 -8.66 57.30 -24.50
CA ALA C 679 -9.36 56.11 -24.04
C ALA C 679 -10.76 56.00 -24.64
N GLN C 680 -11.41 57.15 -24.86
CA GLN C 680 -12.74 57.18 -25.47
C GLN C 680 -12.74 56.95 -26.99
N ILE C 681 -11.71 57.43 -27.66
CA ILE C 681 -11.52 57.10 -29.06
C ILE C 681 -11.38 55.59 -29.24
N SER C 682 -10.43 55.01 -28.51
CA SER C 682 -10.07 53.61 -28.66
C SER C 682 -11.31 52.73 -28.51
N LYS C 683 -12.11 53.04 -27.50
CA LYS C 683 -13.34 52.31 -27.23
C LYS C 683 -14.30 52.41 -28.42
N ALA C 684 -14.45 53.62 -28.97
CA ALA C 684 -15.32 53.85 -30.13
C ALA C 684 -14.94 53.04 -31.36
N LEU C 685 -13.63 52.97 -31.62
CA LEU C 685 -13.10 52.16 -32.73
C LEU C 685 -13.26 50.66 -32.52
N VAL C 686 -13.09 50.22 -31.28
CA VAL C 686 -13.24 48.81 -30.95
C VAL C 686 -14.68 48.36 -31.17
N ASP C 687 -15.62 49.22 -30.79
CA ASP C 687 -17.06 48.91 -30.86
C ASP C 687 -17.57 48.82 -32.28
N VAL C 688 -16.81 49.40 -33.21
CA VAL C 688 -17.15 49.45 -34.62
C VAL C 688 -16.29 48.45 -35.41
N GLY C 689 -15.40 47.77 -34.70
CA GLY C 689 -14.58 46.70 -35.29
C GLY C 689 -13.45 47.17 -36.18
N VAL C 690 -12.89 48.34 -35.87
CA VAL C 690 -11.78 48.89 -36.65
C VAL C 690 -10.46 48.50 -36.01
N ASP C 691 -9.48 48.10 -36.81
CA ASP C 691 -8.16 47.81 -36.26
C ASP C 691 -7.28 49.05 -36.24
N PHE C 692 -6.38 49.09 -35.28
CA PHE C 692 -5.44 50.20 -35.14
C PHE C 692 -4.43 49.74 -34.10
N GLN C 693 -3.38 50.52 -33.86
CA GLN C 693 -2.61 50.35 -32.63
C GLN C 693 -2.62 51.54 -31.71
N ALA C 694 -2.75 51.23 -30.43
CA ALA C 694 -2.59 52.19 -29.34
C ALA C 694 -1.19 51.99 -28.75
N MET C 695 -0.80 52.93 -27.90
CA MET C 695 0.47 52.86 -27.22
C MET C 695 0.37 53.84 -26.08
N TRP C 696 0.38 53.34 -24.85
CA TRP C 696 0.39 54.23 -23.71
C TRP C 696 1.82 54.50 -23.26
N TYR C 697 1.99 55.53 -22.42
CA TYR C 697 3.29 55.82 -21.83
C TYR C 697 3.12 56.03 -20.33
N THR C 698 3.50 55.02 -19.57
CA THR C 698 3.31 55.00 -18.13
C THR C 698 3.87 56.23 -17.49
N ASP C 699 3.01 56.98 -16.80
CA ASP C 699 3.44 58.14 -15.99
C ASP C 699 4.02 59.33 -16.77
N GLU C 700 3.98 59.26 -18.10
CA GLU C 700 4.39 60.39 -18.91
C GLU C 700 3.22 61.36 -18.95
N ASP C 701 3.53 62.64 -19.14
CA ASP C 701 2.49 63.65 -19.26
C ASP C 701 2.36 64.20 -20.68
N HIS C 702 1.84 65.42 -20.81
CA HIS C 702 1.52 65.95 -22.11
C HIS C 702 2.73 66.16 -23.00
N GLY C 703 3.90 66.34 -22.38
CA GLY C 703 5.17 66.47 -23.12
C GLY C 703 5.77 65.18 -23.67
N ILE C 704 5.41 64.03 -23.10
CA ILE C 704 6.14 62.77 -23.30
C ILE C 704 7.64 63.05 -23.41
N ALA C 705 8.12 63.85 -22.47
CA ALA C 705 9.37 64.58 -22.64
C ALA C 705 10.52 64.06 -21.81
N SER C 706 10.24 63.07 -20.97
CA SER C 706 11.27 62.52 -20.12
C SER C 706 12.26 61.95 -21.10
N SER C 707 13.52 61.85 -20.67
CA SER C 707 14.59 61.46 -21.56
C SER C 707 14.39 60.17 -22.37
N THR C 708 14.05 59.09 -21.67
CA THR C 708 13.95 57.77 -22.29
C THR C 708 12.67 57.60 -23.09
N ALA C 709 11.61 58.30 -22.67
CA ALA C 709 10.33 58.24 -23.35
C ALA C 709 10.40 58.96 -24.68
N HIS C 710 10.99 60.15 -24.66
CA HIS C 710 11.20 60.96 -25.86
C HIS C 710 11.88 60.13 -26.96
N GLN C 711 12.94 59.44 -26.58
CA GLN C 711 13.66 58.55 -27.48
C GLN C 711 12.77 57.42 -27.99
N HIS C 712 12.00 56.84 -27.07
CA HIS C 712 11.21 55.67 -27.38
C HIS C 712 10.07 55.97 -28.36
N ILE C 713 9.39 57.09 -28.14
CA ILE C 713 8.24 57.44 -28.96
C ILE C 713 8.66 57.80 -30.39
N TYR C 714 9.69 58.63 -30.53
CA TYR C 714 10.14 59.01 -31.85
C TYR C 714 10.62 57.78 -32.62
N THR C 715 11.27 56.85 -31.92
CA THR C 715 11.64 55.57 -32.53
C THR C 715 10.40 54.80 -32.99
N HIS C 716 9.43 54.64 -32.10
CA HIS C 716 8.23 53.86 -32.41
C HIS C 716 7.42 54.46 -33.59
N MET C 717 7.38 55.78 -33.66
CA MET C 717 6.71 56.48 -34.76
C MET C 717 7.44 56.32 -36.09
N SER C 718 8.75 56.51 -36.05
CA SER C 718 9.60 56.36 -37.24
C SER C 718 9.38 55.00 -37.88
N HIS C 719 9.55 53.93 -37.11
CA HIS C 719 9.29 52.59 -37.59
C HIS C 719 7.88 52.45 -38.21
N PHE C 720 6.86 53.03 -37.57
CA PHE C 720 5.46 52.97 -38.06
C PHE C 720 5.24 53.61 -39.44
N ILE C 721 5.84 54.78 -39.61
CA ILE C 721 5.76 55.54 -40.85
C ILE C 721 6.50 54.81 -41.95
N LYS C 722 7.71 54.32 -41.63
CA LYS C 722 8.54 53.63 -42.62
C LYS C 722 7.78 52.43 -43.17
N GLN C 723 7.20 51.66 -42.25
CA GLN C 723 6.42 50.49 -42.62
C GLN C 723 5.17 50.83 -43.43
N CYS C 724 4.49 51.90 -43.06
CA CYS C 724 3.30 52.32 -43.77
C CYS C 724 3.64 52.87 -45.18
N PHE C 725 4.86 53.40 -45.33
CA PHE C 725 5.34 53.89 -46.62
C PHE C 725 6.18 52.89 -47.41
N SER C 726 6.24 51.64 -46.94
CA SER C 726 7.08 50.60 -47.56
C SER C 726 8.54 51.00 -47.75
N LEU C 727 9.06 51.81 -46.83
CA LEU C 727 10.47 52.15 -46.80
C LEU C 727 11.13 51.02 -46.01
N PRO C 728 12.33 50.60 -46.40
CA PRO C 728 13.10 49.62 -45.62
C PRO C 728 14.24 50.27 -44.82
N SER D 1 -9.46 19.97 -51.36
CA SER D 1 -10.22 19.74 -50.10
C SER D 1 -11.34 20.79 -49.98
N ARG D 2 -11.86 21.02 -48.76
CA ARG D 2 -13.05 21.84 -48.56
C ARG D 2 -12.69 23.25 -48.09
N LYS D 3 -13.33 23.71 -47.01
CA LYS D 3 -12.98 24.98 -46.35
C LYS D 3 -12.46 24.74 -44.93
N THR D 4 -11.83 25.77 -44.38
CA THR D 4 -11.17 25.66 -43.09
C THR D 4 -11.98 26.31 -41.98
N TYR D 5 -11.53 26.11 -40.74
CA TYR D 5 -12.09 26.79 -39.57
C TYR D 5 -11.47 28.20 -39.51
N THR D 6 -12.29 29.20 -39.85
CA THR D 6 -11.78 30.56 -40.03
C THR D 6 -11.90 31.38 -38.76
N LEU D 7 -11.28 32.55 -38.76
CA LEU D 7 -11.34 33.40 -37.60
C LEU D 7 -12.78 33.78 -37.30
N THR D 8 -13.57 34.04 -38.34
CA THR D 8 -14.99 34.39 -38.17
C THR D 8 -15.81 33.25 -37.60
N ASP D 9 -15.48 32.03 -38.00
CA ASP D 9 -16.09 30.82 -37.43
C ASP D 9 -15.95 30.76 -35.91
N TYR D 10 -14.81 31.25 -35.43
CA TYR D 10 -14.55 31.30 -34.00
C TYR D 10 -15.30 32.48 -33.39
N LEU D 11 -15.02 33.66 -33.92
CA LEU D 11 -15.53 34.91 -33.36
C LEU D 11 -17.05 35.08 -33.45
N LYS D 12 -17.61 34.70 -34.60
CA LYS D 12 -19.07 34.75 -34.80
C LYS D 12 -19.73 33.48 -34.27
N ASN D 13 -18.92 32.48 -33.98
CA ASN D 13 -19.37 31.27 -33.31
C ASN D 13 -20.31 30.40 -34.16
N THR D 14 -19.92 30.18 -35.41
CA THR D 14 -20.78 29.47 -36.35
C THR D 14 -20.94 27.98 -36.06
N TYR D 15 -19.97 27.38 -35.38
CA TYR D 15 -20.06 25.95 -35.00
C TYR D 15 -20.34 25.78 -33.51
N ARG D 16 -21.62 25.61 -33.20
CA ARG D 16 -22.09 25.52 -31.83
C ARG D 16 -22.07 24.09 -31.29
N LEU D 17 -21.54 23.92 -30.08
CA LEU D 17 -21.66 22.66 -29.34
C LEU D 17 -23.00 22.67 -28.61
N LYS D 18 -23.66 21.53 -28.55
CA LYS D 18 -24.91 21.42 -27.80
C LYS D 18 -24.63 20.81 -26.44
N LEU D 19 -25.44 21.22 -25.46
CA LEU D 19 -25.26 20.78 -24.08
C LEU D 19 -26.48 19.98 -23.69
N TYR D 20 -26.52 19.57 -22.42
CA TYR D 20 -27.72 18.97 -21.87
C TYR D 20 -27.76 19.28 -20.39
N SER D 21 -28.09 20.53 -20.07
CA SER D 21 -28.15 20.97 -18.69
C SER D 21 -29.46 20.54 -18.05
N LEU D 22 -29.37 19.55 -17.18
CA LEU D 22 -30.53 19.11 -16.42
C LEU D 22 -30.31 19.47 -14.97
N ARG D 23 -31.41 19.65 -14.25
CA ARG D 23 -31.36 19.97 -12.83
C ARG D 23 -32.23 18.95 -12.11
N TRP D 24 -31.59 18.06 -11.36
CA TRP D 24 -32.29 16.99 -10.63
C TRP D 24 -33.22 17.58 -9.59
N ILE D 25 -34.46 17.11 -9.53
CA ILE D 25 -35.39 17.59 -8.51
C ILE D 25 -35.81 16.51 -7.52
N SER D 26 -35.63 15.25 -7.90
CA SER D 26 -35.97 14.16 -7.00
C SER D 26 -35.04 12.97 -7.20
N ASP D 27 -35.48 11.85 -6.64
CA ASP D 27 -34.81 10.59 -6.79
C ASP D 27 -34.79 10.12 -8.24
N HIS D 28 -35.85 10.45 -8.97
CA HIS D 28 -36.07 9.93 -10.31
C HIS D 28 -36.55 10.95 -11.34
N GLU D 29 -36.58 12.22 -10.98
CA GLU D 29 -37.04 13.26 -11.89
C GLU D 29 -36.04 14.41 -12.03
N TYR D 30 -36.02 15.02 -13.21
CA TYR D 30 -35.17 16.17 -13.44
C TYR D 30 -35.88 17.18 -14.32
N LEU D 31 -35.34 18.40 -14.38
CA LEU D 31 -35.90 19.45 -15.24
C LEU D 31 -34.95 19.75 -16.36
N TYR D 32 -35.50 20.10 -17.52
CA TYR D 32 -34.71 20.43 -18.68
C TYR D 32 -35.45 21.49 -19.49
N LYS D 33 -34.72 22.53 -19.92
CA LYS D 33 -35.34 23.62 -20.65
C LYS D 33 -35.09 23.38 -22.15
N GLN D 34 -36.18 23.36 -22.93
CA GLN D 34 -36.10 23.24 -24.39
C GLN D 34 -37.12 24.16 -25.09
N GLU D 35 -36.68 24.81 -26.16
CA GLU D 35 -37.50 25.79 -26.89
C GLU D 35 -38.14 26.83 -25.94
N ASN D 36 -37.51 27.06 -24.79
CA ASN D 36 -38.03 27.96 -23.76
C ASN D 36 -39.20 27.39 -22.94
N ASN D 37 -39.27 26.06 -22.85
CA ASN D 37 -40.23 25.43 -21.95
C ASN D 37 -39.47 24.53 -20.99
N ILE D 38 -39.70 24.72 -19.71
CA ILE D 38 -39.12 23.81 -18.71
C ILE D 38 -40.00 22.56 -18.65
N LEU D 39 -39.39 21.43 -18.96
CA LEU D 39 -40.07 20.15 -18.92
C LEU D 39 -39.50 19.35 -17.79
N VAL D 40 -40.30 18.42 -17.29
CA VAL D 40 -39.85 17.47 -16.29
C VAL D 40 -39.79 16.09 -16.95
N PHE D 41 -38.65 15.42 -16.77
CA PHE D 41 -38.44 14.12 -17.37
C PHE D 41 -38.46 13.05 -16.31
N ASN D 42 -38.99 11.89 -16.69
CA ASN D 42 -38.95 10.69 -15.86
C ASN D 42 -37.70 9.87 -16.15
N ALA D 43 -36.79 9.81 -15.17
CA ALA D 43 -35.47 9.19 -15.36
C ALA D 43 -35.55 7.78 -15.91
N GLU D 44 -36.44 6.98 -15.34
CA GLU D 44 -36.59 5.59 -15.73
C GLU D 44 -37.05 5.46 -17.19
N TYR D 45 -38.21 6.05 -17.48
CA TYR D 45 -38.87 5.82 -18.77
C TYR D 45 -38.54 6.82 -19.87
N GLY D 46 -38.09 8.01 -19.52
CA GLY D 46 -37.71 9.00 -20.51
C GLY D 46 -38.87 9.85 -21.00
N ASN D 47 -40.08 9.49 -20.58
CA ASN D 47 -41.26 10.28 -20.93
C ASN D 47 -41.20 11.60 -20.17
N SER D 48 -41.90 12.62 -20.67
CA SER D 48 -41.80 13.95 -20.11
C SER D 48 -43.07 14.79 -20.16
N SER D 49 -43.36 15.45 -19.04
CA SER D 49 -44.47 16.42 -18.96
C SER D 49 -43.98 17.86 -19.08
N VAL D 50 -44.83 18.73 -19.59
CA VAL D 50 -44.56 20.17 -19.59
C VAL D 50 -44.75 20.70 -18.17
N PHE D 51 -43.74 21.36 -17.62
CA PHE D 51 -43.79 21.90 -16.25
C PHE D 51 -44.26 23.35 -16.25
N LEU D 52 -43.77 24.13 -17.20
CA LEU D 52 -44.14 25.53 -17.33
C LEU D 52 -43.80 26.00 -18.76
N GLU D 53 -44.70 26.80 -19.34
CA GLU D 53 -44.62 27.14 -20.76
C GLU D 53 -43.98 28.52 -21.00
N ASN D 54 -43.42 28.69 -22.20
CA ASN D 54 -42.89 29.99 -22.63
C ASN D 54 -43.98 31.04 -22.76
N SER D 55 -45.24 30.60 -22.85
CA SER D 55 -46.38 31.52 -22.85
C SER D 55 -46.45 32.28 -21.53
N THR D 56 -46.40 31.54 -20.42
CA THR D 56 -46.67 32.09 -19.09
C THR D 56 -46.15 33.53 -18.93
N PHE D 57 -44.89 33.76 -19.29
CA PHE D 57 -44.23 35.04 -19.01
C PHE D 57 -44.05 36.01 -20.18
N ASP D 58 -44.96 35.93 -21.15
CA ASP D 58 -44.93 36.83 -22.30
C ASP D 58 -45.14 38.28 -21.88
N GLU D 59 -46.19 38.52 -21.10
CA GLU D 59 -46.39 39.83 -20.46
C GLU D 59 -45.95 39.76 -19.00
N PHE D 60 -44.63 39.65 -18.80
CA PHE D 60 -44.04 39.85 -17.48
C PHE D 60 -43.69 41.34 -17.37
N GLY D 61 -43.36 41.95 -18.50
CA GLY D 61 -42.95 43.36 -18.54
C GLY D 61 -41.44 43.46 -18.70
N HIS D 62 -40.72 42.58 -18.02
CA HIS D 62 -39.27 42.59 -18.03
C HIS D 62 -38.70 41.39 -18.74
N SER D 63 -37.45 41.54 -19.16
CA SER D 63 -36.70 40.45 -19.76
C SER D 63 -36.15 39.53 -18.66
N ILE D 64 -36.63 38.29 -18.63
CA ILE D 64 -36.25 37.34 -17.56
C ILE D 64 -34.89 36.72 -17.85
N ASN D 65 -34.00 36.81 -16.87
CA ASN D 65 -32.62 36.38 -17.01
C ASN D 65 -32.40 34.92 -16.58
N ASP D 66 -33.11 34.48 -15.55
CA ASP D 66 -32.90 33.14 -15.01
C ASP D 66 -34.02 32.71 -14.06
N TYR D 67 -34.36 31.42 -14.11
CA TYR D 67 -35.39 30.86 -13.24
C TYR D 67 -34.72 30.31 -11.96
N SER D 68 -35.53 29.78 -11.05
CA SER D 68 -35.04 28.99 -9.90
C SER D 68 -36.23 28.48 -9.09
N ILE D 69 -36.38 27.17 -9.01
CA ILE D 69 -37.61 26.58 -8.49
C ILE D 69 -37.49 25.98 -7.10
N SER D 70 -38.33 26.47 -6.18
CA SER D 70 -38.30 26.00 -4.79
C SER D 70 -38.32 24.47 -4.76
N PRO D 71 -37.53 23.87 -3.88
CA PRO D 71 -37.46 22.41 -3.76
C PRO D 71 -38.80 21.71 -3.76
N ASP D 72 -39.76 22.23 -3.00
CA ASP D 72 -41.08 21.63 -2.92
C ASP D 72 -41.98 21.92 -4.15
N GLY D 73 -41.40 22.36 -5.24
CA GLY D 73 -42.13 22.53 -6.50
C GLY D 73 -43.24 23.56 -6.56
N GLN D 74 -43.57 24.18 -5.43
CA GLN D 74 -44.72 25.08 -5.33
C GLN D 74 -44.50 26.48 -5.88
N PHE D 75 -43.26 26.97 -5.80
CA PHE D 75 -42.94 28.34 -6.25
C PHE D 75 -41.79 28.39 -7.22
N ILE D 76 -41.71 29.49 -7.96
CA ILE D 76 -40.66 29.68 -8.95
C ILE D 76 -40.15 31.12 -8.87
N LEU D 77 -38.83 31.25 -8.81
CA LEU D 77 -38.19 32.54 -8.59
C LEU D 77 -37.66 33.07 -9.91
N LEU D 78 -37.88 34.36 -10.16
CA LEU D 78 -37.52 34.98 -11.44
C LEU D 78 -36.53 36.12 -11.30
N GLU D 79 -35.43 36.01 -12.03
CA GLU D 79 -34.32 36.97 -11.91
C GLU D 79 -34.34 37.90 -13.12
N TYR D 80 -34.40 39.20 -12.85
CA TYR D 80 -34.24 40.21 -13.91
C TYR D 80 -33.36 41.37 -13.45
N ASN D 81 -33.07 42.28 -14.35
CA ASN D 81 -32.21 43.43 -14.07
C ASN D 81 -30.83 42.99 -13.58
N TYR D 82 -30.35 41.88 -14.13
CA TYR D 82 -29.05 41.36 -13.82
C TYR D 82 -28.03 42.44 -14.12
N VAL D 83 -27.11 42.66 -13.19
CA VAL D 83 -25.99 43.60 -13.39
C VAL D 83 -24.75 43.00 -12.79
N LYS D 84 -23.80 42.63 -13.66
CA LYS D 84 -22.60 41.91 -13.23
C LYS D 84 -21.71 42.77 -12.33
N GLN D 85 -21.07 42.09 -11.36
CA GLN D 85 -20.01 42.69 -10.57
C GLN D 85 -18.62 42.07 -10.86
N TRP D 86 -18.14 41.19 -9.99
CA TRP D 86 -16.85 40.53 -10.20
C TRP D 86 -17.10 39.18 -10.85
N ARG D 87 -16.17 38.25 -10.65
CA ARG D 87 -16.27 36.94 -11.28
C ARG D 87 -17.64 36.28 -11.10
N HIS D 88 -18.10 36.16 -9.85
CA HIS D 88 -19.37 35.51 -9.53
C HIS D 88 -20.42 36.41 -8.89
N SER D 89 -20.00 37.58 -8.42
CA SER D 89 -20.94 38.52 -7.81
C SER D 89 -21.76 39.27 -8.86
N TYR D 90 -22.97 39.64 -8.48
CA TYR D 90 -23.83 40.53 -9.27
C TYR D 90 -25.02 40.93 -8.42
N THR D 91 -25.82 41.86 -8.95
CA THR D 91 -27.10 42.20 -8.33
C THR D 91 -28.23 42.09 -9.34
N ALA D 92 -29.44 41.94 -8.80
CA ALA D 92 -30.60 41.69 -9.62
C ALA D 92 -31.86 42.07 -8.88
N SER D 93 -32.97 42.09 -9.64
CA SER D 93 -34.29 42.27 -9.08
C SER D 93 -34.97 40.91 -9.22
N TYR D 94 -35.95 40.67 -8.36
CA TYR D 94 -36.54 39.33 -8.23
C TYR D 94 -38.05 39.34 -8.06
N ASP D 95 -38.71 38.35 -8.67
CA ASP D 95 -40.15 38.13 -8.51
C ASP D 95 -40.46 36.64 -8.29
N ILE D 96 -41.31 36.38 -7.30
CA ILE D 96 -41.75 35.01 -6.99
C ILE D 96 -43.11 34.74 -7.62
N TYR D 97 -43.29 33.54 -8.13
CA TYR D 97 -44.55 33.19 -8.79
C TYR D 97 -45.11 31.88 -8.20
N ASP D 98 -46.35 31.95 -7.74
CA ASP D 98 -47.02 30.81 -7.10
C ASP D 98 -47.62 29.89 -8.17
N LEU D 99 -47.09 28.67 -8.26
CA LEU D 99 -47.49 27.73 -9.31
C LEU D 99 -48.85 27.06 -9.08
N ASN D 100 -49.39 27.16 -7.88
CA ASN D 100 -50.72 26.64 -7.60
C ASN D 100 -51.78 27.64 -8.09
N LYS D 101 -51.79 28.82 -7.47
CA LYS D 101 -52.70 29.90 -7.89
C LYS D 101 -52.20 30.71 -9.09
N ARG D 102 -51.52 30.03 -10.02
CA ARG D 102 -50.99 30.63 -11.25
C ARG D 102 -50.78 32.15 -11.26
N GLN D 103 -50.02 32.66 -10.30
CA GLN D 103 -49.85 34.11 -10.16
C GLN D 103 -48.57 34.64 -9.51
N LEU D 104 -48.30 35.92 -9.75
CA LEU D 104 -47.14 36.60 -9.18
C LEU D 104 -47.47 37.12 -7.80
N ILE D 105 -46.55 36.94 -6.85
CA ILE D 105 -46.70 37.47 -5.50
C ILE D 105 -46.47 38.98 -5.56
N THR D 106 -47.48 39.77 -5.18
CA THR D 106 -47.46 41.22 -5.42
C THR D 106 -47.02 42.06 -4.25
N GLU D 107 -47.06 41.50 -3.04
CA GLU D 107 -46.71 42.28 -1.84
C GLU D 107 -45.68 41.55 -0.98
N GLU D 108 -45.00 42.33 -0.13
CA GLU D 108 -43.85 41.85 0.62
C GLU D 108 -42.86 41.22 -0.36
N ARG D 109 -42.36 42.03 -1.28
CA ARG D 109 -41.46 41.56 -2.33
C ARG D 109 -39.98 41.75 -2.01
N ILE D 110 -39.14 41.11 -2.82
CA ILE D 110 -37.70 41.20 -2.63
C ILE D 110 -37.23 42.50 -3.25
N PRO D 111 -36.34 43.21 -2.58
CA PRO D 111 -35.89 44.52 -3.04
C PRO D 111 -35.12 44.47 -4.36
N ASN D 112 -35.22 45.54 -5.13
CA ASN D 112 -34.32 45.74 -6.26
C ASN D 112 -32.91 45.81 -5.66
N ASN D 113 -31.90 45.47 -6.45
CA ASN D 113 -30.50 45.49 -5.99
C ASN D 113 -30.20 44.49 -4.88
N THR D 114 -30.81 43.33 -4.97
CA THR D 114 -30.51 42.22 -4.07
C THR D 114 -29.21 41.62 -4.55
N GLN D 115 -28.38 41.17 -3.61
CA GLN D 115 -27.01 40.72 -3.90
C GLN D 115 -26.89 39.19 -3.97
N TRP D 116 -27.73 38.50 -3.19
CA TRP D 116 -27.83 37.05 -3.24
C TRP D 116 -29.19 36.56 -2.74
N VAL D 117 -29.74 35.53 -3.38
CA VAL D 117 -30.98 34.89 -2.94
C VAL D 117 -30.75 33.39 -2.97
N THR D 118 -31.36 32.67 -2.05
CA THR D 118 -31.32 31.21 -2.08
C THR D 118 -32.57 30.64 -1.42
N TRP D 119 -33.10 29.58 -2.02
CA TRP D 119 -34.18 28.82 -1.39
C TRP D 119 -33.56 27.98 -0.28
N SER D 120 -34.41 27.49 0.62
CA SER D 120 -33.98 26.46 1.56
C SER D 120 -33.90 25.12 0.79
N PRO D 121 -33.14 24.17 1.31
CA PRO D 121 -32.96 22.88 0.64
C PRO D 121 -34.24 22.05 0.53
N VAL D 122 -35.20 22.31 1.41
CA VAL D 122 -36.52 21.69 1.32
C VAL D 122 -37.57 22.75 1.65
N GLY D 123 -38.76 22.61 1.07
CA GLY D 123 -39.85 23.56 1.30
C GLY D 123 -39.67 24.80 0.43
N HIS D 124 -40.09 25.94 0.95
CA HIS D 124 -40.02 27.22 0.21
C HIS D 124 -39.56 28.44 1.07
N LYS D 125 -38.71 28.17 2.06
CA LYS D 125 -38.11 29.26 2.82
C LYS D 125 -37.11 29.97 1.91
N LEU D 126 -36.93 31.27 2.17
CA LEU D 126 -36.02 32.08 1.37
C LEU D 126 -35.08 32.85 2.27
N ALA D 127 -33.84 32.97 1.84
CA ALA D 127 -32.90 33.85 2.50
C ALA D 127 -32.33 34.74 1.41
N TYR D 128 -32.18 36.03 1.69
CA TYR D 128 -31.55 36.93 0.74
C TYR D 128 -30.66 37.99 1.41
N VAL D 129 -29.75 38.56 0.63
CA VAL D 129 -28.87 39.57 1.14
C VAL D 129 -29.18 40.86 0.41
N TRP D 130 -29.33 41.94 1.19
CA TRP D 130 -29.64 43.26 0.62
C TRP D 130 -28.97 44.35 1.47
N ASN D 131 -28.17 45.18 0.80
CA ASN D 131 -27.32 46.15 1.47
C ASN D 131 -26.45 45.52 2.56
N ASN D 132 -25.90 44.36 2.26
CA ASN D 132 -24.91 43.70 3.12
C ASN D 132 -25.48 43.11 4.41
N ASP D 133 -26.80 42.93 4.45
CA ASP D 133 -27.46 42.34 5.60
C ASP D 133 -28.32 41.16 5.16
N ILE D 134 -28.59 40.25 6.08
CA ILE D 134 -29.36 39.05 5.76
C ILE D 134 -30.83 39.17 6.18
N TYR D 135 -31.70 38.64 5.33
CA TYR D 135 -33.13 38.65 5.58
C TYR D 135 -33.69 37.27 5.28
N VAL D 136 -34.74 36.91 6.00
CA VAL D 136 -35.43 35.63 5.80
C VAL D 136 -36.94 35.73 5.60
N LYS D 137 -37.42 35.10 4.54
CA LYS D 137 -38.85 34.91 4.35
C LYS D 137 -39.19 33.46 4.61
N ILE D 138 -40.10 33.23 5.56
CA ILE D 138 -40.59 31.88 5.83
C ILE D 138 -41.59 31.49 4.72
N GLU D 139 -42.43 32.44 4.34
CA GLU D 139 -43.37 32.26 3.24
C GLU D 139 -43.17 33.37 2.21
N PRO D 140 -43.18 33.02 0.94
CA PRO D 140 -43.04 33.99 -0.15
C PRO D 140 -43.81 35.31 0.03
N ASN D 141 -45.06 35.22 0.45
CA ASN D 141 -45.94 36.40 0.56
C ASN D 141 -45.91 37.14 1.91
N LEU D 142 -45.37 36.52 2.95
CA LEU D 142 -45.26 37.16 4.27
C LEU D 142 -44.04 38.10 4.31
N PRO D 143 -43.97 38.97 5.32
CA PRO D 143 -42.83 39.86 5.46
C PRO D 143 -41.56 39.13 5.88
N SER D 144 -40.42 39.69 5.50
CA SER D 144 -39.13 39.10 5.82
C SER D 144 -38.57 39.57 7.17
N TYR D 145 -37.89 38.65 7.86
CA TYR D 145 -37.29 38.94 9.15
C TYR D 145 -35.85 39.38 8.92
N ARG D 146 -35.46 40.49 9.54
CA ARG D 146 -34.07 40.94 9.45
C ARG D 146 -33.16 40.19 10.42
N ILE D 147 -32.07 39.65 9.92
CA ILE D 147 -31.16 38.88 10.77
C ILE D 147 -29.97 39.71 11.25
N THR D 148 -29.30 40.40 10.33
CA THR D 148 -28.12 41.19 10.68
C THR D 148 -28.42 42.68 10.52
N TRP D 149 -27.78 43.49 11.35
CA TRP D 149 -27.97 44.94 11.29
C TRP D 149 -26.68 45.72 11.12
N THR D 150 -25.57 45.03 10.87
CA THR D 150 -24.25 45.67 10.83
C THR D 150 -23.74 45.93 9.43
N GLY D 151 -24.49 45.46 8.44
CA GLY D 151 -24.06 45.51 7.04
C GLY D 151 -23.72 46.91 6.59
N LYS D 152 -22.55 47.06 5.96
CA LYS D 152 -22.09 48.36 5.52
C LYS D 152 -21.18 48.27 4.30
N GLU D 153 -21.51 49.06 3.28
CA GLU D 153 -20.85 48.96 1.99
C GLU D 153 -19.33 49.08 2.09
N ASP D 154 -18.63 48.14 1.47
CA ASP D 154 -17.17 48.08 1.49
C ASP D 154 -16.50 47.93 2.85
N ILE D 155 -17.29 47.60 3.88
CA ILE D 155 -16.75 47.43 5.24
C ILE D 155 -17.20 46.14 5.93
N ILE D 156 -18.50 45.96 6.07
CA ILE D 156 -19.07 44.78 6.71
C ILE D 156 -19.90 43.99 5.72
N TYR D 157 -19.55 42.73 5.54
CA TYR D 157 -20.28 41.85 4.65
C TYR D 157 -20.96 40.75 5.46
N ASN D 158 -22.29 40.72 5.43
CA ASN D 158 -23.05 39.68 6.12
C ASN D 158 -23.70 38.76 5.11
N GLY D 159 -23.21 37.52 5.04
CA GLY D 159 -23.81 36.49 4.16
C GLY D 159 -23.30 36.45 2.73
N ILE D 160 -22.44 37.41 2.38
CA ILE D 160 -21.76 37.46 1.06
C ILE D 160 -20.26 37.74 1.25
N THR D 161 -19.45 37.28 0.30
CA THR D 161 -18.00 37.40 0.45
C THR D 161 -17.53 38.74 -0.04
N ASP D 162 -16.37 39.16 0.48
CA ASP D 162 -15.71 40.33 -0.02
C ASP D 162 -14.99 39.95 -1.33
N TRP D 163 -14.07 40.78 -1.79
CA TRP D 163 -13.41 40.54 -3.09
C TRP D 163 -12.56 39.29 -3.09
N VAL D 164 -11.64 39.23 -2.15
CA VAL D 164 -10.63 38.17 -2.10
C VAL D 164 -11.21 36.83 -1.65
N TYR D 165 -12.22 36.85 -0.80
CA TYR D 165 -12.90 35.60 -0.43
C TYR D 165 -13.71 35.04 -1.61
N GLU D 166 -14.30 35.93 -2.40
CA GLU D 166 -15.06 35.51 -3.59
C GLU D 166 -14.14 34.85 -4.62
N GLU D 167 -13.04 35.52 -4.91
CA GLU D 167 -12.15 35.10 -5.98
C GLU D 167 -11.28 33.92 -5.61
N GLU D 168 -10.62 34.05 -4.46
CA GLU D 168 -9.55 33.12 -4.06
C GLU D 168 -9.91 31.98 -3.10
N VAL D 169 -11.00 32.08 -2.35
CA VAL D 169 -11.36 31.00 -1.41
C VAL D 169 -12.65 30.27 -1.75
N PHE D 170 -13.79 30.95 -1.63
CA PHE D 170 -15.05 30.25 -1.83
C PHE D 170 -15.51 30.07 -3.27
N SER D 171 -14.91 30.78 -4.21
CA SER D 171 -15.32 30.73 -5.62
C SER D 171 -16.79 31.03 -5.83
N ALA D 172 -17.36 31.81 -4.90
CA ALA D 172 -18.77 32.15 -4.94
C ALA D 172 -18.93 33.51 -4.28
N TYR D 173 -20.08 34.15 -4.55
CA TYR D 173 -20.42 35.38 -3.85
C TYR D 173 -21.11 35.05 -2.55
N SER D 174 -21.82 33.95 -2.55
CA SER D 174 -22.64 33.53 -1.43
C SER D 174 -21.79 33.06 -0.27
N ALA D 175 -22.03 33.64 0.90
CA ALA D 175 -21.44 33.16 2.16
C ALA D 175 -22.52 32.84 3.18
N LEU D 176 -23.52 32.05 2.78
CA LEU D 176 -24.47 31.48 3.73
C LEU D 176 -24.86 30.05 3.37
N TRP D 177 -25.17 29.26 4.41
CA TRP D 177 -25.36 27.83 4.26
C TRP D 177 -26.54 27.30 5.09
N TRP D 178 -27.55 26.79 4.40
CA TRP D 178 -28.70 26.24 5.08
C TRP D 178 -28.33 24.90 5.67
N SER D 179 -28.95 24.52 6.78
CA SER D 179 -28.86 23.13 7.26
C SER D 179 -29.73 22.28 6.33
N PRO D 180 -29.51 20.97 6.32
CA PRO D 180 -30.18 20.08 5.36
C PRO D 180 -31.71 20.17 5.26
N ASN D 181 -32.40 20.12 6.39
CA ASN D 181 -33.87 20.30 6.38
C ASN D 181 -34.34 21.75 6.49
N GLY D 182 -33.40 22.68 6.62
CA GLY D 182 -33.71 24.11 6.56
C GLY D 182 -34.07 24.76 7.88
N THR D 183 -33.77 24.08 9.00
CA THR D 183 -34.01 24.65 10.31
C THR D 183 -33.07 25.83 10.49
N PHE D 184 -31.78 25.58 10.29
CA PHE D 184 -30.73 26.55 10.61
C PHE D 184 -30.16 27.27 9.39
N LEU D 185 -29.77 28.52 9.60
CA LEU D 185 -29.06 29.30 8.58
C LEU D 185 -27.69 29.73 9.11
N ALA D 186 -26.62 29.10 8.61
CA ALA D 186 -25.27 29.50 8.99
C ALA D 186 -24.80 30.58 8.04
N TYR D 187 -23.91 31.44 8.52
CA TYR D 187 -23.41 32.51 7.66
C TYR D 187 -22.11 33.08 8.17
N ALA D 188 -21.36 33.71 7.26
CA ALA D 188 -20.09 34.30 7.59
C ALA D 188 -20.24 35.81 7.59
N GLN D 189 -19.38 36.47 8.36
CA GLN D 189 -19.29 37.92 8.36
C GLN D 189 -17.84 38.38 8.15
N PHE D 190 -17.65 39.18 7.11
CA PHE D 190 -16.32 39.66 6.77
C PHE D 190 -16.21 41.14 7.12
N ASN D 191 -15.11 41.47 7.80
CA ASN D 191 -14.85 42.84 8.21
C ASN D 191 -13.65 43.34 7.42
N ASP D 192 -13.88 44.27 6.49
CA ASP D 192 -12.80 44.82 5.66
C ASP D 192 -12.23 46.17 6.13
N THR D 193 -12.54 46.55 7.36
CA THR D 193 -12.27 47.88 7.85
C THR D 193 -10.90 48.42 7.46
N GLU D 194 -9.83 47.66 7.72
CA GLU D 194 -8.48 48.17 7.44
C GLU D 194 -7.81 47.57 6.22
N VAL D 195 -8.62 47.01 5.33
CA VAL D 195 -8.10 46.50 4.07
C VAL D 195 -7.90 47.66 3.09
N PRO D 196 -6.66 47.86 2.63
CA PRO D 196 -6.36 48.94 1.71
C PRO D 196 -7.24 48.90 0.46
N LEU D 197 -7.35 50.07 -0.18
CA LEU D 197 -8.14 50.17 -1.39
C LEU D 197 -7.31 50.25 -2.64
N ILE D 198 -7.73 49.49 -3.65
CA ILE D 198 -7.16 49.61 -4.97
C ILE D 198 -8.05 50.62 -5.64
N GLU D 199 -7.47 51.55 -6.39
CA GLU D 199 -8.27 52.51 -7.17
C GLU D 199 -7.85 52.72 -8.62
N TYR D 200 -8.86 52.79 -9.49
CA TYR D 200 -8.61 52.90 -10.91
C TYR D 200 -9.76 53.65 -11.55
N SER D 201 -9.47 54.30 -12.69
CA SER D 201 -10.45 55.13 -13.37
C SER D 201 -11.39 54.29 -14.20
N PHE D 202 -12.64 54.74 -14.29
CA PHE D 202 -13.62 54.12 -15.16
C PHE D 202 -14.27 55.23 -15.99
N TYR D 203 -14.30 55.05 -17.31
CA TYR D 203 -14.65 56.15 -18.23
C TYR D 203 -16.12 56.21 -18.65
N SER D 204 -16.78 55.06 -18.74
CA SER D 204 -18.20 55.02 -19.03
C SER D 204 -18.52 55.48 -20.46
N ASP D 205 -19.79 55.78 -20.72
CA ASP D 205 -20.20 56.28 -22.04
C ASP D 205 -19.55 57.63 -22.25
N GLU D 206 -19.37 58.02 -23.50
CA GLU D 206 -18.70 59.28 -23.80
C GLU D 206 -19.48 60.49 -23.21
N SER D 207 -20.74 60.26 -22.88
CA SER D 207 -21.58 61.27 -22.25
C SER D 207 -21.10 61.71 -20.88
N LEU D 208 -20.26 60.91 -20.25
CA LEU D 208 -19.81 61.18 -18.87
C LEU D 208 -18.57 62.09 -18.88
N GLN D 209 -18.77 63.33 -18.47
CA GLN D 209 -17.75 64.36 -18.59
C GLN D 209 -16.49 64.13 -17.74
N TYR D 210 -16.67 63.78 -16.47
CA TYR D 210 -15.55 63.46 -15.60
C TYR D 210 -15.48 61.94 -15.32
N PRO D 211 -14.31 61.35 -15.45
CA PRO D 211 -14.16 59.92 -15.21
C PRO D 211 -14.40 59.56 -13.78
N LYS D 212 -14.89 58.34 -13.54
CA LYS D 212 -15.17 57.85 -12.20
C LYS D 212 -13.96 57.11 -11.65
N THR D 213 -13.75 57.17 -10.34
CA THR D 213 -12.69 56.41 -9.70
C THR D 213 -13.33 55.25 -8.95
N VAL D 214 -13.25 54.05 -9.52
CA VAL D 214 -13.66 52.85 -8.82
C VAL D 214 -12.64 52.64 -7.71
N ARG D 215 -13.13 52.37 -6.49
CA ARG D 215 -12.24 52.00 -5.39
C ARG D 215 -12.76 50.76 -4.65
N VAL D 216 -11.85 49.82 -4.42
CA VAL D 216 -12.21 48.47 -3.96
C VAL D 216 -11.25 47.98 -2.88
N PRO D 217 -11.79 47.39 -1.81
CA PRO D 217 -10.97 46.75 -0.78
C PRO D 217 -10.33 45.49 -1.35
N TYR D 218 -9.01 45.47 -1.31
CA TYR D 218 -8.21 44.45 -1.98
C TYR D 218 -6.85 44.37 -1.31
N PRO D 219 -6.58 43.26 -0.65
CA PRO D 219 -5.30 43.08 0.04
C PRO D 219 -4.24 42.51 -0.90
N LYS D 220 -3.27 43.34 -1.24
CA LYS D 220 -2.11 42.86 -2.00
C LYS D 220 -1.22 42.05 -1.05
N ALA D 221 -0.19 41.41 -1.58
CA ALA D 221 0.60 40.46 -0.78
C ALA D 221 1.33 41.13 0.38
N GLY D 222 1.15 40.60 1.59
CA GLY D 222 1.79 41.14 2.79
C GLY D 222 0.98 42.22 3.49
N ALA D 223 -0.06 42.69 2.80
CA ALA D 223 -0.89 43.80 3.28
C ALA D 223 -1.89 43.28 4.30
N VAL D 224 -2.86 44.11 4.67
CA VAL D 224 -3.77 43.78 5.74
C VAL D 224 -5.01 43.06 5.24
N ASN D 225 -5.25 41.86 5.75
CA ASN D 225 -6.34 41.02 5.26
C ASN D 225 -7.63 41.37 5.98
N PRO D 226 -8.76 40.98 5.38
CA PRO D 226 -10.05 40.97 6.09
C PRO D 226 -9.99 40.08 7.33
N THR D 227 -11.08 40.05 8.07
CA THR D 227 -11.19 39.17 9.21
C THR D 227 -12.59 38.65 9.14
N VAL D 228 -12.83 37.54 9.82
CA VAL D 228 -14.06 36.79 9.58
C VAL D 228 -14.66 36.31 10.88
N LYS D 229 -15.98 36.16 10.88
CA LYS D 229 -16.68 35.56 12.00
C LYS D 229 -17.79 34.71 11.42
N PHE D 230 -18.25 33.74 12.22
CA PHE D 230 -19.19 32.73 11.75
C PHE D 230 -20.36 32.58 12.70
N PHE D 231 -21.58 32.66 12.18
CA PHE D 231 -22.74 32.55 13.05
C PHE D 231 -23.70 31.53 12.53
N VAL D 232 -24.55 31.05 13.43
CA VAL D 232 -25.64 30.18 13.05
C VAL D 232 -26.87 30.72 13.71
N VAL D 233 -27.95 30.77 12.95
CA VAL D 233 -29.22 31.25 13.46
C VAL D 233 -30.30 30.21 13.22
N ASN D 234 -31.31 30.21 14.10
CA ASN D 234 -32.46 29.29 13.99
C ASN D 234 -33.68 29.98 13.39
N THR D 235 -34.09 29.54 12.20
CA THR D 235 -35.19 30.16 11.45
C THR D 235 -36.60 29.75 11.86
N ASP D 236 -36.72 28.61 12.54
CA ASP D 236 -38.00 28.15 13.05
C ASP D 236 -38.52 29.08 14.16
N SER D 237 -37.61 29.56 15.01
CA SER D 237 -37.99 30.41 16.15
C SER D 237 -37.91 31.93 15.90
N LEU D 238 -38.27 32.38 14.70
CA LEU D 238 -38.17 33.80 14.36
C LEU D 238 -39.40 34.59 14.79
N SER D 239 -39.16 35.74 15.42
CA SER D 239 -40.18 36.42 16.21
C SER D 239 -41.06 37.47 15.52
N SER D 240 -40.45 38.44 14.86
CA SER D 240 -41.18 39.62 14.32
C SER D 240 -41.59 40.59 15.42
N VAL D 241 -41.14 40.32 16.64
CA VAL D 241 -41.39 41.14 17.80
C VAL D 241 -40.05 41.34 18.51
N THR D 242 -39.10 40.48 18.18
CA THR D 242 -37.72 40.57 18.65
C THR D 242 -36.75 40.35 17.50
N ASN D 243 -35.65 41.09 17.53
CA ASN D 243 -34.47 40.80 16.68
C ASN D 243 -34.06 39.33 16.94
N ALA D 244 -33.48 38.63 15.98
CA ALA D 244 -33.12 37.23 16.21
C ALA D 244 -31.79 37.07 16.99
N THR D 245 -31.46 35.84 17.39
CA THR D 245 -30.15 35.55 17.98
C THR D 245 -29.24 34.71 17.11
N SER D 246 -28.21 35.34 16.56
CA SER D 246 -27.11 34.60 15.94
C SER D 246 -26.24 34.04 17.07
N ILE D 247 -25.76 32.81 16.94
CA ILE D 247 -24.82 32.28 17.91
C ILE D 247 -23.53 32.22 17.14
N GLN D 248 -22.49 32.87 17.64
CA GLN D 248 -21.17 32.84 17.00
C GLN D 248 -20.60 31.46 17.28
N ILE D 249 -19.68 31.01 16.42
CA ILE D 249 -18.86 29.83 16.66
C ILE D 249 -17.44 30.31 16.42
N THR D 250 -16.63 30.31 17.46
CA THR D 250 -15.28 30.85 17.32
C THR D 250 -14.39 29.92 16.48
N ALA D 251 -13.33 30.50 15.93
CA ALA D 251 -12.33 29.70 15.27
C ALA D 251 -11.56 29.00 16.37
N PRO D 252 -10.97 27.86 16.04
CA PRO D 252 -10.00 27.19 16.91
C PRO D 252 -9.04 28.13 17.63
N ALA D 253 -8.39 27.65 18.69
CA ALA D 253 -7.29 28.43 19.31
C ALA D 253 -6.02 28.50 18.45
N SER D 254 -5.70 27.38 17.77
CA SER D 254 -4.54 27.31 16.84
C SER D 254 -4.61 28.30 15.65
N MET D 255 -5.80 28.86 15.42
CA MET D 255 -5.98 29.88 14.39
C MET D 255 -5.86 31.30 14.94
N LEU D 256 -6.42 31.49 16.13
CA LEU D 256 -6.59 32.83 16.69
C LEU D 256 -5.27 33.44 17.15
N ILE D 257 -4.24 32.60 17.31
CA ILE D 257 -2.87 33.08 17.59
C ILE D 257 -2.33 33.99 16.49
N GLY D 258 -3.14 34.21 15.45
CA GLY D 258 -2.75 35.06 14.34
C GLY D 258 -3.77 35.11 13.22
N ASP D 259 -3.37 35.73 12.11
CA ASP D 259 -4.22 35.88 10.94
C ASP D 259 -4.70 34.53 10.46
N HIS D 260 -5.94 34.47 10.01
CA HIS D 260 -6.53 33.21 9.53
C HIS D 260 -7.68 33.39 8.53
N TYR D 261 -8.12 32.27 7.97
CA TYR D 261 -9.21 32.30 6.99
C TYR D 261 -10.17 31.20 7.31
N LEU D 262 -11.45 31.48 7.08
CA LEU D 262 -12.48 30.45 7.05
C LEU D 262 -12.51 30.00 5.60
N CYS D 263 -12.36 28.69 5.36
CA CYS D 263 -12.26 28.18 3.98
C CYS D 263 -13.11 26.99 3.56
N ASP D 264 -13.78 26.36 4.50
CA ASP D 264 -14.83 25.44 4.11
C ASP D 264 -15.87 25.38 5.21
N VAL D 265 -17.14 25.23 4.82
CA VAL D 265 -18.19 24.86 5.77
C VAL D 265 -19.04 23.77 5.11
N THR D 266 -19.33 22.72 5.87
CA THR D 266 -20.09 21.58 5.36
C THR D 266 -21.02 21.06 6.44
N TRP D 267 -22.33 21.08 6.16
CA TRP D 267 -23.29 20.52 7.11
C TRP D 267 -23.13 19.01 7.07
N ALA D 268 -23.26 18.37 8.23
CA ALA D 268 -23.06 16.93 8.35
C ALA D 268 -24.38 16.28 8.66
N THR D 269 -25.10 16.82 9.63
CA THR D 269 -26.43 16.32 9.99
C THR D 269 -27.37 17.50 10.20
N GLN D 270 -28.57 17.22 10.69
CA GLN D 270 -29.55 18.26 10.98
C GLN D 270 -29.11 19.19 12.10
N GLU D 271 -28.22 18.70 12.96
CA GLU D 271 -27.72 19.47 14.09
C GLU D 271 -26.21 19.36 14.27
N ARG D 272 -25.51 19.01 13.19
CA ARG D 272 -24.05 18.93 13.21
C ARG D 272 -23.44 19.66 12.01
N ILE D 273 -22.45 20.49 12.28
CA ILE D 273 -21.84 21.30 11.24
C ILE D 273 -20.32 21.27 11.36
N SER D 274 -19.65 21.25 10.21
CA SER D 274 -18.20 21.18 10.19
C SER D 274 -17.59 22.39 9.48
N LEU D 275 -16.56 22.96 10.11
CA LEU D 275 -15.86 24.12 9.57
C LEU D 275 -14.39 23.79 9.38
N GLN D 276 -13.77 24.42 8.38
CA GLN D 276 -12.33 24.28 8.19
C GLN D 276 -11.67 25.64 8.13
N TRP D 277 -10.75 25.86 9.07
CA TRP D 277 -10.03 27.11 9.18
C TRP D 277 -8.61 26.92 8.67
N LEU D 278 -7.99 28.01 8.24
CA LEU D 278 -6.67 27.95 7.64
C LEU D 278 -5.81 29.15 8.04
N ARG D 279 -4.56 28.89 8.42
CA ARG D 279 -3.70 29.97 8.90
C ARG D 279 -3.24 30.83 7.76
N ARG D 280 -2.92 32.09 8.03
CA ARG D 280 -2.50 32.99 6.94
C ARG D 280 -1.30 32.39 6.22
N ILE D 281 -0.42 31.76 6.99
CA ILE D 281 0.61 30.89 6.41
C ILE D 281 -0.08 29.54 6.17
N GLN D 282 -0.35 29.25 4.89
CA GLN D 282 -1.30 28.20 4.53
C GLN D 282 -0.82 26.73 4.55
N ASN D 283 0.08 26.38 5.47
CA ASN D 283 0.52 24.99 5.61
C ASN D 283 0.04 24.33 6.91
N TYR D 284 -0.99 24.91 7.52
CA TYR D 284 -1.55 24.36 8.73
C TYR D 284 -3.02 24.73 8.74
N SER D 285 -3.88 23.72 8.87
CA SER D 285 -5.32 23.95 8.86
C SER D 285 -6.02 23.04 9.87
N VAL D 286 -7.25 23.41 10.25
CA VAL D 286 -7.93 22.75 11.36
C VAL D 286 -9.42 22.61 11.05
N MET D 287 -9.94 21.40 11.21
CA MET D 287 -11.35 21.18 11.06
C MET D 287 -11.98 21.11 12.44
N ASP D 288 -13.10 21.81 12.60
CA ASP D 288 -13.92 21.70 13.80
C ASP D 288 -15.20 20.97 13.43
N ILE D 289 -15.83 20.35 14.42
CA ILE D 289 -17.12 19.67 14.23
C ILE D 289 -18.04 20.04 15.38
N CYS D 290 -19.14 20.72 15.06
CA CYS D 290 -20.03 21.28 16.09
C CYS D 290 -21.44 20.75 16.16
N ASP D 291 -21.87 20.51 17.39
CA ASP D 291 -23.21 20.01 17.64
C ASP D 291 -24.05 21.07 18.32
N TYR D 292 -25.33 21.06 17.97
CA TYR D 292 -26.29 21.94 18.62
C TYR D 292 -26.44 21.47 20.06
N ASP D 293 -26.41 22.40 21.00
CA ASP D 293 -26.53 22.07 22.42
C ASP D 293 -27.91 22.47 22.91
N GLU D 294 -28.83 21.54 22.68
CA GLU D 294 -30.17 21.56 23.22
C GLU D 294 -30.36 22.41 24.46
N SER D 295 -29.44 22.27 25.42
CA SER D 295 -29.56 22.98 26.68
C SER D 295 -29.31 24.48 26.47
N SER D 296 -28.05 24.85 26.25
CA SER D 296 -27.62 26.27 26.21
C SER D 296 -28.03 27.05 24.95
N GLY D 297 -28.55 26.33 23.96
CA GLY D 297 -28.98 26.92 22.70
C GLY D 297 -27.76 27.40 21.95
N ARG D 298 -26.62 26.75 22.19
CA ARG D 298 -25.36 27.16 21.58
C ARG D 298 -24.85 26.02 20.70
N TRP D 299 -23.63 26.18 20.17
CA TRP D 299 -22.99 25.16 19.34
C TRP D 299 -21.66 24.80 19.95
N ASN D 300 -21.36 23.50 19.93
CA ASN D 300 -20.31 22.94 20.72
C ASN D 300 -19.40 22.03 19.89
N CYS D 301 -18.10 22.25 20.00
CA CYS D 301 -17.12 21.40 19.30
C CYS D 301 -16.00 21.11 20.26
N LEU D 302 -15.53 19.87 20.24
CA LEU D 302 -14.69 19.36 21.29
C LEU D 302 -13.35 19.17 20.63
N VAL D 303 -12.37 19.95 21.05
CA VAL D 303 -11.01 19.76 20.55
C VAL D 303 -10.73 18.29 20.15
N ALA D 304 -11.45 17.36 20.75
CA ALA D 304 -11.34 15.95 20.42
C ALA D 304 -12.01 15.51 19.11
N ARG D 305 -12.89 16.34 18.55
CA ARG D 305 -13.43 16.06 17.21
C ARG D 305 -12.71 16.85 16.10
N GLN D 306 -11.66 17.57 16.46
CA GLN D 306 -10.83 18.27 15.48
C GLN D 306 -9.97 17.37 14.58
N HIS D 307 -9.47 17.95 13.49
CA HIS D 307 -8.75 17.22 12.45
C HIS D 307 -7.71 18.12 11.82
N ILE D 308 -6.49 18.09 12.39
CA ILE D 308 -5.37 18.88 11.88
C ILE D 308 -4.94 18.33 10.54
N GLU D 309 -4.33 19.20 9.74
CA GLU D 309 -3.88 18.86 8.41
C GLU D 309 -2.76 19.82 8.12
N MET D 310 -1.59 19.29 7.77
CA MET D 310 -0.45 20.16 7.55
C MET D 310 0.52 19.63 6.51
N SER D 311 1.44 20.49 6.11
CA SER D 311 2.43 20.16 5.08
C SER D 311 3.79 20.78 5.43
N THR D 312 4.85 20.18 4.92
CA THR D 312 6.19 20.78 4.94
C THR D 312 6.83 20.94 3.57
N THR D 313 6.28 20.27 2.57
CA THR D 313 6.71 20.49 1.19
C THR D 313 6.01 21.68 0.56
N GLY D 314 4.81 21.98 1.03
CA GLY D 314 4.09 23.15 0.53
C GLY D 314 2.89 23.60 1.32
N TRP D 315 1.76 23.72 0.63
CA TRP D 315 0.52 24.27 1.19
C TRP D 315 -0.51 23.17 1.29
N VAL D 316 -1.55 23.42 2.08
CA VAL D 316 -2.61 22.45 2.28
C VAL D 316 -3.63 22.52 1.16
N GLY D 317 -3.89 21.39 0.52
CA GLY D 317 -4.89 21.31 -0.52
C GLY D 317 -4.35 21.66 -1.89
N ARG D 318 -5.14 21.39 -2.93
CA ARG D 318 -4.77 21.74 -4.30
C ARG D 318 -4.81 23.26 -4.41
N PHE D 319 -5.92 23.84 -3.97
CA PHE D 319 -6.04 25.31 -3.79
C PHE D 319 -6.46 25.72 -2.37
N ARG D 320 -7.30 24.90 -1.76
CA ARG D 320 -7.68 25.05 -0.38
C ARG D 320 -7.88 23.62 0.09
N PRO D 321 -8.04 23.40 1.39
CA PRO D 321 -8.39 22.08 1.91
C PRO D 321 -9.64 21.48 1.27
N SER D 322 -9.65 20.16 1.17
CA SER D 322 -10.77 19.43 0.60
C SER D 322 -11.96 19.47 1.53
N GLU D 323 -13.13 19.11 0.98
CA GLU D 323 -14.35 19.04 1.79
C GLU D 323 -14.74 17.63 2.19
N PRO D 324 -15.21 17.50 3.43
CA PRO D 324 -15.62 16.23 3.94
C PRO D 324 -16.93 15.80 3.34
N HIS D 325 -17.08 14.48 3.16
CA HIS D 325 -18.37 13.87 2.83
C HIS D 325 -18.77 12.90 3.92
N PHE D 326 -19.72 13.32 4.74
CA PHE D 326 -20.12 12.55 5.91
C PHE D 326 -21.04 11.41 5.54
N THR D 327 -21.14 10.44 6.45
CA THR D 327 -22.14 9.37 6.36
C THR D 327 -23.47 9.86 6.93
N LEU D 328 -24.55 9.12 6.65
CA LEU D 328 -25.88 9.58 7.04
C LEU D 328 -26.00 9.95 8.51
N ASP D 329 -25.46 9.11 9.40
CA ASP D 329 -25.51 9.38 10.84
C ASP D 329 -24.50 10.47 11.25
N GLY D 330 -23.53 10.73 10.38
CA GLY D 330 -22.61 11.83 10.58
C GLY D 330 -21.51 11.60 11.59
N ASN D 331 -21.17 10.34 11.85
CA ASN D 331 -20.09 10.00 12.80
C ASN D 331 -18.75 9.68 12.14
N SER D 332 -18.78 9.56 10.82
CA SER D 332 -17.54 9.39 10.05
C SER D 332 -17.69 10.12 8.72
N PHE D 333 -16.57 10.37 8.07
CA PHE D 333 -16.56 11.07 6.79
C PHE D 333 -15.38 10.68 5.90
N TYR D 334 -15.56 10.87 4.60
CA TYR D 334 -14.49 10.66 3.62
C TYR D 334 -14.02 12.00 3.07
N LYS D 335 -12.71 12.11 2.87
CA LYS D 335 -12.09 13.37 2.52
C LYS D 335 -10.82 13.11 1.72
N ILE D 336 -10.62 13.85 0.64
CA ILE D 336 -9.44 13.63 -0.20
C ILE D 336 -8.24 14.31 0.43
N ILE D 337 -7.31 13.53 0.98
CA ILE D 337 -6.08 14.09 1.50
C ILE D 337 -4.89 13.47 0.81
N SER D 338 -3.75 14.13 0.93
CA SER D 338 -2.53 13.70 0.24
C SER D 338 -1.84 12.63 1.09
N ASN D 339 -1.42 11.55 0.47
CA ASN D 339 -0.88 10.42 1.21
C ASN D 339 0.62 10.49 1.44
N GLU D 340 1.16 9.41 1.99
CA GLU D 340 2.58 9.28 2.32
C GLU D 340 3.58 9.64 1.21
N GLU D 341 3.32 9.18 -0.01
CA GLU D 341 4.19 9.50 -1.15
C GLU D 341 3.66 10.66 -2.00
N GLY D 342 2.72 11.40 -1.44
CA GLY D 342 2.26 12.65 -2.05
C GLY D 342 1.22 12.53 -3.13
N TYR D 343 0.41 11.48 -3.08
CA TYR D 343 -0.68 11.34 -4.04
C TYR D 343 -1.98 11.59 -3.32
N ARG D 344 -2.93 12.24 -3.98
CA ARG D 344 -4.19 12.59 -3.35
C ARG D 344 -5.19 11.45 -3.48
N HIS D 345 -5.56 10.87 -2.34
CA HIS D 345 -6.48 9.74 -2.29
C HIS D 345 -7.49 9.90 -1.17
N ILE D 346 -8.52 9.07 -1.22
CA ILE D 346 -9.65 9.16 -0.31
C ILE D 346 -9.29 8.59 1.06
N CYS D 347 -9.53 9.37 2.10
CA CYS D 347 -9.28 8.93 3.46
C CYS D 347 -10.60 8.77 4.20
N TYR D 348 -10.57 7.92 5.22
CA TYR D 348 -11.78 7.62 6.00
C TYR D 348 -11.61 7.90 7.50
N PHE D 349 -12.28 8.95 7.97
CA PHE D 349 -12.10 9.39 9.34
C PHE D 349 -13.27 9.02 10.22
N GLN D 350 -13.00 8.86 11.51
CA GLN D 350 -14.04 8.85 12.55
C GLN D 350 -13.96 10.23 13.21
N ILE D 351 -15.11 10.81 13.53
CA ILE D 351 -15.13 12.21 13.95
C ILE D 351 -14.27 12.55 15.17
N ASP D 352 -14.04 11.55 16.03
CA ASP D 352 -13.28 11.77 17.26
C ASP D 352 -12.02 10.93 17.32
N LYS D 353 -11.46 10.63 16.15
CA LYS D 353 -10.28 9.79 16.07
C LYS D 353 -9.24 10.42 15.15
N LYS D 354 -8.08 10.74 15.72
CA LYS D 354 -7.02 11.42 14.98
C LYS D 354 -6.72 10.75 13.64
N ASP D 355 -6.60 9.42 13.65
CA ASP D 355 -6.11 8.67 12.48
C ASP D 355 -7.19 8.22 11.50
N CYS D 356 -6.86 8.26 10.21
CA CYS D 356 -7.76 7.75 9.18
C CYS D 356 -7.12 6.60 8.45
N THR D 357 -7.93 5.95 7.63
CA THR D 357 -7.46 4.89 6.73
C THR D 357 -7.69 5.29 5.29
N PHE D 358 -6.65 5.19 4.47
CA PHE D 358 -6.80 5.40 3.04
C PHE D 358 -7.58 4.24 2.47
N ILE D 359 -8.52 4.53 1.57
CA ILE D 359 -9.30 3.49 0.89
C ILE D 359 -8.93 3.36 -0.60
N THR D 360 -8.08 4.26 -1.07
CA THR D 360 -7.43 4.11 -2.39
C THR D 360 -5.94 4.48 -2.29
N LYS D 361 -5.14 3.80 -3.10
CA LYS D 361 -3.74 4.17 -3.25
C LYS D 361 -3.34 3.95 -4.71
N GLY D 362 -2.16 4.46 -5.06
CA GLY D 362 -1.70 4.36 -6.43
C GLY D 362 -0.92 5.58 -6.87
N THR D 363 -0.30 5.46 -8.04
CA THR D 363 0.46 6.53 -8.68
C THR D 363 -0.50 7.32 -9.56
N TRP D 364 -1.51 7.91 -8.92
CA TRP D 364 -2.52 8.70 -9.61
C TRP D 364 -3.31 9.37 -8.49
N GLU D 365 -4.22 10.27 -8.87
CA GLU D 365 -4.94 11.06 -7.87
C GLU D 365 -6.44 11.01 -8.07
N VAL D 366 -7.16 11.06 -6.96
CA VAL D 366 -8.60 11.28 -6.99
C VAL D 366 -8.87 12.76 -7.24
N ILE D 367 -9.71 13.03 -8.23
CA ILE D 367 -10.04 14.41 -8.58
C ILE D 367 -11.09 14.94 -7.63
N GLY D 368 -12.11 14.14 -7.33
CA GLY D 368 -13.16 14.57 -6.44
C GLY D 368 -14.13 13.47 -6.06
N ILE D 369 -14.74 13.62 -4.89
CA ILE D 369 -15.75 12.66 -4.43
C ILE D 369 -17.12 13.15 -4.91
N GLU D 370 -17.87 12.27 -5.57
CA GLU D 370 -19.10 12.68 -6.26
C GLU D 370 -20.42 12.25 -5.63
N ALA D 371 -20.43 11.11 -4.94
CA ALA D 371 -21.65 10.66 -4.24
C ALA D 371 -21.36 9.62 -3.15
N LEU D 372 -22.27 9.52 -2.18
CA LEU D 372 -22.11 8.57 -1.09
C LEU D 372 -23.43 7.88 -0.76
N THR D 373 -23.49 6.57 -1.01
CA THR D 373 -24.60 5.74 -0.54
C THR D 373 -24.11 4.94 0.67
N SER D 374 -25.04 4.20 1.28
CA SER D 374 -24.74 3.43 2.49
C SER D 374 -23.67 2.36 2.28
N ASP D 375 -23.47 1.93 1.03
CA ASP D 375 -22.46 0.90 0.73
C ASP D 375 -21.71 1.07 -0.60
N TYR D 376 -21.71 2.28 -1.13
CA TYR D 376 -20.92 2.63 -2.30
C TYR D 376 -20.48 4.08 -2.24
N LEU D 377 -19.22 4.33 -2.58
CA LEU D 377 -18.71 5.71 -2.74
C LEU D 377 -18.32 5.92 -4.20
N TYR D 378 -18.96 6.89 -4.85
CA TYR D 378 -18.62 7.21 -6.24
C TYR D 378 -17.62 8.36 -6.29
N TYR D 379 -16.63 8.26 -7.17
CA TYR D 379 -15.57 9.27 -7.24
C TYR D 379 -15.01 9.37 -8.66
N ILE D 380 -14.23 10.42 -8.90
CA ILE D 380 -13.59 10.66 -10.20
C ILE D 380 -12.07 10.65 -10.04
N SER D 381 -11.38 9.94 -10.91
CA SER D 381 -9.93 9.94 -10.89
C SER D 381 -9.28 9.90 -12.27
N ASN D 382 -7.97 10.10 -12.29
CA ASN D 382 -7.18 10.10 -13.52
C ASN D 382 -6.35 8.83 -13.61
N GLU D 383 -6.91 7.72 -13.14
CA GLU D 383 -6.19 6.45 -13.06
C GLU D 383 -6.10 5.71 -14.39
N TYR D 384 -7.21 5.65 -15.10
CA TYR D 384 -7.30 4.89 -16.36
C TYR D 384 -6.11 5.16 -17.27
N LYS D 385 -5.50 4.07 -17.73
CA LYS D 385 -4.30 4.09 -18.58
C LYS D 385 -3.16 4.99 -18.14
N GLY D 386 -3.10 5.29 -16.85
CA GLY D 386 -2.01 6.06 -16.26
C GLY D 386 -1.80 7.43 -16.88
N MET D 387 -2.88 8.01 -17.42
CA MET D 387 -2.81 9.37 -17.97
C MET D 387 -3.50 10.40 -17.09
N PRO D 388 -2.74 11.42 -16.69
CA PRO D 388 -3.22 12.41 -15.74
C PRO D 388 -4.24 13.33 -16.38
N GLY D 389 -4.15 13.50 -17.70
CA GLY D 389 -5.06 14.38 -18.45
C GLY D 389 -6.44 13.82 -18.76
N GLY D 390 -6.69 12.58 -18.33
CA GLY D 390 -7.98 11.93 -18.54
C GLY D 390 -8.74 11.82 -17.24
N ARG D 391 -10.03 11.55 -17.36
CA ARG D 391 -10.94 11.64 -16.22
C ARG D 391 -12.06 10.59 -16.33
N ASN D 392 -12.22 9.77 -15.29
CA ASN D 392 -13.24 8.70 -15.30
C ASN D 392 -13.96 8.47 -13.99
N LEU D 393 -15.20 7.98 -14.09
CA LEU D 393 -15.99 7.67 -12.91
C LEU D 393 -15.66 6.27 -12.37
N TYR D 394 -15.62 6.15 -11.06
CA TYR D 394 -15.34 4.87 -10.41
C TYR D 394 -16.29 4.75 -9.23
N LYS D 395 -16.64 3.51 -8.87
CA LYS D 395 -17.32 3.25 -7.60
C LYS D 395 -16.52 2.25 -6.79
N ILE D 396 -16.57 2.41 -5.47
CA ILE D 396 -15.83 1.54 -4.57
C ILE D 396 -16.78 0.99 -3.50
N GLN D 397 -16.77 -0.33 -3.37
CA GLN D 397 -17.62 -1.00 -2.40
C GLN D 397 -17.14 -0.67 -1.00
N LEU D 398 -18.03 -0.13 -0.17
CA LEU D 398 -17.64 0.34 1.13
C LEU D 398 -17.17 -0.80 2.02
N SER D 399 -17.96 -1.86 2.09
CA SER D 399 -17.61 -3.06 2.85
C SER D 399 -16.34 -3.79 2.38
N ASP D 400 -15.94 -3.57 1.13
CA ASP D 400 -14.72 -4.19 0.58
C ASP D 400 -13.90 -3.26 -0.34
N TYR D 401 -12.83 -2.68 0.20
CA TYR D 401 -12.05 -1.66 -0.50
C TYR D 401 -11.29 -2.12 -1.74
N THR D 402 -11.17 -3.43 -1.95
CA THR D 402 -10.55 -3.95 -3.15
C THR D 402 -11.58 -4.20 -4.25
N LYS D 403 -12.84 -3.87 -3.99
CA LYS D 403 -13.89 -4.00 -5.01
C LYS D 403 -14.18 -2.68 -5.72
N VAL D 404 -13.24 -2.26 -6.55
CA VAL D 404 -13.38 -1.02 -7.31
C VAL D 404 -13.84 -1.33 -8.73
N THR D 405 -14.89 -0.64 -9.17
CA THR D 405 -15.43 -0.83 -10.51
C THR D 405 -15.26 0.46 -11.29
N CYS D 406 -14.86 0.33 -12.56
CA CYS D 406 -14.81 1.50 -13.41
C CYS D 406 -16.15 1.64 -14.13
N LEU D 407 -16.85 2.75 -13.94
CA LEU D 407 -18.15 2.96 -14.56
C LEU D 407 -18.25 3.61 -15.96
N SER D 408 -17.13 4.11 -16.46
CA SER D 408 -17.11 4.92 -17.70
C SER D 408 -15.97 4.66 -18.71
N CYS D 409 -15.00 3.84 -18.33
CA CYS D 409 -13.76 3.69 -19.09
C CYS D 409 -13.95 3.08 -20.44
N GLU D 410 -14.84 2.08 -20.49
CA GLU D 410 -15.06 1.31 -21.71
C GLU D 410 -16.41 1.56 -22.38
N LEU D 411 -17.15 2.55 -21.89
CA LEU D 411 -18.39 2.95 -22.53
C LEU D 411 -18.17 3.35 -23.98
N ASN D 412 -17.00 3.88 -24.29
CA ASN D 412 -16.71 4.41 -25.62
C ASN D 412 -15.29 4.95 -25.70
N PRO D 413 -14.30 4.06 -25.60
CA PRO D 413 -12.93 4.47 -25.23
C PRO D 413 -12.20 5.35 -26.23
N GLU D 414 -12.67 5.39 -27.46
CA GLU D 414 -12.01 6.19 -28.49
C GLU D 414 -12.49 7.63 -28.53
N ARG D 415 -13.78 7.82 -28.30
CA ARG D 415 -14.39 9.15 -28.29
C ARG D 415 -14.29 9.80 -26.92
N CYS D 416 -14.33 8.97 -25.88
CA CYS D 416 -14.58 9.40 -24.52
C CYS D 416 -13.54 9.05 -23.47
N GLN D 417 -12.80 10.07 -23.06
CA GLN D 417 -11.81 9.92 -21.99
C GLN D 417 -11.82 11.06 -20.94
N TYR D 418 -12.85 11.90 -20.96
CA TYR D 418 -12.95 13.00 -20.01
C TYR D 418 -14.39 13.14 -19.50
N TYR D 419 -14.66 12.39 -18.44
CA TYR D 419 -15.99 12.33 -17.89
C TYR D 419 -16.17 13.21 -16.65
N SER D 420 -17.38 13.72 -16.49
CA SER D 420 -17.81 14.36 -15.25
C SER D 420 -19.22 13.86 -15.00
N VAL D 421 -19.76 14.06 -13.80
CA VAL D 421 -21.01 13.43 -13.48
C VAL D 421 -22.00 14.23 -12.62
N SER D 422 -23.29 14.03 -12.89
CA SER D 422 -24.37 14.61 -12.09
C SER D 422 -25.31 13.53 -11.57
N PHE D 423 -25.33 13.35 -10.26
CA PHE D 423 -26.17 12.31 -9.63
C PHE D 423 -27.57 12.79 -9.24
N SER D 424 -28.51 11.85 -9.17
CA SER D 424 -29.87 12.14 -8.74
C SER D 424 -29.90 12.27 -7.23
N LYS D 425 -31.07 12.59 -6.68
CA LYS D 425 -31.19 12.90 -5.27
C LYS D 425 -30.61 11.86 -4.30
N GLU D 426 -30.78 10.57 -4.58
CA GLU D 426 -30.15 9.58 -3.72
C GLU D 426 -29.31 8.60 -4.48
N ALA D 427 -28.63 9.13 -5.49
CA ALA D 427 -27.73 8.34 -6.33
C ALA D 427 -28.48 7.17 -6.96
N LYS D 428 -29.75 7.39 -7.29
CA LYS D 428 -30.54 6.36 -7.93
C LYS D 428 -30.26 6.38 -9.43
N TYR D 429 -29.90 7.55 -9.93
CA TYR D 429 -29.54 7.70 -11.34
C TYR D 429 -28.34 8.62 -11.45
N TYR D 430 -27.74 8.66 -12.63
CA TYR D 430 -26.63 9.59 -12.87
C TYR D 430 -26.40 9.88 -14.33
N GLN D 431 -26.08 11.15 -14.61
CA GLN D 431 -25.80 11.61 -15.96
C GLN D 431 -24.30 11.78 -16.16
N LEU D 432 -23.76 11.19 -17.22
CA LEU D 432 -22.36 11.39 -17.59
C LEU D 432 -22.20 12.43 -18.69
N ARG D 433 -21.21 13.30 -18.52
CA ARG D 433 -20.81 14.24 -19.55
C ARG D 433 -19.43 13.81 -20.01
N CYS D 434 -19.30 13.56 -21.31
CA CYS D 434 -18.03 13.19 -21.89
C CYS D 434 -17.67 14.39 -22.73
N SER D 435 -16.50 14.97 -22.51
CA SER D 435 -16.14 16.22 -23.20
C SER D 435 -14.90 16.14 -24.07
N GLY D 436 -14.38 14.94 -24.29
CA GLY D 436 -13.26 14.72 -25.18
C GLY D 436 -12.66 13.32 -25.16
N PRO D 437 -11.92 12.95 -26.21
CA PRO D 437 -11.46 13.89 -27.25
C PRO D 437 -12.44 14.01 -28.40
N GLY D 438 -13.50 13.20 -28.39
CA GLY D 438 -14.51 13.29 -29.39
C GLY D 438 -15.48 14.41 -29.08
N LEU D 439 -16.48 14.58 -29.94
CA LEU D 439 -17.55 15.55 -29.70
C LEU D 439 -18.29 15.12 -28.43
N PRO D 440 -18.57 16.07 -27.55
CA PRO D 440 -19.27 15.79 -26.30
C PRO D 440 -20.52 14.92 -26.44
N LEU D 441 -20.73 14.10 -25.42
CA LEU D 441 -21.70 13.03 -25.46
C LEU D 441 -22.30 12.85 -24.07
N TYR D 442 -23.61 13.04 -23.97
CA TYR D 442 -24.29 12.95 -22.69
C TYR D 442 -25.20 11.74 -22.67
N THR D 443 -25.04 10.91 -21.64
CA THR D 443 -25.85 9.71 -21.50
C THR D 443 -26.49 9.72 -20.13
N LEU D 444 -27.27 8.69 -19.85
CA LEU D 444 -28.04 8.61 -18.61
C LEU D 444 -28.04 7.15 -18.15
N HIS D 445 -27.94 6.92 -16.84
CA HIS D 445 -27.82 5.55 -16.30
C HIS D 445 -28.61 5.36 -15.01
N SER D 446 -28.90 4.10 -14.67
CA SER D 446 -29.45 3.74 -13.35
C SER D 446 -28.35 3.11 -12.47
N SER D 447 -28.31 3.51 -11.20
CA SER D 447 -27.21 3.10 -10.31
C SER D 447 -27.37 1.69 -9.79
N VAL D 448 -28.62 1.28 -9.59
CA VAL D 448 -28.98 -0.10 -9.21
C VAL D 448 -28.20 -1.16 -10.02
N ASN D 449 -28.08 -0.89 -11.32
CA ASN D 449 -27.43 -1.81 -12.25
C ASN D 449 -26.10 -1.38 -12.80
N ASP D 450 -25.88 -0.06 -12.79
CA ASP D 450 -24.91 0.61 -13.67
C ASP D 450 -25.32 0.36 -15.14
N LYS D 451 -26.63 0.35 -15.35
CA LYS D 451 -27.20 0.10 -16.67
C LYS D 451 -27.46 1.40 -17.44
N GLY D 452 -26.89 1.48 -18.63
CA GLY D 452 -27.06 2.65 -19.49
C GLY D 452 -28.46 2.71 -20.11
N LEU D 453 -29.22 3.74 -19.77
CA LEU D 453 -30.60 3.86 -20.23
C LEU D 453 -30.69 4.43 -21.65
N ARG D 454 -30.57 5.75 -21.80
CA ARG D 454 -30.65 6.34 -23.12
C ARG D 454 -29.50 7.32 -23.38
N VAL D 455 -29.37 7.71 -24.65
CA VAL D 455 -28.46 8.79 -25.04
C VAL D 455 -29.25 10.10 -25.02
N LEU D 456 -28.74 11.09 -24.27
CA LEU D 456 -29.45 12.36 -24.09
C LEU D 456 -29.12 13.38 -25.17
N GLU D 457 -27.85 13.43 -25.56
CA GLU D 457 -27.39 14.31 -26.61
C GLU D 457 -26.04 13.82 -27.11
N ASP D 458 -25.83 13.88 -28.42
CA ASP D 458 -24.61 13.36 -29.04
C ASP D 458 -23.98 14.25 -30.13
N ASN D 459 -24.48 15.48 -30.27
CA ASN D 459 -23.92 16.44 -31.24
C ASN D 459 -23.71 15.92 -32.67
N SER D 460 -24.52 14.94 -33.08
CA SER D 460 -24.47 14.44 -34.46
C SER D 460 -24.88 15.56 -35.44
N ALA D 461 -25.78 16.41 -34.97
CA ALA D 461 -26.16 17.65 -35.66
C ALA D 461 -24.93 18.45 -36.10
N LEU D 462 -24.08 18.76 -35.11
CA LEU D 462 -22.79 19.43 -35.35
C LEU D 462 -21.84 18.59 -36.21
N ASP D 463 -21.90 17.27 -36.03
CA ASP D 463 -21.00 16.36 -36.74
C ASP D 463 -21.13 16.41 -38.26
N LYS D 464 -22.36 16.56 -38.77
CA LYS D 464 -22.57 16.71 -40.21
C LYS D 464 -21.76 17.94 -40.62
N MET D 465 -22.10 19.09 -40.04
CA MET D 465 -21.44 20.35 -40.36
C MET D 465 -19.93 20.29 -40.40
N LEU D 466 -19.33 19.45 -39.56
CA LEU D 466 -17.87 19.45 -39.35
C LEU D 466 -17.00 18.65 -40.32
N GLN D 467 -17.58 17.69 -41.02
CA GLN D 467 -16.84 16.93 -42.03
C GLN D 467 -16.73 17.77 -43.29
N ASN D 468 -17.60 18.77 -43.42
CA ASN D 468 -17.48 19.78 -44.49
C ASN D 468 -16.26 20.68 -44.36
N VAL D 469 -15.57 20.58 -43.24
CA VAL D 469 -14.46 21.48 -42.93
C VAL D 469 -13.22 20.70 -42.46
N GLN D 470 -12.07 21.26 -42.83
CA GLN D 470 -10.76 20.66 -42.55
C GLN D 470 -10.26 20.98 -41.15
N MET D 471 -10.62 20.12 -40.20
CA MET D 471 -10.28 20.33 -38.80
C MET D 471 -8.83 19.96 -38.52
N PRO D 472 -8.32 20.44 -37.39
CA PRO D 472 -7.01 20.05 -36.93
C PRO D 472 -7.16 18.83 -36.05
N SER D 473 -6.03 18.24 -35.68
CA SER D 473 -6.03 17.05 -34.84
C SER D 473 -5.23 17.36 -33.58
N LYS D 474 -5.51 16.63 -32.50
CA LYS D 474 -4.83 16.89 -31.23
C LYS D 474 -3.97 15.72 -30.82
N LYS D 475 -2.67 15.93 -30.65
CA LYS D 475 -1.81 14.88 -30.11
C LYS D 475 -1.62 15.11 -28.62
N LEU D 476 -1.61 14.02 -27.87
CA LEU D 476 -1.42 14.06 -26.42
C LEU D 476 -0.40 12.97 -26.13
N ASP D 477 0.70 13.35 -25.50
CA ASP D 477 1.80 12.43 -25.28
C ASP D 477 2.65 13.08 -24.21
N PHE D 478 3.82 12.50 -23.94
CA PHE D 478 4.73 13.06 -22.95
C PHE D 478 6.17 12.98 -23.40
N ILE D 479 7.03 13.71 -22.69
CA ILE D 479 8.45 13.63 -22.88
C ILE D 479 9.01 13.26 -21.52
N ILE D 480 10.31 12.98 -21.45
CA ILE D 480 10.93 12.62 -20.19
C ILE D 480 12.08 13.54 -19.83
N LEU D 481 12.01 14.09 -18.62
CA LEU D 481 13.11 14.88 -18.06
C LEU D 481 13.46 14.28 -16.69
N ASN D 482 14.75 14.05 -16.45
CA ASN D 482 15.19 13.47 -15.19
C ASN D 482 14.34 12.27 -14.74
N GLU D 483 14.07 11.35 -15.67
CA GLU D 483 13.24 10.17 -15.40
C GLU D 483 11.88 10.39 -14.76
N THR D 484 11.25 11.54 -15.04
CA THR D 484 9.82 11.73 -14.78
C THR D 484 9.22 12.11 -16.11
N LYS D 485 8.02 11.63 -16.38
CA LYS D 485 7.31 12.06 -17.57
C LYS D 485 6.51 13.33 -17.31
N PHE D 486 6.61 14.26 -18.27
CA PHE D 486 5.83 15.48 -18.26
C PHE D 486 5.00 15.50 -19.52
N TRP D 487 3.70 15.68 -19.36
CA TRP D 487 2.77 15.61 -20.48
C TRP D 487 2.74 16.89 -21.31
N TYR D 488 2.27 16.76 -22.54
CA TYR D 488 2.11 17.91 -23.43
C TYR D 488 1.04 17.58 -24.45
N GLN D 489 0.49 18.61 -25.09
CA GLN D 489 -0.49 18.41 -26.15
C GLN D 489 -0.13 19.28 -27.34
N MET D 490 -0.64 18.92 -28.52
CA MET D 490 -0.39 19.69 -29.73
C MET D 490 -1.62 19.71 -30.62
N ILE D 491 -1.94 20.89 -31.12
CA ILE D 491 -3.03 21.04 -32.09
C ILE D 491 -2.36 21.10 -33.46
N LEU D 492 -2.58 20.06 -34.25
CA LEU D 492 -1.91 19.88 -35.53
C LEU D 492 -2.79 20.26 -36.69
N PRO D 493 -2.23 20.99 -37.65
CA PRO D 493 -2.98 21.40 -38.82
C PRO D 493 -3.47 20.18 -39.60
N PRO D 494 -4.57 20.33 -40.33
CA PRO D 494 -5.09 19.25 -41.15
C PRO D 494 -4.03 18.77 -42.15
N HIS D 495 -4.12 17.50 -42.52
CA HIS D 495 -3.14 16.86 -43.41
C HIS D 495 -1.72 17.13 -42.90
N PHE D 496 -1.54 17.01 -41.58
CA PHE D 496 -0.25 17.29 -40.95
C PHE D 496 0.79 16.33 -41.49
N ASP D 497 1.80 16.87 -42.18
CA ASP D 497 2.83 16.05 -42.79
C ASP D 497 4.11 16.17 -41.96
N LYS D 498 4.44 15.08 -41.27
CA LYS D 498 5.47 15.11 -40.22
C LYS D 498 6.90 15.32 -40.66
N SER D 499 7.08 15.71 -41.91
CA SER D 499 8.40 15.95 -42.49
C SER D 499 8.48 17.33 -43.12
N LYS D 500 7.57 18.20 -42.68
CA LYS D 500 7.58 19.60 -43.11
C LYS D 500 7.96 20.43 -41.89
N LYS D 501 8.36 21.67 -42.12
CA LYS D 501 8.67 22.61 -41.03
C LYS D 501 7.52 23.57 -40.76
N TYR D 502 6.76 23.29 -39.70
CA TYR D 502 5.66 24.17 -39.30
C TYR D 502 6.15 25.17 -38.27
N PRO D 503 5.54 26.36 -38.25
CA PRO D 503 5.79 27.33 -37.20
C PRO D 503 4.98 26.97 -35.97
N LEU D 504 5.54 27.26 -34.79
CA LEU D 504 4.95 26.80 -33.53
C LEU D 504 4.64 27.88 -32.49
N LEU D 505 3.41 27.83 -31.98
CA LEU D 505 2.95 28.70 -30.91
C LEU D 505 2.80 27.89 -29.61
N LEU D 506 3.50 28.33 -28.58
CA LEU D 506 3.40 27.69 -27.27
C LEU D 506 2.33 28.42 -26.45
N ASP D 507 1.26 27.71 -26.10
CA ASP D 507 0.10 28.30 -25.40
C ASP D 507 0.19 27.96 -23.91
N VAL D 508 0.54 28.95 -23.09
CA VAL D 508 0.92 28.72 -21.70
C VAL D 508 -0.02 29.28 -20.65
N TYR D 509 -0.18 28.53 -19.57
CA TYR D 509 -0.75 29.06 -18.32
C TYR D 509 0.24 28.83 -17.14
N ALA D 510 0.42 27.56 -16.76
CA ALA D 510 1.53 27.11 -15.92
C ALA D 510 1.49 27.43 -14.43
N GLY D 511 0.37 27.95 -13.95
CA GLY D 511 0.19 28.27 -12.54
C GLY D 511 0.10 27.01 -11.69
N PRO D 512 0.34 27.13 -10.39
CA PRO D 512 0.37 25.97 -9.50
C PRO D 512 -0.90 25.14 -9.57
N CYS D 513 -0.73 23.87 -9.91
CA CYS D 513 -1.83 22.92 -9.94
C CYS D 513 -2.69 23.04 -11.19
N SER D 514 -2.15 23.71 -12.20
CA SER D 514 -2.84 23.83 -13.47
C SER D 514 -2.53 22.59 -14.29
N GLN D 515 -3.26 22.46 -15.40
CA GLN D 515 -3.13 21.33 -16.34
C GLN D 515 -3.64 21.78 -17.71
N LYS D 516 -2.72 22.15 -18.60
CA LYS D 516 -3.08 22.57 -19.98
C LYS D 516 -3.06 21.43 -20.99
N ALA D 517 -2.55 20.26 -20.60
CA ALA D 517 -2.52 19.09 -21.48
C ALA D 517 -3.53 18.03 -21.05
N ASP D 518 -4.68 18.02 -21.72
CA ASP D 518 -5.78 17.12 -21.36
C ASP D 518 -6.45 16.53 -22.61
N THR D 519 -7.48 15.71 -22.39
CA THR D 519 -8.22 15.08 -23.49
C THR D 519 -9.48 15.81 -23.94
N VAL D 520 -9.69 17.04 -23.46
CA VAL D 520 -10.90 17.79 -23.80
C VAL D 520 -10.96 18.25 -25.27
N PHE D 521 -12.17 18.21 -25.82
CA PHE D 521 -12.44 18.73 -27.17
C PHE D 521 -12.79 20.21 -27.10
N ARG D 522 -12.06 21.03 -27.84
CA ARG D 522 -12.27 22.47 -27.83
C ARG D 522 -12.32 23.10 -29.22
N LEU D 523 -13.22 24.07 -29.37
CA LEU D 523 -13.28 24.89 -30.57
C LEU D 523 -12.90 26.30 -30.19
N ASN D 524 -11.65 26.66 -30.45
CA ASN D 524 -11.12 27.95 -30.00
C ASN D 524 -10.07 28.52 -30.92
N TRP D 525 -9.54 29.67 -30.54
CA TRP D 525 -8.50 30.33 -31.32
C TRP D 525 -7.40 29.42 -31.86
N ALA D 526 -7.04 28.39 -31.11
CA ALA D 526 -6.00 27.44 -31.56
C ALA D 526 -6.50 26.65 -32.76
N THR D 527 -7.78 26.31 -32.75
CA THR D 527 -8.43 25.61 -33.86
C THR D 527 -8.28 26.41 -35.16
N TYR D 528 -8.58 27.70 -35.11
CA TYR D 528 -8.38 28.58 -36.25
C TYR D 528 -6.92 28.61 -36.67
N LEU D 529 -6.01 28.79 -35.72
CA LEU D 529 -4.58 28.93 -36.03
C LEU D 529 -3.96 27.71 -36.70
N ALA D 530 -4.43 26.53 -36.33
CA ALA D 530 -3.95 25.28 -36.93
C ALA D 530 -4.63 25.08 -38.28
N SER D 531 -5.97 25.02 -38.25
CA SER D 531 -6.78 24.77 -39.46
C SER D 531 -6.52 25.75 -40.62
N THR D 532 -6.64 27.04 -40.35
CA THR D 532 -6.53 28.04 -41.41
C THR D 532 -5.12 28.54 -41.66
N GLU D 533 -4.27 28.53 -40.63
CA GLU D 533 -2.93 29.14 -40.75
C GLU D 533 -1.76 28.16 -40.69
N ASN D 534 -2.08 26.88 -40.47
CA ASN D 534 -1.06 25.83 -40.33
C ASN D 534 0.03 26.21 -39.32
N ILE D 535 -0.41 26.45 -38.09
CA ILE D 535 0.46 26.66 -36.97
C ILE D 535 0.19 25.55 -35.99
N ILE D 536 1.27 24.98 -35.46
CA ILE D 536 1.15 23.98 -34.41
C ILE D 536 1.01 24.74 -33.10
N VAL D 537 -0.08 24.49 -32.39
CA VAL D 537 -0.33 25.13 -31.10
C VAL D 537 -0.14 24.10 -29.98
N ALA D 538 0.90 24.30 -29.19
CA ALA D 538 1.30 23.34 -28.16
C ALA D 538 1.12 23.88 -26.74
N SER D 539 0.91 22.96 -25.80
CA SER D 539 0.91 23.28 -24.37
C SER D 539 1.63 22.19 -23.57
N PHE D 540 2.36 22.62 -22.53
CA PHE D 540 3.18 21.72 -21.74
C PHE D 540 2.92 21.84 -20.25
N ASP D 541 2.67 20.71 -19.60
CA ASP D 541 2.49 20.67 -18.14
C ASP D 541 3.77 20.25 -17.42
N GLY D 542 4.60 21.24 -17.12
CA GLY D 542 5.87 21.00 -16.44
C GLY D 542 5.73 21.01 -14.93
N ARG D 543 6.78 21.45 -14.23
CA ARG D 543 6.78 21.45 -12.77
C ARG D 543 5.83 22.47 -12.19
N GLY D 544 5.17 22.08 -11.10
CA GLY D 544 4.14 22.91 -10.50
C GLY D 544 2.75 22.44 -10.88
N SER D 545 2.63 21.79 -12.03
CA SER D 545 1.33 21.31 -12.51
C SER D 545 0.77 20.26 -11.57
N GLY D 546 -0.55 20.10 -11.61
CA GLY D 546 -1.22 19.25 -10.64
C GLY D 546 -1.64 17.90 -11.19
N TYR D 547 -2.28 17.11 -10.34
CA TYR D 547 -2.86 15.82 -10.72
C TYR D 547 -1.80 14.75 -10.95
N GLN D 548 -0.54 15.11 -10.72
CA GLN D 548 0.58 14.19 -10.93
C GLN D 548 1.29 14.00 -9.58
N GLY D 549 0.58 14.20 -8.49
CA GLY D 549 1.18 14.08 -7.17
C GLY D 549 2.04 15.26 -6.75
N ASP D 550 2.28 15.32 -5.43
CA ASP D 550 2.89 16.48 -4.77
C ASP D 550 4.36 16.76 -5.12
N LYS D 551 5.09 15.75 -5.57
CA LYS D 551 6.50 15.97 -5.85
C LYS D 551 6.62 16.93 -7.02
N ILE D 552 5.70 16.79 -7.98
CA ILE D 552 5.64 17.67 -9.16
C ILE D 552 4.95 19.01 -8.86
N MET D 553 3.87 18.96 -8.09
CA MET D 553 3.13 20.16 -7.77
C MET D 553 3.94 21.11 -6.86
N HIS D 554 4.37 20.61 -5.71
CA HIS D 554 5.07 21.42 -4.70
C HIS D 554 6.50 21.83 -5.07
N ALA D 555 6.98 21.41 -6.22
CA ALA D 555 8.35 21.76 -6.67
C ALA D 555 8.69 23.25 -6.86
N ILE D 556 7.66 24.10 -6.82
CA ILE D 556 7.81 25.56 -6.98
C ILE D 556 7.50 26.33 -5.70
N ASN D 557 7.14 25.62 -4.65
CA ASN D 557 6.83 26.25 -3.38
C ASN D 557 7.87 27.30 -2.97
N ARG D 558 7.39 28.47 -2.54
CA ARG D 558 8.23 29.60 -2.12
C ARG D 558 9.20 30.14 -3.17
N ARG D 559 8.88 29.86 -4.43
CA ARG D 559 9.86 29.90 -5.51
C ARG D 559 9.21 30.12 -6.89
N LEU D 560 8.21 31.00 -6.92
CA LEU D 560 7.39 31.18 -8.09
C LEU D 560 8.20 31.91 -9.15
N GLY D 561 7.88 31.61 -10.40
CA GLY D 561 8.58 32.21 -11.53
C GLY D 561 10.02 31.73 -11.73
N THR D 562 10.28 30.48 -11.35
CA THR D 562 11.59 29.85 -11.57
C THR D 562 11.50 28.55 -12.38
N PHE D 563 11.05 27.47 -11.76
CA PHE D 563 11.01 26.18 -12.45
C PHE D 563 9.98 26.14 -13.57
N GLU D 564 8.73 26.47 -13.26
CA GLU D 564 7.65 26.40 -14.26
C GLU D 564 7.94 27.21 -15.52
N VAL D 565 8.74 28.26 -15.39
CA VAL D 565 9.17 29.07 -16.54
C VAL D 565 10.31 28.40 -17.31
N GLU D 566 11.30 27.87 -16.60
CA GLU D 566 12.40 27.12 -17.24
C GLU D 566 11.90 25.94 -18.04
N ASP D 567 10.96 25.20 -17.45
CA ASP D 567 10.40 23.98 -18.06
C ASP D 567 9.62 24.27 -19.33
N GLN D 568 9.09 25.47 -19.43
CA GLN D 568 8.37 25.88 -20.64
C GLN D 568 9.41 26.10 -21.76
N ILE D 569 10.53 26.75 -21.42
CA ILE D 569 11.61 26.93 -22.38
C ILE D 569 12.22 25.59 -22.78
N GLU D 570 12.32 24.67 -21.82
CA GLU D 570 12.88 23.34 -22.08
C GLU D 570 12.00 22.59 -23.09
N ALA D 571 10.71 22.54 -22.80
CA ALA D 571 9.73 21.87 -23.65
C ALA D 571 9.78 22.43 -25.06
N ALA D 572 9.95 23.74 -25.16
CA ALA D 572 10.11 24.39 -26.47
C ALA D 572 11.30 23.81 -27.24
N ARG D 573 12.44 23.64 -26.57
CA ARG D 573 13.62 23.04 -27.20
C ARG D 573 13.31 21.64 -27.73
N GLN D 574 12.78 20.81 -26.83
CA GLN D 574 12.44 19.44 -27.17
C GLN D 574 11.50 19.35 -28.36
N PHE D 575 10.64 20.35 -28.52
CA PHE D 575 9.71 20.37 -29.62
C PHE D 575 10.42 20.63 -30.95
N SER D 576 11.38 21.56 -30.98
CA SER D 576 12.13 21.83 -32.22
C SER D 576 13.03 20.65 -32.61
N LYS D 577 13.63 20.06 -31.59
CA LYS D 577 14.34 18.77 -31.70
C LYS D 577 13.52 17.62 -32.33
N MET D 578 12.21 17.76 -32.35
CA MET D 578 11.34 16.76 -32.98
C MET D 578 11.31 16.87 -34.50
N GLY D 579 11.94 17.91 -35.03
CA GLY D 579 12.18 17.99 -36.47
C GLY D 579 11.11 18.60 -37.36
N PHE D 580 9.84 18.42 -37.00
CA PHE D 580 8.74 18.98 -37.82
C PHE D 580 8.36 20.42 -37.43
N VAL D 581 9.26 21.08 -36.72
CA VAL D 581 8.99 22.41 -36.20
C VAL D 581 9.97 23.41 -36.80
N ASP D 582 9.45 24.54 -37.30
CA ASP D 582 10.33 25.58 -37.80
C ASP D 582 11.11 26.22 -36.66
N ASN D 583 12.33 25.73 -36.47
CA ASN D 583 13.29 26.28 -35.53
C ASN D 583 13.27 27.79 -35.28
N LYS D 584 13.20 28.59 -36.33
CA LYS D 584 13.29 30.06 -36.19
C LYS D 584 11.94 30.79 -36.26
N ARG D 585 10.86 30.05 -35.97
CA ARG D 585 9.52 30.62 -35.93
C ARG D 585 8.77 29.98 -34.77
N ILE D 586 9.26 30.27 -33.56
CA ILE D 586 8.59 29.85 -32.35
C ILE D 586 8.07 31.04 -31.53
N ALA D 587 6.78 31.01 -31.24
CA ALA D 587 6.16 32.04 -30.41
C ALA D 587 5.64 31.46 -29.11
N ILE D 588 5.17 32.35 -28.22
CA ILE D 588 4.63 31.97 -26.92
C ILE D 588 3.57 33.00 -26.51
N TRP D 589 2.50 32.55 -25.86
CA TRP D 589 1.48 33.47 -25.38
C TRP D 589 0.63 32.90 -24.27
N GLY D 590 0.18 33.80 -23.40
CA GLY D 590 -0.64 33.42 -22.26
C GLY D 590 -1.40 34.58 -21.64
N TRP D 591 -2.30 34.22 -20.73
CA TRP D 591 -3.19 35.18 -20.09
C TRP D 591 -3.04 34.97 -18.58
N SER D 592 -3.06 36.07 -17.82
CA SER D 592 -2.89 36.01 -16.36
C SER D 592 -1.50 35.48 -15.95
N TYR D 593 -1.49 34.40 -15.15
CA TYR D 593 -0.27 33.70 -14.81
C TYR D 593 0.46 33.41 -16.10
N GLY D 594 -0.30 32.94 -17.09
CA GLY D 594 0.24 32.64 -18.41
C GLY D 594 0.93 33.83 -19.08
N GLY D 595 0.38 35.02 -18.85
CA GLY D 595 1.01 36.23 -19.33
C GLY D 595 2.32 36.50 -18.63
N TYR D 596 2.33 36.24 -17.32
CA TYR D 596 3.53 36.36 -16.50
C TYR D 596 4.64 35.43 -17.02
N VAL D 597 4.30 34.16 -17.15
CA VAL D 597 5.26 33.18 -17.63
C VAL D 597 5.78 33.62 -18.98
N THR D 598 4.88 33.76 -19.95
CA THR D 598 5.22 34.25 -21.29
C THR D 598 6.24 35.39 -21.20
N SER D 599 5.96 36.36 -20.34
CA SER D 599 6.82 37.52 -20.15
C SER D 599 8.19 37.15 -19.56
N MET D 600 8.20 36.32 -18.51
CA MET D 600 9.45 35.83 -17.93
C MET D 600 10.30 35.02 -18.91
N VAL D 601 9.62 34.26 -19.77
CA VAL D 601 10.30 33.49 -20.82
C VAL D 601 10.98 34.43 -21.81
N LEU D 602 10.21 35.35 -22.40
CA LEU D 602 10.77 36.33 -23.33
C LEU D 602 11.90 37.15 -22.71
N GLY D 603 11.80 37.34 -21.40
CA GLY D 603 12.79 38.10 -20.65
C GLY D 603 14.02 37.31 -20.29
N SER D 604 13.97 35.99 -20.48
CA SER D 604 15.06 35.10 -20.08
C SER D 604 16.29 35.13 -20.97
N GLY D 605 16.20 35.79 -22.12
CA GLY D 605 17.27 35.74 -23.12
C GLY D 605 17.78 34.37 -23.61
N SER D 606 16.88 33.39 -23.71
CA SER D 606 17.23 32.04 -24.15
C SER D 606 17.37 31.86 -25.66
N GLY D 607 17.02 32.88 -26.43
CA GLY D 607 17.07 32.80 -27.89
C GLY D 607 16.10 31.84 -28.59
N VAL D 608 15.33 31.05 -27.83
CA VAL D 608 14.42 30.05 -28.41
C VAL D 608 13.20 30.65 -29.13
N PHE D 609 12.80 31.85 -28.70
CA PHE D 609 11.51 32.44 -29.10
C PHE D 609 11.64 33.73 -29.90
N LYS D 610 10.89 33.82 -30.99
CA LYS D 610 10.92 34.99 -31.85
C LYS D 610 10.07 36.10 -31.25
N CYS D 611 8.92 35.71 -30.71
CA CYS D 611 7.97 36.68 -30.16
C CYS D 611 6.97 36.10 -29.18
N GLY D 612 6.27 37.01 -28.49
CA GLY D 612 5.27 36.63 -27.51
C GLY D 612 4.16 37.65 -27.29
N ILE D 613 3.06 37.16 -26.74
CA ILE D 613 1.92 38.02 -26.42
C ILE D 613 1.49 37.77 -24.97
N ALA D 614 1.55 38.81 -24.16
CA ALA D 614 1.15 38.70 -22.76
C ALA D 614 -0.14 39.47 -22.51
N VAL D 615 -1.17 38.76 -22.08
CA VAL D 615 -2.48 39.36 -21.82
C VAL D 615 -2.74 39.39 -20.33
N ALA D 616 -2.89 40.60 -19.79
CA ALA D 616 -3.17 40.82 -18.38
C ALA D 616 -2.21 40.03 -17.49
N PRO D 617 -0.92 40.26 -17.72
CA PRO D 617 0.08 39.54 -16.98
C PRO D 617 0.25 40.07 -15.57
N VAL D 618 0.56 39.17 -14.65
CA VAL D 618 1.17 39.55 -13.38
C VAL D 618 2.59 39.98 -13.72
N SER D 619 3.11 41.00 -13.04
CA SER D 619 4.47 41.45 -13.33
C SER D 619 5.40 41.40 -12.11
N ARG D 620 4.83 41.53 -10.92
CA ARG D 620 5.57 41.27 -9.69
C ARG D 620 4.60 40.95 -8.56
N TRP D 621 4.85 39.82 -7.90
CA TRP D 621 3.90 39.23 -6.95
C TRP D 621 3.38 40.12 -5.82
N GLU D 622 4.18 41.11 -5.45
CA GLU D 622 3.75 42.06 -4.43
C GLU D 622 2.50 42.85 -4.85
N TYR D 623 2.22 42.91 -6.15
CA TYR D 623 1.01 43.55 -6.68
C TYR D 623 -0.25 42.68 -6.69
N TYR D 624 -0.05 41.37 -6.67
CA TYR D 624 -1.20 40.47 -6.73
C TYR D 624 -1.79 40.26 -5.33
N ASP D 625 -2.99 39.69 -5.28
CA ASP D 625 -3.70 39.54 -4.00
C ASP D 625 -3.00 38.58 -3.05
N SER D 626 -3.27 38.75 -1.76
CA SER D 626 -2.58 37.99 -0.70
C SER D 626 -2.94 36.50 -0.60
N VAL D 627 -4.22 36.18 -0.50
CA VAL D 627 -4.65 34.78 -0.36
C VAL D 627 -3.99 33.85 -1.38
N TYR D 628 -3.96 34.27 -2.63
CA TYR D 628 -3.32 33.48 -3.67
C TYR D 628 -1.80 33.52 -3.57
N THR D 629 -1.24 34.72 -3.62
CA THR D 629 0.20 34.88 -3.74
C THR D 629 0.95 34.23 -2.58
N GLU D 630 0.47 34.47 -1.37
CA GLU D 630 1.15 33.99 -0.17
C GLU D 630 1.02 32.49 -0.04
N ARG D 631 -0.07 31.93 -0.57
CA ARG D 631 -0.29 30.49 -0.52
C ARG D 631 0.97 29.81 -1.01
N TYR D 632 1.63 30.41 -2.00
CA TYR D 632 2.81 29.83 -2.61
C TYR D 632 4.12 30.47 -2.17
N MET D 633 4.09 31.75 -1.85
CA MET D 633 5.31 32.52 -1.60
C MET D 633 5.59 32.99 -0.15
N GLY D 634 4.61 32.83 0.73
CA GLY D 634 4.71 33.37 2.09
C GLY D 634 4.69 34.88 2.04
N LEU D 635 5.19 35.53 3.09
CA LEU D 635 5.19 37.00 3.16
C LEU D 635 6.44 37.62 2.57
N PRO D 636 6.29 38.79 1.95
CA PRO D 636 7.41 39.51 1.38
C PRO D 636 8.15 40.34 2.45
N THR D 637 8.71 39.66 3.45
CA THR D 637 9.49 40.31 4.48
C THR D 637 10.88 39.68 4.47
N PRO D 638 11.87 40.36 5.04
CA PRO D 638 13.23 39.82 5.09
C PRO D 638 13.35 38.54 5.92
N GLU D 639 12.60 38.47 7.01
CA GLU D 639 12.61 37.27 7.85
C GLU D 639 11.91 36.07 7.19
N ASP D 640 11.17 36.34 6.11
CA ASP D 640 10.44 35.30 5.38
C ASP D 640 11.02 35.17 3.95
N ASN D 641 10.25 35.52 2.93
CA ASN D 641 10.62 35.22 1.53
C ASN D 641 10.80 36.42 0.58
N LEU D 642 11.00 37.61 1.13
CA LEU D 642 11.15 38.82 0.32
C LEU D 642 12.18 38.73 -0.79
N ASP D 643 13.26 37.99 -0.56
CA ASP D 643 14.29 37.81 -1.58
C ASP D 643 13.73 37.23 -2.87
N HIS D 644 12.93 36.17 -2.76
CA HIS D 644 12.30 35.54 -3.93
C HIS D 644 11.21 36.40 -4.57
N TYR D 645 10.59 37.30 -3.80
CA TYR D 645 9.65 38.27 -4.38
C TYR D 645 10.41 39.20 -5.34
N ARG D 646 11.51 39.76 -4.84
CA ARG D 646 12.35 40.70 -5.59
C ARG D 646 13.07 40.04 -6.77
N ASN D 647 13.59 38.84 -6.54
CA ASN D 647 14.28 38.07 -7.57
C ASN D 647 13.38 37.65 -8.75
N SER D 648 12.05 37.69 -8.59
CA SER D 648 11.13 37.10 -9.58
C SER D 648 10.23 38.04 -10.40
N THR D 649 10.62 39.30 -10.58
CA THR D 649 9.78 40.25 -11.31
C THR D 649 10.06 40.20 -12.81
N VAL D 650 9.11 40.69 -13.59
CA VAL D 650 9.31 40.81 -15.03
C VAL D 650 10.24 41.98 -15.35
N MET D 651 10.07 43.09 -14.65
CA MET D 651 10.85 44.30 -14.96
C MET D 651 12.36 44.16 -14.78
N SER D 652 12.82 43.23 -13.96
CA SER D 652 14.26 43.00 -13.83
C SER D 652 14.90 42.46 -15.11
N ARG D 653 14.08 41.87 -15.98
CA ARG D 653 14.56 41.33 -17.24
C ARG D 653 14.36 42.23 -18.47
N ALA D 654 13.98 43.48 -18.23
CA ALA D 654 13.66 44.39 -19.33
C ALA D 654 14.72 44.34 -20.43
N GLU D 655 15.98 44.39 -20.01
CA GLU D 655 17.10 44.43 -20.94
C GLU D 655 17.07 43.34 -22.00
N ASN D 656 16.72 42.12 -21.61
CA ASN D 656 16.72 41.00 -22.55
C ASN D 656 15.61 41.01 -23.59
N PHE D 657 14.69 41.94 -23.48
CA PHE D 657 13.55 41.97 -24.40
C PHE D 657 14.01 42.49 -25.75
N LYS D 658 15.19 43.10 -25.79
CA LYS D 658 15.78 43.61 -27.03
C LYS D 658 15.84 42.58 -28.15
N GLN D 659 15.71 41.30 -27.78
CA GLN D 659 15.85 40.20 -28.72
C GLN D 659 14.56 39.55 -29.15
N VAL D 660 13.42 40.13 -28.81
CA VAL D 660 12.14 39.50 -29.15
C VAL D 660 11.16 40.56 -29.59
N GLU D 661 10.08 40.15 -30.27
CA GLU D 661 8.96 41.04 -30.56
C GLU D 661 7.89 40.81 -29.50
N TYR D 662 7.55 41.85 -28.75
CA TYR D 662 6.63 41.73 -27.61
C TYR D 662 5.30 42.45 -27.82
N LEU D 663 4.21 41.79 -27.43
CA LEU D 663 2.88 42.38 -27.46
C LEU D 663 2.22 42.31 -26.07
N LEU D 664 1.95 43.49 -25.51
CA LEU D 664 1.40 43.64 -24.16
C LEU D 664 -0.02 44.13 -24.26
N ILE D 665 -0.95 43.45 -23.63
CA ILE D 665 -2.34 43.89 -23.65
C ILE D 665 -2.98 43.82 -22.27
N HIS D 666 -3.75 44.84 -21.91
CA HIS D 666 -4.39 44.88 -20.60
C HIS D 666 -5.64 45.76 -20.60
N GLY D 667 -6.68 45.28 -19.93
CA GLY D 667 -7.93 46.03 -19.76
C GLY D 667 -7.78 47.06 -18.64
N THR D 668 -8.28 48.27 -18.85
CA THR D 668 -8.06 49.35 -17.90
C THR D 668 -8.86 49.18 -16.61
N ALA D 669 -9.98 48.47 -16.70
CA ALA D 669 -10.82 48.22 -15.52
C ALA D 669 -10.64 46.79 -14.96
N ASP D 670 -9.40 46.28 -15.04
CA ASP D 670 -9.05 44.99 -14.44
C ASP D 670 -8.94 45.19 -12.92
N ASP D 671 -9.86 44.55 -12.22
CA ASP D 671 -9.88 44.57 -10.75
C ASP D 671 -9.13 43.40 -10.14
N ASN D 672 -8.73 42.46 -11.01
CA ASN D 672 -8.04 41.25 -10.60
C ASN D 672 -6.53 41.40 -10.72
N VAL D 673 -6.04 41.39 -11.96
CA VAL D 673 -4.65 41.68 -12.24
C VAL D 673 -4.68 43.13 -12.65
N HIS D 674 -4.40 44.01 -11.70
CA HIS D 674 -4.58 45.44 -11.93
C HIS D 674 -3.74 45.93 -13.08
N PHE D 675 -4.25 46.97 -13.75
CA PHE D 675 -3.56 47.57 -14.87
C PHE D 675 -2.15 47.91 -14.44
N GLN D 676 -1.99 48.40 -13.21
CA GLN D 676 -0.68 48.66 -12.57
C GLN D 676 0.46 47.74 -13.03
N GLN D 677 0.16 46.43 -13.03
CA GLN D 677 1.14 45.42 -13.38
C GLN D 677 1.77 45.62 -14.77
N SER D 678 0.91 45.72 -15.80
CA SER D 678 1.37 46.03 -17.16
C SER D 678 2.00 47.42 -17.27
N ALA D 679 1.39 48.39 -16.60
CA ALA D 679 1.91 49.75 -16.64
C ALA D 679 3.36 49.81 -16.16
N GLN D 680 3.69 48.98 -15.17
CA GLN D 680 5.05 48.91 -14.63
C GLN D 680 6.07 48.21 -15.54
N ILE D 681 5.60 47.19 -16.25
CA ILE D 681 6.40 46.54 -17.27
C ILE D 681 6.76 47.54 -18.35
N SER D 682 5.75 48.19 -18.91
CA SER D 682 5.94 49.07 -20.05
C SER D 682 6.97 50.15 -19.72
N LYS D 683 6.86 50.72 -18.53
CA LYS D 683 7.79 51.75 -18.06
C LYS D 683 9.23 51.21 -18.02
N ALA D 684 9.38 50.00 -17.46
CA ALA D 684 10.69 49.34 -17.37
C ALA D 684 11.38 49.13 -18.71
N LEU D 685 10.59 48.71 -19.70
CA LEU D 685 11.08 48.54 -21.08
C LEU D 685 11.44 49.85 -21.76
N VAL D 686 10.65 50.88 -21.50
CA VAL D 686 10.90 52.19 -22.08
C VAL D 686 12.21 52.74 -21.56
N ASP D 687 12.45 52.54 -20.26
CA ASP D 687 13.64 53.10 -19.60
C ASP D 687 14.94 52.45 -20.06
N VAL D 688 14.80 51.27 -20.66
CA VAL D 688 15.93 50.49 -21.12
C VAL D 688 16.04 50.57 -22.65
N GLY D 689 15.11 51.28 -23.26
CA GLY D 689 15.13 51.54 -24.69
C GLY D 689 14.74 50.37 -25.57
N VAL D 690 13.84 49.53 -25.08
CA VAL D 690 13.37 48.38 -25.83
C VAL D 690 12.07 48.71 -26.57
N ASP D 691 11.95 48.31 -27.82
CA ASP D 691 10.70 48.54 -28.54
C ASP D 691 9.73 47.38 -28.35
N PHE D 692 8.44 47.69 -28.39
CA PHE D 692 7.40 46.69 -28.24
C PHE D 692 6.11 47.41 -28.62
N GLN D 693 4.99 46.69 -28.69
CA GLN D 693 3.69 47.38 -28.65
C GLN D 693 2.83 47.01 -27.45
N ALA D 694 2.21 48.04 -26.92
CA ALA D 694 1.18 47.92 -25.91
C ALA D 694 -0.19 48.06 -26.60
N MET D 695 -1.24 47.75 -25.85
CA MET D 695 -2.60 47.90 -26.34
C MET D 695 -3.49 47.85 -25.12
N TRP D 696 -4.13 48.96 -24.79
CA TRP D 696 -5.06 48.96 -23.69
C TRP D 696 -6.48 48.68 -24.21
N TYR D 697 -7.39 48.35 -23.29
CA TYR D 697 -8.79 48.16 -23.62
C TYR D 697 -9.66 48.92 -22.63
N THR D 698 -10.17 50.06 -23.10
CA THR D 698 -10.90 50.97 -22.24
C THR D 698 -12.03 50.26 -21.52
N ASP D 699 -11.99 50.32 -20.19
CA ASP D 699 -13.09 49.82 -19.37
C ASP D 699 -13.33 48.31 -19.44
N GLU D 700 -12.45 47.58 -20.11
CA GLU D 700 -12.53 46.13 -20.08
C GLU D 700 -11.86 45.64 -18.83
N ASP D 701 -12.30 44.47 -18.35
CA ASP D 701 -11.71 43.89 -17.14
C ASP D 701 -10.86 42.66 -17.45
N HIS D 702 -10.69 41.79 -16.48
CA HIS D 702 -9.76 40.68 -16.63
C HIS D 702 -10.17 39.69 -17.69
N GLY D 703 -11.45 39.64 -18.01
CA GLY D 703 -11.97 38.79 -19.08
C GLY D 703 -11.75 39.29 -20.50
N ILE D 704 -11.58 40.60 -20.66
CA ILE D 704 -11.69 41.26 -21.99
C ILE D 704 -12.80 40.62 -22.81
N ALA D 705 -13.93 40.45 -22.15
CA ALA D 705 -14.91 39.48 -22.57
C ALA D 705 -16.16 40.09 -23.18
N SER D 706 -16.24 41.42 -23.17
CA SER D 706 -17.41 42.09 -23.73
C SER D 706 -17.38 41.67 -25.19
N SER D 707 -18.56 41.72 -25.80
CA SER D 707 -18.71 41.20 -27.16
C SER D 707 -17.73 41.75 -28.20
N THR D 708 -17.67 43.08 -28.28
CA THR D 708 -16.87 43.75 -29.32
C THR D 708 -15.38 43.72 -29.03
N ALA D 709 -15.03 43.70 -27.74
CA ALA D 709 -13.64 43.66 -27.32
C ALA D 709 -13.04 42.29 -27.63
N HIS D 710 -13.78 41.25 -27.28
CA HIS D 710 -13.38 39.87 -27.52
C HIS D 710 -13.02 39.66 -28.99
N GLN D 711 -13.87 40.18 -29.86
CA GLN D 711 -13.60 40.14 -31.29
C GLN D 711 -12.36 40.91 -31.67
N HIS D 712 -12.21 42.10 -31.09
CA HIS D 712 -11.14 43.02 -31.45
C HIS D 712 -9.75 42.49 -31.06
N ILE D 713 -9.67 41.92 -29.87
CA ILE D 713 -8.39 41.44 -29.35
C ILE D 713 -7.90 40.23 -30.12
N TYR D 714 -8.77 39.26 -30.32
CA TYR D 714 -8.37 38.06 -31.04
C TYR D 714 -7.96 38.41 -32.48
N THR D 715 -8.64 39.37 -33.08
CA THR D 715 -8.21 39.91 -34.37
C THR D 715 -6.81 40.54 -34.30
N HIS D 716 -6.61 41.44 -33.35
CA HIS D 716 -5.33 42.14 -33.20
C HIS D 716 -4.15 41.20 -32.94
N MET D 717 -4.41 40.15 -32.16
CA MET D 717 -3.39 39.12 -31.89
C MET D 717 -3.06 38.29 -33.10
N SER D 718 -4.10 37.81 -33.79
CA SER D 718 -3.95 37.02 -35.01
C SER D 718 -3.06 37.73 -36.02
N HIS D 719 -3.41 38.96 -36.36
CA HIS D 719 -2.59 39.77 -37.25
C HIS D 719 -1.12 39.86 -36.75
N PHE D 720 -0.91 40.06 -35.45
CA PHE D 720 0.46 40.15 -34.87
C PHE D 720 1.31 38.90 -35.06
N ILE D 721 0.70 37.74 -34.81
CA ILE D 721 1.36 36.45 -34.94
C ILE D 721 1.67 36.14 -36.41
N LYS D 722 0.70 36.41 -37.28
CA LYS D 722 0.87 36.16 -38.70
C LYS D 722 2.06 36.93 -39.20
N GLN D 723 2.10 38.21 -38.85
CA GLN D 723 3.20 39.08 -39.26
C GLN D 723 4.55 38.67 -38.69
N CYS D 724 4.56 38.24 -37.43
CA CYS D 724 5.79 37.78 -36.79
C CYS D 724 6.27 36.43 -37.39
N PHE D 725 5.34 35.65 -37.92
CA PHE D 725 5.65 34.37 -38.58
C PHE D 725 5.78 34.47 -40.11
N SER D 726 5.76 35.69 -40.64
CA SER D 726 5.77 35.92 -42.10
C SER D 726 4.71 35.14 -42.85
N LEU D 727 3.54 35.00 -42.23
CA LEU D 727 2.41 34.27 -42.82
C LEU D 727 1.47 35.25 -43.50
N PRO D 728 1.08 34.98 -44.75
CA PRO D 728 0.35 35.96 -45.54
C PRO D 728 -1.19 35.79 -45.58
N THR E 4 -22.95 -86.40 -30.72
CA THR E 4 -22.72 -85.59 -31.96
C THR E 4 -22.02 -86.45 -33.06
N PRO E 5 -21.03 -87.26 -32.69
CA PRO E 5 -20.29 -88.10 -33.64
C PRO E 5 -20.78 -88.53 -35.01
N ALA E 6 -19.89 -88.32 -35.97
CA ALA E 6 -20.04 -88.66 -37.38
C ALA E 6 -20.01 -90.17 -37.61
N PHE E 7 -19.07 -90.85 -36.98
CA PHE E 7 -18.95 -92.31 -37.08
C PHE E 7 -18.56 -92.83 -35.71
N ASP E 8 -19.58 -93.14 -34.91
CA ASP E 8 -19.38 -93.48 -33.50
C ASP E 8 -18.98 -94.92 -33.28
N LYS E 9 -17.87 -95.34 -33.87
CA LYS E 9 -17.36 -96.70 -33.72
C LYS E 9 -15.85 -96.67 -33.67
N PRO E 10 -15.22 -97.74 -33.22
CA PRO E 10 -13.78 -97.93 -33.35
C PRO E 10 -13.15 -97.47 -34.68
N LYS E 11 -12.15 -96.60 -34.57
CA LYS E 11 -11.40 -96.10 -35.74
C LYS E 11 -9.92 -96.47 -35.68
N VAL E 12 -9.24 -96.34 -36.81
CA VAL E 12 -7.78 -96.50 -36.86
C VAL E 12 -7.22 -95.22 -37.47
N GLU E 13 -6.06 -94.77 -36.98
CA GLU E 13 -5.38 -93.58 -37.52
C GLU E 13 -3.92 -93.87 -37.79
N LEU E 14 -3.45 -93.55 -38.99
CA LEU E 14 -2.09 -93.85 -39.41
C LEU E 14 -1.19 -92.61 -39.65
N HIS E 15 -1.80 -91.46 -39.87
CA HIS E 15 -1.05 -90.26 -40.24
C HIS E 15 -1.38 -89.06 -39.34
N VAL E 16 -0.63 -88.92 -38.26
CA VAL E 16 -0.78 -87.77 -37.37
C VAL E 16 0.56 -87.38 -36.75
N HIS E 17 0.83 -86.09 -36.71
CA HIS E 17 2.11 -85.56 -36.24
C HIS E 17 2.06 -85.15 -34.76
N LEU E 18 3.04 -85.60 -33.98
CA LEU E 18 3.12 -85.29 -32.54
C LEU E 18 3.35 -83.80 -32.29
N ASP E 19 4.32 -83.22 -32.97
CA ASP E 19 4.56 -81.78 -32.93
C ASP E 19 3.29 -81.02 -33.29
N GLY E 20 2.44 -81.64 -34.10
CA GLY E 20 1.21 -81.02 -34.55
C GLY E 20 0.00 -81.22 -33.66
N ALA E 21 0.15 -82.04 -32.63
CA ALA E 21 -0.99 -82.41 -31.77
C ALA E 21 -0.77 -82.15 -30.27
N ILE E 22 -0.35 -80.95 -29.91
CA ILE E 22 -0.03 -80.63 -28.52
C ILE E 22 -1.13 -79.82 -27.89
N LYS E 23 -1.32 -79.97 -26.58
CA LYS E 23 -2.32 -79.20 -25.86
C LYS E 23 -1.87 -77.76 -25.64
N PRO E 24 -2.72 -76.79 -25.94
CA PRO E 24 -2.44 -75.39 -25.63
C PRO E 24 -2.04 -75.10 -24.19
N GLU E 25 -2.62 -75.83 -23.24
CA GLU E 25 -2.39 -75.60 -21.83
C GLU E 25 -0.99 -75.94 -21.39
N THR E 26 -0.42 -77.00 -21.98
CA THR E 26 0.87 -77.50 -21.52
C THR E 26 2.02 -76.88 -22.30
N ILE E 27 1.68 -76.14 -23.36
CA ILE E 27 2.63 -75.28 -24.06
C ILE E 27 2.79 -74.08 -23.15
N LEU E 28 1.64 -73.55 -22.77
CA LEU E 28 1.56 -72.40 -21.87
C LEU E 28 2.27 -72.65 -20.55
N TYR E 29 2.11 -73.85 -20.02
CA TYR E 29 2.76 -74.23 -18.77
C TYR E 29 4.27 -74.22 -18.89
N TYR E 30 4.80 -74.82 -19.96
CA TYR E 30 6.24 -74.95 -20.14
C TYR E 30 6.89 -73.65 -20.56
N GLY E 31 6.11 -72.79 -21.20
CA GLY E 31 6.57 -71.44 -21.52
C GLY E 31 6.86 -70.68 -20.24
N LYS E 32 5.85 -70.51 -19.41
CA LYS E 32 6.01 -69.86 -18.10
C LYS E 32 7.20 -70.39 -17.34
N ARG E 33 7.27 -71.71 -17.19
CA ARG E 33 8.32 -72.33 -16.39
C ARG E 33 9.70 -71.99 -16.89
N ARG E 34 9.87 -72.03 -18.21
CA ARG E 34 11.18 -71.82 -18.82
C ARG E 34 11.48 -70.36 -19.12
N GLY E 35 10.47 -69.51 -19.00
CA GLY E 35 10.59 -68.09 -19.34
C GLY E 35 10.77 -67.91 -20.83
N ILE E 36 9.98 -68.65 -21.60
CA ILE E 36 9.98 -68.55 -23.06
C ILE E 36 8.74 -67.80 -23.50
N ALA E 37 8.94 -66.70 -24.21
CA ALA E 37 7.85 -65.79 -24.55
C ALA E 37 6.85 -66.38 -25.54
N LEU E 38 5.59 -65.98 -25.39
CA LEU E 38 4.49 -66.58 -26.13
C LEU E 38 3.46 -65.53 -26.53
N PRO E 39 2.97 -65.60 -27.76
CA PRO E 39 1.96 -64.66 -28.27
C PRO E 39 0.70 -64.44 -27.44
N ALA E 40 0.35 -65.37 -26.57
CA ALA E 40 -0.85 -65.22 -25.76
C ALA E 40 -0.66 -65.67 -24.32
N ASP E 41 -1.74 -65.63 -23.56
CA ASP E 41 -1.69 -65.93 -22.14
C ASP E 41 -2.82 -66.81 -21.62
N THR E 42 -3.97 -66.81 -22.30
CA THR E 42 -5.02 -67.77 -22.02
C THR E 42 -4.72 -69.01 -22.86
N PRO E 43 -4.97 -70.19 -22.32
CA PRO E 43 -4.82 -71.43 -23.09
C PRO E 43 -5.78 -71.36 -24.25
N GLU E 44 -6.90 -70.69 -24.02
CA GLU E 44 -7.98 -70.57 -24.98
C GLU E 44 -7.59 -69.74 -26.21
N GLU E 45 -7.39 -68.44 -26.02
CA GLU E 45 -7.10 -67.56 -27.15
C GLU E 45 -5.75 -67.80 -27.81
N LEU E 46 -4.94 -68.64 -27.19
CA LEU E 46 -3.69 -69.11 -27.80
C LEU E 46 -3.98 -70.05 -28.97
N LEU E 47 -5.02 -70.86 -28.86
CA LEU E 47 -5.39 -71.83 -29.90
C LEU E 47 -5.68 -71.04 -31.18
N ASN E 48 -6.32 -69.88 -31.02
CA ASN E 48 -6.66 -69.02 -32.14
C ASN E 48 -5.49 -68.37 -32.86
N ILE E 49 -4.42 -68.07 -32.13
CA ILE E 49 -3.20 -67.50 -32.73
C ILE E 49 -2.38 -68.57 -33.46
N ILE E 50 -2.49 -69.81 -33.01
CA ILE E 50 -1.79 -70.92 -33.64
C ILE E 50 -2.65 -71.58 -34.69
N GLY E 51 -3.96 -71.55 -34.48
CA GLY E 51 -4.90 -72.24 -35.35
C GLY E 51 -5.40 -71.45 -36.56
N MET E 52 -5.72 -72.18 -37.61
CA MET E 52 -6.27 -71.60 -38.83
C MET E 52 -7.75 -71.95 -38.96
N ASP E 53 -8.46 -71.16 -39.74
CA ASP E 53 -9.84 -71.48 -40.16
C ASP E 53 -10.04 -71.15 -41.66
N LYS E 54 -9.33 -70.15 -42.15
CA LYS E 54 -9.31 -69.82 -43.57
C LYS E 54 -8.25 -70.75 -44.15
N PRO E 55 -8.32 -71.08 -45.43
CA PRO E 55 -7.34 -71.93 -46.07
C PRO E 55 -6.07 -71.23 -46.57
N LEU E 56 -5.37 -70.49 -45.70
CA LEU E 56 -4.05 -69.92 -46.03
C LEU E 56 -3.16 -71.04 -46.56
N THR E 57 -1.95 -70.75 -47.01
CA THR E 57 -1.11 -71.80 -47.60
C THR E 57 0.21 -72.19 -46.91
N LEU E 58 0.87 -73.21 -47.48
CA LEU E 58 2.04 -73.87 -46.86
C LEU E 58 3.19 -72.99 -46.32
N PRO E 59 3.44 -71.84 -46.93
CA PRO E 59 4.31 -70.82 -46.32
C PRO E 59 3.87 -70.33 -44.93
N ASP E 60 2.69 -69.71 -44.87
CA ASP E 60 2.17 -69.14 -43.60
C ASP E 60 1.68 -70.21 -42.60
N PHE E 61 1.72 -71.48 -43.01
CA PHE E 61 1.39 -72.64 -42.15
C PHE E 61 2.60 -73.07 -41.31
N LEU E 62 3.72 -73.35 -41.97
CA LEU E 62 4.97 -73.68 -41.28
C LEU E 62 5.41 -72.61 -40.28
N ALA E 63 4.90 -71.39 -40.44
CA ALA E 63 5.16 -70.30 -39.51
C ALA E 63 4.50 -70.46 -38.17
N LYS E 64 3.44 -71.27 -38.12
CA LYS E 64 2.68 -71.50 -36.89
C LYS E 64 3.48 -72.33 -35.87
N PHE E 65 4.40 -73.14 -36.37
CA PHE E 65 5.28 -73.93 -35.52
C PHE E 65 6.22 -73.09 -34.66
N ASP E 66 6.66 -71.94 -35.18
CA ASP E 66 7.61 -71.09 -34.48
C ASP E 66 7.01 -70.50 -33.22
N TYR E 67 5.69 -70.34 -33.22
CA TYR E 67 4.96 -69.84 -32.06
C TYR E 67 5.23 -70.65 -30.79
N TYR E 68 5.12 -71.98 -30.88
CA TYR E 68 5.13 -72.85 -29.71
C TYR E 68 6.33 -73.77 -29.55
N MET E 69 6.84 -74.33 -30.64
CA MET E 69 7.90 -75.32 -30.57
C MET E 69 9.09 -74.97 -29.67
N PRO E 70 9.53 -73.71 -29.65
CA PRO E 70 10.60 -73.31 -28.75
C PRO E 70 10.34 -73.65 -27.29
N ALA E 71 9.08 -73.63 -26.88
CA ALA E 71 8.68 -73.94 -25.48
C ALA E 71 8.75 -75.42 -25.14
N ILE E 72 8.53 -76.28 -26.12
CA ILE E 72 8.55 -77.72 -25.88
C ILE E 72 9.93 -78.31 -26.03
N ALA E 73 10.62 -77.98 -27.12
CA ALA E 73 11.88 -78.61 -27.44
C ALA E 73 12.93 -78.41 -26.37
N GLY E 74 13.86 -79.35 -26.28
CA GLY E 74 14.95 -79.26 -25.32
C GLY E 74 14.61 -79.53 -23.88
N CYS E 75 13.37 -79.94 -23.61
CA CYS E 75 12.91 -80.11 -22.24
C CYS E 75 12.45 -81.51 -22.05
N ARG E 76 13.35 -82.40 -21.62
CA ARG E 76 12.96 -83.78 -21.41
C ARG E 76 11.62 -83.96 -20.70
N ASP E 77 11.33 -83.14 -19.71
CA ASP E 77 10.04 -83.26 -19.02
C ASP E 77 8.83 -83.14 -19.98
N ALA E 78 8.88 -82.15 -20.86
CA ALA E 78 7.84 -81.92 -21.90
C ALA E 78 7.67 -82.98 -22.99
N ILE E 79 8.77 -83.56 -23.44
CA ILE E 79 8.72 -84.54 -24.49
C ILE E 79 7.84 -85.67 -23.99
N LYS E 80 8.18 -86.19 -22.83
CA LYS E 80 7.50 -87.33 -22.24
C LYS E 80 6.04 -86.97 -22.02
N ARG E 81 5.78 -85.76 -21.57
CA ARG E 81 4.42 -85.39 -21.27
C ARG E 81 3.53 -85.25 -22.49
N ILE E 82 4.02 -84.66 -23.57
CA ILE E 82 3.15 -84.43 -24.73
C ILE E 82 2.83 -85.74 -25.41
N ALA E 83 3.79 -86.66 -25.38
CA ALA E 83 3.56 -88.01 -25.82
C ALA E 83 2.39 -88.63 -25.07
N TYR E 84 2.45 -88.61 -23.76
CA TYR E 84 1.42 -89.19 -22.92
C TYR E 84 0.07 -88.53 -23.17
N GLU E 85 0.03 -87.21 -23.07
CA GLU E 85 -1.19 -86.44 -23.30
C GLU E 85 -1.80 -86.67 -24.67
N PHE E 86 -0.98 -87.04 -25.65
CA PHE E 86 -1.47 -87.36 -26.98
C PHE E 86 -2.31 -88.62 -27.01
N VAL E 87 -1.77 -89.71 -26.47
CA VAL E 87 -2.48 -91.00 -26.45
C VAL E 87 -3.89 -90.78 -25.92
N GLU E 88 -4.00 -89.95 -24.90
CA GLU E 88 -5.27 -89.63 -24.29
C GLU E 88 -6.24 -88.93 -25.19
N MET E 89 -5.76 -88.00 -26.02
CA MET E 89 -6.63 -87.25 -26.91
C MET E 89 -7.14 -88.13 -28.04
N LYS E 90 -6.41 -89.18 -28.37
CA LYS E 90 -6.86 -90.12 -29.38
C LYS E 90 -7.92 -91.03 -28.78
N ALA E 91 -7.73 -91.44 -27.54
CA ALA E 91 -8.77 -92.17 -26.83
C ALA E 91 -10.02 -91.31 -26.67
N LYS E 92 -9.89 -89.99 -26.70
CA LYS E 92 -11.06 -89.10 -26.69
C LYS E 92 -11.89 -89.18 -27.97
N ASP E 93 -11.23 -89.41 -29.09
CA ASP E 93 -11.91 -89.72 -30.35
C ASP E 93 -12.15 -91.22 -30.29
N GLY E 94 -12.60 -91.82 -31.38
CA GLY E 94 -12.85 -93.27 -31.37
C GLY E 94 -11.62 -94.17 -31.32
N VAL E 95 -10.44 -93.60 -31.48
CA VAL E 95 -9.27 -94.35 -31.94
C VAL E 95 -8.81 -95.50 -31.06
N VAL E 96 -8.70 -96.67 -31.68
CA VAL E 96 -8.32 -97.91 -31.03
C VAL E 96 -6.89 -98.31 -31.37
N TYR E 97 -6.34 -97.71 -32.42
CA TYR E 97 -4.95 -97.93 -32.80
C TYR E 97 -4.43 -96.70 -33.54
N VAL E 98 -3.27 -96.19 -33.12
CA VAL E 98 -2.64 -95.08 -33.78
C VAL E 98 -1.18 -95.32 -34.06
N GLU E 99 -0.72 -94.78 -35.18
CA GLU E 99 0.69 -94.60 -35.42
C GLU E 99 0.97 -93.09 -35.42
N VAL E 100 2.00 -92.67 -34.69
CA VAL E 100 2.38 -91.27 -34.59
C VAL E 100 3.75 -90.97 -35.16
N ARG E 101 3.88 -89.82 -35.79
CA ARG E 101 5.13 -89.42 -36.42
C ARG E 101 5.62 -88.09 -35.89
N TYR E 102 6.93 -87.99 -35.68
CA TYR E 102 7.57 -86.77 -35.24
C TYR E 102 9.01 -86.87 -35.70
N SER E 103 9.68 -85.73 -35.81
CA SER E 103 11.12 -85.71 -36.04
C SER E 103 11.86 -85.64 -34.72
N PRO E 104 12.61 -86.68 -34.39
CA PRO E 104 13.37 -86.69 -33.16
C PRO E 104 14.41 -85.58 -33.07
N HIS E 105 14.94 -85.17 -34.21
CA HIS E 105 15.93 -84.09 -34.25
C HIS E 105 15.34 -82.73 -33.94
N LEU E 106 14.08 -82.54 -34.30
CA LEU E 106 13.41 -81.26 -34.08
C LEU E 106 13.09 -80.96 -32.62
N LEU E 107 13.22 -81.96 -31.76
CA LEU E 107 12.99 -81.77 -30.32
C LEU E 107 14.27 -81.75 -29.51
N ALA E 108 15.38 -82.12 -30.12
CA ALA E 108 16.67 -82.16 -29.44
C ALA E 108 17.33 -80.79 -29.44
N ASN E 109 18.23 -80.59 -28.50
CA ASN E 109 19.03 -79.37 -28.48
C ASN E 109 20.53 -79.65 -28.44
N SER E 110 20.92 -80.92 -28.55
CA SER E 110 22.33 -81.31 -28.58
C SER E 110 22.59 -82.36 -29.66
N LYS E 111 23.84 -82.51 -30.05
CA LYS E 111 24.21 -83.44 -31.10
C LYS E 111 23.29 -83.40 -32.32
N VAL E 112 22.92 -82.20 -32.73
CA VAL E 112 21.92 -82.04 -33.76
C VAL E 112 22.34 -80.98 -34.77
N GLU E 113 22.60 -81.42 -36.00
CA GLU E 113 23.22 -80.60 -37.09
C GLU E 113 23.11 -79.08 -37.00
N PRO E 114 22.21 -78.38 -37.70
CA PRO E 114 21.61 -77.16 -37.16
C PRO E 114 20.68 -77.31 -35.96
N ILE E 115 21.11 -76.82 -34.81
CA ILE E 115 20.28 -76.80 -33.62
C ILE E 115 19.01 -76.07 -34.01
N PRO E 116 17.85 -76.68 -33.81
CA PRO E 116 16.60 -76.14 -34.30
C PRO E 116 15.95 -75.09 -33.42
N TRP E 117 14.95 -74.42 -33.97
CA TRP E 117 14.11 -73.48 -33.23
C TRP E 117 14.87 -72.42 -32.43
N ASN E 118 16.06 -72.04 -32.90
CA ASN E 118 16.83 -70.95 -32.30
C ASN E 118 17.31 -71.12 -30.86
N GLN E 119 17.35 -72.35 -30.36
CA GLN E 119 17.61 -72.52 -28.95
C GLN E 119 19.11 -72.65 -28.84
N ALA E 120 19.63 -72.36 -27.66
CA ALA E 120 21.04 -72.56 -27.39
C ALA E 120 21.29 -74.05 -27.24
N GLU E 121 22.55 -74.45 -27.27
CA GLU E 121 22.97 -75.76 -26.78
C GLU E 121 22.42 -75.78 -25.38
N GLY E 122 21.98 -76.92 -24.86
CA GLY E 122 22.16 -78.20 -25.51
C GLY E 122 22.50 -79.29 -24.52
N ASP E 123 21.51 -80.09 -24.16
CA ASP E 123 21.72 -81.22 -23.28
C ASP E 123 20.97 -82.46 -23.76
N LEU E 124 19.84 -82.24 -24.42
CA LEU E 124 18.97 -83.30 -24.91
C LEU E 124 19.41 -83.80 -26.28
N THR E 125 19.98 -85.01 -26.30
CA THR E 125 20.39 -85.66 -27.53
C THR E 125 19.16 -86.28 -28.21
N PRO E 126 19.13 -86.44 -29.52
CA PRO E 126 17.95 -86.98 -30.20
C PRO E 126 17.63 -88.43 -29.83
N ASP E 127 18.63 -89.14 -29.33
CA ASP E 127 18.43 -90.46 -28.74
C ASP E 127 17.59 -90.34 -27.47
N GLU E 128 18.09 -89.63 -26.46
CA GLU E 128 17.31 -89.33 -25.24
C GLU E 128 15.86 -89.02 -25.60
N VAL E 129 15.64 -88.29 -26.69
CA VAL E 129 14.29 -87.88 -27.06
C VAL E 129 13.39 -89.06 -27.36
N VAL E 130 13.75 -89.83 -28.38
CA VAL E 130 12.99 -91.03 -28.74
C VAL E 130 12.69 -91.87 -27.50
N SER E 131 13.71 -92.07 -26.67
CA SER E 131 13.52 -92.82 -25.44
C SER E 131 12.35 -92.20 -24.65
N LEU E 132 12.47 -90.92 -24.32
CA LEU E 132 11.42 -90.20 -23.61
C LEU E 132 10.05 -90.40 -24.25
N VAL E 133 9.93 -90.03 -25.52
CA VAL E 133 8.67 -90.23 -26.29
C VAL E 133 8.08 -91.64 -26.18
N ASN E 134 8.96 -92.64 -26.17
CA ASN E 134 8.54 -94.03 -26.05
C ASN E 134 7.91 -94.26 -24.67
N GLN E 135 8.67 -93.92 -23.64
CA GLN E 135 8.23 -94.06 -22.23
C GLN E 135 6.86 -93.40 -22.01
N GLY E 136 6.63 -92.28 -22.70
CA GLY E 136 5.36 -91.60 -22.70
C GLY E 136 4.24 -92.33 -23.42
N LEU E 137 4.54 -92.89 -24.59
CA LEU E 137 3.51 -93.56 -25.39
C LEU E 137 3.10 -94.85 -24.68
N GLN E 138 4.07 -95.52 -24.05
CA GLN E 138 3.85 -96.80 -23.38
C GLN E 138 3.03 -96.64 -22.09
N GLU E 139 3.31 -95.55 -21.38
CA GLU E 139 2.58 -95.23 -20.18
C GLU E 139 1.16 -94.92 -20.59
N GLY E 140 0.99 -94.12 -21.63
CA GLY E 140 -0.33 -93.81 -22.17
C GLY E 140 -1.15 -94.96 -22.76
N GLU E 141 -0.52 -95.87 -23.50
CA GLU E 141 -1.23 -97.05 -23.97
C GLU E 141 -1.87 -97.70 -22.75
N ARG E 142 -1.10 -97.88 -21.70
CA ARG E 142 -1.61 -98.52 -20.50
C ARG E 142 -2.71 -97.74 -19.82
N ASP E 143 -2.60 -96.42 -19.75
CA ASP E 143 -3.53 -95.69 -18.94
C ASP E 143 -4.81 -95.34 -19.65
N PHE E 144 -4.80 -95.25 -20.98
CA PHE E 144 -6.00 -94.88 -21.73
C PHE E 144 -6.50 -95.93 -22.73
N GLY E 145 -5.80 -97.06 -22.78
CA GLY E 145 -6.24 -98.21 -23.56
C GLY E 145 -6.38 -98.04 -25.06
N VAL E 146 -5.38 -97.46 -25.70
CA VAL E 146 -5.30 -97.47 -27.15
C VAL E 146 -3.93 -97.99 -27.54
N LYS E 147 -3.87 -98.92 -28.49
CA LYS E 147 -2.61 -99.47 -28.96
C LYS E 147 -1.89 -98.35 -29.71
N VAL E 148 -0.61 -98.17 -29.42
CA VAL E 148 0.16 -97.05 -29.99
C VAL E 148 1.55 -97.42 -30.43
N ARG E 149 1.86 -97.16 -31.69
CA ARG E 149 3.20 -97.34 -32.23
C ARG E 149 3.62 -96.02 -32.85
N SER E 150 4.93 -95.79 -32.98
CA SER E 150 5.45 -94.51 -33.47
C SER E 150 6.24 -94.61 -34.77
N ILE E 151 6.40 -93.48 -35.45
CA ILE E 151 7.07 -93.40 -36.74
C ILE E 151 8.06 -92.22 -36.76
N LEU E 152 9.34 -92.51 -37.01
CA LEU E 152 10.37 -91.46 -37.01
C LEU E 152 10.57 -90.78 -38.36
N CYS E 153 10.55 -89.45 -38.37
CA CYS E 153 10.67 -88.68 -39.59
C CYS E 153 12.05 -88.19 -40.02
N CYS E 154 12.32 -88.31 -41.32
CA CYS E 154 13.41 -87.61 -41.98
C CYS E 154 12.83 -86.33 -42.56
N MET E 155 13.65 -85.29 -42.58
CA MET E 155 13.24 -84.00 -43.11
C MET E 155 13.87 -83.86 -44.50
N ARG E 156 13.09 -83.33 -45.43
CA ARG E 156 13.49 -83.28 -46.84
C ARG E 156 14.67 -82.36 -47.10
N HIS E 157 14.66 -81.18 -46.50
CA HIS E 157 15.78 -80.22 -46.62
C HIS E 157 17.04 -80.60 -45.82
N GLN E 158 16.98 -81.68 -45.04
CA GLN E 158 18.09 -82.11 -44.20
C GLN E 158 18.41 -83.61 -44.35
N PRO E 159 18.91 -84.00 -45.51
CA PRO E 159 19.22 -85.42 -45.79
C PRO E 159 20.37 -85.97 -44.95
N SER E 160 21.12 -85.05 -44.35
CA SER E 160 22.18 -85.36 -43.41
C SER E 160 21.71 -86.22 -42.24
N TRP E 161 20.61 -85.80 -41.63
CA TRP E 161 20.02 -86.46 -40.45
C TRP E 161 19.48 -87.89 -40.70
N SER E 162 18.91 -88.12 -41.88
CA SER E 162 18.22 -89.37 -42.21
C SER E 162 19.00 -90.66 -42.04
N SER E 163 20.30 -90.53 -41.81
CA SER E 163 21.16 -91.66 -41.46
C SER E 163 20.88 -92.24 -40.07
N GLU E 164 20.80 -91.36 -39.08
CA GLU E 164 20.59 -91.76 -37.69
C GLU E 164 19.11 -92.02 -37.46
N VAL E 165 18.25 -91.37 -38.24
CA VAL E 165 16.82 -91.58 -38.12
C VAL E 165 16.52 -93.06 -38.31
N VAL E 166 17.00 -93.65 -39.39
CA VAL E 166 16.80 -95.08 -39.62
C VAL E 166 17.58 -95.99 -38.66
N GLU E 167 18.66 -95.45 -38.09
CA GLU E 167 19.47 -96.22 -37.16
C GLU E 167 18.75 -96.33 -35.81
N LEU E 168 18.15 -95.22 -35.40
CA LEU E 168 17.28 -95.17 -34.22
C LEU E 168 16.12 -96.13 -34.44
N CYS E 169 15.44 -95.98 -35.58
CA CYS E 169 14.35 -96.88 -35.97
C CYS E 169 14.66 -98.35 -35.71
N LYS E 170 15.91 -98.73 -35.98
CA LYS E 170 16.34 -100.10 -35.81
C LYS E 170 16.51 -100.49 -34.34
N LYS E 171 17.18 -99.64 -33.56
CA LYS E 171 17.41 -99.95 -32.15
C LYS E 171 16.17 -99.88 -31.26
N TYR E 172 15.25 -98.96 -31.56
CA TYR E 172 13.98 -98.84 -30.82
C TYR E 172 12.82 -99.64 -31.43
N ARG E 173 13.14 -100.60 -32.30
CA ARG E 173 12.15 -101.48 -32.92
C ARG E 173 11.31 -102.19 -31.87
N GLU E 174 11.96 -102.56 -30.77
CA GLU E 174 11.30 -103.24 -29.65
C GLU E 174 10.39 -102.35 -28.80
N GLN E 175 10.35 -101.06 -29.13
CA GLN E 175 9.63 -100.09 -28.33
C GLN E 175 8.89 -99.06 -29.15
N THR E 176 7.79 -99.47 -29.77
CA THR E 176 6.86 -98.55 -30.43
C THR E 176 7.26 -97.97 -31.77
N VAL E 177 8.54 -97.98 -32.14
CA VAL E 177 8.92 -97.47 -33.46
C VAL E 177 8.86 -98.63 -34.45
N VAL E 178 8.11 -98.42 -35.52
CA VAL E 178 7.80 -99.45 -36.50
C VAL E 178 8.12 -99.06 -37.95
N ALA E 179 8.29 -97.77 -38.21
CA ALA E 179 8.48 -97.30 -39.58
C ALA E 179 9.15 -95.93 -39.74
N ILE E 180 9.76 -95.71 -40.90
CA ILE E 180 10.44 -94.47 -41.21
C ILE E 180 9.61 -93.64 -42.19
N ASP E 181 9.52 -92.34 -41.94
CA ASP E 181 8.75 -91.41 -42.78
C ASP E 181 9.70 -90.42 -43.42
N LEU E 182 9.16 -89.49 -44.19
CA LEU E 182 9.94 -88.48 -44.89
C LEU E 182 9.05 -87.29 -45.22
N ALA E 183 8.75 -86.46 -44.21
CA ALA E 183 7.99 -85.23 -44.44
C ALA E 183 8.99 -84.11 -44.72
N GLY E 184 8.53 -82.87 -44.63
CA GLY E 184 9.37 -81.73 -44.93
C GLY E 184 8.81 -81.07 -46.18
N ASP E 185 9.68 -80.55 -47.05
CA ASP E 185 9.24 -79.89 -48.29
C ASP E 185 9.36 -80.72 -49.56
N GLU E 186 8.21 -81.08 -50.13
CA GLU E 186 8.11 -81.82 -51.40
C GLU E 186 8.69 -81.12 -52.62
N THR E 187 8.30 -79.86 -52.81
CA THR E 187 8.71 -79.07 -53.98
C THR E 187 10.13 -78.52 -53.83
N ILE E 188 10.99 -79.30 -53.20
CA ILE E 188 12.42 -78.99 -53.14
C ILE E 188 13.02 -79.86 -54.23
N GLU E 189 13.66 -79.20 -55.20
CA GLU E 189 14.34 -79.89 -56.31
C GLU E 189 14.86 -81.30 -56.02
N GLY E 190 14.51 -82.24 -56.89
CA GLY E 190 14.97 -83.64 -56.80
C GLY E 190 15.32 -84.23 -55.44
N SER E 191 14.49 -83.94 -54.44
CA SER E 191 14.78 -84.32 -53.06
C SER E 191 14.80 -85.82 -52.88
N SER E 192 13.79 -86.48 -53.42
CA SER E 192 13.67 -87.93 -53.34
C SER E 192 14.96 -88.68 -53.67
N LEU E 193 15.84 -88.03 -54.43
CA LEU E 193 17.07 -88.65 -54.92
C LEU E 193 18.31 -88.36 -54.09
N PHE E 194 18.24 -87.37 -53.19
CA PHE E 194 19.37 -87.05 -52.32
C PHE E 194 20.03 -88.31 -51.76
N PRO E 195 21.36 -88.29 -51.61
CA PRO E 195 22.13 -89.50 -51.35
C PRO E 195 21.84 -90.14 -49.98
N GLY E 196 21.86 -89.33 -48.94
CA GLY E 196 21.63 -89.80 -47.58
C GLY E 196 20.22 -90.31 -47.35
N HIS E 197 19.27 -89.66 -48.02
CA HIS E 197 17.86 -90.08 -47.96
C HIS E 197 17.63 -91.48 -48.52
N VAL E 198 18.09 -91.71 -49.75
CA VAL E 198 17.85 -92.99 -50.41
C VAL E 198 18.55 -94.15 -49.70
N GLN E 199 19.75 -93.88 -49.18
CA GLN E 199 20.54 -94.89 -48.46
C GLN E 199 19.94 -95.28 -47.12
N ALA E 200 19.12 -94.40 -46.56
CA ALA E 200 18.39 -94.70 -45.34
C ALA E 200 17.29 -95.68 -45.66
N TYR E 201 16.43 -95.31 -46.61
CA TYR E 201 15.38 -96.20 -47.09
C TYR E 201 15.91 -97.54 -47.60
N ALA E 202 17.15 -97.53 -48.08
CA ALA E 202 17.85 -98.76 -48.46
C ALA E 202 18.11 -99.65 -47.24
N GLU E 203 18.66 -99.05 -46.20
CA GLU E 203 18.87 -99.73 -44.91
C GLU E 203 17.55 -100.18 -44.28
N ALA E 204 16.50 -99.39 -44.48
CA ALA E 204 15.17 -99.75 -43.99
C ALA E 204 14.73 -101.09 -44.58
N VAL E 205 14.75 -101.19 -45.91
CA VAL E 205 14.38 -102.41 -46.62
C VAL E 205 15.29 -103.55 -46.18
N LYS E 206 16.59 -103.28 -46.14
CA LYS E 206 17.59 -104.27 -45.75
C LYS E 206 17.46 -104.73 -44.29
N SER E 207 16.76 -103.96 -43.46
CA SER E 207 16.64 -104.25 -42.01
C SER E 207 15.25 -104.58 -41.46
N GLY E 208 14.24 -104.58 -42.31
CA GLY E 208 12.89 -104.94 -41.89
C GLY E 208 12.02 -103.78 -41.43
N VAL E 209 12.57 -102.57 -41.51
CA VAL E 209 11.88 -101.36 -41.05
C VAL E 209 10.90 -100.83 -42.08
N HIS E 210 9.61 -100.86 -41.75
CA HIS E 210 8.56 -100.46 -42.69
C HIS E 210 8.74 -99.02 -43.13
N ARG E 211 8.10 -98.65 -44.23
CA ARG E 211 8.37 -97.37 -44.91
C ARG E 211 7.12 -96.63 -45.40
N THR E 212 6.96 -95.39 -44.98
CA THR E 212 5.93 -94.53 -45.56
C THR E 212 6.61 -93.24 -46.01
N VAL E 213 5.95 -92.47 -46.87
CA VAL E 213 6.51 -91.22 -47.38
C VAL E 213 5.44 -90.19 -47.62
N HIS E 214 5.63 -89.00 -47.06
CA HIS E 214 4.85 -87.83 -47.46
C HIS E 214 5.20 -87.54 -48.92
N ALA E 215 4.25 -87.70 -49.83
CA ALA E 215 4.49 -87.46 -51.26
C ALA E 215 3.19 -87.36 -52.08
N GLY E 216 3.07 -86.29 -52.85
CA GLY E 216 1.88 -86.08 -53.66
C GLY E 216 0.91 -85.09 -53.08
N GLU E 217 1.25 -84.50 -51.94
CA GLU E 217 0.35 -83.56 -51.24
C GLU E 217 0.17 -82.28 -52.08
N VAL E 218 1.28 -81.57 -52.26
CA VAL E 218 1.33 -80.39 -53.10
C VAL E 218 2.62 -80.59 -53.88
N GLY E 219 2.50 -81.16 -55.07
CA GLY E 219 3.66 -81.60 -55.84
C GLY E 219 3.26 -82.62 -56.87
N SER E 220 4.14 -82.84 -57.85
CA SER E 220 3.82 -83.64 -59.03
C SER E 220 3.60 -85.12 -58.73
N ALA E 221 2.94 -85.80 -59.65
CA ALA E 221 2.77 -87.24 -59.59
C ALA E 221 4.11 -87.95 -59.77
N ASN E 222 5.15 -87.19 -60.07
CA ASN E 222 6.50 -87.75 -60.19
C ASN E 222 7.17 -87.88 -58.84
N VAL E 223 6.82 -86.99 -57.92
CA VAL E 223 7.28 -87.09 -56.53
C VAL E 223 6.84 -88.45 -55.97
N VAL E 224 5.60 -88.80 -56.25
CA VAL E 224 5.00 -90.09 -55.87
C VAL E 224 5.73 -91.24 -56.55
N LYS E 225 6.08 -91.04 -57.81
CA LYS E 225 6.78 -92.05 -58.61
C LYS E 225 8.11 -92.44 -57.97
N GLU E 226 8.88 -91.44 -57.55
CA GLU E 226 10.18 -91.66 -56.94
C GLU E 226 10.05 -92.28 -55.55
N ALA E 227 9.01 -91.87 -54.83
CA ALA E 227 8.69 -92.47 -53.54
C ALA E 227 8.56 -94.00 -53.65
N VAL E 228 7.84 -94.46 -54.66
CA VAL E 228 7.58 -95.89 -54.86
C VAL E 228 8.77 -96.64 -55.48
N ASP E 229 9.37 -96.05 -56.50
CA ASP E 229 10.42 -96.72 -57.27
C ASP E 229 11.80 -96.67 -56.60
N THR E 230 12.37 -95.48 -56.50
CA THR E 230 13.70 -95.31 -55.89
C THR E 230 13.66 -95.52 -54.36
N LEU E 231 12.65 -94.94 -53.71
CA LEU E 231 12.54 -95.00 -52.25
C LEU E 231 11.83 -96.23 -51.64
N LYS E 232 11.06 -96.95 -52.47
CA LYS E 232 10.42 -98.19 -52.04
C LYS E 232 9.45 -98.03 -50.87
N THR E 233 8.61 -97.01 -50.94
CA THR E 233 7.59 -96.78 -49.91
C THR E 233 6.51 -97.84 -49.95
N GLU E 234 5.99 -98.20 -48.78
CA GLU E 234 4.87 -99.14 -48.67
C GLU E 234 3.54 -98.40 -48.55
N ARG E 235 3.59 -97.15 -48.11
CA ARG E 235 2.39 -96.33 -47.95
C ARG E 235 2.71 -94.93 -48.41
N LEU E 236 1.68 -94.13 -48.63
CA LEU E 236 1.84 -92.79 -49.17
C LEU E 236 1.14 -91.72 -48.36
N GLY E 237 1.91 -90.78 -47.83
CA GLY E 237 1.38 -89.64 -47.11
C GLY E 237 0.67 -88.75 -48.11
N HIS E 238 -0.65 -88.68 -47.98
CA HIS E 238 -1.50 -87.89 -48.87
C HIS E 238 -1.67 -88.51 -50.25
N GLY E 239 -0.69 -88.34 -51.13
CA GLY E 239 -0.74 -88.90 -52.49
C GLY E 239 -1.66 -88.30 -53.56
N TYR E 240 -2.26 -87.15 -53.28
CA TYR E 240 -3.37 -86.62 -54.08
C TYR E 240 -3.12 -86.38 -55.57
N HIS E 241 -2.12 -85.56 -55.90
CA HIS E 241 -1.77 -85.30 -57.29
C HIS E 241 -1.09 -86.53 -57.93
N THR E 242 -1.64 -87.72 -57.67
CA THR E 242 -1.28 -88.95 -58.38
C THR E 242 -2.40 -89.27 -59.38
N LEU E 243 -3.54 -88.60 -59.21
CA LEU E 243 -4.61 -88.56 -60.21
C LEU E 243 -4.23 -87.56 -61.31
N GLU E 244 -3.03 -87.74 -61.85
CA GLU E 244 -2.53 -86.94 -62.96
C GLU E 244 -1.56 -87.79 -63.78
N ASP E 245 -1.59 -89.10 -63.57
CA ASP E 245 -0.77 -90.04 -64.28
C ASP E 245 -1.53 -91.34 -64.10
N THR E 246 -2.43 -91.60 -65.02
CA THR E 246 -3.33 -92.73 -64.91
C THR E 246 -2.60 -94.08 -64.98
N THR E 247 -1.43 -94.11 -65.61
CA THR E 247 -0.62 -95.35 -65.70
C THR E 247 -0.08 -95.77 -64.33
N LEU E 248 0.42 -94.79 -63.59
CA LEU E 248 0.94 -95.01 -62.25
C LEU E 248 -0.20 -95.25 -61.26
N TYR E 249 -1.20 -94.37 -61.29
CA TYR E 249 -2.38 -94.50 -60.44
C TYR E 249 -2.99 -95.89 -60.52
N ASN E 250 -3.26 -96.34 -61.74
CA ASN E 250 -3.88 -97.66 -61.97
C ASN E 250 -2.95 -98.86 -61.75
N ARG E 251 -1.64 -98.65 -61.82
CA ARG E 251 -0.67 -99.71 -61.49
C ARG E 251 -0.43 -99.75 -59.97
N LEU E 252 -0.87 -98.69 -59.29
CA LEU E 252 -0.76 -98.62 -57.84
C LEU E 252 -1.93 -99.32 -57.18
N ARG E 253 -3.14 -99.06 -57.66
CA ARG E 253 -4.33 -99.78 -57.20
C ARG E 253 -4.11 -101.26 -57.46
N GLN E 254 -3.41 -101.54 -58.56
CA GLN E 254 -3.03 -102.89 -58.94
C GLN E 254 -2.15 -103.61 -57.92
N GLU E 255 -1.11 -102.90 -57.45
CA GLU E 255 -0.18 -103.43 -56.46
C GLU E 255 -0.64 -103.18 -55.02
N ASN E 256 -1.84 -102.62 -54.88
CA ASN E 256 -2.50 -102.44 -53.58
C ASN E 256 -1.82 -101.42 -52.67
N MET E 257 -1.65 -100.20 -53.17
CA MET E 257 -1.02 -99.13 -52.39
C MET E 257 -2.01 -98.51 -51.44
N HIS E 258 -1.53 -98.13 -50.26
CA HIS E 258 -2.33 -97.45 -49.25
C HIS E 258 -2.09 -95.95 -49.31
N PHE E 259 -3.18 -95.19 -49.20
CA PHE E 259 -3.12 -93.74 -49.25
C PHE E 259 -3.58 -93.19 -47.91
N GLU E 260 -2.67 -92.55 -47.19
CA GLU E 260 -2.97 -91.93 -45.90
C GLU E 260 -3.57 -90.55 -46.22
N ILE E 261 -4.86 -90.38 -45.96
CA ILE E 261 -5.56 -89.18 -46.44
C ILE E 261 -6.08 -88.25 -45.36
N CYS E 262 -5.80 -86.96 -45.53
CA CYS E 262 -6.19 -85.94 -44.55
C CYS E 262 -7.10 -84.87 -45.15
N PRO E 263 -8.41 -85.12 -45.16
CA PRO E 263 -9.40 -84.24 -45.77
C PRO E 263 -9.40 -82.78 -45.34
N TRP E 264 -9.48 -82.55 -44.03
CA TRP E 264 -9.55 -81.20 -43.48
C TRP E 264 -8.19 -80.52 -43.58
N SER E 265 -7.12 -81.30 -43.49
CA SER E 265 -5.76 -80.80 -43.68
C SER E 265 -5.62 -80.24 -45.09
N SER E 266 -6.05 -81.01 -46.09
CA SER E 266 -6.03 -80.57 -47.48
C SER E 266 -6.66 -79.20 -47.73
N TYR E 267 -7.84 -78.99 -47.19
CA TYR E 267 -8.54 -77.72 -47.33
C TYR E 267 -7.68 -76.58 -46.78
N LEU E 268 -7.21 -76.75 -45.55
CA LEU E 268 -6.43 -75.70 -44.86
C LEU E 268 -5.00 -75.44 -45.40
N THR E 269 -4.26 -76.48 -45.74
CA THR E 269 -2.91 -76.31 -46.33
C THR E 269 -2.96 -75.67 -47.72
N GLY E 270 -4.13 -75.67 -48.34
CA GLY E 270 -4.28 -75.21 -49.72
C GLY E 270 -4.07 -76.28 -50.78
N ALA E 271 -3.61 -77.47 -50.38
CA ALA E 271 -3.29 -78.57 -51.31
C ALA E 271 -4.46 -79.06 -52.13
N TRP E 272 -5.66 -78.85 -51.61
CA TRP E 272 -6.90 -79.05 -52.34
C TRP E 272 -7.62 -77.71 -52.45
N LYS E 273 -8.01 -77.35 -53.67
CA LYS E 273 -8.79 -76.14 -53.91
C LYS E 273 -10.27 -76.54 -53.93
N PRO E 274 -11.12 -75.80 -53.21
CA PRO E 274 -12.56 -76.15 -53.02
C PRO E 274 -13.46 -76.28 -54.27
N ASP E 275 -12.98 -75.79 -55.41
CA ASP E 275 -13.73 -75.81 -56.65
C ASP E 275 -13.61 -77.13 -57.40
N THR E 276 -12.67 -77.96 -56.97
CA THR E 276 -12.59 -79.33 -57.45
C THR E 276 -13.44 -80.23 -56.55
N GLU E 277 -13.68 -81.44 -57.05
CA GLU E 277 -14.11 -82.56 -56.21
C GLU E 277 -12.84 -82.88 -55.43
N HIS E 278 -12.95 -83.20 -54.14
CA HIS E 278 -11.76 -83.54 -53.36
C HIS E 278 -11.01 -84.67 -54.04
N ALA E 279 -9.70 -84.72 -53.86
CA ALA E 279 -8.95 -85.88 -54.27
C ALA E 279 -9.66 -87.16 -53.82
N VAL E 280 -10.19 -87.17 -52.59
CA VAL E 280 -10.69 -88.41 -51.95
C VAL E 280 -11.90 -89.09 -52.58
N ILE E 281 -12.88 -88.31 -53.01
CA ILE E 281 -14.12 -88.85 -53.54
C ILE E 281 -13.87 -89.81 -54.70
N ARG E 282 -12.78 -89.59 -55.41
CA ARG E 282 -12.36 -90.48 -56.49
C ARG E 282 -11.99 -91.81 -55.87
N PHE E 283 -11.18 -91.76 -54.82
CA PHE E 283 -10.72 -92.96 -54.11
C PHE E 283 -11.89 -93.83 -53.63
N LYS E 284 -12.99 -93.20 -53.28
CA LYS E 284 -14.19 -93.89 -52.81
C LYS E 284 -14.85 -94.74 -53.90
N ASN E 285 -15.13 -94.10 -55.04
CA ASN E 285 -15.75 -94.78 -56.18
C ASN E 285 -14.84 -95.80 -56.81
N ASP E 286 -13.54 -95.57 -56.66
CA ASP E 286 -12.52 -96.41 -57.26
C ASP E 286 -12.07 -97.61 -56.40
N GLN E 287 -12.74 -97.81 -55.27
CA GLN E 287 -12.50 -98.99 -54.40
C GLN E 287 -11.04 -99.13 -53.95
N VAL E 288 -10.39 -97.99 -53.71
CA VAL E 288 -8.95 -97.95 -53.46
C VAL E 288 -8.61 -98.17 -51.99
N ASN E 289 -7.42 -98.70 -51.74
CA ASN E 289 -6.92 -98.94 -50.37
C ASN E 289 -6.51 -97.60 -49.73
N TYR E 290 -7.29 -97.12 -48.77
CA TYR E 290 -7.00 -95.82 -48.13
C TYR E 290 -7.59 -95.60 -46.75
N SER E 291 -7.01 -94.64 -46.02
CA SER E 291 -7.40 -94.31 -44.64
C SER E 291 -7.67 -92.83 -44.39
N LEU E 292 -8.40 -92.54 -43.32
CA LEU E 292 -8.71 -91.16 -42.91
C LEU E 292 -7.92 -90.73 -41.68
N ASN E 293 -7.25 -89.60 -41.78
CA ASN E 293 -6.32 -89.16 -40.75
C ASN E 293 -6.56 -87.71 -40.37
N THR E 294 -5.62 -87.10 -39.66
CA THR E 294 -5.79 -85.72 -39.30
C THR E 294 -4.56 -84.82 -39.39
N ASP E 295 -3.37 -85.40 -39.35
CA ASP E 295 -2.13 -84.67 -39.63
C ASP E 295 -1.75 -83.86 -38.38
N ASP E 296 -2.43 -82.74 -38.15
CA ASP E 296 -2.01 -81.78 -37.13
C ASP E 296 -3.21 -81.10 -36.44
N PRO E 297 -3.85 -81.77 -35.50
CA PRO E 297 -5.06 -81.23 -34.90
C PRO E 297 -4.93 -79.85 -34.25
N LEU E 298 -3.81 -79.60 -33.57
CA LEU E 298 -3.60 -78.31 -32.88
C LEU E 298 -3.69 -77.13 -33.80
N ILE E 299 -3.12 -77.29 -35.00
CA ILE E 299 -2.94 -76.18 -35.91
C ILE E 299 -4.16 -76.01 -36.79
N PHE E 300 -4.84 -77.12 -37.08
CA PHE E 300 -6.11 -77.05 -37.80
C PHE E 300 -7.29 -76.97 -36.83
N LYS E 301 -7.01 -76.83 -35.54
CA LYS E 301 -8.05 -76.76 -34.51
C LYS E 301 -9.07 -77.86 -34.68
N SER E 302 -8.61 -79.11 -34.77
CA SER E 302 -9.53 -80.21 -35.04
C SER E 302 -9.37 -81.46 -34.18
N THR E 303 -10.38 -82.31 -34.27
CA THR E 303 -10.44 -83.61 -33.61
C THR E 303 -10.71 -84.56 -34.77
N LEU E 304 -10.36 -85.84 -34.65
CA LEU E 304 -10.54 -86.75 -35.78
C LEU E 304 -11.96 -86.69 -36.35
N ASP E 305 -12.93 -86.33 -35.51
CA ASP E 305 -14.30 -86.23 -35.96
C ASP E 305 -14.51 -85.18 -37.06
N THR E 306 -13.65 -84.17 -37.15
CA THR E 306 -13.85 -83.13 -38.16
C THR E 306 -13.59 -83.69 -39.54
N ASP E 307 -12.63 -84.58 -39.67
CA ASP E 307 -12.30 -85.17 -40.96
C ASP E 307 -13.40 -86.15 -41.39
N TYR E 308 -14.12 -86.71 -40.43
CA TYR E 308 -15.23 -87.61 -40.71
C TYR E 308 -16.51 -86.84 -40.94
N GLN E 309 -16.77 -85.83 -40.13
CA GLN E 309 -17.90 -84.92 -40.34
C GLN E 309 -17.84 -84.22 -41.69
N MET E 310 -16.64 -83.94 -42.18
CA MET E 310 -16.45 -83.33 -43.49
C MET E 310 -16.82 -84.36 -44.54
N THR E 311 -16.17 -85.51 -44.51
CA THR E 311 -16.42 -86.53 -45.51
C THR E 311 -17.87 -86.92 -45.57
N LYS E 312 -18.54 -86.96 -44.42
CA LYS E 312 -19.95 -87.32 -44.39
C LYS E 312 -20.81 -86.24 -45.01
N LYS E 313 -20.72 -85.03 -44.48
CA LYS E 313 -21.52 -83.91 -44.96
C LYS E 313 -21.16 -83.45 -46.37
N ASP E 314 -19.96 -82.89 -46.52
CA ASP E 314 -19.51 -82.32 -47.79
C ASP E 314 -19.58 -83.29 -48.97
N MET E 315 -19.42 -84.59 -48.74
CA MET E 315 -19.32 -85.52 -49.87
C MET E 315 -19.97 -86.89 -49.75
N GLY E 316 -21.10 -86.95 -49.03
CA GLY E 316 -21.97 -88.11 -49.03
C GLY E 316 -21.43 -89.48 -48.66
N PHE E 317 -20.45 -89.51 -47.75
CA PHE E 317 -19.88 -90.76 -47.27
C PHE E 317 -20.90 -91.45 -46.39
N THR E 318 -20.91 -92.78 -46.42
CA THR E 318 -21.84 -93.56 -45.61
C THR E 318 -21.09 -94.48 -44.69
N GLU E 319 -21.73 -94.86 -43.58
CA GLU E 319 -21.16 -95.80 -42.63
C GLU E 319 -20.52 -97.03 -43.28
N GLU E 320 -21.12 -97.52 -44.37
CA GLU E 320 -20.61 -98.72 -45.03
C GLU E 320 -19.22 -98.45 -45.58
N GLU E 321 -19.01 -97.27 -46.12
CA GLU E 321 -17.68 -96.89 -46.60
C GLU E 321 -16.75 -96.75 -45.40
N PHE E 322 -17.16 -95.96 -44.40
CA PHE E 322 -16.34 -95.72 -43.22
C PHE E 322 -15.79 -97.02 -42.63
N LYS E 323 -16.63 -98.07 -42.59
CA LYS E 323 -16.23 -99.34 -42.02
C LYS E 323 -15.11 -99.93 -42.84
N ARG E 324 -15.25 -99.92 -44.16
CA ARG E 324 -14.30 -100.63 -45.00
C ARG E 324 -12.94 -99.97 -45.15
N LEU E 325 -12.88 -98.65 -45.00
CA LEU E 325 -11.59 -97.98 -45.07
C LEU E 325 -10.84 -98.08 -43.74
N ASN E 326 -11.57 -98.22 -42.63
CA ASN E 326 -10.90 -98.45 -41.36
C ASN E 326 -10.32 -99.86 -41.38
N ILE E 327 -10.89 -100.73 -42.19
CA ILE E 327 -10.38 -102.11 -42.32
C ILE E 327 -9.08 -102.11 -43.11
N ASN E 328 -9.08 -101.39 -44.22
CA ASN E 328 -7.87 -101.21 -45.01
C ASN E 328 -6.74 -100.67 -44.17
N ALA E 329 -7.09 -99.73 -43.30
CA ALA E 329 -6.12 -99.07 -42.43
C ALA E 329 -5.38 -100.08 -41.59
N ALA E 330 -6.14 -100.88 -40.86
CA ALA E 330 -5.57 -101.94 -40.05
C ALA E 330 -4.76 -102.90 -40.92
N LYS E 331 -5.34 -103.30 -42.05
CA LYS E 331 -4.66 -104.20 -43.00
C LYS E 331 -3.32 -103.61 -43.39
N SER E 332 -3.30 -102.33 -43.71
CA SER E 332 -2.08 -101.66 -44.15
C SER E 332 -1.17 -101.20 -43.03
N SER E 333 -1.64 -101.31 -41.79
CA SER E 333 -0.87 -100.84 -40.64
C SER E 333 0.46 -101.56 -40.49
N PHE E 334 1.41 -100.92 -39.83
CA PHE E 334 2.74 -101.49 -39.68
C PHE E 334 2.93 -102.29 -38.41
N LEU E 335 1.95 -103.13 -38.07
CA LEU E 335 2.05 -103.99 -36.91
C LEU E 335 2.60 -105.35 -37.32
N PRO E 336 3.17 -106.09 -36.38
CA PRO E 336 3.50 -107.48 -36.62
C PRO E 336 2.23 -108.24 -37.00
N GLU E 337 2.34 -109.24 -37.87
CA GLU E 337 1.18 -109.93 -38.43
C GLU E 337 0.14 -110.38 -37.40
N ASP E 338 0.61 -111.14 -36.41
CA ASP E 338 -0.27 -111.64 -35.34
C ASP E 338 -1.13 -110.60 -34.63
N GLU E 339 -0.56 -109.43 -34.33
CA GLU E 339 -1.30 -108.34 -33.70
C GLU E 339 -2.18 -107.59 -34.70
N LYS E 340 -1.78 -107.61 -35.96
CA LYS E 340 -2.57 -107.05 -37.03
C LYS E 340 -3.87 -107.86 -37.13
N LYS E 341 -3.74 -109.18 -36.98
CA LYS E 341 -4.89 -110.09 -36.99
C LYS E 341 -5.87 -109.74 -35.88
N GLU E 342 -5.38 -109.61 -34.65
CA GLU E 342 -6.24 -109.35 -33.50
C GLU E 342 -6.86 -107.95 -33.54
N LEU E 343 -6.22 -107.04 -34.25
CA LEU E 343 -6.78 -105.70 -34.47
C LEU E 343 -8.03 -105.85 -35.33
N LEU E 344 -7.88 -106.56 -36.44
CA LEU E 344 -8.99 -106.83 -37.34
C LEU E 344 -10.12 -107.57 -36.62
N ASP E 345 -9.79 -108.63 -35.91
CA ASP E 345 -10.75 -109.30 -35.04
C ASP E 345 -11.58 -108.32 -34.21
N LEU E 346 -10.90 -107.38 -33.57
CA LEU E 346 -11.56 -106.35 -32.76
C LEU E 346 -12.50 -105.48 -33.60
N LEU E 347 -12.04 -105.18 -34.80
CA LEU E 347 -12.78 -104.34 -35.75
C LEU E 347 -14.04 -105.02 -36.29
N TYR E 348 -13.86 -106.21 -36.85
CA TYR E 348 -14.96 -106.98 -37.40
C TYR E 348 -16.07 -107.11 -36.35
N LYS E 349 -15.70 -107.53 -35.15
CA LYS E 349 -16.66 -107.74 -34.06
C LYS E 349 -17.51 -106.51 -33.76
N ALA E 350 -16.89 -105.34 -33.66
CA ALA E 350 -17.63 -104.13 -33.31
C ALA E 350 -18.36 -103.54 -34.51
N TYR E 351 -18.09 -104.09 -35.69
CA TYR E 351 -18.79 -103.72 -36.92
C TYR E 351 -19.94 -104.69 -37.22
N ARG E 352 -20.03 -105.76 -36.43
CA ARG E 352 -21.09 -106.78 -36.52
C ARG E 352 -20.83 -107.74 -37.66
N MET E 353 -19.55 -107.98 -37.93
CA MET E 353 -19.09 -108.88 -38.97
C MET E 353 -18.43 -110.07 -38.28
N PRO E 354 -18.15 -111.13 -39.02
CA PRO E 354 -17.64 -112.38 -38.45
C PRO E 354 -16.13 -112.55 -38.06
N SER E 355 -15.49 -113.63 -38.54
CA SER E 355 -14.05 -113.91 -38.32
C SER E 355 -13.47 -114.55 -39.58
N THR F 4 54.88 -23.53 19.15
CA THR F 4 54.09 -22.85 20.13
C THR F 4 53.65 -21.46 19.66
N PRO F 5 52.44 -21.06 20.02
CA PRO F 5 51.82 -19.78 19.60
C PRO F 5 52.71 -18.52 19.33
N ALA F 6 53.08 -18.34 18.06
CA ALA F 6 54.12 -17.42 17.56
C ALA F 6 53.91 -15.99 18.05
N PHE F 7 52.66 -15.54 17.99
CA PHE F 7 52.30 -14.20 18.46
C PHE F 7 50.93 -14.32 19.13
N ASP F 8 50.96 -14.60 20.43
CA ASP F 8 49.75 -14.94 21.17
C ASP F 8 48.96 -13.72 21.60
N LYS F 9 48.55 -12.89 20.65
CA LYS F 9 47.76 -11.70 20.93
C LYS F 9 46.71 -11.52 19.82
N PRO F 10 45.72 -10.67 20.08
CA PRO F 10 44.80 -10.20 19.04
C PRO F 10 45.44 -9.86 17.69
N LYS F 11 44.95 -10.52 16.62
CA LYS F 11 45.40 -10.29 15.25
C LYS F 11 44.28 -9.75 14.35
N VAL F 12 44.67 -9.23 13.19
CA VAL F 12 43.72 -8.82 12.16
C VAL F 12 44.10 -9.56 10.88
N GLU F 13 43.10 -9.99 10.11
CA GLU F 13 43.34 -10.66 8.82
C GLU F 13 42.47 -10.03 7.73
N LEU F 14 43.10 -9.68 6.61
CA LEU F 14 42.42 -8.99 5.50
C LEU F 14 42.31 -9.79 4.20
N HIS F 15 43.16 -10.81 4.03
CA HIS F 15 43.24 -11.56 2.79
C HIS F 15 43.14 -13.06 3.00
N VAL F 16 41.90 -13.57 2.96
CA VAL F 16 41.67 -15.01 3.07
C VAL F 16 40.43 -15.42 2.25
N HIS F 17 40.55 -16.54 1.53
CA HIS F 17 39.52 -17.00 0.59
C HIS F 17 38.62 -18.05 1.25
N LEU F 18 37.30 -17.85 1.14
CA LEU F 18 36.30 -18.78 1.71
C LEU F 18 36.36 -20.16 1.05
N ASP F 19 36.35 -20.18 -0.27
CA ASP F 19 36.52 -21.41 -1.05
C ASP F 19 37.81 -22.12 -0.63
N GLY F 20 38.78 -21.33 -0.18
CA GLY F 20 40.06 -21.86 0.23
C GLY F 20 40.17 -22.31 1.66
N ALA F 21 39.13 -22.05 2.45
CA ALA F 21 39.19 -22.32 3.90
C ALA F 21 38.05 -23.20 4.43
N ILE F 22 37.84 -24.36 3.81
CA ILE F 22 36.73 -25.23 4.18
C ILE F 22 37.22 -26.42 4.98
N LYS F 23 36.38 -26.91 5.87
CA LYS F 23 36.70 -28.09 6.68
C LYS F 23 36.61 -29.37 5.85
N PRO F 24 37.63 -30.22 5.90
CA PRO F 24 37.59 -31.53 5.26
C PRO F 24 36.38 -32.39 5.61
N GLU F 25 35.91 -32.28 6.84
CA GLU F 25 34.81 -33.10 7.35
C GLU F 25 33.48 -32.77 6.69
N THR F 26 33.25 -31.49 6.42
CA THR F 26 31.95 -31.05 5.93
C THR F 26 31.91 -31.04 4.41
N ILE F 27 33.07 -31.24 3.78
CA ILE F 27 33.16 -31.52 2.33
C ILE F 27 32.71 -32.96 2.18
N LEU F 28 33.33 -33.80 3.00
CA LEU F 28 33.05 -35.23 3.05
C LEU F 28 31.57 -35.51 3.34
N TYR F 29 31.00 -34.74 4.24
CA TYR F 29 29.59 -34.88 4.61
C TYR F 29 28.68 -34.57 3.44
N TYR F 30 28.93 -33.46 2.75
CA TYR F 30 28.08 -33.04 1.64
C TYR F 30 28.27 -33.88 0.39
N GLY F 31 29.46 -34.45 0.25
CA GLY F 31 29.74 -35.39 -0.83
C GLY F 31 28.84 -36.60 -0.70
N LYS F 32 28.95 -37.29 0.43
CA LYS F 32 28.09 -38.44 0.73
C LYS F 32 26.62 -38.15 0.49
N ARG F 33 26.14 -37.05 1.09
CA ARG F 33 24.72 -36.71 1.00
C ARG F 33 24.25 -36.52 -0.42
N ARG F 34 25.06 -35.85 -1.24
CA ARG F 34 24.69 -35.54 -2.61
C ARG F 34 25.06 -36.62 -3.61
N GLY F 35 25.87 -37.58 -3.16
CA GLY F 35 26.39 -38.64 -4.03
C GLY F 35 27.37 -38.08 -5.04
N ILE F 36 28.25 -37.21 -4.55
CA ILE F 36 29.31 -36.61 -5.37
C ILE F 36 30.63 -37.29 -5.01
N ALA F 37 31.28 -37.87 -6.01
CA ALA F 37 32.46 -38.69 -5.78
C ALA F 37 33.66 -37.86 -5.31
N LEU F 38 34.49 -38.49 -4.48
CA LEU F 38 35.59 -37.80 -3.81
C LEU F 38 36.81 -38.71 -3.74
N PRO F 39 37.99 -38.15 -3.99
CA PRO F 39 39.26 -38.91 -3.92
C PRO F 39 39.57 -39.71 -2.66
N ALA F 40 38.96 -39.34 -1.54
CA ALA F 40 39.21 -40.03 -0.27
C ALA F 40 37.93 -40.29 0.53
N ASP F 41 38.12 -40.86 1.72
CA ASP F 41 37.00 -41.26 2.56
C ASP F 41 37.16 -40.92 4.05
N THR F 42 38.39 -40.79 4.52
CA THR F 42 38.67 -40.26 5.85
C THR F 42 38.74 -38.75 5.70
N PRO F 43 38.23 -38.01 6.68
CA PRO F 43 38.35 -36.55 6.68
C PRO F 43 39.82 -36.22 6.74
N GLU F 44 40.57 -37.10 7.40
CA GLU F 44 41.99 -36.94 7.63
C GLU F 44 42.83 -37.02 6.34
N GLU F 45 42.89 -38.21 5.74
CA GLU F 45 43.74 -38.41 4.56
C GLU F 45 43.25 -37.66 3.31
N LEU F 46 42.06 -37.09 3.41
CA LEU F 46 41.55 -36.20 2.38
C LEU F 46 42.32 -34.87 2.36
N LEU F 47 42.72 -34.38 3.54
CA LEU F 47 43.46 -33.11 3.65
C LEU F 47 44.75 -33.25 2.85
N ASN F 48 45.34 -34.43 2.91
CA ASN F 48 46.60 -34.73 2.19
C ASN F 48 46.50 -34.75 0.66
N ILE F 49 45.36 -35.19 0.14
CA ILE F 49 45.11 -35.21 -1.31
C ILE F 49 44.80 -33.80 -1.84
N ILE F 50 44.25 -32.95 -0.98
CA ILE F 50 43.95 -31.57 -1.37
C ILE F 50 45.10 -30.64 -1.02
N GLY F 51 45.82 -31.00 0.04
CA GLY F 51 46.89 -30.15 0.57
C GLY F 51 48.27 -30.37 -0.03
N MET F 52 49.04 -29.28 -0.05
CA MET F 52 50.41 -29.31 -0.56
C MET F 52 51.39 -29.16 0.61
N ASP F 53 52.62 -29.62 0.40
CA ASP F 53 53.75 -29.38 1.32
C ASP F 53 55.02 -28.99 0.54
N LYS F 54 55.15 -29.53 -0.67
CA LYS F 54 56.22 -29.15 -1.59
C LYS F 54 55.69 -27.88 -2.27
N PRO F 55 56.57 -27.01 -2.77
CA PRO F 55 56.16 -25.80 -3.47
C PRO F 55 55.82 -25.95 -4.97
N LEU F 56 54.90 -26.85 -5.30
CA LEU F 56 54.40 -27.00 -6.68
C LEU F 56 53.86 -25.65 -7.12
N THR F 57 53.55 -25.51 -8.39
CA THR F 57 53.17 -24.19 -8.90
C THR F 57 51.72 -23.95 -9.33
N LEU F 58 51.42 -22.70 -9.69
CA LEU F 58 50.04 -22.22 -9.94
C LEU F 58 49.13 -23.05 -10.87
N PRO F 59 49.69 -23.72 -11.87
CA PRO F 59 48.93 -24.75 -12.62
C PRO F 59 48.37 -25.90 -11.76
N ASP F 60 49.26 -26.66 -11.13
CA ASP F 60 48.84 -27.83 -10.32
C ASP F 60 48.19 -27.45 -8.97
N PHE F 61 48.13 -26.14 -8.68
CA PHE F 61 47.45 -25.60 -7.49
C PHE F 61 45.94 -25.40 -7.74
N LEU F 62 45.60 -24.66 -8.80
CA LEU F 62 44.20 -24.49 -9.20
C LEU F 62 43.45 -25.81 -9.45
N ALA F 63 44.23 -26.88 -9.68
CA ALA F 63 43.68 -28.24 -9.84
C ALA F 63 43.13 -28.84 -8.56
N LYS F 64 43.58 -28.33 -7.42
CA LYS F 64 43.16 -28.83 -6.12
C LYS F 64 41.71 -28.45 -5.81
N PHE F 65 41.26 -27.35 -6.40
CA PHE F 65 39.86 -26.91 -6.26
C PHE F 65 38.84 -27.90 -6.86
N ASP F 66 39.22 -28.58 -7.94
CA ASP F 66 38.31 -29.48 -8.64
C ASP F 66 37.95 -30.67 -7.77
N TYR F 67 38.88 -31.03 -6.88
CA TYR F 67 38.67 -32.12 -5.93
C TYR F 67 37.39 -31.98 -5.10
N TYR F 68 37.19 -30.80 -4.51
CA TYR F 68 36.12 -30.59 -3.52
C TYR F 68 34.98 -29.65 -3.94
N MET F 69 35.29 -28.58 -4.64
CA MET F 69 34.27 -27.57 -4.97
C MET F 69 32.95 -28.09 -5.52
N PRO F 70 32.98 -29.12 -6.37
CA PRO F 70 31.73 -29.73 -6.84
C PRO F 70 30.78 -30.15 -5.71
N ALA F 71 31.32 -30.57 -4.57
CA ALA F 71 30.52 -31.02 -3.43
C ALA F 71 29.85 -29.89 -2.67
N ILE F 72 30.47 -28.72 -2.67
CA ILE F 72 29.94 -27.56 -1.96
C ILE F 72 28.98 -26.75 -2.81
N ALA F 73 29.39 -26.48 -4.05
CA ALA F 73 28.69 -25.50 -4.87
C ALA F 73 27.26 -25.87 -5.18
N GLY F 74 26.43 -24.85 -5.39
CA GLY F 74 25.05 -25.05 -5.80
C GLY F 74 24.21 -25.84 -4.83
N CYS F 75 24.61 -25.87 -3.56
CA CYS F 75 23.90 -26.68 -2.56
C CYS F 75 23.04 -25.84 -1.64
N ARG F 76 23.66 -24.84 -1.02
CA ARG F 76 22.97 -23.80 -0.25
C ARG F 76 22.91 -24.15 1.21
N ASP F 77 22.62 -25.40 1.52
CA ASP F 77 22.77 -25.87 2.88
C ASP F 77 24.25 -25.67 3.18
N ALA F 78 25.09 -26.14 2.27
CA ALA F 78 26.53 -26.10 2.47
C ALA F 78 27.15 -24.71 2.40
N ILE F 79 26.58 -23.83 1.58
CA ILE F 79 27.09 -22.46 1.51
C ILE F 79 27.03 -21.79 2.89
N LYS F 80 25.84 -21.79 3.50
CA LYS F 80 25.63 -21.14 4.80
C LYS F 80 26.49 -21.78 5.86
N ARG F 81 26.69 -23.09 5.78
CA ARG F 81 27.43 -23.79 6.79
C ARG F 81 28.87 -23.37 6.93
N ILE F 82 29.61 -23.40 5.82
CA ILE F 82 31.04 -23.07 5.86
C ILE F 82 31.31 -21.60 6.15
N ALA F 83 30.41 -20.72 5.72
CA ALA F 83 30.48 -19.31 6.09
C ALA F 83 30.52 -19.19 7.62
N TYR F 84 29.66 -19.95 8.29
CA TYR F 84 29.65 -20.09 9.75
C TYR F 84 30.91 -20.82 10.26
N GLU F 85 31.15 -22.04 9.80
CA GLU F 85 32.31 -22.81 10.27
C GLU F 85 33.63 -22.06 10.11
N PHE F 86 33.68 -21.16 9.14
CA PHE F 86 34.87 -20.34 8.91
C PHE F 86 35.12 -19.36 10.06
N VAL F 87 34.10 -18.58 10.40
CA VAL F 87 34.23 -17.58 11.48
C VAL F 87 34.83 -18.24 12.71
N GLU F 88 34.38 -19.46 12.97
CA GLU F 88 34.88 -20.24 14.11
C GLU F 88 36.35 -20.60 14.03
N MET F 89 36.84 -20.94 12.84
CA MET F 89 38.25 -21.32 12.69
C MET F 89 39.19 -20.13 12.81
N LYS F 90 38.67 -18.93 12.54
CA LYS F 90 39.42 -17.70 12.76
C LYS F 90 39.48 -17.35 14.24
N ALA F 91 38.37 -17.54 14.94
CA ALA F 91 38.37 -17.43 16.40
C ALA F 91 39.29 -18.47 17.04
N LYS F 92 39.56 -19.58 16.36
CA LYS F 92 40.54 -20.55 16.85
C LYS F 92 41.98 -20.02 16.80
N ASP F 93 42.28 -19.18 15.81
CA ASP F 93 43.55 -18.43 15.78
C ASP F 93 43.28 -17.20 16.63
N GLY F 94 44.20 -16.23 16.62
CA GLY F 94 44.00 -15.02 17.41
C GLY F 94 42.92 -14.06 16.93
N VAL F 95 42.40 -14.30 15.74
CA VAL F 95 41.76 -13.23 14.97
C VAL F 95 40.53 -12.57 15.57
N VAL F 96 40.61 -11.25 15.66
CA VAL F 96 39.58 -10.40 16.25
C VAL F 96 38.78 -9.65 15.18
N TYR F 97 39.32 -9.60 13.97
CA TYR F 97 38.62 -9.01 12.85
C TYR F 97 39.11 -9.63 11.56
N VAL F 98 38.18 -10.08 10.72
CA VAL F 98 38.51 -10.64 9.42
C VAL F 98 37.67 -10.07 8.30
N GLU F 99 38.30 -9.93 7.14
CA GLU F 99 37.59 -9.74 5.90
C GLU F 99 37.79 -11.02 5.09
N VAL F 100 36.69 -11.54 4.53
CA VAL F 100 36.72 -12.76 3.70
C VAL F 100 36.30 -12.50 2.27
N ARG F 101 36.95 -13.21 1.35
CA ARG F 101 36.67 -13.04 -0.06
C ARG F 101 36.31 -14.38 -0.70
N TYR F 102 35.33 -14.33 -1.59
CA TYR F 102 34.90 -15.50 -2.35
C TYR F 102 34.26 -14.97 -3.63
N SER F 103 34.20 -15.80 -4.67
CA SER F 103 33.40 -15.47 -5.86
C SER F 103 31.99 -16.01 -5.70
N PRO F 104 31.00 -15.14 -5.63
CA PRO F 104 29.62 -15.57 -5.53
C PRO F 104 29.15 -16.40 -6.73
N HIS F 105 29.71 -16.14 -7.90
CA HIS F 105 29.37 -16.89 -9.10
C HIS F 105 29.90 -18.31 -9.08
N LEU F 106 31.03 -18.52 -8.42
CA LEU F 106 31.64 -19.85 -8.36
C LEU F 106 30.90 -20.86 -7.48
N LEU F 107 29.94 -20.38 -6.69
CA LEU F 107 29.11 -21.24 -5.84
C LEU F 107 27.69 -21.44 -6.37
N ALA F 108 27.29 -20.64 -7.34
CA ALA F 108 25.95 -20.72 -7.91
C ALA F 108 25.91 -21.81 -9.00
N ASN F 109 24.73 -22.33 -9.36
CA ASN F 109 24.57 -23.19 -10.56
C ASN F 109 23.30 -22.80 -11.25
N SER F 110 22.98 -21.51 -11.25
CA SER F 110 21.85 -20.97 -12.00
C SER F 110 22.15 -19.47 -12.16
N LYS F 111 21.87 -18.92 -13.35
CA LYS F 111 22.36 -17.59 -13.72
C LYS F 111 23.89 -17.44 -13.62
N VAL F 112 24.62 -18.20 -14.43
CA VAL F 112 26.09 -18.12 -14.46
C VAL F 112 26.69 -18.54 -15.82
N GLU F 113 27.20 -17.58 -16.59
CA GLU F 113 27.63 -17.80 -17.99
C GLU F 113 28.25 -19.16 -18.44
N PRO F 114 29.46 -19.52 -18.02
CA PRO F 114 29.95 -20.89 -18.17
C PRO F 114 29.83 -21.73 -16.90
N ILE F 115 28.61 -21.89 -16.41
CA ILE F 115 28.30 -22.69 -15.20
C ILE F 115 29.45 -23.55 -14.68
N PRO F 116 30.01 -23.14 -13.55
CA PRO F 116 31.24 -23.73 -13.04
C PRO F 116 31.10 -25.16 -12.59
N TRP F 117 32.25 -25.77 -12.29
CA TRP F 117 32.33 -27.15 -11.82
C TRP F 117 31.55 -28.16 -12.67
N ASN F 118 31.23 -27.74 -13.90
CA ASN F 118 30.29 -28.42 -14.80
C ASN F 118 29.23 -29.27 -14.09
N GLN F 119 28.62 -28.64 -13.10
CA GLN F 119 27.45 -29.17 -12.42
C GLN F 119 26.34 -28.86 -13.40
N ALA F 120 25.23 -29.57 -13.29
CA ALA F 120 24.05 -29.27 -14.08
C ALA F 120 23.40 -28.00 -13.56
N GLU F 121 22.49 -27.45 -14.34
CA GLU F 121 21.52 -26.47 -13.82
C GLU F 121 20.83 -27.20 -12.67
N GLY F 122 20.52 -26.52 -11.57
CA GLY F 122 20.57 -25.07 -11.49
C GLY F 122 19.38 -24.52 -10.76
N ASP F 123 19.57 -24.15 -9.50
CA ASP F 123 18.51 -23.55 -8.72
C ASP F 123 19.02 -22.36 -7.93
N LEU F 124 20.29 -22.44 -7.54
CA LEU F 124 20.96 -21.44 -6.71
C LEU F 124 21.51 -20.29 -7.53
N THR F 125 20.84 -19.15 -7.45
CA THR F 125 21.27 -17.92 -8.13
C THR F 125 22.40 -17.28 -7.32
N PRO F 126 23.32 -16.53 -7.93
CA PRO F 126 24.44 -15.94 -7.18
C PRO F 126 24.06 -14.85 -6.17
N ASP F 127 22.97 -14.13 -6.42
CA ASP F 127 22.54 -13.09 -5.51
C ASP F 127 22.11 -13.70 -4.20
N GLU F 128 21.69 -14.95 -4.24
CA GLU F 128 21.29 -15.65 -3.04
C GLU F 128 22.45 -16.35 -2.35
N VAL F 129 23.49 -16.71 -3.10
CA VAL F 129 24.68 -17.26 -2.46
C VAL F 129 25.23 -16.20 -1.55
N VAL F 130 25.14 -14.94 -1.97
CA VAL F 130 25.63 -13.83 -1.17
C VAL F 130 24.94 -13.70 0.18
N SER F 131 23.62 -13.60 0.15
CA SER F 131 22.83 -13.46 1.38
C SER F 131 22.93 -14.70 2.29
N LEU F 132 23.24 -15.86 1.73
CA LEU F 132 23.43 -17.08 2.52
C LEU F 132 24.77 -17.14 3.21
N VAL F 133 25.80 -16.57 2.59
CA VAL F 133 27.11 -16.50 3.20
C VAL F 133 27.08 -15.43 4.26
N ASN F 134 26.47 -14.29 3.94
CA ASN F 134 26.19 -13.26 4.92
C ASN F 134 25.73 -13.90 6.22
N GLN F 135 24.65 -14.68 6.13
CA GLN F 135 24.01 -15.29 7.30
C GLN F 135 24.90 -16.18 8.15
N GLY F 136 25.73 -17.00 7.53
CA GLY F 136 26.68 -17.82 8.30
C GLY F 136 27.68 -16.96 9.04
N LEU F 137 28.04 -15.83 8.44
CA LEU F 137 29.03 -14.94 9.00
C LEU F 137 28.47 -14.17 10.17
N GLN F 138 27.31 -13.54 9.99
CA GLN F 138 26.60 -12.93 11.10
C GLN F 138 26.40 -13.92 12.24
N GLU F 139 26.12 -15.19 11.92
CA GLU F 139 25.90 -16.21 12.94
C GLU F 139 27.20 -16.61 13.58
N GLY F 140 28.28 -16.59 12.82
CA GLY F 140 29.60 -16.87 13.38
C GLY F 140 30.08 -15.73 14.26
N GLU F 141 29.84 -14.51 13.79
CA GLU F 141 30.19 -13.29 14.51
C GLU F 141 29.60 -13.38 15.89
N ARG F 142 28.29 -13.59 15.96
CA ARG F 142 27.58 -13.66 17.22
C ARG F 142 28.08 -14.77 18.13
N ASP F 143 28.15 -15.98 17.60
CA ASP F 143 28.46 -17.17 18.39
C ASP F 143 29.92 -17.39 18.72
N PHE F 144 30.83 -16.83 17.92
CA PHE F 144 32.25 -16.99 18.22
C PHE F 144 33.01 -15.70 18.50
N GLY F 145 32.30 -14.58 18.44
CA GLY F 145 32.85 -13.28 18.83
C GLY F 145 34.05 -12.76 18.07
N VAL F 146 33.99 -12.81 16.75
CA VAL F 146 34.96 -12.10 15.90
C VAL F 146 34.19 -11.25 14.91
N LYS F 147 34.60 -9.99 14.75
CA LYS F 147 33.95 -9.07 13.83
C LYS F 147 34.29 -9.56 12.43
N VAL F 148 33.30 -9.63 11.56
CA VAL F 148 33.47 -10.22 10.23
C VAL F 148 32.75 -9.46 9.13
N ARG F 149 33.53 -9.04 8.13
CA ARG F 149 32.98 -8.41 6.93
C ARG F 149 33.48 -9.22 5.73
N SER F 150 32.76 -9.14 4.62
CA SER F 150 33.08 -9.94 3.44
C SER F 150 33.47 -9.10 2.21
N ILE F 151 34.13 -9.76 1.25
CA ILE F 151 34.62 -9.12 0.02
C ILE F 151 34.28 -9.98 -1.21
N LEU F 152 33.54 -9.40 -2.16
CA LEU F 152 33.11 -10.13 -3.36
C LEU F 152 34.13 -10.06 -4.51
N CYS F 153 34.47 -11.23 -5.05
CA CYS F 153 35.46 -11.31 -6.14
C CYS F 153 34.97 -11.31 -7.58
N CYS F 154 35.69 -10.55 -8.41
CA CYS F 154 35.61 -10.66 -9.87
C CYS F 154 36.72 -11.60 -10.29
N MET F 155 36.45 -12.37 -11.34
CA MET F 155 37.43 -13.31 -11.86
C MET F 155 38.05 -12.66 -13.11
N ARG F 156 39.35 -12.83 -13.27
CA ARG F 156 40.10 -12.15 -14.34
C ARG F 156 39.71 -12.64 -15.74
N HIS F 157 39.61 -13.96 -15.91
CA HIS F 157 39.20 -14.54 -17.20
C HIS F 157 37.70 -14.37 -17.53
N GLN F 158 36.92 -13.81 -16.61
CA GLN F 158 35.49 -13.63 -16.81
C GLN F 158 35.00 -12.22 -16.50
N PRO F 159 35.40 -11.25 -17.31
CA PRO F 159 35.03 -9.83 -17.09
C PRO F 159 33.52 -9.54 -17.25
N SER F 160 32.84 -10.50 -17.87
CA SER F 160 31.39 -10.50 -18.02
C SER F 160 30.65 -10.37 -16.68
N TRP F 161 31.07 -11.20 -15.73
CA TRP F 161 30.46 -11.27 -14.38
C TRP F 161 30.62 -10.03 -13.50
N SER F 162 31.77 -9.38 -13.61
CA SER F 162 32.15 -8.24 -12.75
C SER F 162 31.18 -7.06 -12.68
N SER F 163 30.19 -7.06 -13.58
CA SER F 163 29.10 -6.08 -13.56
C SER F 163 28.13 -6.27 -12.37
N GLU F 164 27.73 -7.52 -12.15
CA GLU F 164 26.78 -7.87 -11.08
C GLU F 164 27.53 -7.98 -9.76
N VAL F 165 28.81 -8.34 -9.83
CA VAL F 165 29.64 -8.45 -8.64
C VAL F 165 29.60 -7.13 -7.86
N VAL F 166 29.90 -6.03 -8.54
CA VAL F 166 29.82 -4.70 -7.92
C VAL F 166 28.39 -4.25 -7.60
N GLU F 167 27.41 -4.79 -8.31
CA GLU F 167 26.02 -4.42 -8.10
C GLU F 167 25.51 -5.07 -6.81
N LEU F 168 25.89 -6.34 -6.62
CA LEU F 168 25.64 -7.06 -5.37
C LEU F 168 26.32 -6.32 -4.23
N CYS F 169 27.62 -6.03 -4.40
CA CYS F 169 28.38 -5.25 -3.42
C CYS F 169 27.62 -4.04 -2.89
N LYS F 170 26.89 -3.38 -3.79
CA LYS F 170 26.14 -2.18 -3.43
C LYS F 170 24.91 -2.51 -2.60
N LYS F 171 24.12 -3.49 -3.05
CA LYS F 171 22.88 -3.84 -2.34
C LYS F 171 23.11 -4.52 -0.97
N TYR F 172 24.16 -5.33 -0.85
CA TYR F 172 24.50 -5.99 0.41
C TYR F 172 25.51 -5.22 1.26
N ARG F 173 25.65 -3.93 0.97
CA ARG F 173 26.52 -3.02 1.75
C ARG F 173 26.14 -3.04 3.24
N GLU F 174 24.84 -3.12 3.50
CA GLU F 174 24.31 -3.16 4.86
C GLU F 174 24.55 -4.47 5.60
N GLN F 175 25.12 -5.46 4.90
CA GLN F 175 25.28 -6.79 5.46
C GLN F 175 26.61 -7.43 5.13
N THR F 176 27.66 -6.96 5.79
CA THR F 176 28.97 -7.62 5.73
C THR F 176 29.82 -7.41 4.47
N VAL F 177 29.23 -7.02 3.35
CA VAL F 177 30.03 -6.78 2.14
C VAL F 177 30.47 -5.34 2.15
N VAL F 178 31.79 -5.16 2.05
CA VAL F 178 32.42 -3.85 2.18
C VAL F 178 33.33 -3.45 1.01
N ALA F 179 33.74 -4.41 0.20
CA ALA F 179 34.70 -4.17 -0.87
C ALA F 179 34.72 -5.18 -2.01
N ILE F 180 35.19 -4.72 -3.16
CA ILE F 180 35.28 -5.54 -4.37
C ILE F 180 36.73 -5.96 -4.64
N ASP F 181 36.93 -7.22 -5.01
CA ASP F 181 38.28 -7.77 -5.26
C ASP F 181 38.35 -8.16 -6.73
N LEU F 182 39.50 -8.70 -7.13
CA LEU F 182 39.74 -9.13 -8.50
C LEU F 182 40.85 -10.17 -8.53
N ALA F 183 40.56 -11.40 -8.11
CA ALA F 183 41.53 -12.48 -8.20
C ALA F 183 41.34 -13.17 -9.54
N GLY F 184 41.90 -14.36 -9.69
CA GLY F 184 41.84 -15.07 -10.96
C GLY F 184 43.24 -15.16 -11.50
N ASP F 185 43.42 -15.05 -12.82
CA ASP F 185 44.77 -15.12 -13.42
C ASP F 185 45.37 -13.78 -13.85
N GLU F 186 46.45 -13.41 -13.16
CA GLU F 186 47.23 -12.19 -13.44
C GLU F 186 47.89 -12.14 -14.82
N THR F 187 48.62 -13.20 -15.17
CA THR F 187 49.37 -13.28 -16.43
C THR F 187 48.46 -13.60 -17.61
N ILE F 188 47.25 -13.07 -17.58
CA ILE F 188 46.35 -13.12 -18.73
C ILE F 188 46.51 -11.76 -19.38
N GLU F 189 46.95 -11.77 -20.63
CA GLU F 189 47.09 -10.55 -21.45
C GLU F 189 46.16 -9.37 -21.06
N GLY F 190 46.77 -8.21 -20.87
CA GLY F 190 46.07 -6.96 -20.56
C GLY F 190 44.72 -7.02 -19.84
N SER F 191 44.63 -7.88 -18.83
CA SER F 191 43.37 -8.15 -18.16
C SER F 191 42.84 -6.93 -17.44
N SER F 192 43.74 -6.27 -16.70
CA SER F 192 43.40 -5.06 -15.95
C SER F 192 42.58 -4.04 -16.76
N LEU F 193 42.71 -4.12 -18.09
CA LEU F 193 42.09 -3.13 -18.99
C LEU F 193 40.73 -3.57 -19.59
N PHE F 194 40.41 -4.86 -19.47
CA PHE F 194 39.13 -5.36 -19.96
C PHE F 194 37.99 -4.40 -19.63
N PRO F 195 37.01 -4.28 -20.52
CA PRO F 195 35.99 -3.21 -20.44
C PRO F 195 35.06 -3.33 -19.24
N GLY F 196 34.53 -4.53 -19.03
CA GLY F 196 33.59 -4.79 -17.93
C GLY F 196 34.23 -4.70 -16.56
N HIS F 197 35.50 -5.10 -16.49
CA HIS F 197 36.28 -5.00 -15.26
C HIS F 197 36.47 -3.56 -14.78
N VAL F 198 36.99 -2.70 -15.66
CA VAL F 198 37.29 -1.32 -15.29
C VAL F 198 36.02 -0.53 -14.95
N GLN F 199 34.94 -0.81 -15.66
CA GLN F 199 33.64 -0.13 -15.44
C GLN F 199 32.98 -0.51 -14.14
N ALA F 200 33.35 -1.68 -13.61
CA ALA F 200 32.90 -2.12 -12.29
C ALA F 200 33.60 -1.28 -11.23
N TYR F 201 34.93 -1.31 -11.27
CA TYR F 201 35.75 -0.49 -10.38
C TYR F 201 35.43 0.99 -10.46
N ALA F 202 34.96 1.43 -11.63
CA ALA F 202 34.44 2.79 -11.83
C ALA F 202 33.18 3.04 -10.99
N GLU F 203 32.22 2.12 -11.11
CA GLU F 203 31.01 2.14 -10.28
C GLU F 203 31.30 2.02 -8.80
N ALA F 204 32.35 1.26 -8.46
CA ALA F 204 32.79 1.11 -7.07
C ALA F 204 33.15 2.48 -6.48
N VAL F 205 34.05 3.19 -7.17
CA VAL F 205 34.49 4.53 -6.77
C VAL F 205 33.30 5.47 -6.70
N LYS F 206 32.48 5.44 -7.76
CA LYS F 206 31.30 6.29 -7.87
C LYS F 206 30.23 5.98 -6.79
N SER F 207 30.29 4.81 -6.17
CA SER F 207 29.27 4.37 -5.19
C SER F 207 29.71 4.17 -3.73
N GLY F 208 30.99 4.39 -3.44
CA GLY F 208 31.50 4.29 -2.06
C GLY F 208 32.04 2.92 -1.69
N VAL F 209 32.04 2.00 -2.65
CA VAL F 209 32.47 0.63 -2.42
C VAL F 209 33.98 0.49 -2.48
N HIS F 210 34.59 0.14 -1.34
CA HIS F 210 36.05 0.04 -1.24
C HIS F 210 36.63 -1.00 -2.23
N ARG F 211 37.92 -0.91 -2.49
CA ARG F 211 38.53 -1.65 -3.59
C ARG F 211 39.88 -2.27 -3.23
N THR F 212 40.01 -3.57 -3.41
CA THR F 212 41.32 -4.23 -3.34
C THR F 212 41.51 -5.03 -4.62
N VAL F 213 42.76 -5.40 -4.91
CA VAL F 213 43.06 -6.15 -6.13
C VAL F 213 44.20 -7.12 -5.91
N HIS F 214 43.98 -8.38 -6.26
CA HIS F 214 45.07 -9.35 -6.40
C HIS F 214 45.94 -8.87 -7.57
N ALA F 215 47.18 -8.44 -7.27
CA ALA F 215 48.11 -7.94 -8.31
C ALA F 215 49.57 -7.85 -7.85
N GLY F 216 50.48 -8.37 -8.65
CA GLY F 216 51.89 -8.45 -8.29
C GLY F 216 52.35 -9.76 -7.65
N GLU F 217 51.45 -10.74 -7.55
CA GLU F 217 51.79 -12.04 -6.92
C GLU F 217 52.83 -12.79 -7.77
N VAL F 218 52.41 -13.14 -8.99
CA VAL F 218 53.28 -13.77 -9.98
C VAL F 218 52.90 -13.00 -11.25
N GLY F 219 53.69 -11.98 -11.56
CA GLY F 219 53.37 -11.05 -12.63
C GLY F 219 54.11 -9.74 -12.46
N SER F 220 54.16 -8.96 -13.53
CA SER F 220 55.00 -7.76 -13.58
C SER F 220 54.55 -6.67 -12.62
N ALA F 221 55.47 -5.75 -12.34
CA ALA F 221 55.18 -4.54 -11.57
C ALA F 221 54.25 -3.61 -12.34
N ASN F 222 53.96 -3.96 -13.60
CA ASN F 222 53.02 -3.20 -14.43
C ASN F 222 51.57 -3.60 -14.15
N VAL F 223 51.37 -4.87 -13.78
CA VAL F 223 50.07 -5.36 -13.34
C VAL F 223 49.60 -4.50 -12.13
N VAL F 224 50.54 -4.28 -11.21
CA VAL F 224 50.35 -3.43 -10.03
C VAL F 224 50.04 -1.99 -10.43
N LYS F 225 50.77 -1.51 -11.45
CA LYS F 225 50.62 -0.15 -11.96
C LYS F 225 49.19 0.11 -12.41
N GLU F 226 48.63 -0.83 -13.18
CA GLU F 226 47.28 -0.70 -13.73
C GLU F 226 46.23 -0.84 -12.65
N ALA F 227 46.50 -1.70 -11.67
CA ALA F 227 45.66 -1.83 -10.49
C ALA F 227 45.43 -0.48 -9.79
N VAL F 228 46.52 0.28 -9.61
CA VAL F 228 46.47 1.57 -8.92
C VAL F 228 45.93 2.71 -9.80
N ASP F 229 46.41 2.76 -11.04
CA ASP F 229 46.09 3.89 -11.94
C ASP F 229 44.72 3.77 -12.61
N THR F 230 44.57 2.78 -13.48
CA THR F 230 43.30 2.56 -14.21
C THR F 230 42.21 2.03 -13.28
N LEU F 231 42.56 1.05 -12.44
CA LEU F 231 41.57 0.41 -11.55
C LEU F 231 41.31 1.07 -10.18
N LYS F 232 42.20 1.96 -9.76
CA LYS F 232 42.02 2.73 -8.52
C LYS F 232 41.88 1.89 -7.25
N THR F 233 42.73 0.89 -7.12
CA THR F 233 42.73 0.04 -5.93
C THR F 233 43.20 0.82 -4.69
N GLU F 234 42.63 0.48 -3.55
CA GLU F 234 43.04 1.06 -2.25
C GLU F 234 44.02 0.14 -1.52
N ARG F 235 44.01 -1.14 -1.86
CA ARG F 235 44.89 -2.12 -1.25
C ARG F 235 45.36 -3.06 -2.33
N LEU F 236 46.40 -3.84 -2.01
CA LEU F 236 47.00 -4.72 -3.00
C LEU F 236 47.17 -6.15 -2.50
N GLY F 237 46.51 -7.08 -3.19
CA GLY F 237 46.65 -8.49 -2.90
C GLY F 237 48.04 -8.95 -3.29
N HIS F 238 48.77 -9.44 -2.30
CA HIS F 238 50.17 -9.82 -2.47
C HIS F 238 50.99 -8.53 -2.72
N GLY F 239 51.27 -8.22 -3.98
CA GLY F 239 52.00 -6.98 -4.34
C GLY F 239 53.52 -7.09 -4.38
N TYR F 240 54.03 -8.31 -4.57
CA TYR F 240 55.46 -8.63 -4.42
C TYR F 240 56.40 -8.07 -5.50
N HIS F 241 56.24 -8.52 -6.73
CA HIS F 241 57.06 -8.05 -7.85
C HIS F 241 56.73 -6.57 -8.17
N THR F 242 56.61 -5.76 -7.13
CA THR F 242 56.55 -4.29 -7.24
C THR F 242 57.91 -3.72 -6.80
N LEU F 243 58.72 -4.59 -6.17
CA LEU F 243 60.15 -4.34 -5.94
C LEU F 243 60.93 -4.63 -7.23
N GLU F 244 60.49 -4.01 -8.32
CA GLU F 244 61.14 -4.11 -9.62
C GLU F 244 60.86 -2.83 -10.42
N ASP F 245 60.40 -1.81 -9.71
CA ASP F 245 60.10 -0.51 -10.30
C ASP F 245 60.14 0.41 -9.09
N THR F 246 61.33 0.93 -8.81
CA THR F 246 61.57 1.71 -7.60
C THR F 246 60.80 3.03 -7.60
N THR F 247 60.46 3.55 -8.78
CA THR F 247 59.68 4.80 -8.90
C THR F 247 58.26 4.62 -8.39
N LEU F 248 57.65 3.50 -8.79
CA LEU F 248 56.30 3.15 -8.36
C LEU F 248 56.30 2.72 -6.89
N TYR F 249 57.20 1.79 -6.55
CA TYR F 249 57.33 1.30 -5.17
C TYR F 249 57.44 2.45 -4.17
N ASN F 250 58.38 3.37 -4.43
CA ASN F 250 58.60 4.52 -3.54
C ASN F 250 57.53 5.63 -3.58
N ARG F 251 56.77 5.70 -4.68
CA ARG F 251 55.62 6.63 -4.77
C ARG F 251 54.38 5.98 -4.12
N LEU F 252 54.46 4.68 -3.89
CA LEU F 252 53.38 3.95 -3.24
C LEU F 252 53.51 4.06 -1.72
N ARG F 253 54.72 3.86 -1.21
CA ARG F 253 55.00 4.07 0.21
C ARG F 253 54.66 5.52 0.54
N GLN F 254 54.91 6.38 -0.44
CA GLN F 254 54.58 7.81 -0.35
C GLN F 254 53.10 8.09 -0.15
N GLU F 255 52.26 7.45 -0.96
CA GLU F 255 50.80 7.60 -0.89
C GLU F 255 50.15 6.64 0.12
N ASN F 256 50.98 5.87 0.83
CA ASN F 256 50.54 5.00 1.93
C ASN F 256 49.70 3.81 1.48
N MET F 257 50.26 3.00 0.58
CA MET F 257 49.57 1.82 0.07
C MET F 257 49.71 0.67 1.05
N HIS F 258 48.64 -0.12 1.15
CA HIS F 258 48.64 -1.33 1.99
C HIS F 258 48.89 -2.57 1.14
N PHE F 259 49.72 -3.45 1.68
CA PHE F 259 50.08 -4.68 1.00
C PHE F 259 49.60 -5.88 1.80
N GLU F 260 48.64 -6.60 1.25
CA GLU F 260 48.09 -7.80 1.91
C GLU F 260 49.05 -8.95 1.59
N ILE F 261 49.78 -9.42 2.60
CA ILE F 261 50.87 -10.35 2.34
C ILE F 261 50.70 -11.75 2.88
N CYS F 262 50.96 -12.74 2.03
CA CYS F 262 50.77 -14.14 2.42
C CYS F 262 52.06 -14.96 2.32
N PRO F 263 52.86 -14.95 3.39
CA PRO F 263 54.18 -15.60 3.41
C PRO F 263 54.25 -17.09 3.03
N TRP F 264 53.41 -17.90 3.68
CA TRP F 264 53.42 -19.34 3.47
C TRP F 264 52.78 -19.67 2.12
N SER F 265 51.82 -18.84 1.72
CA SER F 265 51.18 -18.96 0.41
C SER F 265 52.22 -18.78 -0.70
N SER F 266 53.01 -17.72 -0.58
CA SER F 266 54.11 -17.43 -1.52
C SER F 266 55.03 -18.62 -1.78
N TYR F 267 55.50 -19.24 -0.69
CA TYR F 267 56.38 -20.40 -0.80
C TYR F 267 55.70 -21.51 -1.64
N LEU F 268 54.48 -21.85 -1.25
CA LEU F 268 53.74 -22.95 -1.89
C LEU F 268 53.26 -22.70 -3.32
N THR F 269 52.73 -21.49 -3.61
CA THR F 269 52.30 -21.14 -4.98
C THR F 269 53.47 -21.05 -5.97
N GLY F 270 54.69 -20.97 -5.44
CA GLY F 270 55.90 -20.77 -6.25
C GLY F 270 56.24 -19.30 -6.52
N ALA F 271 55.34 -18.39 -6.15
CA ALA F 271 55.49 -16.93 -6.41
C ALA F 271 56.74 -16.31 -5.79
N TRP F 272 57.22 -16.95 -4.72
CA TRP F 272 58.50 -16.63 -4.11
C TRP F 272 59.38 -17.89 -4.20
N LYS F 273 60.60 -17.69 -4.72
CA LYS F 273 61.59 -18.77 -4.78
C LYS F 273 62.48 -18.65 -3.54
N PRO F 274 62.72 -19.77 -2.85
CA PRO F 274 63.44 -19.78 -1.55
C PRO F 274 64.89 -19.23 -1.50
N ASP F 275 65.50 -19.06 -2.66
CA ASP F 275 66.88 -18.58 -2.77
C ASP F 275 66.98 -17.08 -2.70
N THR F 276 65.85 -16.39 -2.80
CA THR F 276 65.80 -14.96 -2.53
C THR F 276 65.51 -14.74 -1.04
N GLU F 277 65.72 -13.49 -0.62
CA GLU F 277 65.13 -12.97 0.61
C GLU F 277 63.65 -12.83 0.25
N HIS F 278 62.77 -13.13 1.21
CA HIS F 278 61.33 -13.03 0.96
C HIS F 278 60.94 -11.57 0.71
N ALA F 279 60.09 -11.34 -0.29
CA ALA F 279 59.65 -9.98 -0.62
C ALA F 279 59.36 -9.11 0.62
N VAL F 280 58.85 -9.74 1.69
CA VAL F 280 58.46 -9.06 2.95
C VAL F 280 59.59 -8.52 3.86
N ILE F 281 60.67 -9.29 4.04
CA ILE F 281 61.82 -8.87 4.89
C ILE F 281 62.26 -7.44 4.55
N ARG F 282 62.10 -7.06 3.28
CA ARG F 282 62.35 -5.68 2.82
C ARG F 282 61.23 -4.70 3.17
N PHE F 283 59.97 -5.16 3.18
CA PHE F 283 58.81 -4.34 3.59
C PHE F 283 58.99 -3.96 5.09
N LYS F 284 59.58 -4.87 5.85
CA LYS F 284 59.87 -4.72 7.28
C LYS F 284 60.86 -3.59 7.56
N ASN F 285 62.02 -3.67 6.91
CA ASN F 285 63.08 -2.66 7.02
C ASN F 285 62.64 -1.30 6.46
N ASP F 286 61.74 -1.36 5.47
CA ASP F 286 61.28 -0.17 4.76
C ASP F 286 60.08 0.53 5.40
N GLN F 287 59.67 0.08 6.57
CA GLN F 287 58.60 0.73 7.35
C GLN F 287 57.29 0.90 6.58
N VAL F 288 56.98 -0.10 5.75
CA VAL F 288 55.86 -0.02 4.80
C VAL F 288 54.52 -0.44 5.45
N ASN F 289 53.42 0.10 4.93
CA ASN F 289 52.08 -0.26 5.38
C ASN F 289 51.68 -1.65 4.87
N TYR F 290 51.65 -2.66 5.74
CA TYR F 290 51.35 -4.03 5.31
C TYR F 290 50.81 -4.97 6.38
N SER F 291 50.15 -6.04 5.94
CA SER F 291 49.51 -7.04 6.83
C SER F 291 49.88 -8.50 6.53
N LEU F 292 49.68 -9.36 7.52
CA LEU F 292 49.95 -10.80 7.36
C LEU F 292 48.67 -11.61 7.26
N ASN F 293 48.58 -12.45 6.24
CA ASN F 293 47.35 -13.16 5.93
C ASN F 293 47.64 -14.65 5.68
N THR F 294 46.68 -15.36 5.09
CA THR F 294 46.86 -16.73 4.62
C THR F 294 45.92 -16.73 3.40
N ASP F 295 46.17 -17.58 2.41
CA ASP F 295 45.47 -17.40 1.14
C ASP F 295 44.17 -18.25 1.06
N ASP F 296 44.25 -19.42 1.66
CA ASP F 296 43.49 -20.60 1.24
C ASP F 296 44.10 -21.66 2.18
N PRO F 297 43.83 -21.58 3.48
CA PRO F 297 44.51 -22.45 4.46
C PRO F 297 44.26 -23.95 4.33
N LEU F 298 43.08 -24.34 3.85
CA LEU F 298 42.75 -25.75 3.60
C LEU F 298 43.70 -26.45 2.61
N ILE F 299 44.17 -25.67 1.64
CA ILE F 299 45.03 -26.17 0.55
C ILE F 299 46.50 -26.10 0.98
N PHE F 300 46.84 -25.10 1.78
CA PHE F 300 48.20 -25.00 2.32
C PHE F 300 48.41 -25.91 3.55
N LYS F 301 47.33 -26.45 4.10
CA LYS F 301 47.38 -27.22 5.34
C LYS F 301 47.86 -26.33 6.47
N SER F 302 47.48 -25.05 6.42
CA SER F 302 48.04 -24.02 7.28
C SER F 302 46.97 -23.37 8.14
N THR F 303 47.40 -22.90 9.30
CA THR F 303 46.57 -22.06 10.15
C THR F 303 47.14 -20.65 9.89
N LEU F 304 46.65 -19.64 10.59
CA LEU F 304 47.25 -18.29 10.51
C LEU F 304 48.50 -18.23 11.37
N ASP F 305 48.70 -19.23 12.22
CA ASP F 305 49.93 -19.34 12.99
C ASP F 305 51.14 -19.66 12.12
N THR F 306 50.97 -20.49 11.10
CA THR F 306 52.12 -20.94 10.27
C THR F 306 52.67 -19.83 9.38
N ASP F 307 51.83 -18.85 9.01
CA ASP F 307 52.31 -17.62 8.35
C ASP F 307 53.09 -16.67 9.31
N TYR F 308 52.95 -16.89 10.63
CA TYR F 308 53.68 -16.17 11.71
C TYR F 308 54.91 -16.96 12.25
N GLN F 309 54.79 -18.28 12.30
CA GLN F 309 55.93 -19.17 12.59
C GLN F 309 57.01 -19.14 11.52
N MET F 310 56.65 -18.58 10.35
CA MET F 310 57.55 -18.47 9.23
C MET F 310 58.34 -17.18 9.38
N THR F 311 57.63 -16.06 9.51
CA THR F 311 58.27 -14.75 9.61
C THR F 311 59.19 -14.58 10.83
N LYS F 312 58.84 -15.25 11.93
CA LYS F 312 59.64 -15.19 13.16
C LYS F 312 60.93 -16.00 13.01
N LYS F 313 60.77 -17.28 12.70
CA LYS F 313 61.92 -18.18 12.53
C LYS F 313 62.82 -17.83 11.34
N ASP F 314 62.23 -17.74 10.16
CA ASP F 314 62.97 -17.57 8.91
C ASP F 314 63.32 -16.12 8.51
N MET F 315 62.87 -15.13 9.28
CA MET F 315 63.29 -13.75 9.04
C MET F 315 63.27 -12.80 10.26
N GLY F 316 63.62 -13.37 11.41
CA GLY F 316 63.85 -12.61 12.66
C GLY F 316 62.85 -11.54 13.04
N PHE F 317 61.57 -11.83 12.85
CA PHE F 317 60.48 -10.90 13.20
C PHE F 317 60.27 -10.95 14.72
N THR F 318 60.26 -9.77 15.33
CA THR F 318 60.07 -9.66 16.76
C THR F 318 58.66 -9.14 16.95
N GLU F 319 58.12 -9.47 18.12
CA GLU F 319 56.84 -8.97 18.57
C GLU F 319 56.68 -7.45 18.42
N GLU F 320 57.78 -6.69 18.45
CA GLU F 320 57.68 -5.24 18.28
C GLU F 320 57.22 -4.91 16.87
N GLU F 321 57.54 -5.77 15.91
CA GLU F 321 57.08 -5.61 14.53
C GLU F 321 55.63 -6.07 14.34
N PHE F 322 55.34 -7.28 14.83
CA PHE F 322 54.01 -7.90 14.71
C PHE F 322 52.91 -6.93 15.12
N LYS F 323 53.12 -6.25 16.24
CA LYS F 323 52.16 -5.30 16.77
C LYS F 323 51.83 -4.16 15.78
N ARG F 324 52.83 -3.67 15.04
CA ARG F 324 52.61 -2.49 14.19
C ARG F 324 52.06 -2.77 12.77
N LEU F 325 52.29 -3.97 12.26
CA LEU F 325 51.69 -4.36 10.98
C LEU F 325 50.18 -4.60 11.15
N ASN F 326 49.79 -5.07 12.34
CA ASN F 326 48.38 -5.27 12.65
C ASN F 326 47.66 -3.93 12.85
N ILE F 327 48.39 -2.91 13.29
CA ILE F 327 47.80 -1.57 13.49
C ILE F 327 47.60 -0.88 12.11
N ASN F 328 48.53 -1.16 11.21
CA ASN F 328 48.36 -0.83 9.80
C ASN F 328 47.12 -1.56 9.28
N ALA F 329 47.11 -2.88 9.49
CA ALA F 329 46.02 -3.75 9.07
C ALA F 329 44.67 -3.18 9.47
N ALA F 330 44.56 -2.77 10.73
CA ALA F 330 43.32 -2.17 11.26
C ALA F 330 43.05 -0.77 10.72
N LYS F 331 44.11 -0.04 10.43
CA LYS F 331 44.02 1.30 9.84
C LYS F 331 43.62 1.23 8.37
N SER F 332 44.20 0.27 7.65
CA SER F 332 43.89 0.04 6.24
C SER F 332 42.55 -0.70 6.03
N SER F 333 42.05 -1.37 7.06
CA SER F 333 40.75 -2.10 7.03
C SER F 333 39.57 -1.30 6.50
N PHE F 334 38.61 -1.99 5.88
CA PHE F 334 37.47 -1.32 5.23
C PHE F 334 36.24 -1.13 6.15
N LEU F 335 36.48 -0.93 7.44
CA LEU F 335 35.39 -0.58 8.37
C LEU F 335 34.99 0.86 8.14
N PRO F 336 33.78 1.24 8.51
CA PRO F 336 33.26 2.58 8.20
C PRO F 336 33.60 3.58 9.30
N GLU F 337 34.88 3.95 9.40
CA GLU F 337 35.35 4.97 10.36
C GLU F 337 35.19 4.56 11.84
N ASP F 338 34.12 5.06 12.45
CA ASP F 338 33.86 4.88 13.89
C ASP F 338 34.18 3.48 14.46
N GLU F 339 33.88 2.43 13.69
CA GLU F 339 34.19 1.08 14.12
C GLU F 339 35.67 0.76 13.91
N LYS F 340 36.29 1.42 12.94
CA LYS F 340 37.72 1.30 12.73
C LYS F 340 38.44 1.83 13.96
N LYS F 341 37.90 2.92 14.52
CA LYS F 341 38.44 3.54 15.74
C LYS F 341 38.40 2.55 16.90
N GLU F 342 37.24 1.94 17.13
CA GLU F 342 37.07 1.04 18.27
C GLU F 342 37.85 -0.26 18.11
N LEU F 343 38.17 -0.62 16.87
CA LEU F 343 39.02 -1.77 16.60
C LEU F 343 40.40 -1.45 17.13
N LEU F 344 40.89 -0.28 16.74
CA LEU F 344 42.21 0.19 17.17
C LEU F 344 42.28 0.29 18.71
N ASP F 345 41.29 0.95 19.29
CA ASP F 345 41.13 0.97 20.75
C ASP F 345 41.34 -0.41 21.38
N LEU F 346 40.67 -1.41 20.82
CA LEU F 346 40.80 -2.80 21.30
C LEU F 346 42.23 -3.31 21.16
N LEU F 347 42.86 -2.93 20.05
CA LEU F 347 44.23 -3.34 19.73
C LEU F 347 45.27 -2.71 20.65
N TYR F 348 45.24 -1.39 20.74
CA TYR F 348 46.16 -0.65 21.59
C TYR F 348 46.13 -1.20 23.01
N LYS F 349 44.92 -1.32 23.56
CA LYS F 349 44.73 -1.82 24.92
C LYS F 349 45.40 -3.17 25.19
N ALA F 350 45.23 -4.14 24.29
CA ALA F 350 45.76 -5.48 24.51
C ALA F 350 47.24 -5.58 24.15
N TYR F 351 48.61 -5.04 23.75
CA TYR F 351 49.18 -4.34 23.27
C TYR F 351 49.92 -3.56 24.37
N ARG F 352 49.15 -3.06 25.34
CA ARG F 352 49.68 -2.34 26.53
C ARG F 352 50.52 -1.17 26.03
N MET F 353 49.91 -0.35 25.18
CA MET F 353 50.69 0.61 24.44
C MET F 353 49.99 1.97 24.25
N PRO F 354 50.79 2.95 23.82
CA PRO F 354 50.33 4.23 23.23
C PRO F 354 48.98 4.41 22.50
N SER F 355 47.97 4.72 23.31
CA SER F 355 46.61 4.98 22.85
C SER F 355 46.42 6.44 22.46
N THR G 4 -48.19 95.81 -24.28
CA THR G 4 -49.18 95.60 -23.15
C THR G 4 -49.31 96.74 -22.08
N PRO G 5 -48.36 97.68 -22.05
CA PRO G 5 -48.44 98.91 -21.26
C PRO G 5 -49.60 99.76 -20.84
N ALA G 6 -49.20 100.71 -19.98
CA ALA G 6 -50.01 101.84 -19.58
C ALA G 6 -49.68 103.19 -20.22
N PHE G 7 -48.40 103.56 -20.22
CA PHE G 7 -47.95 104.83 -20.81
C PHE G 7 -46.62 104.57 -21.48
N ASP G 8 -46.69 104.18 -22.75
CA ASP G 8 -45.51 103.72 -23.47
C ASP G 8 -44.66 104.84 -24.03
N LYS G 9 -44.18 105.71 -23.14
CA LYS G 9 -43.30 106.82 -23.54
C LYS G 9 -42.25 107.05 -22.45
N PRO G 10 -41.20 107.79 -22.79
CA PRO G 10 -40.24 108.28 -21.81
C PRO G 10 -40.85 108.76 -20.48
N LYS G 11 -40.37 108.18 -19.38
CA LYS G 11 -40.78 108.56 -18.02
C LYS G 11 -39.62 109.10 -17.19
N VAL G 12 -39.95 109.73 -16.07
CA VAL G 12 -38.96 110.17 -15.09
C VAL G 12 -39.36 109.58 -13.74
N GLU G 13 -38.39 109.15 -12.95
CA GLU G 13 -38.65 108.62 -11.60
C GLU G 13 -37.74 109.27 -10.57
N LEU G 14 -38.33 109.76 -9.49
CA LEU G 14 -37.59 110.50 -8.46
C LEU G 14 -37.51 109.79 -7.09
N HIS G 15 -38.42 108.86 -6.83
CA HIS G 15 -38.52 108.23 -5.51
C HIS G 15 -38.51 106.70 -5.59
N VAL G 16 -37.32 106.13 -5.52
CA VAL G 16 -37.17 104.67 -5.50
C VAL G 16 -35.96 104.27 -4.65
N HIS G 17 -36.14 103.22 -3.84
CA HIS G 17 -35.11 102.78 -2.89
C HIS G 17 -34.29 101.62 -3.47
N LEU G 18 -32.96 101.73 -3.38
CA LEU G 18 -32.04 100.70 -3.88
C LEU G 18 -32.18 99.40 -3.10
N ASP G 19 -32.14 99.50 -1.78
CA ASP G 19 -32.38 98.34 -0.89
C ASP G 19 -33.72 97.69 -1.21
N GLY G 20 -34.65 98.49 -1.73
CA GLY G 20 -35.97 98.00 -2.08
C GLY G 20 -36.14 97.45 -3.49
N ALA G 21 -35.10 97.58 -4.31
CA ALA G 21 -35.17 97.18 -5.73
C ALA G 21 -34.10 96.20 -6.19
N ILE G 22 -33.94 95.09 -5.47
CA ILE G 22 -32.90 94.10 -5.76
C ILE G 22 -33.48 92.87 -6.45
N LYS G 23 -32.69 92.25 -7.32
CA LYS G 23 -33.11 91.05 -8.01
C LYS G 23 -33.08 89.83 -7.07
N PRO G 24 -34.16 89.05 -7.05
CA PRO G 24 -34.19 87.80 -6.27
C PRO G 24 -33.03 86.85 -6.56
N GLU G 25 -32.58 86.82 -7.81
CA GLU G 25 -31.54 85.88 -8.24
C GLU G 25 -30.19 86.18 -7.61
N THR G 26 -29.88 87.46 -7.46
CA THR G 26 -28.55 87.86 -7.03
C THR G 26 -28.48 87.99 -5.51
N ILE G 27 -29.64 87.93 -4.87
CA ILE G 27 -29.71 87.78 -3.42
C ILE G 27 -29.35 86.33 -3.16
N LEU G 28 -30.05 85.47 -3.87
CA LEU G 28 -29.87 84.03 -3.81
C LEU G 28 -28.42 83.63 -4.07
N TYR G 29 -27.81 84.28 -5.06
CA TYR G 29 -26.42 84.03 -5.42
C TYR G 29 -25.45 84.37 -4.28
N TYR G 30 -25.64 85.55 -3.68
CA TYR G 30 -24.74 86.01 -2.63
C TYR G 30 -24.97 85.29 -1.30
N GLY G 31 -26.19 84.80 -1.10
CA GLY G 31 -26.51 83.98 0.05
C GLY G 31 -25.68 82.71 0.00
N LYS G 32 -25.87 81.94 -1.04
CA LYS G 32 -25.10 80.71 -1.26
C LYS G 32 -23.60 80.94 -1.06
N ARG G 33 -23.07 81.94 -1.75
CA ARG G 33 -21.63 82.20 -1.71
C ARG G 33 -21.12 82.48 -0.30
N ARG G 34 -21.87 83.27 0.44
CA ARG G 34 -21.46 83.66 1.78
C ARG G 34 -21.88 82.69 2.89
N GLY G 35 -22.75 81.75 2.53
CA GLY G 35 -23.33 80.81 3.49
C GLY G 35 -24.26 81.53 4.44
N ILE G 36 -25.10 82.39 3.89
CA ILE G 36 -26.10 83.13 4.67
C ILE G 36 -27.46 82.52 4.39
N ALA G 37 -28.13 82.07 5.45
CA ALA G 37 -29.36 81.31 5.28
C ALA G 37 -30.51 82.17 4.77
N LEU G 38 -31.39 81.54 4.00
CA LEU G 38 -32.46 82.22 3.29
C LEU G 38 -33.75 81.40 3.29
N PRO G 39 -34.88 82.05 3.52
CA PRO G 39 -36.19 81.39 3.52
C PRO G 39 -36.57 80.51 2.33
N ALA G 40 -35.94 80.72 1.18
CA ALA G 40 -36.26 79.93 0.00
C ALA G 40 -35.03 79.52 -0.79
N ASP G 41 -35.27 78.87 -1.94
CA ASP G 41 -34.19 78.33 -2.74
C ASP G 41 -34.34 78.55 -4.25
N THR G 42 -35.57 78.73 -4.71
CA THR G 42 -35.83 79.15 -6.08
C THR G 42 -35.83 80.67 -6.07
N PRO G 43 -35.26 81.29 -7.11
CA PRO G 43 -35.30 82.74 -7.24
C PRO G 43 -36.77 83.16 -7.31
N GLU G 44 -37.56 82.27 -7.89
CA GLU G 44 -38.98 82.50 -8.14
C GLU G 44 -39.78 82.59 -6.83
N GLU G 45 -39.90 81.47 -6.14
CA GLU G 45 -40.75 81.42 -4.93
C GLU G 45 -40.19 82.25 -3.77
N LEU G 46 -38.96 82.74 -3.93
CA LEU G 46 -38.39 83.68 -2.98
C LEU G 46 -39.08 85.05 -3.06
N LEU G 47 -39.47 85.44 -4.26
CA LEU G 47 -40.12 86.75 -4.48
C LEU G 47 -41.42 86.77 -3.66
N ASN G 48 -42.09 85.62 -3.61
CA ASN G 48 -43.33 85.48 -2.86
C ASN G 48 -43.20 85.58 -1.35
N ILE G 49 -42.09 85.11 -0.80
CA ILE G 49 -41.83 85.20 0.64
C ILE G 49 -41.44 86.63 1.06
N ILE G 50 -40.84 87.37 0.12
CA ILE G 50 -40.44 88.74 0.39
C ILE G 50 -41.54 89.71 -0.04
N GLY G 51 -42.30 89.32 -1.06
CA GLY G 51 -43.31 90.18 -1.65
C GLY G 51 -44.69 90.12 -1.02
N MET G 52 -45.40 91.24 -1.08
CA MET G 52 -46.75 91.35 -0.56
C MET G 52 -47.74 91.44 -1.74
N ASP G 53 -49.00 91.10 -1.46
CA ASP G 53 -50.12 91.34 -2.40
C ASP G 53 -51.34 91.87 -1.64
N LYS G 54 -51.49 91.45 -0.38
CA LYS G 54 -52.53 91.97 0.51
C LYS G 54 -51.91 93.25 1.07
N PRO G 55 -52.72 94.21 1.50
CA PRO G 55 -52.22 95.46 2.09
C PRO G 55 -51.87 95.43 3.58
N LEU G 56 -50.96 94.52 3.96
CA LEU G 56 -50.41 94.44 5.31
C LEU G 56 -49.65 95.72 5.66
N THR G 57 -49.50 96.00 6.95
CA THR G 57 -49.06 97.34 7.32
C THR G 57 -47.59 97.51 7.72
N LEU G 58 -47.21 98.76 7.97
CA LEU G 58 -45.80 99.19 8.16
C LEU G 58 -44.91 98.39 9.15
N PRO G 59 -45.50 97.83 10.22
CA PRO G 59 -44.81 96.82 11.05
C PRO G 59 -44.33 95.56 10.30
N ASP G 60 -45.27 94.81 9.73
CA ASP G 60 -44.96 93.57 9.02
C ASP G 60 -44.30 93.79 7.63
N PHE G 61 -44.16 95.05 7.23
CA PHE G 61 -43.47 95.45 5.99
C PHE G 61 -41.95 95.55 6.21
N LEU G 62 -41.54 96.36 7.20
CA LEU G 62 -40.12 96.47 7.57
C LEU G 62 -39.47 95.13 7.93
N ALA G 63 -40.29 94.15 8.26
CA ALA G 63 -39.84 92.78 8.54
C ALA G 63 -39.33 92.04 7.30
N LYS G 64 -39.78 92.48 6.13
CA LYS G 64 -39.40 91.85 4.86
C LYS G 64 -37.94 92.10 4.52
N PHE G 65 -37.40 93.21 5.02
CA PHE G 65 -35.99 93.55 4.82
C PHE G 65 -35.03 92.56 5.49
N ASP G 66 -35.42 92.00 6.63
CA ASP G 66 -34.57 91.09 7.39
C ASP G 66 -34.30 89.81 6.62
N TYR G 67 -35.26 89.43 5.78
CA TYR G 67 -35.13 88.26 4.92
C TYR G 67 -33.86 88.24 4.07
N TYR G 68 -33.60 89.36 3.39
CA TYR G 68 -32.54 89.40 2.37
C TYR G 68 -31.32 90.28 2.69
N MET G 69 -31.55 91.44 3.29
CA MET G 69 -30.48 92.41 3.53
C MET G 69 -29.19 91.86 4.12
N PRO G 70 -29.25 90.91 5.05
CA PRO G 70 -28.04 90.27 5.57
C PRO G 70 -27.12 89.68 4.47
N ALA G 71 -27.71 89.19 3.38
CA ALA G 71 -26.97 88.60 2.27
C ALA G 71 -26.23 89.62 1.40
N ILE G 72 -26.78 90.82 1.30
CA ILE G 72 -26.18 91.87 0.47
C ILE G 72 -25.15 92.69 1.24
N ALA G 73 -25.48 93.02 2.48
CA ALA G 73 -24.81 94.09 3.21
C ALA G 73 -23.31 94.01 3.43
N GLY G 74 -22.74 92.83 3.30
CA GLY G 74 -21.34 92.67 3.62
C GLY G 74 -20.41 92.92 2.45
N CYS G 75 -20.50 92.07 1.44
CA CYS G 75 -19.49 92.05 0.39
C CYS G 75 -19.74 93.09 -0.71
N ARG G 76 -18.79 94.02 -0.81
CA ARG G 76 -18.57 94.89 -1.97
C ARG G 76 -19.19 94.36 -3.24
N ASP G 77 -18.61 93.33 -3.82
CA ASP G 77 -19.12 92.72 -5.06
C ASP G 77 -20.63 92.92 -5.27
N ALA G 78 -21.43 92.59 -4.26
CA ALA G 78 -22.88 92.68 -4.33
C ALA G 78 -23.40 94.11 -4.35
N ILE G 79 -22.70 94.99 -3.65
CA ILE G 79 -23.12 96.39 -3.54
C ILE G 79 -23.07 97.04 -4.91
N LYS G 80 -21.90 96.95 -5.54
CA LYS G 80 -21.70 97.48 -6.89
C LYS G 80 -22.65 96.79 -7.87
N ARG G 81 -22.95 95.53 -7.60
CA ARG G 81 -23.75 94.75 -8.52
C ARG G 81 -25.22 95.08 -8.53
N ILE G 82 -25.80 95.35 -7.37
CA ILE G 82 -27.23 95.65 -7.29
C ILE G 82 -27.49 97.02 -7.92
N ALA G 83 -26.52 97.92 -7.77
CA ALA G 83 -26.60 99.24 -8.37
C ALA G 83 -26.57 99.14 -9.90
N TYR G 84 -25.61 98.40 -10.45
CA TYR G 84 -25.55 98.16 -11.88
C TYR G 84 -26.88 97.55 -12.31
N GLU G 85 -27.23 96.42 -11.71
CA GLU G 85 -28.45 95.69 -12.10
C GLU G 85 -29.71 96.54 -11.99
N PHE G 86 -29.69 97.53 -11.10
CA PHE G 86 -30.81 98.44 -10.93
C PHE G 86 -31.03 99.32 -12.15
N VAL G 87 -29.98 100.01 -12.58
CA VAL G 87 -30.06 100.92 -13.73
C VAL G 87 -30.73 100.19 -14.88
N GLU G 88 -30.36 98.92 -15.04
CA GLU G 88 -30.91 98.09 -16.10
C GLU G 88 -32.40 97.84 -15.99
N MET G 89 -32.88 97.64 -14.76
CA MET G 89 -34.32 97.34 -14.57
C MET G 89 -35.17 98.59 -14.80
N LYS G 90 -34.56 99.77 -14.63
CA LYS G 90 -35.25 101.01 -14.94
C LYS G 90 -35.31 101.21 -16.45
N ALA G 91 -34.22 100.90 -17.15
CA ALA G 91 -34.25 100.91 -18.60
C ALA G 91 -35.25 99.90 -19.14
N LYS G 92 -35.58 98.87 -18.36
CA LYS G 92 -36.62 97.92 -18.75
C LYS G 92 -38.01 98.54 -18.74
N ASP G 93 -38.24 99.46 -17.82
CA ASP G 93 -39.45 100.30 -17.84
C ASP G 93 -39.13 101.43 -18.82
N GLY G 94 -39.98 102.45 -18.89
CA GLY G 94 -39.71 103.57 -19.80
C GLY G 94 -38.58 104.51 -19.40
N VAL G 95 -38.06 104.36 -18.19
CA VAL G 95 -37.33 105.43 -17.51
C VAL G 95 -36.06 105.96 -18.19
N VAL G 96 -36.06 107.27 -18.39
CA VAL G 96 -34.99 107.98 -19.07
C VAL G 96 -34.12 108.76 -18.09
N TYR G 97 -34.64 108.95 -16.88
CA TYR G 97 -33.88 109.59 -15.81
C TYR G 97 -34.39 109.10 -14.46
N VAL G 98 -33.47 108.68 -13.60
CA VAL G 98 -33.82 108.27 -12.25
C VAL G 98 -32.93 108.90 -11.19
N GLU G 99 -33.54 109.16 -10.04
CA GLU G 99 -32.81 109.40 -8.82
C GLU G 99 -33.08 108.22 -7.88
N VAL G 100 -32.01 107.68 -7.30
CA VAL G 100 -32.11 106.56 -6.37
C VAL G 100 -31.65 106.90 -4.98
N ARG G 101 -32.31 106.31 -3.99
CA ARG G 101 -32.00 106.58 -2.61
C ARG G 101 -31.72 105.28 -1.87
N TYR G 102 -30.73 105.35 -0.98
CA TYR G 102 -30.36 104.23 -0.13
C TYR G 102 -29.67 104.84 1.09
N SER G 103 -29.64 104.10 2.20
CA SER G 103 -28.82 104.48 3.34
C SER G 103 -27.46 103.83 3.21
N PRO G 104 -26.41 104.62 3.06
CA PRO G 104 -25.04 104.10 2.99
C PRO G 104 -24.61 103.33 4.26
N HIS G 105 -25.15 103.73 5.41
CA HIS G 105 -24.84 103.06 6.67
C HIS G 105 -25.44 101.67 6.78
N LEU G 106 -26.59 101.48 6.15
CA LEU G 106 -27.29 100.19 6.20
C LEU G 106 -26.63 99.08 5.40
N LEU G 107 -25.66 99.43 4.57
CA LEU G 107 -24.90 98.45 3.79
C LEU G 107 -23.49 98.21 4.31
N ALA G 108 -23.03 99.07 5.21
CA ALA G 108 -21.69 98.95 5.77
C ALA G 108 -21.66 97.96 6.93
N ASN G 109 -20.48 97.41 7.23
CA ASN G 109 -20.32 96.59 8.44
C ASN G 109 -19.15 97.02 9.33
N SER G 110 -18.64 98.24 9.12
CA SER G 110 -17.49 98.75 9.88
C SER G 110 -17.56 100.27 9.97
N LYS G 111 -17.78 100.80 11.16
CA LYS G 111 -17.99 102.24 11.36
C LYS G 111 -19.48 102.57 11.26
N VAL G 112 -20.26 102.02 12.18
CA VAL G 112 -21.71 102.28 12.26
C VAL G 112 -22.30 102.07 13.67
N GLU G 113 -22.86 103.13 14.25
CA GLU G 113 -23.35 103.12 15.63
C GLU G 113 -23.93 101.77 16.14
N PRO G 114 -25.17 101.41 15.82
CA PRO G 114 -25.58 100.03 15.90
C PRO G 114 -25.28 99.32 14.57
N ILE G 115 -24.30 98.44 14.57
CA ILE G 115 -23.97 97.63 13.38
C ILE G 115 -25.23 96.90 12.85
N PRO G 116 -25.61 97.16 11.59
CA PRO G 116 -26.91 96.76 11.09
C PRO G 116 -26.93 95.28 10.89
N TRP G 117 -28.13 94.73 10.73
CA TRP G 117 -28.31 93.33 10.38
C TRP G 117 -27.54 92.32 11.24
N ASN G 118 -27.24 92.70 12.48
CA ASN G 118 -26.47 91.87 13.41
C ASN G 118 -25.39 91.05 12.71
N GLN G 119 -24.78 91.64 11.68
CA GLN G 119 -23.65 91.01 11.03
C GLN G 119 -22.52 91.34 11.97
N ALA G 120 -21.46 90.55 11.90
CA ALA G 120 -20.26 90.85 12.66
C ALA G 120 -19.54 92.02 12.02
N GLU G 121 -18.57 92.57 12.74
CA GLU G 121 -17.56 93.44 12.13
C GLU G 121 -16.98 92.56 11.03
N GLY G 122 -16.61 93.13 9.89
CA GLY G 122 -16.53 94.57 9.70
C GLY G 122 -15.30 94.96 8.91
N ASP G 123 -15.50 95.25 7.63
CA ASP G 123 -14.44 95.70 6.77
C ASP G 123 -14.89 96.85 5.87
N LEU G 124 -16.17 96.81 5.49
CA LEU G 124 -16.77 97.78 4.60
C LEU G 124 -17.23 99.04 5.33
N THR G 125 -16.48 100.13 5.15
CA THR G 125 -16.83 101.43 5.72
C THR G 125 -17.93 102.07 4.86
N PRO G 126 -18.79 102.94 5.41
CA PRO G 126 -19.89 103.54 4.62
C PRO G 126 -19.46 104.51 3.52
N ASP G 127 -18.36 105.20 3.77
CA ASP G 127 -17.72 106.05 2.77
C ASP G 127 -17.44 105.22 1.55
N GLU G 128 -16.72 104.13 1.77
CA GLU G 128 -16.41 103.18 0.72
C GLU G 128 -17.66 102.59 0.03
N VAL G 129 -18.73 102.36 0.78
CA VAL G 129 -19.96 101.85 0.16
C VAL G 129 -20.37 102.78 -0.96
N VAL G 130 -20.61 104.04 -0.62
CA VAL G 130 -21.02 105.06 -1.60
C VAL G 130 -20.12 105.05 -2.81
N SER G 131 -18.81 105.01 -2.57
CA SER G 131 -17.85 104.91 -3.66
C SER G 131 -18.26 103.79 -4.61
N LEU G 132 -18.59 102.62 -4.08
CA LEU G 132 -19.02 101.49 -4.91
C LEU G 132 -20.35 101.69 -5.62
N VAL G 133 -21.36 102.16 -4.90
CA VAL G 133 -22.67 102.40 -5.49
C VAL G 133 -22.46 103.35 -6.67
N ASN G 134 -21.72 104.43 -6.42
CA ASN G 134 -21.38 105.37 -7.46
C ASN G 134 -20.94 104.57 -8.68
N GLN G 135 -19.90 103.77 -8.51
CA GLN G 135 -19.27 103.06 -9.63
C GLN G 135 -20.24 102.20 -10.43
N GLY G 136 -21.09 101.43 -9.76
CA GLY G 136 -22.07 100.60 -10.47
C GLY G 136 -23.18 101.35 -11.19
N LEU G 137 -23.32 102.65 -10.94
CA LEU G 137 -24.34 103.45 -11.61
C LEU G 137 -23.78 104.12 -12.83
N GLN G 138 -22.58 104.69 -12.69
CA GLN G 138 -21.83 105.22 -13.80
C GLN G 138 -21.74 104.21 -14.95
N GLU G 139 -21.36 102.99 -14.61
CA GLU G 139 -21.29 101.91 -15.60
C GLU G 139 -22.68 101.68 -16.18
N GLY G 140 -23.66 101.47 -15.32
CA GLY G 140 -25.03 101.20 -15.75
C GLY G 140 -25.64 102.29 -16.60
N GLU G 141 -25.36 103.55 -16.25
CA GLU G 141 -25.78 104.70 -17.05
C GLU G 141 -25.23 104.57 -18.48
N ARG G 142 -23.95 104.24 -18.58
CA ARG G 142 -23.29 104.02 -19.85
C ARG G 142 -23.81 102.81 -20.61
N ASP G 143 -23.99 101.71 -19.90
CA ASP G 143 -24.28 100.44 -20.55
C ASP G 143 -25.75 100.24 -20.93
N PHE G 144 -26.67 100.91 -20.23
CA PHE G 144 -28.11 100.80 -20.52
C PHE G 144 -28.80 102.11 -20.89
N GLY G 145 -28.02 103.18 -20.94
CA GLY G 145 -28.49 104.47 -21.43
C GLY G 145 -29.64 105.13 -20.72
N VAL G 146 -29.57 105.21 -19.40
CA VAL G 146 -30.48 106.04 -18.62
C VAL G 146 -29.65 106.93 -17.72
N LYS G 147 -29.99 108.21 -17.67
CA LYS G 147 -29.26 109.15 -16.82
C LYS G 147 -29.61 108.80 -15.38
N VAL G 148 -28.60 108.74 -14.52
CA VAL G 148 -28.80 108.29 -13.14
C VAL G 148 -28.02 109.09 -12.12
N ARG G 149 -28.75 109.63 -11.14
CA ARG G 149 -28.14 110.34 -10.01
C ARG G 149 -28.67 109.68 -8.74
N SER G 150 -27.94 109.81 -7.64
CA SER G 150 -28.29 109.13 -6.39
C SER G 150 -28.59 110.08 -5.24
N ILE G 151 -29.29 109.56 -4.23
CA ILE G 151 -29.72 110.33 -3.06
C ILE G 151 -29.41 109.57 -1.76
N LEU G 152 -28.62 110.18 -0.87
CA LEU G 152 -28.23 109.53 0.39
C LEU G 152 -29.21 109.78 1.54
N CYS G 153 -29.63 108.69 2.19
CA CYS G 153 -30.60 108.76 3.28
C CYS G 153 -30.09 108.86 4.72
N CYS G 154 -30.74 109.73 5.48
CA CYS G 154 -30.66 109.73 6.94
C CYS G 154 -31.82 108.91 7.45
N MET G 155 -31.57 108.20 8.56
CA MET G 155 -32.60 107.38 9.19
C MET G 155 -33.15 108.17 10.38
N ARG G 156 -34.47 108.11 10.56
CA ARG G 156 -35.16 108.93 11.57
C ARG G 156 -34.78 108.54 13.00
N HIS G 157 -34.76 107.24 13.28
CA HIS G 157 -34.37 106.74 14.62
C HIS G 157 -32.87 106.84 14.93
N GLN G 158 -32.07 107.27 13.95
CA GLN G 158 -30.61 107.37 14.10
C GLN G 158 -30.05 108.71 13.66
N PRO G 159 -30.38 109.78 14.40
CA PRO G 159 -29.92 111.15 14.05
C PRO G 159 -28.41 111.35 14.18
N SER G 160 -27.77 110.41 14.89
CA SER G 160 -26.32 110.31 15.00
C SER G 160 -25.58 110.28 13.65
N TRP G 161 -26.07 109.40 12.77
CA TRP G 161 -25.49 109.17 11.44
C TRP G 161 -25.59 110.35 10.46
N SER G 162 -26.69 111.09 10.54
CA SER G 162 -27.00 112.16 9.59
C SER G 162 -25.97 113.28 9.41
N SER G 163 -24.96 113.28 10.29
CA SER G 163 -23.81 114.17 10.17
C SER G 163 -22.88 113.81 8.99
N GLU G 164 -22.55 112.53 8.88
CA GLU G 164 -21.64 112.04 7.82
C GLU G 164 -22.41 111.85 6.52
N VAL G 165 -23.71 111.58 6.63
CA VAL G 165 -24.57 111.43 5.46
C VAL G 165 -24.46 112.68 4.58
N VAL G 166 -24.68 113.85 5.17
CA VAL G 166 -24.53 115.11 4.43
C VAL G 166 -23.06 115.45 4.05
N GLU G 167 -22.11 114.89 4.80
CA GLU G 167 -20.70 115.15 4.54
C GLU G 167 -20.26 114.37 3.31
N LEU G 168 -20.73 113.12 3.24
CA LEU G 168 -20.55 112.28 2.06
C LEU G 168 -21.19 112.97 0.87
N CYS G 169 -22.46 113.36 1.03
CA CYS G 169 -23.19 114.09 -0.02
C CYS G 169 -22.37 115.19 -0.65
N LYS G 170 -21.58 115.87 0.17
CA LYS G 170 -20.76 116.98 -0.30
C LYS G 170 -19.57 116.51 -1.10
N LYS G 171 -18.84 115.52 -0.59
CA LYS G 171 -17.64 115.03 -1.28
C LYS G 171 -17.92 114.24 -2.57
N TYR G 172 -19.02 113.49 -2.60
CA TYR G 172 -19.42 112.76 -3.81
C TYR G 172 -20.38 113.51 -4.72
N ARG G 173 -20.44 114.84 -4.55
CA ARG G 173 -21.26 115.73 -5.39
C ARG G 173 -20.92 115.56 -6.86
N GLU G 174 -19.63 115.37 -7.14
CA GLU G 174 -19.11 115.17 -8.49
C GLU G 174 -19.44 113.81 -9.10
N GLN G 175 -20.07 112.94 -8.32
CA GLN G 175 -20.32 111.58 -8.74
C GLN G 175 -21.69 111.06 -8.35
N THR G 176 -22.73 111.53 -9.03
CA THR G 176 -24.08 110.97 -8.92
C THR G 176 -24.90 111.34 -7.68
N VAL G 177 -24.25 111.78 -6.60
CA VAL G 177 -25.02 112.17 -5.41
C VAL G 177 -25.38 113.65 -5.54
N VAL G 178 -26.68 113.92 -5.44
CA VAL G 178 -27.23 115.25 -5.69
C VAL G 178 -28.08 115.81 -4.55
N ALA G 179 -28.54 114.94 -3.65
CA ALA G 179 -29.47 115.34 -2.59
C ALA G 179 -29.53 114.43 -1.36
N ILE G 180 -29.94 115.03 -0.25
CA ILE G 180 -30.06 114.30 1.02
C ILE G 180 -31.54 114.03 1.34
N ASP G 181 -31.83 112.81 1.80
CA ASP G 181 -33.19 112.38 2.12
C ASP G 181 -33.29 112.11 3.63
N LEU G 182 -34.46 111.68 4.08
CA LEU G 182 -34.69 111.40 5.49
C LEU G 182 -35.88 110.45 5.61
N ALA G 183 -35.66 109.17 5.30
CA ALA G 183 -36.69 108.16 5.50
C ALA G 183 -36.53 107.59 6.89
N GLY G 184 -37.17 106.44 7.15
CA GLY G 184 -37.13 105.84 8.48
C GLY G 184 -38.54 105.88 9.04
N ASP G 185 -38.68 106.12 10.34
CA ASP G 185 -40.02 106.20 10.96
C ASP G 185 -40.55 107.61 11.27
N GLU G 186 -41.60 107.99 10.55
CA GLU G 186 -42.29 109.28 10.74
C GLU G 186 -42.93 109.50 12.12
N THR G 187 -43.71 108.51 12.56
CA THR G 187 -44.46 108.60 13.83
C THR G 187 -43.55 108.32 15.03
N ILE G 188 -42.29 108.76 14.94
CA ILE G 188 -41.38 108.74 16.08
C ILE G 188 -41.45 110.17 16.61
N GLU G 189 -41.86 110.29 17.87
CA GLU G 189 -41.93 111.59 18.57
C GLU G 189 -40.95 112.66 18.08
N GLY G 190 -41.48 113.85 17.79
CA GLY G 190 -40.69 115.03 17.38
C GLY G 190 -39.36 114.82 16.65
N SER G 191 -39.34 113.87 15.72
CA SER G 191 -38.11 113.46 15.07
C SER G 191 -37.51 114.57 14.23
N SER G 192 -38.38 115.22 13.45
CA SER G 192 -37.98 116.34 12.58
C SER G 192 -37.09 117.37 13.29
N LEU G 193 -37.20 117.42 14.62
CA LEU G 193 -36.50 118.43 15.42
C LEU G 193 -35.17 117.96 16.03
N PHE G 194 -34.93 116.64 16.03
CA PHE G 194 -33.68 116.10 16.57
C PHE G 194 -32.48 116.95 16.13
N PRO G 195 -31.50 117.09 17.01
CA PRO G 195 -30.40 118.09 16.82
C PRO G 195 -29.49 117.80 15.62
N GLY G 196 -29.03 116.56 15.52
CA GLY G 196 -28.13 116.14 14.45
C GLY G 196 -28.79 116.15 13.08
N HIS G 197 -30.08 115.82 13.05
CA HIS G 197 -30.87 115.88 11.82
C HIS G 197 -31.00 117.28 11.23
N VAL G 198 -31.43 118.23 12.04
CA VAL G 198 -31.66 119.60 11.56
C VAL G 198 -30.34 120.29 11.12
N GLN G 199 -29.26 120.00 11.86
CA GLN G 199 -27.94 120.55 11.56
C GLN G 199 -27.32 120.02 10.27
N ALA G 200 -27.75 118.83 9.86
CA ALA G 200 -27.36 118.25 8.59
C ALA G 200 -28.03 119.04 7.46
N TYR G 201 -29.36 119.11 7.52
CA TYR G 201 -30.13 119.89 6.56
C TYR G 201 -29.71 121.37 6.52
N ALA G 202 -29.20 121.86 7.65
CA ALA G 202 -28.60 123.19 7.72
C ALA G 202 -27.34 123.29 6.85
N GLU G 203 -26.44 122.32 7.03
CA GLU G 203 -25.25 122.20 6.20
C GLU G 203 -25.58 121.97 4.72
N ALA G 204 -26.67 121.25 4.47
CA ALA G 204 -27.14 121.01 3.11
C ALA G 204 -27.43 122.34 2.40
N VAL G 205 -28.27 123.15 3.04
CA VAL G 205 -28.63 124.48 2.51
C VAL G 205 -27.37 125.35 2.35
N LYS G 206 -26.54 125.36 3.41
CA LYS G 206 -25.29 126.12 3.42
C LYS G 206 -24.26 125.65 2.38
N SER G 207 -24.41 124.43 1.86
CA SER G 207 -23.44 123.84 0.91
C SER G 207 -23.91 123.55 -0.53
N GLY G 208 -25.17 123.84 -0.83
CA GLY G 208 -25.71 123.65 -2.18
C GLY G 208 -26.34 122.29 -2.43
N VAL G 209 -26.37 121.46 -1.40
CA VAL G 209 -26.90 120.10 -1.50
C VAL G 209 -28.43 120.06 -1.42
N HIS G 210 -29.07 119.67 -2.51
CA HIS G 210 -30.54 119.65 -2.58
C HIS G 210 -31.16 118.74 -1.51
N ARG G 211 -32.45 118.94 -1.23
CA ARG G 211 -33.09 118.33 -0.08
C ARG G 211 -34.49 117.77 -0.35
N THR G 212 -34.69 116.50 -0.06
CA THR G 212 -36.03 115.92 -0.06
C THR G 212 -36.26 115.24 1.28
N VAL G 213 -37.53 114.99 1.62
CA VAL G 213 -37.87 114.38 2.90
C VAL G 213 -39.08 113.47 2.76
N HIS G 214 -38.94 112.22 3.22
CA HIS G 214 -40.07 111.33 3.46
C HIS G 214 -40.89 111.97 4.59
N ALA G 215 -42.08 112.46 4.27
CA ALA G 215 -42.97 113.11 5.28
C ALA G 215 -44.44 113.27 4.82
N GLY G 216 -45.38 112.87 5.68
CA GLY G 216 -46.79 112.83 5.36
C GLY G 216 -47.30 111.54 4.72
N GLU G 217 -46.51 110.48 4.78
CA GLU G 217 -46.93 109.15 4.27
C GLU G 217 -48.01 108.54 5.20
N VAL G 218 -47.59 108.27 6.43
CA VAL G 218 -48.47 107.79 7.50
C VAL G 218 -48.03 108.64 8.70
N GLY G 219 -48.76 109.74 8.91
CA GLY G 219 -48.36 110.73 9.89
C GLY G 219 -49.01 112.07 9.61
N SER G 220 -49.00 112.94 10.61
CA SER G 220 -49.76 114.19 10.57
C SER G 220 -49.25 115.17 9.51
N ALA G 221 -50.12 116.12 9.15
CA ALA G 221 -49.77 117.23 8.29
C ALA G 221 -48.77 118.16 8.97
N ASN G 222 -48.47 117.90 10.24
CA ASN G 222 -47.49 118.67 10.99
C ASN G 222 -46.07 118.16 10.73
N VAL G 223 -45.96 116.86 10.47
CA VAL G 223 -44.69 116.23 10.06
C VAL G 223 -44.20 116.95 8.79
N VAL G 224 -45.14 117.15 7.86
CA VAL G 224 -44.90 117.87 6.61
C VAL G 224 -44.51 119.33 6.89
N LYS G 225 -45.17 119.93 7.87
CA LYS G 225 -44.93 121.34 8.26
C LYS G 225 -43.49 121.54 8.69
N GLU G 226 -42.98 120.64 9.53
CA GLU G 226 -41.62 120.73 10.04
C GLU G 226 -40.59 120.43 8.94
N ALA G 227 -40.94 119.50 8.06
CA ALA G 227 -40.11 119.21 6.88
C ALA G 227 -39.81 120.49 6.07
N VAL G 228 -40.85 121.28 5.83
CA VAL G 228 -40.73 122.51 5.03
C VAL G 228 -40.10 123.68 5.80
N ASP G 229 -40.55 123.88 7.03
CA ASP G 229 -40.16 125.05 7.83
C ASP G 229 -38.79 124.91 8.52
N THR G 230 -38.69 123.98 9.47
CA THR G 230 -37.43 123.74 10.19
C THR G 230 -36.38 123.07 9.28
N LEU G 231 -36.80 122.05 8.54
CA LEU G 231 -35.87 121.26 7.71
C LEU G 231 -35.59 121.78 6.28
N LYS G 232 -36.44 122.69 5.80
CA LYS G 232 -36.22 123.34 4.49
C LYS G 232 -36.16 122.39 3.29
N THR G 233 -37.07 121.43 3.26
CA THR G 233 -37.14 120.48 2.15
C THR G 233 -37.57 121.18 0.86
N GLU G 234 -37.05 120.71 -0.26
CA GLU G 234 -37.44 121.20 -1.59
C GLU G 234 -38.49 120.29 -2.25
N ARG G 235 -38.54 119.04 -1.78
CA ARG G 235 -39.50 118.07 -2.30
C ARG G 235 -40.02 117.25 -1.13
N LEU G 236 -41.10 116.52 -1.37
CA LEU G 236 -41.75 115.76 -0.31
C LEU G 236 -42.01 114.32 -0.67
N GLY G 237 -41.41 113.42 0.10
CA GLY G 237 -41.65 111.99 -0.09
C GLY G 237 -43.07 111.69 0.37
N HIS G 238 -43.93 111.26 -0.55
CA HIS G 238 -45.35 110.92 -0.25
C HIS G 238 -46.30 112.13 -0.05
N GLY G 239 -46.16 112.79 1.11
CA GLY G 239 -46.94 113.99 1.45
C GLY G 239 -48.47 113.98 1.38
N TYR G 240 -49.07 112.80 1.53
CA TYR G 240 -50.53 112.61 1.42
C TYR G 240 -51.39 113.28 2.52
N HIS G 241 -51.16 112.93 3.79
CA HIS G 241 -51.91 113.55 4.90
C HIS G 241 -51.49 115.01 5.10
N THR G 242 -51.34 115.73 3.97
CA THR G 242 -51.19 117.19 3.96
C THR G 242 -52.53 117.80 3.48
N LEU G 243 -53.39 116.94 2.94
CA LEU G 243 -54.80 117.27 2.70
C LEU G 243 -55.58 117.13 4.02
N GLU G 244 -55.07 117.81 5.05
CA GLU G 244 -55.71 117.88 6.35
C GLU G 244 -55.34 119.19 7.04
N ASP G 245 -54.82 120.12 6.24
CA ASP G 245 -54.44 121.44 6.72
C ASP G 245 -54.45 122.25 5.43
N THR G 246 -55.62 122.82 5.11
CA THR G 246 -55.81 123.51 3.84
C THR G 246 -54.96 124.78 3.72
N THR G 247 -54.57 125.37 4.85
CA THR G 247 -53.70 126.57 4.86
C THR G 247 -52.30 126.26 4.36
N LEU G 248 -51.76 125.13 4.83
CA LEU G 248 -50.44 124.66 4.43
C LEU G 248 -50.49 124.10 3.01
N TYR G 249 -51.45 123.22 2.76
CA TYR G 249 -51.64 122.62 1.43
C TYR G 249 -51.70 123.68 0.34
N ASN G 250 -52.56 124.68 0.51
CA ASN G 250 -52.72 125.77 -0.46
C ASN G 250 -51.59 126.80 -0.52
N ARG G 251 -50.80 126.91 0.55
CA ARG G 251 -49.61 127.77 0.55
C ARG G 251 -48.42 127.00 -0.05
N LEU G 252 -48.58 125.68 -0.17
CA LEU G 252 -47.56 124.83 -0.77
C LEU G 252 -47.70 124.81 -2.29
N ARG G 253 -48.93 124.66 -2.77
CA ARG G 253 -49.22 124.76 -4.20
C ARG G 253 -48.79 126.16 -4.66
N GLN G 254 -48.96 127.12 -3.76
CA GLN G 254 -48.54 128.50 -3.97
C GLN G 254 -47.05 128.67 -4.22
N GLU G 255 -46.25 128.05 -3.37
CA GLU G 255 -44.79 128.09 -3.46
C GLU G 255 -44.21 127.01 -4.39
N ASN G 256 -45.10 126.24 -5.02
CA ASN G 256 -44.74 125.24 -6.04
C ASN G 256 -43.98 124.02 -5.48
N MET G 257 -44.58 123.34 -4.52
CA MET G 257 -43.94 122.19 -3.91
C MET G 257 -44.17 120.97 -4.79
N HIS G 258 -43.16 120.10 -4.84
CA HIS G 258 -43.24 118.83 -5.55
C HIS G 258 -43.56 117.67 -4.62
N PHE G 259 -44.46 116.80 -5.07
CA PHE G 259 -44.89 115.67 -4.27
C PHE G 259 -44.49 114.38 -4.98
N GLU G 260 -43.57 113.64 -4.37
CA GLU G 260 -43.11 112.37 -4.93
C GLU G 260 -44.13 111.31 -4.50
N ILE G 261 -44.90 110.81 -5.46
CA ILE G 261 -46.04 109.98 -5.11
C ILE G 261 -45.98 108.52 -5.54
N CYS G 262 -46.28 107.61 -4.61
CA CYS G 262 -46.20 106.17 -4.85
C CYS G 262 -47.55 105.45 -4.66
N PRO G 263 -48.35 105.43 -5.72
CA PRO G 263 -49.72 104.87 -5.68
C PRO G 263 -49.85 103.44 -5.16
N TRP G 264 -49.09 102.52 -5.75
CA TRP G 264 -49.19 101.11 -5.41
C TRP G 264 -48.54 100.85 -4.05
N SER G 265 -47.52 101.65 -3.73
CA SER G 265 -46.87 101.61 -2.42
C SER G 265 -47.89 101.95 -1.35
N SER G 266 -48.61 103.05 -1.54
CA SER G 266 -49.66 103.49 -0.61
C SER G 266 -50.66 102.38 -0.23
N TYR G 267 -51.18 101.69 -1.24
CA TYR G 267 -52.14 100.61 -1.03
C TYR G 267 -51.53 99.54 -0.11
N LEU G 268 -50.32 99.09 -0.47
CA LEU G 268 -49.65 98.00 0.25
C LEU G 268 -49.13 98.35 1.65
N THR G 269 -48.52 99.53 1.82
CA THR G 269 -48.06 99.96 3.15
C THR G 269 -49.21 100.21 4.15
N GLY G 270 -50.42 100.33 3.62
CA GLY G 270 -51.61 100.68 4.43
C GLY G 270 -51.85 102.18 4.56
N ALA G 271 -50.90 103.01 4.11
CA ALA G 271 -50.95 104.48 4.24
C ALA G 271 -52.17 105.13 3.57
N TRP G 272 -52.70 104.44 2.56
CA TRP G 272 -53.97 104.78 1.93
C TRP G 272 -54.93 103.60 2.15
N LYS G 273 -56.12 103.91 2.66
CA LYS G 273 -57.18 102.92 2.84
C LYS G 273 -58.07 102.99 1.59
N PRO G 274 -58.39 101.83 1.00
CA PRO G 274 -59.14 101.74 -0.29
C PRO G 274 -60.54 102.38 -0.37
N ASP G 275 -61.12 102.69 0.78
CA ASP G 275 -62.47 103.26 0.86
C ASP G 275 -62.47 104.76 0.64
N THR G 276 -61.30 105.38 0.68
CA THR G 276 -61.16 106.79 0.29
C THR G 276 -60.88 106.85 -1.22
N GLU G 277 -61.02 108.07 -1.75
CA GLU G 277 -60.40 108.43 -3.03
C GLU G 277 -58.92 108.52 -2.70
N HIS G 278 -58.04 108.15 -3.64
CA HIS G 278 -56.61 108.27 -3.36
C HIS G 278 -56.28 109.74 -3.11
N ALA G 279 -55.31 109.97 -2.22
CA ALA G 279 -54.79 111.31 -2.03
C ALA G 279 -54.59 111.98 -3.38
N VAL G 280 -54.07 111.24 -4.35
CA VAL G 280 -53.72 111.75 -5.70
C VAL G 280 -54.85 112.26 -6.61
N ILE G 281 -55.92 111.48 -6.74
CA ILE G 281 -57.06 111.84 -7.62
C ILE G 281 -57.56 113.28 -7.31
N ARG G 282 -57.26 113.73 -6.10
CA ARG G 282 -57.39 115.14 -5.73
C ARG G 282 -56.27 116.04 -6.34
N PHE G 283 -55.02 115.61 -6.23
CA PHE G 283 -53.87 116.37 -6.72
C PHE G 283 -54.02 116.68 -8.23
N LYS G 284 -54.50 115.67 -8.96
CA LYS G 284 -54.75 115.72 -10.42
C LYS G 284 -55.68 116.89 -10.80
N ASN G 285 -56.83 116.94 -10.12
CA ASN G 285 -57.82 118.01 -10.33
C ASN G 285 -57.28 119.36 -9.88
N ASP G 286 -56.37 119.34 -8.90
CA ASP G 286 -55.83 120.55 -8.30
C ASP G 286 -54.59 121.13 -9.03
N GLN G 287 -54.23 120.54 -10.17
CA GLN G 287 -53.13 121.05 -11.00
C GLN G 287 -51.79 121.19 -10.26
N VAL G 288 -51.54 120.26 -9.34
CA VAL G 288 -50.41 120.35 -8.42
C VAL G 288 -49.12 119.77 -9.03
N ASN G 289 -47.97 120.29 -8.56
CA ASN G 289 -46.66 119.82 -9.00
C ASN G 289 -46.35 118.44 -8.36
N TYR G 290 -46.39 117.38 -9.15
CA TYR G 290 -46.17 116.03 -8.61
C TYR G 290 -45.69 114.96 -9.62
N SER G 291 -45.11 113.90 -9.08
CA SER G 291 -44.54 112.79 -9.88
C SER G 291 -45.02 111.39 -9.45
N LEU G 292 -44.88 110.43 -10.36
CA LEU G 292 -45.24 109.03 -10.08
C LEU G 292 -44.00 108.15 -9.92
N ASN G 293 -43.95 107.41 -8.82
CA ASN G 293 -42.77 106.66 -8.45
C ASN G 293 -43.12 105.21 -8.12
N THR G 294 -42.14 104.50 -7.57
CA THR G 294 -42.33 103.09 -7.38
C THR G 294 -42.02 102.70 -5.94
N ASP G 295 -41.11 103.44 -5.30
CA ASP G 295 -40.62 103.11 -3.96
C ASP G 295 -39.70 101.84 -4.01
N ASP G 296 -40.23 100.65 -3.69
CA ASP G 296 -39.38 99.45 -3.51
C ASP G 296 -39.95 98.19 -4.20
N PRO G 297 -39.95 98.19 -5.52
CA PRO G 297 -40.44 97.09 -6.36
C PRO G 297 -40.29 95.62 -6.00
N LEU G 298 -39.23 95.26 -5.27
CA LEU G 298 -38.98 93.86 -4.93
C LEU G 298 -40.03 93.36 -3.94
N ILE G 299 -40.38 94.25 -3.01
CA ILE G 299 -41.24 93.95 -1.89
C ILE G 299 -42.71 94.12 -2.28
N PHE G 300 -42.97 94.93 -3.31
CA PHE G 300 -44.33 95.14 -3.82
C PHE G 300 -44.65 94.24 -5.01
N LYS G 301 -43.66 93.46 -5.45
CA LYS G 301 -43.75 92.66 -6.68
C LYS G 301 -44.20 93.46 -7.92
N SER G 302 -43.78 94.72 -8.00
CA SER G 302 -44.27 95.65 -9.00
C SER G 302 -43.20 96.17 -9.94
N THR G 303 -43.63 96.54 -11.13
CA THR G 303 -42.81 97.28 -12.07
C THR G 303 -43.26 98.75 -11.93
N LEU G 304 -42.62 99.68 -12.62
CA LEU G 304 -43.09 101.07 -12.65
C LEU G 304 -44.41 101.17 -13.46
N ASP G 305 -44.65 100.17 -14.30
CA ASP G 305 -45.90 100.04 -15.06
C ASP G 305 -47.14 99.87 -14.17
N THR G 306 -47.02 99.11 -13.07
CA THR G 306 -48.18 98.81 -12.21
C THR G 306 -48.74 100.06 -11.49
N ASP G 307 -47.88 101.03 -11.20
CA ASP G 307 -48.34 102.30 -10.63
C ASP G 307 -49.15 103.13 -11.65
N TYR G 308 -48.88 102.93 -12.95
CA TYR G 308 -49.55 103.63 -14.07
C TYR G 308 -50.83 102.92 -14.56
N GLN G 309 -50.82 101.60 -14.50
CA GLN G 309 -52.00 100.77 -14.78
C GLN G 309 -53.08 101.02 -13.74
N MET G 310 -52.63 101.24 -12.50
CA MET G 310 -53.51 101.51 -11.36
C MET G 310 -54.16 102.88 -11.53
N THR G 311 -53.34 103.91 -11.66
CA THR G 311 -53.85 105.27 -11.84
C THR G 311 -54.74 105.43 -13.07
N LYS G 312 -54.36 104.76 -14.16
CA LYS G 312 -55.18 104.78 -15.38
C LYS G 312 -56.55 104.12 -15.17
N LYS G 313 -56.56 102.91 -14.64
CA LYS G 313 -57.80 102.15 -14.40
C LYS G 313 -58.53 102.52 -13.10
N ASP G 314 -57.83 102.43 -11.99
CA ASP G 314 -58.43 102.71 -10.69
C ASP G 314 -58.77 104.19 -10.53
N MET G 315 -58.38 105.04 -11.47
CA MET G 315 -58.76 106.47 -11.39
C MET G 315 -58.87 107.29 -12.70
N GLY G 316 -59.13 106.61 -13.81
CA GLY G 316 -59.38 107.26 -15.11
C GLY G 316 -58.37 108.30 -15.55
N PHE G 317 -57.09 107.98 -15.43
CA PHE G 317 -56.01 108.90 -15.83
C PHE G 317 -55.76 108.82 -17.35
N THR G 318 -55.56 109.98 -17.97
CA THR G 318 -55.33 110.07 -19.43
C THR G 318 -53.86 110.26 -19.82
N GLU G 319 -53.57 110.02 -21.10
CA GLU G 319 -52.24 110.25 -21.65
C GLU G 319 -51.81 111.73 -21.54
N GLU G 320 -52.79 112.64 -21.50
CA GLU G 320 -52.48 114.08 -21.43
C GLU G 320 -52.02 114.42 -20.01
N GLU G 321 -52.59 113.77 -19.01
CA GLU G 321 -52.19 113.97 -17.62
C GLU G 321 -50.77 113.43 -17.41
N PHE G 322 -50.57 112.17 -17.79
CA PHE G 322 -49.26 111.53 -17.65
C PHE G 322 -48.11 112.39 -18.18
N LYS G 323 -48.30 112.95 -19.36
CA LYS G 323 -47.26 113.75 -20.01
C LYS G 323 -46.82 114.92 -19.16
N ARG G 324 -47.77 115.64 -18.56
CA ARG G 324 -47.45 116.84 -17.80
C ARG G 324 -46.86 116.64 -16.39
N LEU G 325 -47.15 115.53 -15.74
CA LEU G 325 -46.60 115.28 -14.39
C LEU G 325 -45.16 114.74 -14.48
N ASN G 326 -44.80 114.20 -15.65
CA ASN G 326 -43.40 113.85 -15.93
C ASN G 326 -42.61 115.12 -16.20
N ILE G 327 -43.25 116.12 -16.80
CA ILE G 327 -42.60 117.43 -17.06
C ILE G 327 -42.30 118.07 -15.70
N ASN G 328 -43.27 117.95 -14.80
CA ASN G 328 -43.13 118.38 -13.42
C ASN G 328 -41.96 117.66 -12.74
N ALA G 329 -41.93 116.33 -12.91
CA ALA G 329 -40.86 115.50 -12.36
C ALA G 329 -39.51 116.03 -12.86
N ALA G 330 -39.41 116.23 -14.18
CA ALA G 330 -38.19 116.74 -14.78
C ALA G 330 -37.88 118.16 -14.33
N LYS G 331 -38.93 118.97 -14.12
CA LYS G 331 -38.77 120.32 -13.57
C LYS G 331 -38.21 120.31 -12.14
N SER G 332 -38.89 119.56 -11.27
CA SER G 332 -38.52 119.50 -9.86
C SER G 332 -37.23 118.71 -9.58
N SER G 333 -36.75 117.98 -10.58
CA SER G 333 -35.54 117.15 -10.47
C SER G 333 -34.33 117.90 -9.89
N PHE G 334 -33.45 117.19 -9.20
CA PHE G 334 -32.24 117.80 -8.62
C PHE G 334 -31.06 117.88 -9.59
N LEU G 335 -31.36 117.94 -10.89
CA LEU G 335 -30.32 118.05 -11.90
C LEU G 335 -29.77 119.47 -11.95
N PRO G 336 -28.45 119.58 -12.13
CA PRO G 336 -27.87 120.83 -12.59
C PRO G 336 -28.76 121.41 -13.68
N GLU G 337 -28.86 122.74 -13.71
CA GLU G 337 -29.79 123.43 -14.59
C GLU G 337 -29.70 123.11 -16.09
N ASP G 338 -28.53 123.34 -16.68
CA ASP G 338 -28.27 123.01 -18.10
C ASP G 338 -28.71 121.59 -18.54
N GLU G 339 -28.45 120.60 -17.70
CA GLU G 339 -28.86 119.22 -17.98
C GLU G 339 -30.35 119.01 -17.74
N LYS G 340 -30.91 119.80 -16.84
CA LYS G 340 -32.35 119.80 -16.60
C LYS G 340 -33.05 120.28 -17.87
N LYS G 341 -32.46 121.28 -18.51
CA LYS G 341 -32.97 121.80 -19.78
C LYS G 341 -33.01 120.72 -20.86
N GLU G 342 -31.89 120.02 -21.05
CA GLU G 342 -31.78 119.02 -22.10
C GLU G 342 -32.65 117.78 -21.82
N LEU G 343 -32.97 117.56 -20.55
CA LEU G 343 -33.89 116.49 -20.18
C LEU G 343 -35.26 116.85 -20.71
N LEU G 344 -35.68 118.08 -20.41
CA LEU G 344 -36.96 118.61 -20.89
C LEU G 344 -37.04 118.58 -22.41
N ASP G 345 -36.01 119.12 -23.06
CA ASP G 345 -35.89 119.00 -24.51
C ASP G 345 -36.20 117.59 -25.03
N LEU G 346 -35.59 116.59 -24.39
CA LEU G 346 -35.81 115.18 -24.75
C LEU G 346 -37.27 114.77 -24.55
N LEU G 347 -37.85 115.28 -23.46
CA LEU G 347 -39.25 114.99 -23.10
C LEU G 347 -40.25 115.60 -24.06
N TYR G 348 -40.15 116.92 -24.26
CA TYR G 348 -41.03 117.65 -25.17
C TYR G 348 -41.07 116.97 -26.55
N LYS G 349 -39.87 116.72 -27.09
CA LYS G 349 -39.73 116.10 -28.41
C LYS G 349 -40.48 114.76 -28.55
N ALA G 350 -40.34 113.87 -27.57
CA ALA G 350 -40.96 112.55 -27.67
C ALA G 350 -42.44 112.60 -27.30
N TYR G 351 -42.87 113.76 -26.82
CA TYR G 351 -44.28 114.03 -26.52
C TYR G 351 -44.99 114.84 -27.61
N ARG G 352 -44.25 115.58 -28.44
CA ARG G 352 -44.86 116.54 -29.38
C ARG G 352 -45.52 117.70 -28.61
N MET G 353 -44.75 118.75 -28.38
CA MET G 353 -45.26 120.00 -27.77
C MET G 353 -44.21 121.08 -28.05
N PRO G 354 -44.39 122.31 -27.57
CA PRO G 354 -43.34 123.35 -27.65
C PRO G 354 -41.81 123.04 -27.74
N SER G 355 -41.10 123.95 -28.38
CA SER G 355 -39.66 123.89 -28.64
C SER G 355 -39.38 124.95 -29.71
N THR H 4 23.75 27.71 32.59
CA THR H 4 23.03 28.39 33.71
C THR H 4 21.54 28.00 34.01
N PRO H 5 20.89 27.10 33.28
CA PRO H 5 19.60 26.57 33.72
C PRO H 5 19.62 26.36 35.19
N ALA H 6 18.52 26.65 35.87
CA ALA H 6 18.57 26.31 37.25
C ALA H 6 18.42 24.80 37.45
N PHE H 7 17.37 24.23 36.85
CA PHE H 7 17.09 22.79 36.98
C PHE H 7 16.55 22.30 35.64
N ASP H 8 17.47 21.88 34.77
CA ASP H 8 17.12 21.57 33.39
C ASP H 8 16.52 20.19 33.21
N LYS H 9 15.41 19.92 33.89
CA LYS H 9 14.75 18.64 33.78
C LYS H 9 13.23 18.87 33.85
N PRO H 10 12.45 17.87 33.44
CA PRO H 10 11.01 17.84 33.67
C PRO H 10 10.54 18.37 35.02
N LYS H 11 9.65 19.36 34.99
CA LYS H 11 9.06 19.94 36.20
C LYS H 11 7.54 19.75 36.24
N VAL H 12 6.97 19.98 37.42
CA VAL H 12 5.51 20.00 37.59
C VAL H 12 5.15 21.34 38.23
N GLU H 13 4.03 21.92 37.81
CA GLU H 13 3.53 23.17 38.39
C GLU H 13 2.05 23.04 38.76
N LEU H 14 1.72 23.43 39.99
CA LEU H 14 0.35 23.30 40.51
C LEU H 14 -0.36 24.64 40.80
N HIS H 15 0.40 25.72 40.97
CA HIS H 15 -0.15 27.00 41.39
C HIS H 15 0.26 28.15 40.47
N VAL H 16 -0.54 28.39 39.45
CA VAL H 16 -0.33 29.50 38.52
C VAL H 16 -1.67 30.05 38.01
N HIS H 17 -1.78 31.38 37.96
CA HIS H 17 -3.03 32.05 37.58
C HIS H 17 -3.02 32.45 36.10
N LEU H 18 -4.10 32.12 35.39
CA LEU H 18 -4.25 32.44 33.97
C LEU H 18 -4.31 33.95 33.72
N ASP H 19 -5.17 34.64 34.48
CA ASP H 19 -5.23 36.10 34.42
C ASP H 19 -3.86 36.71 34.70
N GLY H 20 -3.03 35.99 35.46
CA GLY H 20 -1.70 36.45 35.81
C GLY H 20 -0.59 36.11 34.83
N ALA H 21 -0.91 35.31 33.81
CA ALA H 21 0.10 34.81 32.88
C ALA H 21 -0.20 35.07 31.40
N ILE H 22 -0.48 36.33 31.07
CA ILE H 22 -0.86 36.69 29.69
C ILE H 22 0.30 37.38 28.98
N LYS H 23 0.37 37.18 27.67
CA LYS H 23 1.40 37.82 26.85
C LYS H 23 1.10 39.31 26.67
N PRO H 24 2.09 40.18 26.89
CA PRO H 24 1.96 41.62 26.59
C PRO H 24 1.49 41.95 25.18
N GLU H 25 1.90 41.13 24.20
CA GLU H 25 1.61 41.38 22.79
C GLU H 25 0.13 41.22 22.46
N THR H 26 -0.51 40.24 23.10
CA THR H 26 -1.88 39.89 22.74
C THR H 26 -2.89 40.67 23.59
N ILE H 27 -2.38 41.34 24.63
CA ILE H 27 -3.18 42.32 25.37
C ILE H 27 -3.26 43.53 24.47
N LEU H 28 -2.08 43.93 24.00
CA LEU H 28 -1.91 45.06 23.10
C LEU H 28 -2.76 44.90 21.84
N TYR H 29 -2.77 43.69 21.30
CA TYR H 29 -3.55 43.38 20.11
C TYR H 29 -5.04 43.56 20.33
N TYR H 30 -5.55 43.03 21.43
CA TYR H 30 -6.98 43.08 21.71
C TYR H 30 -7.44 44.46 22.16
N GLY H 31 -6.52 45.21 22.74
CA GLY H 31 -6.78 46.61 23.09
C GLY H 31 -7.08 47.42 21.83
N LYS H 32 -6.11 47.44 20.92
CA LYS H 32 -6.28 48.10 19.63
C LYS H 32 -7.59 47.72 18.95
N ARG H 33 -7.82 46.42 18.81
CA ARG H 33 -8.99 45.93 18.11
C ARG H 33 -10.29 46.42 18.70
N ARG H 34 -10.36 46.41 20.03
CA ARG H 34 -11.58 46.79 20.74
C ARG H 34 -11.69 48.28 21.04
N GLY H 35 -10.59 49.00 20.83
CA GLY H 35 -10.51 50.43 21.18
C GLY H 35 -10.57 50.61 22.67
N ILE H 36 -9.81 49.79 23.39
CA ILE H 36 -9.70 49.89 24.85
C ILE H 36 -8.34 50.51 25.17
N ALA H 37 -8.37 51.62 25.90
CA ALA H 37 -7.16 52.39 26.15
C ALA H 37 -6.17 51.67 27.07
N LEU H 38 -4.89 51.91 26.83
CA LEU H 38 -3.82 51.18 27.49
C LEU H 38 -2.65 52.11 27.82
N PRO H 39 -2.09 51.98 29.02
CA PRO H 39 -0.93 52.79 29.44
C PRO H 39 0.30 52.86 28.52
N ALA H 40 0.48 51.88 27.64
CA ALA H 40 1.62 51.87 26.74
C ALA H 40 1.26 51.45 25.32
N ASP H 41 2.29 51.36 24.48
CA ASP H 41 2.09 51.09 23.06
C ASP H 41 3.07 50.07 22.48
N THR H 42 4.25 49.93 23.09
CA THR H 42 5.16 48.85 22.74
C THR H 42 4.77 47.66 23.62
N PRO H 43 4.84 46.45 23.06
CA PRO H 43 4.59 45.24 23.84
C PRO H 43 5.64 45.19 24.94
N GLU H 44 6.82 45.73 24.62
CA GLU H 44 7.97 45.70 25.49
C GLU H 44 7.78 46.58 26.75
N GLU H 45 7.72 47.89 26.56
CA GLU H 45 7.63 48.81 27.70
C GLU H 45 6.31 48.73 28.46
N LEU H 46 5.36 47.99 27.90
CA LEU H 46 4.12 47.68 28.60
C LEU H 46 4.37 46.72 29.76
N LEU H 47 5.29 45.78 29.58
CA LEU H 47 5.61 44.77 30.62
C LEU H 47 6.08 45.51 31.86
N ASN H 48 6.85 46.58 31.64
CA ASN H 48 7.37 47.41 32.73
C ASN H 48 6.33 48.19 33.53
N ILE H 49 5.26 48.62 32.87
CA ILE H 49 4.17 49.34 33.55
C ILE H 49 3.27 48.37 34.34
N ILE H 50 3.21 47.13 33.89
CA ILE H 50 2.41 46.12 34.59
C ILE H 50 3.28 45.35 35.58
N GLY H 51 4.56 45.22 35.26
CA GLY H 51 5.48 44.43 36.07
C GLY H 51 6.17 45.15 37.22
N MET H 52 6.46 44.39 38.27
CA MET H 52 7.15 44.90 39.45
C MET H 52 8.58 44.33 39.48
N ASP H 53 9.46 45.04 40.19
CA ASP H 53 10.81 44.56 40.52
C ASP H 53 11.17 44.85 42.00
N LYS H 54 10.61 45.95 42.52
CA LYS H 54 10.72 46.28 43.94
C LYS H 54 9.59 45.48 44.60
N PRO H 55 9.73 45.16 45.89
CA PRO H 55 8.68 44.41 46.60
C PRO H 55 7.54 45.27 47.19
N LEU H 56 6.90 46.09 46.34
CA LEU H 56 5.68 46.86 46.70
C LEU H 56 4.47 45.90 46.93
N THR H 57 3.56 46.27 47.84
CA THR H 57 2.69 45.30 48.55
C THR H 57 1.28 45.07 47.96
N LEU H 58 0.54 44.14 48.59
CA LEU H 58 -0.76 43.63 48.06
C LEU H 58 -1.85 44.65 47.61
N PRO H 59 -1.92 45.82 48.23
CA PRO H 59 -2.70 46.95 47.67
C PRO H 59 -2.31 47.40 46.25
N ASP H 60 -1.06 47.86 46.09
CA ASP H 60 -0.56 48.36 44.79
C ASP H 60 -0.26 47.23 43.75
N PHE H 61 -0.43 45.98 44.19
CA PHE H 61 -0.31 44.79 43.31
C PHE H 61 -1.61 44.48 42.56
N LEU H 62 -2.72 44.34 43.30
CA LEU H 62 -4.05 44.18 42.71
C LEU H 62 -4.45 45.30 41.72
N ALA H 63 -3.78 46.45 41.85
CA ALA H 63 -3.97 47.59 40.93
C ALA H 63 -3.43 47.33 39.52
N LYS H 64 -2.48 46.41 39.41
CA LYS H 64 -1.83 46.08 38.14
C LYS H 64 -2.79 45.36 37.19
N PHE H 65 -3.77 44.67 37.77
CA PHE H 65 -4.80 43.98 36.99
C PHE H 65 -5.70 44.93 36.19
N ASP H 66 -5.95 46.12 36.74
CA ASP H 66 -6.84 47.09 36.10
C ASP H 66 -6.27 47.59 34.79
N TYR H 67 -4.95 47.59 34.70
CA TYR H 67 -4.24 47.99 33.48
C TYR H 67 -4.69 47.22 32.24
N TYR H 68 -4.73 45.89 32.34
CA TYR H 68 -4.94 45.04 31.16
C TYR H 68 -6.25 44.27 31.09
N MET H 69 -6.72 43.76 32.23
CA MET H 69 -7.92 42.92 32.25
C MET H 69 -9.13 43.41 31.46
N PRO H 70 -9.41 44.71 31.46
CA PRO H 70 -10.48 45.25 30.62
C PRO H 70 -10.37 44.87 29.12
N ALA H 71 -9.15 44.75 28.62
CA ALA H 71 -8.90 44.40 27.21
C ALA H 71 -9.18 42.95 26.90
N ILE H 72 -8.98 42.06 27.86
CA ILE H 72 -9.19 40.62 27.65
C ILE H 72 -10.64 40.18 27.91
N ALA H 73 -11.20 40.60 29.04
CA ALA H 73 -12.58 40.27 29.40
C ALA H 73 -13.54 40.51 28.23
N GLY H 74 -14.71 39.89 28.28
CA GLY H 74 -15.75 40.23 27.31
C GLY H 74 -15.80 39.49 25.98
N CYS H 75 -14.84 39.74 25.10
CA CYS H 75 -14.89 39.14 23.76
C CYS H 75 -14.26 37.76 23.82
N ARG H 76 -15.02 36.78 23.34
CA ARG H 76 -14.71 35.35 23.49
C ARG H 76 -13.32 34.89 23.07
N ASP H 77 -12.82 35.48 21.99
CA ASP H 77 -11.58 35.02 21.35
C ASP H 77 -10.38 35.19 22.26
N ALA H 78 -10.31 36.36 22.91
CA ALA H 78 -9.23 36.68 23.84
C ALA H 78 -9.08 35.56 24.87
N ILE H 79 -10.20 34.99 25.26
CA ILE H 79 -10.25 33.93 26.27
C ILE H 79 -9.60 32.66 25.73
N LYS H 80 -10.17 32.16 24.64
CA LYS H 80 -9.72 30.89 24.09
C LYS H 80 -8.23 30.94 23.74
N ARG H 81 -7.75 32.14 23.41
CA ARG H 81 -6.38 32.33 22.97
C ARG H 81 -5.34 32.43 24.11
N ILE H 82 -5.67 33.17 25.16
CA ILE H 82 -4.74 33.28 26.30
C ILE H 82 -4.44 31.91 26.90
N ALA H 83 -5.48 31.10 27.05
CA ALA H 83 -5.33 29.72 27.52
C ALA H 83 -4.37 28.88 26.65
N TYR H 84 -4.54 28.97 25.34
CA TYR H 84 -3.68 28.29 24.37
C TYR H 84 -2.25 28.83 24.36
N GLU H 85 -2.11 30.16 24.32
CA GLU H 85 -0.78 30.79 24.44
C GLU H 85 -0.10 30.47 25.77
N PHE H 86 -0.89 30.21 26.80
CA PHE H 86 -0.36 29.84 28.11
C PHE H 86 0.33 28.48 28.09
N VAL H 87 -0.37 27.46 27.61
CA VAL H 87 0.18 26.10 27.54
C VAL H 87 1.55 26.12 26.90
N GLU H 88 1.67 26.93 25.86
CA GLU H 88 2.93 27.10 25.15
C GLU H 88 4.05 27.70 26.01
N MET H 89 3.74 28.68 26.85
CA MET H 89 4.77 29.33 27.66
C MET H 89 5.26 28.41 28.78
N LYS H 90 4.42 27.46 29.18
CA LYS H 90 4.83 26.44 30.14
C LYS H 90 5.72 25.41 29.48
N ALA H 91 5.40 25.01 28.26
CA ALA H 91 6.28 24.17 27.49
C ALA H 91 7.63 24.86 27.22
N LYS H 92 7.66 26.20 27.26
CA LYS H 92 8.92 26.95 27.14
C LYS H 92 9.82 26.77 28.37
N ASP H 93 9.20 26.63 29.55
CA ASP H 93 9.93 26.21 30.75
C ASP H 93 10.00 24.70 30.68
N GLY H 94 10.45 24.05 31.74
CA GLY H 94 10.52 22.58 31.73
C GLY H 94 9.20 21.83 31.78
N VAL H 95 8.12 22.55 32.03
CA VAL H 95 6.89 21.95 32.57
C VAL H 95 6.22 20.87 31.72
N VAL H 96 6.02 19.72 32.35
CA VAL H 96 5.44 18.52 31.75
C VAL H 96 4.00 18.28 32.20
N TYR H 97 3.61 18.96 33.28
CA TYR H 97 2.24 18.92 33.75
C TYR H 97 1.94 20.20 34.51
N VAL H 98 0.82 20.84 34.18
CA VAL H 98 0.35 22.02 34.89
C VAL H 98 -1.11 21.95 35.26
N GLU H 99 -1.41 22.55 36.41
CA GLU H 99 -2.77 22.90 36.76
C GLU H 99 -2.85 24.43 36.76
N VAL H 100 -3.88 24.96 36.11
CA VAL H 100 -4.10 26.42 36.01
C VAL H 100 -5.39 26.86 36.68
N ARG H 101 -5.32 28.04 37.31
CA ARG H 101 -6.46 28.58 38.00
C ARG H 101 -6.81 29.97 37.51
N TYR H 102 -8.11 30.21 37.40
CA TYR H 102 -8.63 31.51 36.99
C TYR H 102 -10.06 31.61 37.57
N SER H 103 -10.56 32.82 37.73
CA SER H 103 -11.97 33.01 38.05
C SER H 103 -12.78 33.15 36.77
N PRO H 104 -13.67 32.20 36.50
CA PRO H 104 -14.53 32.28 35.32
C PRO H 104 -15.43 33.50 35.29
N HIS H 105 -15.83 33.99 36.47
CA HIS H 105 -16.67 35.18 36.58
C HIS H 105 -15.94 36.47 36.22
N LEU H 106 -14.64 36.50 36.48
CA LEU H 106 -13.84 37.69 36.21
C LEU H 106 -13.59 37.94 34.73
N LEU H 107 -13.90 36.97 33.88
CA LEU H 107 -13.76 37.13 32.41
C LEU H 107 -15.09 37.32 31.69
N ALA H 108 -16.20 37.09 32.39
CA ALA H 108 -17.51 37.20 31.81
C ALA H 108 -18.01 38.65 31.87
N ASN H 109 -19.01 38.96 31.06
CA ASN H 109 -19.73 40.21 31.19
C ASN H 109 -21.25 40.09 31.03
N SER H 110 -21.78 38.87 30.94
CA SER H 110 -23.23 38.64 31.02
C SER H 110 -23.57 37.55 32.06
N LYS H 111 -24.56 37.84 32.89
CA LYS H 111 -24.98 36.96 34.02
C LYS H 111 -24.00 36.92 35.21
N VAL H 112 -23.47 38.10 35.55
CA VAL H 112 -22.51 38.25 36.66
C VAL H 112 -22.85 39.41 37.64
N GLU H 113 -22.71 39.12 38.93
CA GLU H 113 -23.45 39.82 40.00
C GLU H 113 -23.13 41.33 40.18
N PRO H 114 -21.88 41.67 40.47
CA PRO H 114 -21.27 42.90 39.92
C PRO H 114 -20.79 42.60 38.49
N ILE H 115 -20.54 43.62 37.67
CA ILE H 115 -20.00 43.40 36.32
C ILE H 115 -18.54 43.88 36.22
N PRO H 116 -17.62 42.91 36.18
CA PRO H 116 -16.22 43.13 36.51
C PRO H 116 -15.37 43.87 35.49
N TRP H 117 -14.29 44.48 35.96
CA TRP H 117 -13.46 45.36 35.16
C TRP H 117 -14.22 46.56 34.55
N ASN H 118 -15.44 46.79 35.04
CA ASN H 118 -16.20 48.01 34.76
C ASN H 118 -16.66 48.14 33.30
N GLN H 119 -16.93 46.98 32.71
CA GLN H 119 -17.30 46.89 31.32
C GLN H 119 -18.81 46.95 31.32
N ALA H 120 -19.38 47.30 30.17
CA ALA H 120 -20.82 47.24 30.00
C ALA H 120 -21.26 45.78 29.88
N GLU H 121 -22.58 45.56 30.00
CA GLU H 121 -23.17 44.32 29.54
C GLU H 121 -22.74 44.23 28.10
N GLY H 122 -22.46 43.04 27.57
CA GLY H 122 -22.74 41.79 28.25
C GLY H 122 -23.31 40.75 27.28
N ASP H 123 -22.43 39.83 26.87
CA ASP H 123 -22.83 38.73 26.01
C ASP H 123 -22.22 37.40 26.45
N LEU H 124 -21.03 37.50 27.02
CA LEU H 124 -20.26 36.34 27.47
C LEU H 124 -20.65 35.89 28.88
N THR H 125 -21.36 34.77 28.93
CA THR H 125 -21.77 34.16 30.20
C THR H 125 -20.57 33.40 30.79
N PRO H 126 -20.47 33.24 32.12
CA PRO H 126 -19.31 32.55 32.71
C PRO H 126 -19.16 31.05 32.34
N ASP H 127 -20.26 30.40 31.94
CA ASP H 127 -20.22 28.99 31.52
C ASP H 127 -19.73 28.84 30.05
N GLU H 128 -20.05 29.83 29.22
CA GLU H 128 -19.50 29.94 27.88
C GLU H 128 -18.01 30.15 28.04
N VAL H 129 -17.63 30.88 29.10
CA VAL H 129 -16.22 31.15 29.39
C VAL H 129 -15.37 29.93 29.70
N VAL H 130 -15.87 29.09 30.59
CA VAL H 130 -15.14 27.86 30.94
C VAL H 130 -15.00 27.03 29.66
N SER H 131 -16.14 26.82 28.98
CA SER H 131 -16.19 26.27 27.61
C SER H 131 -14.97 26.67 26.77
N LEU H 132 -14.79 27.97 26.57
CA LEU H 132 -13.69 28.50 25.78
C LEU H 132 -12.32 28.16 26.34
N VAL H 133 -12.17 28.30 27.65
CA VAL H 133 -10.88 28.12 28.29
C VAL H 133 -10.47 26.64 28.22
N ASN H 134 -11.48 25.78 28.25
CA ASN H 134 -11.28 24.32 28.10
C ASN H 134 -10.77 23.95 26.69
N GLN H 135 -11.44 24.49 25.67
CA GLN H 135 -11.04 24.34 24.27
C GLN H 135 -9.62 24.88 24.04
N GLY H 136 -9.27 25.97 24.73
CA GLY H 136 -7.96 26.57 24.59
C GLY H 136 -6.87 25.63 25.09
N LEU H 137 -7.11 25.05 26.26
CA LEU H 137 -6.11 24.25 26.95
C LEU H 137 -5.95 22.91 26.26
N GLN H 138 -7.08 22.33 25.88
CA GLN H 138 -7.10 21.05 25.19
C GLN H 138 -6.26 21.09 23.92
N GLU H 139 -6.43 22.17 23.15
CA GLU H 139 -5.64 22.38 21.94
C GLU H 139 -4.14 22.55 22.21
N GLY H 140 -3.81 23.23 23.31
CA GLY H 140 -2.41 23.38 23.73
C GLY H 140 -1.83 22.07 24.25
N GLU H 141 -2.48 21.49 25.25
CA GLU H 141 -2.12 20.16 25.80
C GLU H 141 -1.67 19.24 24.68
N ARG H 142 -2.41 19.31 23.57
CA ARG H 142 -2.13 18.57 22.34
C ARG H 142 -0.95 19.09 21.50
N ASP H 143 -0.96 20.37 21.20
CA ASP H 143 -0.03 20.93 20.23
C ASP H 143 1.42 21.13 20.72
N PHE H 144 1.54 21.53 21.98
CA PHE H 144 2.85 21.81 22.61
C PHE H 144 3.28 20.71 23.58
N GLY H 145 2.47 19.66 23.68
CA GLY H 145 2.81 18.47 24.44
C GLY H 145 3.09 18.63 25.92
N VAL H 146 2.22 19.34 26.63
CA VAL H 146 2.23 19.34 28.10
C VAL H 146 0.83 18.98 28.58
N LYS H 147 0.74 18.07 29.54
CA LYS H 147 -0.54 17.67 30.10
C LYS H 147 -1.07 18.86 30.90
N VAL H 148 -2.35 19.18 30.71
CA VAL H 148 -2.91 20.39 31.32
C VAL H 148 -4.32 20.21 31.84
N ARG H 149 -4.50 20.49 33.13
CA ARG H 149 -5.80 20.47 33.77
C ARG H 149 -6.01 21.84 34.42
N SER H 150 -7.26 22.23 34.63
CA SER H 150 -7.60 23.57 35.13
C SER H 150 -8.30 23.57 36.50
N ILE H 151 -8.27 24.71 37.16
CA ILE H 151 -8.84 24.88 38.50
C ILE H 151 -9.68 26.16 38.57
N LEU H 152 -10.96 26.03 38.93
CA LEU H 152 -11.84 27.18 39.00
C LEU H 152 -11.84 27.88 40.36
N CYS H 153 -11.66 29.20 40.35
CA CYS H 153 -11.61 29.99 41.58
C CYS H 153 -12.89 30.63 42.09
N CYS H 154 -13.07 30.54 43.41
CA CYS H 154 -14.02 31.37 44.15
C CYS H 154 -13.26 32.59 44.68
N MET H 155 -13.94 33.72 44.72
CA MET H 155 -13.35 34.95 45.21
C MET H 155 -13.84 35.15 46.64
N ARG H 156 -12.95 35.59 47.51
CA ARG H 156 -13.24 35.68 48.96
C ARG H 156 -14.28 36.75 49.30
N HIS H 157 -14.16 37.93 48.68
CA HIS H 157 -15.15 39.01 48.87
C HIS H 157 -16.50 38.79 48.16
N GLN H 158 -16.61 37.71 47.39
CA GLN H 158 -17.83 37.40 46.64
C GLN H 158 -18.30 35.95 46.84
N PRO H 159 -18.77 35.62 48.03
CA PRO H 159 -19.25 34.25 48.34
C PRO H 159 -20.52 33.85 47.60
N SER H 160 -21.20 34.85 47.05
CA SER H 160 -22.36 34.68 46.17
C SER H 160 -22.08 33.76 44.97
N TRP H 161 -20.97 34.04 44.29
CA TRP H 161 -20.55 33.33 43.08
C TRP H 161 -20.17 31.85 43.28
N SER H 162 -19.55 31.55 44.42
CA SER H 162 -18.99 30.23 44.71
C SER H 162 -19.94 29.02 44.61
N SER H 163 -21.23 29.31 44.47
CA SER H 163 -22.24 28.29 44.21
C SER H 163 -22.15 27.68 42.80
N GLU H 164 -22.03 28.55 41.80
CA GLU H 164 -21.96 28.13 40.40
C GLU H 164 -20.55 27.70 40.06
N VAL H 165 -19.56 28.25 40.77
CA VAL H 165 -18.15 27.86 40.57
C VAL H 165 -18.01 26.35 40.74
N VAL H 166 -18.48 25.83 41.87
CA VAL H 166 -18.45 24.38 42.10
C VAL H 166 -19.40 23.58 41.19
N GLU H 167 -20.45 24.23 40.69
CA GLU H 167 -21.43 23.58 39.82
C GLU H 167 -20.83 23.38 38.43
N LEU H 168 -20.13 24.41 37.97
CA LEU H 168 -19.35 24.34 36.74
C LEU H 168 -18.29 23.26 36.89
N CYS H 169 -17.53 23.31 37.98
CA CYS H 169 -16.53 22.29 38.29
C CYS H 169 -17.02 20.88 38.07
N LYS H 170 -18.28 20.65 38.43
CA LYS H 170 -18.90 19.33 38.30
C LYS H 170 -19.21 18.96 36.85
N LYS H 171 -19.83 19.89 36.12
CA LYS H 171 -20.21 19.62 34.72
C LYS H 171 -19.02 19.54 33.75
N TYR H 172 -17.98 20.34 33.98
CA TYR H 172 -16.75 20.30 33.14
C TYR H 172 -15.66 19.37 33.69
N ARG H 173 -16.04 18.46 34.57
CA ARG H 173 -15.13 17.45 35.13
C ARG H 173 -14.45 16.65 34.03
N GLU H 174 -15.22 16.36 32.98
CA GLU H 174 -14.74 15.60 31.82
C GLU H 174 -13.79 16.38 30.90
N GLN H 175 -13.57 17.66 31.22
CA GLN H 175 -12.79 18.54 30.36
C GLN H 175 -11.86 19.47 31.12
N THR H 176 -10.79 18.92 31.66
CA THR H 176 -9.69 19.73 32.23
C THR H 176 -9.92 20.34 33.62
N VAL H 177 -11.17 20.49 34.05
CA VAL H 177 -11.41 21.04 35.40
C VAL H 177 -11.42 19.88 36.40
N VAL H 178 -10.56 20.01 37.41
CA VAL H 178 -10.31 18.95 38.37
C VAL H 178 -10.49 19.37 39.83
N ALA H 179 -10.47 20.67 40.10
CA ALA H 179 -10.50 21.17 41.48
C ALA H 179 -10.99 22.59 41.66
N ILE H 180 -11.48 22.88 42.85
CA ILE H 180 -11.99 24.22 43.21
C ILE H 180 -11.00 24.94 44.12
N ASP H 181 -10.78 26.23 43.85
CA ASP H 181 -9.83 27.05 44.62
C ASP H 181 -10.62 28.16 45.33
N LEU H 182 -9.90 29.01 46.06
CA LEU H 182 -10.49 30.11 46.80
C LEU H 182 -9.45 31.18 47.05
N ALA H 183 -9.11 31.95 46.02
CA ALA H 183 -8.20 33.09 46.18
C ALA H 183 -9.04 34.31 46.51
N GLY H 184 -8.44 35.50 46.38
CA GLY H 184 -9.12 36.74 46.73
C GLY H 184 -8.40 37.32 47.92
N ASP H 185 -9.14 37.93 48.85
CA ASP H 185 -8.52 38.54 50.05
C ASP H 185 -8.66 37.72 51.35
N GLU H 186 -7.52 37.23 51.83
CA GLU H 186 -7.41 36.48 53.11
C GLU H 186 -7.81 37.25 54.36
N THR H 187 -7.26 38.45 54.51
CA THR H 187 -7.48 39.29 55.70
C THR H 187 -8.83 40.02 55.62
N ILE H 188 -9.83 39.34 55.06
CA ILE H 188 -11.21 39.82 55.12
C ILE H 188 -11.82 39.02 56.27
N GLU H 189 -12.30 39.74 57.27
CA GLU H 189 -12.99 39.17 58.43
C GLU H 189 -13.70 37.81 58.17
N GLY H 190 -13.42 36.84 59.03
CA GLY H 190 -14.05 35.50 59.00
C GLY H 190 -14.55 34.96 57.66
N SER H 191 -13.76 35.15 56.61
CA SER H 191 -14.20 34.82 55.26
C SER H 191 -14.41 33.34 55.09
N SER H 192 -13.44 32.55 55.56
CA SER H 192 -13.50 31.09 55.48
C SER H 192 -14.85 30.50 55.92
N LEU H 193 -15.58 31.25 56.74
CA LEU H 193 -16.84 30.80 57.32
C LEU H 193 -18.10 31.23 56.56
N PHE H 194 -17.98 32.20 55.66
CA PHE H 194 -19.12 32.67 54.86
C PHE H 194 -19.97 31.48 54.38
N PRO H 195 -21.29 31.68 54.31
CA PRO H 195 -22.23 30.56 54.12
C PRO H 195 -22.12 29.89 52.74
N GLY H 196 -22.11 30.71 51.69
CA GLY H 196 -22.05 30.21 50.32
C GLY H 196 -20.73 29.54 49.99
N HIS H 197 -19.65 30.06 50.58
CA HIS H 197 -18.32 29.47 50.43
C HIS H 197 -18.19 28.05 50.99
N VAL H 198 -18.58 27.87 52.25
CA VAL H 198 -18.46 26.58 52.91
C VAL H 198 -19.36 25.51 52.25
N GLN H 199 -20.55 25.93 51.82
CA GLN H 199 -21.51 25.02 51.16
C GLN H 199 -21.07 24.55 49.78
N ALA H 200 -20.19 25.33 49.16
CA ALA H 200 -19.58 24.96 47.88
C ALA H 200 -18.59 23.83 48.14
N TYR H 201 -17.62 24.09 49.02
CA TYR H 201 -16.64 23.08 49.44
C TYR H 201 -17.30 21.82 50.00
N ALA H 202 -18.48 21.97 50.58
CA ALA H 202 -19.31 20.85 51.01
C ALA H 202 -19.75 19.99 49.82
N GLU H 203 -20.32 20.67 48.81
CA GLU H 203 -20.69 20.01 47.56
C GLU H 203 -19.49 19.40 46.83
N ALA H 204 -18.34 20.06 46.94
CA ALA H 204 -17.09 19.55 46.37
C ALA H 204 -16.76 18.16 46.93
N VAL H 205 -16.71 18.07 48.26
CA VAL H 205 -16.45 16.81 48.95
C VAL H 205 -17.52 15.78 48.59
N LYS H 206 -18.77 16.20 48.66
CA LYS H 206 -19.91 15.35 48.34
C LYS H 206 -19.95 14.89 46.86
N SER H 207 -19.22 15.56 45.98
CA SER H 207 -19.25 15.25 44.54
C SER H 207 -17.95 14.74 43.89
N GLY H 208 -16.88 14.61 44.67
CA GLY H 208 -15.62 14.09 44.16
C GLY H 208 -14.65 15.15 43.63
N VAL H 209 -15.05 16.42 43.73
CA VAL H 209 -14.26 17.54 43.23
C VAL H 209 -13.14 17.94 44.19
N HIS H 210 -11.90 17.75 43.76
CA HIS H 210 -10.74 18.04 44.62
C HIS H 210 -10.70 19.51 45.05
N ARG H 211 -9.94 19.79 46.10
CA ARG H 211 -10.01 21.09 46.78
C ARG H 211 -8.65 21.65 47.16
N THR H 212 -8.38 22.88 46.73
CA THR H 212 -7.21 23.62 47.23
C THR H 212 -7.70 24.98 47.72
N VAL H 213 -6.87 25.65 48.53
CA VAL H 213 -7.25 26.95 49.07
C VAL H 213 -6.03 27.85 49.21
N HIS H 214 -6.11 29.05 48.65
CA HIS H 214 -5.17 30.14 48.97
C HIS H 214 -5.40 30.47 50.45
N ALA H 215 -4.41 30.18 51.29
CA ALA H 215 -4.49 30.45 52.75
C ALA H 215 -3.14 30.38 53.49
N GLY H 216 -2.84 31.40 54.28
CA GLY H 216 -1.56 31.49 54.98
C GLY H 216 -0.51 32.35 54.30
N GLU H 217 -0.88 32.97 53.18
CA GLU H 217 0.06 33.82 52.39
C GLU H 217 0.46 35.06 53.22
N VAL H 218 -0.54 35.91 53.46
CA VAL H 218 -0.40 37.09 54.29
C VAL H 218 -1.67 37.04 55.15
N GLY H 219 -1.53 36.46 56.34
CA GLY H 219 -2.66 36.16 57.21
C GLY H 219 -2.31 35.09 58.22
N SER H 220 -3.13 34.99 59.26
CA SER H 220 -2.83 34.16 60.42
C SER H 220 -2.82 32.66 60.09
N ALA H 221 -2.18 31.91 60.99
CA ALA H 221 -2.19 30.44 60.93
C ALA H 221 -3.58 29.89 61.22
N ASN H 222 -4.51 30.78 61.58
CA ASN H 222 -5.90 30.40 61.81
C ASN H 222 -6.70 30.35 60.50
N VAL H 223 -6.30 31.20 59.55
CA VAL H 223 -6.87 31.16 58.20
C VAL H 223 -6.64 29.75 57.61
N VAL H 224 -5.42 29.26 57.81
CA VAL H 224 -5.01 27.90 57.40
C VAL H 224 -5.83 26.84 58.14
N LYS H 225 -6.06 27.08 59.43
CA LYS H 225 -6.81 26.16 60.29
C LYS H 225 -8.23 25.93 59.74
N GLU H 226 -8.89 27.03 59.37
CA GLU H 226 -10.25 26.96 58.86
C GLU H 226 -10.31 26.35 57.47
N ALA H 227 -9.29 26.63 56.67
CA ALA H 227 -9.11 25.99 55.36
C ALA H 227 -9.17 24.45 55.47
N VAL H 228 -8.42 23.90 56.43
CA VAL H 228 -8.33 22.45 56.63
C VAL H 228 -9.56 21.85 57.34
N ASP H 229 -10.02 22.52 58.40
CA ASP H 229 -11.08 21.97 59.27
C ASP H 229 -12.49 22.19 58.70
N THR H 230 -12.91 23.44 58.62
CA THR H 230 -14.25 23.78 58.10
C THR H 230 -14.34 23.54 56.58
N LEU H 231 -13.33 24.00 55.85
CA LEU H 231 -13.32 23.93 54.38
C LEU H 231 -12.80 22.64 53.74
N LYS H 232 -12.08 21.83 54.50
CA LYS H 232 -11.61 20.52 54.05
C LYS H 232 -10.73 20.55 52.80
N THR H 233 -9.77 21.47 52.80
CA THR H 233 -8.81 21.58 51.70
C THR H 233 -7.87 20.38 51.68
N GLU H 234 -7.47 19.97 50.47
CA GLU H 234 -6.49 18.90 50.29
C GLU H 234 -5.09 19.45 50.06
N ARG H 235 -5.02 20.71 49.63
CA ARG H 235 -3.75 21.39 49.38
C ARG H 235 -3.87 22.82 49.86
N LEU H 236 -2.72 23.49 49.99
CA LEU H 236 -2.69 24.84 50.52
C LEU H 236 -1.92 25.81 49.65
N GLY H 237 -2.62 26.84 49.17
CA GLY H 237 -2.01 27.90 48.39
C GLY H 237 -1.13 28.72 49.32
N HIS H 238 0.18 28.65 49.06
CA HIS H 238 1.21 29.30 49.87
C HIS H 238 1.44 28.56 51.21
N GLY H 239 0.65 28.92 52.23
CA GLY H 239 0.71 28.30 53.56
C GLY H 239 1.78 28.77 54.55
N TYR H 240 2.35 29.94 54.31
CA TYR H 240 3.62 30.39 54.96
C TYR H 240 3.60 30.74 56.47
N HIS H 241 2.63 31.55 56.88
CA HIS H 241 2.38 31.83 58.31
C HIS H 241 1.60 30.70 58.99
N THR H 242 1.99 29.46 58.72
CA THR H 242 1.54 28.28 59.46
C THR H 242 2.69 27.80 60.36
N LEU H 243 3.88 28.33 60.10
CA LEU H 243 5.02 28.26 61.03
C LEU H 243 4.83 29.28 62.15
N GLU H 244 3.66 29.26 62.77
CA GLU H 244 3.33 30.12 63.92
C GLU H 244 2.31 29.40 64.81
N ASP H 245 2.19 28.10 64.60
CA ASP H 245 1.29 27.25 65.38
C ASP H 245 1.89 25.86 65.16
N THR H 246 2.82 25.49 66.02
CA THR H 246 3.57 24.25 65.84
C THR H 246 2.69 23.00 65.99
N THR H 247 1.58 23.11 66.70
CA THR H 247 0.63 21.99 66.86
C THR H 247 -0.05 21.65 65.54
N LEU H 248 -0.48 22.68 64.83
CA LEU H 248 -1.12 22.54 63.53
C LEU H 248 -0.09 22.16 62.47
N TYR H 249 1.02 22.90 62.42
CA TYR H 249 2.11 22.64 61.48
C TYR H 249 2.55 21.18 61.53
N ASN H 250 2.85 20.70 62.73
CA ASN H 250 3.31 19.31 62.92
C ASN H 250 2.24 18.22 62.78
N ARG H 251 0.97 18.57 62.94
CA ARG H 251 -0.15 17.64 62.69
C ARG H 251 -0.50 17.66 61.19
N LEU H 252 0.01 18.64 60.47
CA LEU H 252 -0.21 18.74 59.03
C LEU H 252 0.84 17.92 58.28
N ARG H 253 2.09 18.02 58.69
CA ARG H 253 3.16 17.16 58.15
C ARG H 253 2.79 15.70 58.44
N GLN H 254 2.15 15.50 59.60
CA GLN H 254 1.62 14.21 60.02
C GLN H 254 0.59 13.60 59.06
N GLU H 255 -0.39 14.42 58.67
CA GLU H 255 -1.46 14.03 57.73
C GLU H 255 -1.07 14.21 56.27
N ASN H 256 0.18 14.63 56.03
CA ASN H 256 0.77 14.73 54.69
C ASN H 256 0.15 15.83 53.82
N MET H 257 0.16 17.06 54.33
CA MET H 257 -0.40 18.19 53.60
C MET H 257 0.60 18.68 52.56
N HIS H 258 0.07 19.12 51.41
CA HIS H 258 0.88 19.71 50.34
C HIS H 258 0.83 21.24 50.40
N PHE H 259 2.00 21.84 50.21
CA PHE H 259 2.12 23.29 50.25
C PHE H 259 2.56 23.78 48.88
N GLU H 260 1.67 24.52 48.22
CA GLU H 260 1.95 25.10 46.90
C GLU H 260 2.72 26.39 47.15
N ILE H 261 4.00 26.40 46.81
CA ILE H 261 4.88 27.51 47.23
C ILE H 261 5.44 28.38 46.12
N CYS H 262 5.32 29.70 46.30
CA CYS H 262 5.75 30.66 45.28
C CYS H 262 6.83 31.62 45.82
N PRO H 263 8.08 31.20 45.73
CA PRO H 263 9.23 31.96 46.27
C PRO H 263 9.39 33.43 45.81
N TRP H 264 9.38 33.63 44.49
CA TRP H 264 9.59 34.96 43.92
C TRP H 264 8.32 35.81 44.12
N SER H 265 7.17 35.15 44.11
CA SER H 265 5.89 35.81 44.40
C SER H 265 5.91 36.41 45.80
N SER H 266 6.32 35.58 46.77
CA SER H 266 6.45 36.02 48.17
C SER H 266 7.25 37.30 48.36
N TYR H 267 8.43 37.36 47.73
CA TYR H 267 9.29 38.54 47.82
C TYR H 267 8.51 39.78 47.32
N LEU H 268 7.94 39.67 46.13
CA LEU H 268 7.25 40.80 45.49
C LEU H 268 5.93 41.22 46.13
N THR H 269 5.08 40.28 46.53
CA THR H 269 3.81 40.61 47.20
C THR H 269 4.02 41.24 48.59
N GLY H 270 5.23 41.10 49.12
CA GLY H 270 5.55 41.54 50.48
C GLY H 270 5.28 40.51 51.57
N ALA H 271 4.64 39.40 51.21
CA ALA H 271 4.25 38.32 52.17
C ALA H 271 5.42 37.69 52.92
N TRP H 272 6.60 37.76 52.31
CA TRP H 272 7.86 37.40 52.95
C TRP H 272 8.74 38.65 52.99
N LYS H 273 9.25 38.96 54.17
CA LYS H 273 10.19 40.07 54.34
C LYS H 273 11.62 39.50 54.25
N PRO H 274 12.49 40.14 53.47
CA PRO H 274 13.85 39.61 53.19
C PRO H 274 14.81 39.37 54.37
N ASP H 275 14.49 39.92 55.53
CA ASP H 275 15.32 39.81 56.72
C ASP H 275 15.10 38.52 57.48
N THR H 276 14.03 37.80 57.13
CA THR H 276 13.82 36.45 57.62
C THR H 276 14.51 35.45 56.68
N GLU H 277 14.65 34.22 57.18
CA GLU H 277 14.87 33.06 56.33
C GLU H 277 13.53 32.86 55.64
N HIS H 278 13.56 32.43 54.38
CA HIS H 278 12.33 32.14 53.65
C HIS H 278 11.50 31.11 54.43
N ALA H 279 10.17 31.15 54.28
CA ALA H 279 9.32 30.13 54.88
C ALA H 279 9.65 28.73 54.31
N VAL H 280 10.17 28.71 53.08
CA VAL H 280 10.49 27.46 52.37
C VAL H 280 11.76 26.75 52.86
N ILE H 281 12.76 27.49 53.31
CA ILE H 281 14.04 26.86 53.74
C ILE H 281 13.82 25.85 54.88
N ARG H 282 13.24 26.28 56.01
CA ARG H 282 12.91 25.34 57.10
C ARG H 282 11.56 24.72 56.79
N PHE H 283 11.62 23.61 56.05
CA PHE H 283 10.51 23.09 55.24
C PHE H 283 11.23 22.10 54.33
N LYS H 284 12.25 22.62 53.64
CA LYS H 284 13.31 21.79 53.01
C LYS H 284 13.95 20.88 54.04
N ASN H 285 14.41 21.48 55.14
CA ASN H 285 15.02 20.73 56.26
C ASN H 285 14.01 19.82 56.97
N ASP H 286 12.73 20.21 56.92
CA ASP H 286 11.66 19.50 57.61
C ASP H 286 11.02 18.36 56.79
N GLN H 287 11.58 18.08 55.61
CA GLN H 287 11.14 16.94 54.77
C GLN H 287 9.64 16.98 54.41
N VAL H 288 9.12 18.19 54.22
CA VAL H 288 7.68 18.41 54.07
C VAL H 288 7.21 18.22 52.63
N ASN H 289 5.95 17.83 52.47
CA ASN H 289 5.33 17.67 51.15
C ASN H 289 5.03 19.05 50.52
N TYR H 290 5.80 19.43 49.50
CA TYR H 290 5.61 20.75 48.88
C TYR H 290 6.13 20.89 47.44
N SER H 291 5.62 21.92 46.76
CA SER H 291 5.95 22.20 45.36
C SER H 291 6.39 23.65 45.08
N LEU H 292 7.07 23.83 43.95
CA LEU H 292 7.50 25.17 43.50
C LEU H 292 6.68 25.68 42.31
N ASN H 293 6.17 26.89 42.46
CA ASN H 293 5.22 27.45 41.50
C ASN H 293 5.61 28.89 41.13
N THR H 294 4.65 29.66 40.62
CA THR H 294 4.96 30.97 40.07
C THR H 294 3.87 32.00 40.40
N ASP H 295 2.60 31.60 40.31
CA ASP H 295 1.45 32.47 40.66
C ASP H 295 0.93 33.30 39.45
N ASP H 296 1.75 34.24 38.98
CA ASP H 296 1.33 35.33 38.09
C ASP H 296 2.59 35.92 37.39
N PRO H 297 3.22 35.16 36.48
CA PRO H 297 4.54 35.56 35.93
C PRO H 297 4.60 36.83 35.08
N LEU H 298 3.45 37.31 34.62
CA LEU H 298 3.37 38.59 33.88
C LEU H 298 3.59 39.77 34.81
N ILE H 299 3.03 39.68 36.01
CA ILE H 299 3.14 40.78 36.97
C ILE H 299 4.48 40.69 37.72
N PHE H 300 5.04 39.49 37.80
CA PHE H 300 6.35 39.28 38.43
C PHE H 300 7.48 39.20 37.38
N LYS H 301 7.19 39.59 36.14
CA LYS H 301 8.18 39.57 35.06
C LYS H 301 9.13 38.37 35.16
N SER H 302 8.56 37.19 35.37
CA SER H 302 9.33 35.99 35.69
C SER H 302 8.94 34.75 34.87
N THR H 303 9.91 33.84 34.74
CA THR H 303 9.69 32.51 34.21
C THR H 303 9.62 31.60 35.44
N LEU H 304 9.48 30.28 35.23
CA LEU H 304 9.51 29.32 36.35
C LEU H 304 10.93 29.11 36.80
N ASP H 305 11.88 29.45 35.95
CA ASP H 305 13.31 29.42 36.32
C ASP H 305 13.70 30.42 37.43
N THR H 306 13.06 31.58 37.48
CA THR H 306 13.40 32.57 38.52
C THR H 306 12.92 32.23 39.94
N ASP H 307 12.17 31.15 40.09
CA ASP H 307 11.88 30.58 41.41
C ASP H 307 12.85 29.45 41.73
N TYR H 308 13.40 28.82 40.68
CA TYR H 308 14.44 27.76 40.81
C TYR H 308 15.85 28.36 40.88
N GLN H 309 15.99 29.56 40.33
CA GLN H 309 17.21 30.36 40.44
C GLN H 309 17.29 30.97 41.86
N MET H 310 16.16 31.45 42.35
CA MET H 310 16.09 32.13 43.65
C MET H 310 16.46 31.17 44.77
N THR H 311 15.80 30.02 44.79
CA THR H 311 16.04 29.00 45.82
C THR H 311 17.46 28.42 45.78
N LYS H 312 18.00 28.20 44.58
CA LYS H 312 19.37 27.69 44.44
C LYS H 312 20.42 28.72 44.91
N LYS H 313 20.30 29.96 44.44
CA LYS H 313 21.24 31.04 44.82
C LYS H 313 20.99 31.55 46.25
N ASP H 314 19.78 32.03 46.50
CA ASP H 314 19.45 32.67 47.78
C ASP H 314 19.40 31.72 48.98
N MET H 315 19.25 30.40 48.76
CA MET H 315 19.13 29.45 49.88
C MET H 315 19.71 28.04 49.69
N GLY H 316 20.72 27.94 48.85
CA GLY H 316 21.53 26.72 48.71
C GLY H 316 20.90 25.40 48.26
N PHE H 317 19.82 25.48 47.49
CA PHE H 317 19.09 24.29 46.99
C PHE H 317 19.82 23.47 45.92
N THR H 318 19.80 22.16 46.09
CA THR H 318 20.51 21.24 45.20
C THR H 318 19.52 20.52 44.29
N GLU H 319 20.08 19.77 43.34
CA GLU H 319 19.32 18.90 42.42
C GLU H 319 18.60 17.70 43.08
N GLU H 320 19.17 17.15 44.14
CA GLU H 320 18.51 16.05 44.86
C GLU H 320 17.22 16.56 45.49
N GLU H 321 17.25 17.74 46.10
CA GLU H 321 16.03 18.32 46.67
C GLU H 321 15.02 18.63 45.55
N PHE H 322 15.47 19.32 44.51
CA PHE H 322 14.61 19.69 43.37
C PHE H 322 13.84 18.49 42.77
N LYS H 323 14.51 17.35 42.66
CA LYS H 323 13.91 16.13 42.11
C LYS H 323 12.71 15.63 42.93
N ARG H 324 12.84 15.62 44.25
CA ARG H 324 11.81 15.06 45.12
C ARG H 324 10.57 15.96 45.36
N LEU H 325 10.71 17.28 45.28
CA LEU H 325 9.53 18.16 45.45
C LEU H 325 8.62 18.15 44.20
N ASN H 326 9.17 17.67 43.08
CA ASN H 326 8.42 17.43 41.83
C ASN H 326 7.76 16.05 41.79
N ILE H 327 8.27 15.15 42.64
CA ILE H 327 7.64 13.85 42.87
C ILE H 327 6.45 14.08 43.82
N ASN H 328 6.65 14.94 44.81
CA ASN H 328 5.59 15.36 45.72
C ASN H 328 4.47 16.08 44.99
N ALA H 329 4.87 17.00 44.12
CA ALA H 329 3.95 17.76 43.29
C ALA H 329 3.08 16.81 42.44
N ALA H 330 3.73 15.84 41.83
CA ALA H 330 3.04 14.78 41.04
C ALA H 330 2.16 13.87 41.90
N LYS H 331 2.64 13.49 43.08
CA LYS H 331 1.90 12.67 44.03
C LYS H 331 0.67 13.41 44.55
N SER H 332 0.86 14.68 44.90
CA SER H 332 -0.23 15.53 45.39
C SER H 332 -1.02 16.23 44.28
N SER H 333 -0.88 15.77 43.04
CA SER H 333 -1.69 16.29 41.95
C SER H 333 -3.14 15.83 42.05
N PHE H 334 -4.01 16.48 41.29
CA PHE H 334 -5.45 16.12 41.21
C PHE H 334 -5.86 15.31 39.98
N LEU H 335 -4.93 14.46 39.54
CA LEU H 335 -5.15 13.52 38.44
C LEU H 335 -5.73 12.20 38.99
N PRO H 336 -6.75 11.64 38.34
CA PRO H 336 -7.03 10.21 38.48
C PRO H 336 -5.75 9.39 38.70
N GLU H 337 -5.87 8.40 39.58
CA GLU H 337 -4.73 7.62 40.03
C GLU H 337 -3.90 7.06 38.87
N ASP H 338 -4.57 6.45 37.89
CA ASP H 338 -3.86 5.86 36.74
C ASP H 338 -2.92 6.80 35.95
N GLU H 339 -3.37 8.03 35.69
CA GLU H 339 -2.56 9.03 35.00
C GLU H 339 -1.54 9.66 35.93
N LYS H 340 -1.86 9.69 37.22
CA LYS H 340 -0.91 10.14 38.22
C LYS H 340 0.27 9.19 38.25
N LYS H 341 -0.03 7.90 38.11
CA LYS H 341 1.00 6.85 38.04
C LYS H 341 1.95 7.07 36.86
N GLU H 342 1.39 7.26 35.67
CA GLU H 342 2.20 7.42 34.45
C GLU H 342 2.98 8.73 34.43
N LEU H 343 2.50 9.72 35.19
CA LEU H 343 3.23 10.97 35.35
C LEU H 343 4.51 10.67 36.12
N LEU H 344 4.35 9.98 37.24
CA LEU H 344 5.48 9.58 38.07
C LEU H 344 6.47 8.73 37.29
N ASP H 345 5.95 7.71 36.61
CA ASP H 345 6.76 6.92 35.67
C ASP H 345 7.64 7.79 34.78
N LEU H 346 7.05 8.81 34.16
CA LEU H 346 7.77 9.75 33.31
C LEU H 346 8.85 10.52 34.08
N LEU H 347 8.52 10.88 35.31
CA LEU H 347 9.42 11.61 36.20
C LEU H 347 10.63 10.79 36.66
N TYR H 348 10.35 9.63 37.24
CA TYR H 348 11.39 8.72 37.70
C TYR H 348 12.40 8.44 36.59
N LYS H 349 11.89 8.06 35.42
CA LYS H 349 12.73 7.75 34.26
C LYS H 349 13.71 8.86 33.87
N ALA H 350 13.24 10.11 33.82
CA ALA H 350 14.09 11.23 33.41
C ALA H 350 14.96 11.75 34.55
N TYR H 351 14.71 11.24 35.75
CA TYR H 351 15.55 11.50 36.93
C TYR H 351 16.52 10.35 37.20
N ARG H 352 16.21 9.20 36.61
CA ARG H 352 16.87 7.88 36.80
C ARG H 352 16.68 7.16 38.16
N MET H 353 15.79 6.16 38.16
CA MET H 353 15.53 5.33 39.35
C MET H 353 14.32 4.39 39.13
N PRO H 354 14.44 3.11 39.52
CA PRO H 354 13.30 2.14 39.50
C PRO H 354 11.86 2.57 39.79
N SER H 355 10.94 1.64 39.54
CA SER H 355 9.49 1.90 39.65
C SER H 355 8.94 1.41 41.00
N MET I 1 4.83 -40.77 22.87
CA MET I 1 4.53 -41.30 24.24
C MET I 1 3.64 -40.33 24.99
N TRP I 2 2.36 -40.66 25.10
CA TRP I 2 1.43 -39.81 25.81
C TRP I 2 0.54 -40.70 26.64
N PRO I 3 -0.03 -40.14 27.70
CA PRO I 3 -0.99 -40.83 28.53
C PRO I 3 -2.11 -41.58 27.82
N VAL I 4 -2.47 -42.72 28.40
CA VAL I 4 -3.74 -43.39 28.12
C VAL I 4 -4.84 -42.36 28.27
N ASP I 5 -5.62 -42.20 27.20
CA ASP I 5 -6.47 -41.03 27.07
C ASP I 5 -7.95 -41.26 27.34
N PRO I 6 -8.58 -40.26 27.97
CA PRO I 6 -10.04 -40.12 28.01
C PRO I 6 -10.57 -39.29 26.82
N MET J 1 4.03 -82.64 10.73
CA MET J 1 3.27 -82.70 12.02
C MET J 1 3.53 -84.04 12.66
N TRP J 2 4.21 -84.01 13.81
CA TRP J 2 4.46 -85.21 14.62
C TRP J 2 4.29 -84.85 16.11
N PRO J 3 3.86 -85.81 16.93
CA PRO J 3 4.05 -85.71 18.37
C PRO J 3 5.46 -85.32 18.79
N VAL J 4 5.57 -84.48 19.82
CA VAL J 4 6.89 -84.09 20.35
C VAL J 4 7.13 -85.03 21.53
N ASP J 5 8.35 -85.09 22.07
CA ASP J 5 8.62 -85.94 23.26
C ASP J 5 9.93 -85.83 24.12
N PRO J 6 9.92 -84.99 25.16
CA PRO J 6 10.67 -85.27 26.41
C PRO J 6 10.48 -86.70 26.95
N MET K 1 -3.38 74.58 -23.82
CA MET K 1 -3.18 74.21 -25.26
C MET K 1 -2.16 75.11 -25.95
N TRP K 2 -1.02 74.52 -26.27
CA TRP K 2 0.03 75.18 -27.04
C TRP K 2 0.80 74.07 -27.72
N PRO K 3 1.46 74.35 -28.85
CA PRO K 3 2.22 73.32 -29.55
C PRO K 3 3.52 72.83 -28.89
N VAL K 4 3.69 71.52 -28.92
CA VAL K 4 4.98 70.86 -29.10
C VAL K 4 6.26 71.67 -29.46
N ASP K 5 7.31 71.57 -28.64
CA ASP K 5 8.43 72.55 -28.64
C ASP K 5 9.89 72.02 -28.63
N PRO K 6 10.87 72.92 -28.63
CA PRO K 6 12.27 72.57 -28.27
C PRO K 6 12.45 72.39 -26.77
N MET L 1 -7.01 34.38 -9.50
CA MET L 1 -6.14 33.84 -10.59
C MET L 1 -6.65 32.51 -11.11
N TRP L 2 -7.40 32.53 -12.21
CA TRP L 2 -7.87 31.30 -12.85
C TRP L 2 -7.74 31.54 -14.35
N PRO L 3 -7.58 30.47 -15.12
CA PRO L 3 -7.55 30.58 -16.58
C PRO L 3 -8.85 31.10 -17.19
N VAL L 4 -8.76 31.60 -18.43
CA VAL L 4 -9.90 32.20 -19.14
C VAL L 4 -10.85 31.13 -19.71
N ASP L 5 -12.16 31.35 -19.58
CA ASP L 5 -13.18 30.29 -19.83
C ASP L 5 -14.09 30.49 -21.07
N PRO L 6 -15.00 29.54 -21.34
CA PRO L 6 -16.18 29.79 -22.22
C PRO L 6 -17.11 30.92 -21.74
#